data_2M49
#
_entry.id   2M49
#
loop_
_entity.id
_entity.type
_entity.pdbx_description
1 polymer 'Fibroblast growth factor 2'
2 polymer 'Protein S100-B'
#
loop_
_entity_poly.entity_id
_entity_poly.type
_entity_poly.pdbx_seq_one_letter_code
_entity_poly.pdbx_strand_id
1 'polypeptide(L)'
;DPKRLYCKNGGFFLRIHPDGRVDGVREKSDPHIKLQLQAEERGVVSIKGVSANRYLAMKEDGRLLASKSVTDECFFFERL
ESNNYNTYRSRKYTSWYVALKRTGQYKLGSKTGPGQKAILFLPMSA
;
A,C
2 'polypeptide(L)'
;SELEKAMVALIDVFHQYSGREGDKHKLKKSELKELINNELSHFLEEIKEQEVVDKVMETLDNDGDGECDFQEFMAFVAMV
TTACHEFFEHE
;
B,D
#
# COMPACT_ATOMS: atom_id res chain seq x y z
N ASP A 1 -23.97 -24.95 10.18
CA ASP A 1 -23.94 -26.37 9.72
C ASP A 1 -23.09 -26.52 8.46
N PRO A 2 -23.41 -25.81 7.35
CA PRO A 2 -22.62 -25.92 6.12
C PRO A 2 -21.21 -25.37 6.32
N LYS A 3 -20.23 -26.07 5.77
CA LYS A 3 -18.84 -25.67 5.91
C LYS A 3 -18.20 -25.48 4.54
N ARG A 4 -17.35 -24.47 4.46
CA ARG A 4 -16.62 -24.18 3.24
C ARG A 4 -15.16 -24.55 3.43
N LEU A 5 -14.69 -25.54 2.68
CA LEU A 5 -13.31 -25.98 2.78
C LEU A 5 -12.37 -24.97 2.13
N TYR A 6 -11.78 -24.12 2.96
CA TYR A 6 -10.86 -23.09 2.49
C TYR A 6 -9.44 -23.64 2.43
N CYS A 7 -8.89 -23.74 1.23
CA CYS A 7 -7.55 -24.25 1.04
C CYS A 7 -6.53 -23.13 1.23
N LYS A 8 -5.43 -23.44 1.92
CA LYS A 8 -4.38 -22.44 2.16
C LYS A 8 -3.46 -22.31 0.94
N ASN A 9 -3.86 -22.94 -0.15
CA ASN A 9 -3.09 -22.88 -1.39
C ASN A 9 -3.80 -22.00 -2.40
N GLY A 10 -3.54 -20.70 -2.32
CA GLY A 10 -4.15 -19.76 -3.24
C GLY A 10 -5.38 -19.10 -2.64
N GLY A 11 -5.97 -19.74 -1.65
CA GLY A 11 -7.14 -19.19 -1.01
C GLY A 11 -8.40 -19.50 -1.78
N PHE A 12 -8.64 -20.78 -2.02
CA PHE A 12 -9.82 -21.21 -2.76
C PHE A 12 -10.69 -22.13 -1.92
N PHE A 13 -12.00 -22.02 -2.12
CA PHE A 13 -12.95 -22.86 -1.41
C PHE A 13 -13.35 -24.04 -2.30
N LEU A 14 -13.49 -25.22 -1.71
CA LEU A 14 -13.88 -26.41 -2.46
C LEU A 14 -15.30 -26.25 -2.96
N ARG A 15 -15.46 -26.20 -4.28
CA ARG A 15 -16.75 -26.02 -4.91
C ARG A 15 -17.20 -27.28 -5.64
N ILE A 16 -18.31 -27.86 -5.18
CA ILE A 16 -18.86 -29.06 -5.82
C ILE A 16 -19.98 -28.66 -6.76
N HIS A 17 -19.89 -29.09 -8.00
CA HIS A 17 -20.90 -28.76 -9.01
C HIS A 17 -21.90 -29.91 -9.16
N PRO A 18 -23.18 -29.58 -9.41
CA PRO A 18 -24.25 -30.59 -9.57
C PRO A 18 -24.01 -31.54 -10.75
N ASP A 19 -23.09 -31.17 -11.63
CA ASP A 19 -22.78 -32.00 -12.79
C ASP A 19 -21.78 -33.08 -12.43
N GLY A 20 -21.09 -32.90 -11.31
CA GLY A 20 -20.13 -33.88 -10.87
C GLY A 20 -18.71 -33.34 -10.86
N ARG A 21 -18.53 -32.13 -11.37
CA ARG A 21 -17.20 -31.52 -11.40
C ARG A 21 -16.91 -30.79 -10.10
N VAL A 22 -15.64 -30.77 -9.72
CA VAL A 22 -15.21 -30.11 -8.50
C VAL A 22 -14.02 -29.18 -8.78
N ASP A 23 -14.11 -27.96 -8.29
CA ASP A 23 -13.05 -26.97 -8.49
C ASP A 23 -12.96 -26.04 -7.29
N GLY A 24 -12.13 -25.01 -7.40
CA GLY A 24 -11.98 -24.06 -6.31
C GLY A 24 -12.31 -22.64 -6.74
N VAL A 25 -12.99 -21.92 -5.87
CA VAL A 25 -13.37 -20.53 -6.16
C VAL A 25 -13.06 -19.63 -4.97
N ARG A 26 -12.90 -18.34 -5.22
CA ARG A 26 -12.60 -17.38 -4.17
C ARG A 26 -13.85 -16.63 -3.73
N GLU A 27 -14.82 -16.56 -4.62
CA GLU A 27 -16.07 -15.87 -4.34
C GLU A 27 -16.91 -16.64 -3.33
N LYS A 28 -17.24 -15.97 -2.23
CA LYS A 28 -18.05 -16.57 -1.17
C LYS A 28 -19.54 -16.44 -1.50
N SER A 29 -19.84 -15.94 -2.70
CA SER A 29 -21.20 -15.77 -3.14
C SER A 29 -21.72 -17.02 -3.86
N ASP A 30 -20.85 -18.00 -4.03
CA ASP A 30 -21.22 -19.24 -4.70
C ASP A 30 -21.87 -20.20 -3.71
N PRO A 31 -23.10 -20.66 -4.01
CA PRO A 31 -23.84 -21.57 -3.13
C PRO A 31 -23.37 -23.02 -3.24
N HIS A 32 -22.43 -23.29 -4.13
CA HIS A 32 -21.94 -24.64 -4.33
C HIS A 32 -20.70 -24.92 -3.48
N ILE A 33 -20.27 -23.93 -2.70
CA ILE A 33 -19.11 -24.09 -1.84
C ILE A 33 -19.55 -24.49 -0.43
N LYS A 34 -20.85 -24.63 -0.25
CA LYS A 34 -21.41 -25.03 1.02
C LYS A 34 -21.49 -26.55 1.09
N LEU A 35 -20.56 -27.15 1.80
CA LEU A 35 -20.51 -28.59 1.92
C LEU A 35 -20.90 -29.04 3.32
N GLN A 36 -21.44 -30.25 3.40
CA GLN A 36 -21.86 -30.83 4.66
C GLN A 36 -20.96 -32.02 4.98
N LEU A 37 -20.39 -32.02 6.18
CA LEU A 37 -19.50 -33.09 6.59
C LEU A 37 -20.23 -34.13 7.43
N GLN A 38 -20.53 -35.27 6.82
CA GLN A 38 -21.22 -36.36 7.50
C GLN A 38 -20.21 -37.35 8.08
N ALA A 39 -20.25 -37.54 9.39
CA ALA A 39 -19.33 -38.46 10.05
C ALA A 39 -19.85 -39.89 10.03
N GLU A 40 -19.01 -40.83 9.62
CA GLU A 40 -19.39 -42.25 9.59
C GLU A 40 -18.68 -42.98 10.73
N GLU A 41 -17.42 -42.62 10.94
CA GLU A 41 -16.62 -43.22 11.98
C GLU A 41 -15.78 -42.13 12.62
N ARG A 42 -15.25 -42.39 13.81
CA ARG A 42 -14.42 -41.41 14.49
C ARG A 42 -13.19 -41.09 13.68
N GLY A 43 -13.22 -39.95 13.00
CA GLY A 43 -12.11 -39.54 12.18
C GLY A 43 -12.35 -39.79 10.71
N VAL A 44 -13.54 -40.30 10.38
CA VAL A 44 -13.90 -40.58 8.99
C VAL A 44 -15.17 -39.86 8.62
N VAL A 45 -15.07 -38.92 7.70
CA VAL A 45 -16.23 -38.14 7.28
C VAL A 45 -16.43 -38.18 5.77
N SER A 46 -17.65 -37.86 5.35
CA SER A 46 -18.01 -37.81 3.96
C SER A 46 -18.40 -36.39 3.60
N ILE A 47 -17.83 -35.86 2.53
CA ILE A 47 -18.12 -34.49 2.11
C ILE A 47 -19.24 -34.48 1.06
N LYS A 48 -20.36 -33.89 1.42
CA LYS A 48 -21.50 -33.79 0.51
C LYS A 48 -21.84 -32.35 0.19
N GLY A 49 -21.99 -32.04 -1.09
CA GLY A 49 -22.34 -30.69 -1.48
C GLY A 49 -23.80 -30.42 -1.21
N VAL A 50 -24.09 -29.44 -0.36
CA VAL A 50 -25.47 -29.11 0.00
C VAL A 50 -26.31 -28.77 -1.23
N SER A 51 -25.90 -27.75 -1.96
CA SER A 51 -26.63 -27.33 -3.15
C SER A 51 -26.18 -28.10 -4.39
N ALA A 52 -25.72 -29.32 -4.18
CA ALA A 52 -25.27 -30.18 -5.27
C ALA A 52 -25.90 -31.56 -5.16
N ASN A 53 -26.10 -32.01 -3.93
CA ASN A 53 -26.69 -33.32 -3.62
C ASN A 53 -25.81 -34.45 -4.13
N ARG A 54 -24.49 -34.24 -4.08
CA ARG A 54 -23.52 -35.23 -4.52
C ARG A 54 -22.40 -35.33 -3.49
N TYR A 55 -21.83 -36.52 -3.36
CA TYR A 55 -20.76 -36.75 -2.40
C TYR A 55 -19.40 -36.73 -3.09
N LEU A 56 -18.41 -36.17 -2.41
CA LEU A 56 -17.07 -36.09 -2.96
C LEU A 56 -16.42 -37.48 -2.98
N ALA A 57 -15.90 -37.86 -4.13
CA ALA A 57 -15.27 -39.17 -4.27
C ALA A 57 -13.98 -39.08 -5.09
N MET A 58 -13.04 -39.96 -4.79
CA MET A 58 -11.77 -40.00 -5.49
C MET A 58 -11.67 -41.29 -6.29
N LYS A 59 -11.26 -41.18 -7.55
CA LYS A 59 -11.15 -42.35 -8.41
C LYS A 59 -9.79 -43.02 -8.24
N GLU A 60 -9.72 -44.28 -8.67
CA GLU A 60 -8.51 -45.09 -8.58
C GLU A 60 -7.38 -44.55 -9.46
N ASP A 61 -7.68 -43.52 -10.24
CA ASP A 61 -6.70 -42.91 -11.11
C ASP A 61 -6.13 -41.65 -10.46
N GLY A 62 -6.86 -41.10 -9.50
CA GLY A 62 -6.41 -39.91 -8.81
C GLY A 62 -7.32 -38.73 -9.01
N ARG A 63 -8.33 -38.88 -9.86
CA ARG A 63 -9.28 -37.81 -10.13
C ARG A 63 -10.23 -37.62 -8.95
N LEU A 64 -10.73 -36.41 -8.81
CA LEU A 64 -11.67 -36.08 -7.76
C LEU A 64 -12.96 -35.58 -8.39
N LEU A 65 -14.07 -36.20 -8.03
CA LEU A 65 -15.37 -35.80 -8.58
C LEU A 65 -16.47 -35.99 -7.54
N ALA A 66 -17.70 -35.74 -7.95
CA ALA A 66 -18.84 -35.89 -7.06
C ALA A 66 -19.76 -37.01 -7.52
N SER A 67 -20.00 -37.97 -6.65
CA SER A 67 -20.85 -39.12 -6.96
C SER A 67 -22.23 -38.93 -6.33
N LYS A 68 -23.24 -39.43 -7.01
CA LYS A 68 -24.61 -39.34 -6.52
C LYS A 68 -24.91 -40.49 -5.56
N SER A 69 -24.00 -41.45 -5.50
CA SER A 69 -24.15 -42.60 -4.63
C SER A 69 -22.96 -42.68 -3.66
N VAL A 70 -23.24 -43.03 -2.41
CA VAL A 70 -22.19 -43.13 -1.40
C VAL A 70 -21.37 -44.39 -1.61
N THR A 71 -20.15 -44.22 -2.07
CA THR A 71 -19.25 -45.34 -2.30
C THR A 71 -18.14 -45.35 -1.26
N ASP A 72 -17.31 -46.38 -1.29
CA ASP A 72 -16.19 -46.52 -0.35
C ASP A 72 -15.10 -45.49 -0.63
N GLU A 73 -15.22 -44.80 -1.75
CA GLU A 73 -14.24 -43.78 -2.13
C GLU A 73 -14.75 -42.39 -1.76
N CYS A 74 -15.89 -42.33 -1.09
CA CYS A 74 -16.47 -41.07 -0.66
C CYS A 74 -16.15 -40.78 0.81
N PHE A 75 -15.40 -41.67 1.42
CA PHE A 75 -15.03 -41.52 2.82
C PHE A 75 -13.59 -41.04 2.95
N PHE A 76 -13.41 -39.93 3.67
CA PHE A 76 -12.09 -39.36 3.87
C PHE A 76 -11.78 -39.23 5.35
N PHE A 77 -10.52 -39.42 5.68
CA PHE A 77 -10.06 -39.32 7.06
C PHE A 77 -9.85 -37.86 7.42
N GLU A 78 -10.56 -37.40 8.44
CA GLU A 78 -10.43 -36.03 8.89
C GLU A 78 -9.38 -35.93 9.97
N ARG A 79 -8.25 -35.34 9.64
CA ARG A 79 -7.16 -35.19 10.58
C ARG A 79 -6.82 -33.73 10.78
N LEU A 80 -6.47 -33.37 12.01
CA LEU A 80 -6.10 -32.00 12.31
C LEU A 80 -4.58 -31.86 12.32
N GLU A 81 -4.07 -31.00 11.46
CA GLU A 81 -2.64 -30.79 11.36
C GLU A 81 -2.14 -29.89 12.50
N SER A 82 -0.83 -29.83 12.66
CA SER A 82 -0.22 -29.03 13.70
C SER A 82 -0.37 -27.53 13.41
N ASN A 83 -0.70 -27.20 12.16
CA ASN A 83 -0.87 -25.82 11.76
C ASN A 83 -2.32 -25.36 11.88
N ASN A 84 -3.14 -26.17 12.57
CA ASN A 84 -4.56 -25.86 12.82
C ASN A 84 -5.40 -26.02 11.56
N TYR A 85 -4.96 -26.85 10.63
CA TYR A 85 -5.70 -27.10 9.40
C TYR A 85 -6.18 -28.53 9.36
N ASN A 86 -7.10 -28.81 8.45
CA ASN A 86 -7.67 -30.15 8.32
C ASN A 86 -7.14 -30.86 7.08
N THR A 87 -6.60 -32.06 7.27
CA THR A 87 -6.10 -32.86 6.17
C THR A 87 -7.09 -33.98 5.86
N TYR A 88 -7.39 -34.19 4.59
CA TYR A 88 -8.34 -35.22 4.20
C TYR A 88 -7.69 -36.28 3.33
N ARG A 89 -7.61 -37.50 3.86
CA ARG A 89 -7.03 -38.62 3.15
C ARG A 89 -8.12 -39.63 2.83
N SER A 90 -8.09 -40.19 1.63
CA SER A 90 -9.10 -41.16 1.22
C SER A 90 -8.98 -42.46 2.03
N ARG A 91 -10.13 -43.03 2.38
CA ARG A 91 -10.15 -44.28 3.13
C ARG A 91 -9.84 -45.45 2.19
N LYS A 92 -10.17 -45.25 0.92
CA LYS A 92 -9.93 -46.26 -0.09
C LYS A 92 -8.47 -46.20 -0.54
N TYR A 93 -7.94 -45.00 -0.59
CA TYR A 93 -6.55 -44.78 -0.99
C TYR A 93 -5.81 -44.05 0.13
N THR A 94 -5.21 -44.82 1.02
CA THR A 94 -4.49 -44.29 2.17
C THR A 94 -3.17 -43.59 1.80
N SER A 95 -2.93 -43.42 0.51
CA SER A 95 -1.72 -42.76 0.06
C SER A 95 -2.04 -41.51 -0.76
N TRP A 96 -3.32 -41.20 -0.86
CA TRP A 96 -3.77 -40.03 -1.61
C TRP A 96 -4.58 -39.08 -0.74
N TYR A 97 -4.39 -37.79 -0.95
CA TYR A 97 -5.09 -36.77 -0.19
C TYR A 97 -5.88 -35.86 -1.12
N VAL A 98 -6.78 -35.08 -0.55
CA VAL A 98 -7.57 -34.13 -1.33
C VAL A 98 -6.80 -32.82 -1.40
N ALA A 99 -6.74 -32.20 -2.57
CA ALA A 99 -5.99 -30.96 -2.72
C ALA A 99 -6.52 -30.10 -3.85
N LEU A 100 -6.30 -28.80 -3.73
CA LEU A 100 -6.72 -27.83 -4.74
C LEU A 100 -5.51 -27.06 -5.23
N LYS A 101 -5.41 -26.86 -6.54
CA LYS A 101 -4.28 -26.14 -7.12
C LYS A 101 -4.51 -24.64 -7.07
N ARG A 102 -3.42 -23.89 -6.98
CA ARG A 102 -3.46 -22.43 -6.92
C ARG A 102 -4.10 -21.83 -8.18
N THR A 103 -4.21 -22.64 -9.23
CA THR A 103 -4.80 -22.20 -10.49
C THR A 103 -6.32 -22.24 -10.44
N GLY A 104 -6.87 -22.83 -9.39
CA GLY A 104 -8.32 -22.91 -9.26
C GLY A 104 -8.85 -24.31 -9.56
N GLN A 105 -8.04 -25.11 -10.22
CA GLN A 105 -8.43 -26.47 -10.55
C GLN A 105 -8.04 -27.43 -9.44
N TYR A 106 -8.69 -28.59 -9.39
CA TYR A 106 -8.38 -29.57 -8.36
C TYR A 106 -7.04 -30.23 -8.62
N LYS A 107 -6.43 -30.76 -7.56
CA LYS A 107 -5.14 -31.42 -7.68
C LYS A 107 -5.35 -32.93 -7.67
N LEU A 108 -4.62 -33.62 -8.53
CA LEU A 108 -4.75 -35.07 -8.61
C LEU A 108 -4.26 -35.71 -7.32
N GLY A 109 -5.05 -36.63 -6.79
CA GLY A 109 -4.70 -37.31 -5.56
C GLY A 109 -3.38 -38.05 -5.68
N SER A 110 -3.10 -38.53 -6.88
CA SER A 110 -1.86 -39.26 -7.14
C SER A 110 -0.64 -38.33 -7.12
N LYS A 111 -0.90 -37.02 -6.99
CA LYS A 111 0.17 -36.04 -6.97
C LYS A 111 0.16 -35.27 -5.64
N THR A 112 -0.45 -35.86 -4.63
CA THR A 112 -0.50 -35.23 -3.31
C THR A 112 0.55 -35.82 -2.39
N GLY A 113 0.65 -35.27 -1.20
CA GLY A 113 1.60 -35.74 -0.23
C GLY A 113 1.79 -34.76 0.91
N PRO A 114 2.27 -35.21 2.07
CA PRO A 114 2.49 -34.33 3.22
C PRO A 114 3.53 -33.25 2.93
N GLY A 115 3.28 -32.04 3.39
CA GLY A 115 4.20 -30.96 3.17
C GLY A 115 3.72 -29.98 2.12
N GLN A 116 2.74 -30.38 1.33
CA GLN A 116 2.19 -29.52 0.29
C GLN A 116 1.29 -28.46 0.90
N LYS A 117 0.89 -27.48 0.10
CA LYS A 117 0.02 -26.42 0.57
C LYS A 117 -1.42 -26.72 0.18
N ALA A 118 -1.57 -27.40 -0.94
CA ALA A 118 -2.88 -27.75 -1.47
C ALA A 118 -3.65 -28.74 -0.59
N ILE A 119 -2.95 -29.46 0.27
CA ILE A 119 -3.59 -30.46 1.13
C ILE A 119 -4.09 -29.86 2.44
N LEU A 120 -3.91 -28.56 2.63
CA LEU A 120 -4.35 -27.91 3.85
C LEU A 120 -5.68 -27.21 3.66
N PHE A 121 -6.73 -27.76 4.27
CA PHE A 121 -8.07 -27.20 4.17
C PHE A 121 -8.56 -26.69 5.52
N LEU A 122 -9.37 -25.65 5.49
CA LEU A 122 -9.94 -25.06 6.70
C LEU A 122 -11.47 -24.98 6.57
N PRO A 123 -12.21 -25.82 7.31
CA PRO A 123 -13.67 -25.82 7.27
C PRO A 123 -14.28 -24.56 7.89
N MET A 124 -14.51 -23.55 7.06
CA MET A 124 -15.09 -22.31 7.53
C MET A 124 -16.61 -22.37 7.48
N SER A 125 -17.25 -21.89 8.53
CA SER A 125 -18.70 -21.91 8.62
C SER A 125 -19.33 -21.04 7.52
N ALA A 126 -20.46 -21.49 7.02
CA ALA A 126 -21.17 -20.75 5.98
C ALA A 126 -22.51 -20.26 6.52
N SER B 1 15.40 5.78 16.48
CA SER B 1 13.99 5.31 16.47
C SER B 1 13.88 3.95 15.78
N GLU B 2 12.73 3.31 15.88
CA GLU B 2 12.51 2.00 15.30
C GLU B 2 12.32 2.07 13.78
N LEU B 3 11.28 2.77 13.34
CA LEU B 3 10.99 2.89 11.92
C LEU B 3 12.16 3.54 11.18
N GLU B 4 12.85 4.44 11.86
CA GLU B 4 14.00 5.12 11.31
C GLU B 4 15.06 4.12 10.85
N LYS B 5 15.48 3.24 11.77
CA LYS B 5 16.48 2.23 11.47
C LYS B 5 15.96 1.25 10.42
N ALA B 6 14.67 0.96 10.50
CA ALA B 6 14.04 0.05 9.54
C ALA B 6 14.13 0.61 8.14
N MET B 7 13.92 1.92 8.01
CA MET B 7 13.98 2.60 6.72
C MET B 7 15.34 2.42 6.08
N VAL B 8 16.40 2.66 6.86
CA VAL B 8 17.77 2.52 6.38
C VAL B 8 18.00 1.13 5.80
N ALA B 9 17.46 0.12 6.46
CA ALA B 9 17.61 -1.25 6.01
C ALA B 9 16.74 -1.53 4.80
N LEU B 10 15.46 -1.19 4.89
CA LEU B 10 14.50 -1.41 3.81
C LEU B 10 14.93 -0.72 2.51
N ILE B 11 15.40 0.51 2.63
CA ILE B 11 15.84 1.27 1.47
C ILE B 11 17.02 0.59 0.78
N ASP B 12 17.99 0.14 1.58
CA ASP B 12 19.16 -0.53 1.04
C ASP B 12 18.80 -1.88 0.44
N VAL B 13 18.01 -2.67 1.17
CA VAL B 13 17.57 -3.97 0.70
C VAL B 13 16.80 -3.85 -0.61
N PHE B 14 15.94 -2.84 -0.68
CA PHE B 14 15.15 -2.59 -1.88
C PHE B 14 16.06 -2.42 -3.09
N HIS B 15 17.04 -1.53 -2.96
CA HIS B 15 17.99 -1.27 -4.04
C HIS B 15 18.84 -2.49 -4.33
N GLN B 16 19.22 -3.22 -3.29
CA GLN B 16 20.04 -4.42 -3.43
C GLN B 16 19.32 -5.47 -4.27
N TYR B 17 18.08 -5.78 -3.92
CA TYR B 17 17.31 -6.78 -4.64
C TYR B 17 16.90 -6.30 -6.02
N SER B 18 16.62 -5.00 -6.16
CA SER B 18 16.22 -4.45 -7.44
C SER B 18 17.39 -4.51 -8.44
N GLY B 19 18.60 -4.71 -7.91
CA GLY B 19 19.77 -4.79 -8.74
C GLY B 19 19.80 -6.06 -9.57
N ARG B 20 19.00 -7.05 -9.17
CA ARG B 20 18.92 -8.32 -9.87
C ARG B 20 18.18 -8.14 -11.19
N GLU B 21 17.31 -7.14 -11.24
CA GLU B 21 16.54 -6.83 -12.44
C GLU B 21 17.46 -6.26 -13.52
N GLY B 22 18.40 -5.44 -13.09
CA GLY B 22 19.33 -4.83 -14.01
C GLY B 22 19.72 -3.45 -13.56
N ASP B 23 18.73 -2.69 -13.13
CA ASP B 23 18.94 -1.34 -12.63
C ASP B 23 19.07 -1.37 -11.11
N LYS B 24 18.24 -0.63 -10.40
CA LYS B 24 18.28 -0.59 -8.95
C LYS B 24 17.11 0.21 -8.38
N HIS B 25 16.05 0.34 -9.17
CA HIS B 25 14.88 1.09 -8.74
C HIS B 25 13.60 0.28 -8.91
N LYS B 26 13.69 -0.90 -9.50
CA LYS B 26 12.51 -1.71 -9.73
C LYS B 26 12.81 -3.20 -9.67
N LEU B 27 11.79 -3.99 -9.40
CA LEU B 27 11.91 -5.44 -9.32
C LEU B 27 11.17 -6.05 -10.50
N LYS B 28 11.54 -7.27 -10.89
CA LYS B 28 10.90 -7.92 -12.03
C LYS B 28 10.19 -9.21 -11.63
N LYS B 29 9.36 -9.13 -10.59
CA LYS B 29 8.58 -10.27 -10.08
C LYS B 29 9.46 -11.30 -9.37
N SER B 30 10.45 -11.83 -10.06
CA SER B 30 11.36 -12.83 -9.51
C SER B 30 12.03 -12.34 -8.22
N GLU B 31 12.40 -11.07 -8.22
CA GLU B 31 13.05 -10.46 -7.06
C GLU B 31 12.12 -10.41 -5.86
N LEU B 32 10.82 -10.27 -6.12
CA LEU B 32 9.83 -10.24 -5.05
C LEU B 32 9.80 -11.59 -4.36
N LYS B 33 9.82 -12.64 -5.18
CA LYS B 33 9.82 -14.01 -4.68
C LYS B 33 11.11 -14.27 -3.90
N GLU B 34 12.20 -13.71 -4.41
CA GLU B 34 13.51 -13.86 -3.77
C GLU B 34 13.47 -13.26 -2.36
N LEU B 35 12.79 -12.14 -2.22
CA LEU B 35 12.64 -11.48 -0.93
C LEU B 35 11.89 -12.37 0.04
N ILE B 36 10.79 -12.95 -0.42
CA ILE B 36 9.98 -13.82 0.42
C ILE B 36 10.74 -15.09 0.78
N ASN B 37 11.47 -15.63 -0.18
CA ASN B 37 12.23 -16.87 0.02
C ASN B 37 13.59 -16.64 0.67
N ASN B 38 13.83 -15.46 1.21
CA ASN B 38 15.12 -15.20 1.86
C ASN B 38 14.99 -14.32 3.09
N GLU B 39 14.16 -13.28 3.00
CA GLU B 39 13.98 -12.37 4.10
C GLU B 39 12.77 -12.75 4.96
N LEU B 40 11.71 -13.22 4.31
CA LEU B 40 10.50 -13.57 5.03
C LEU B 40 10.33 -15.09 5.15
N SER B 41 11.33 -15.84 4.71
CA SER B 41 11.27 -17.29 4.76
C SER B 41 11.32 -17.80 6.20
N HIS B 42 11.79 -16.97 7.11
CA HIS B 42 11.88 -17.34 8.51
C HIS B 42 10.52 -17.17 9.19
N PHE B 43 9.66 -16.38 8.58
CA PHE B 43 8.33 -16.13 9.10
C PHE B 43 7.32 -16.95 8.32
N LEU B 44 7.27 -16.71 7.01
CA LEU B 44 6.37 -17.43 6.13
C LEU B 44 7.08 -18.66 5.59
N GLU B 45 6.84 -19.79 6.25
CA GLU B 45 7.49 -21.03 5.86
C GLU B 45 6.60 -21.86 4.96
N GLU B 46 5.79 -21.21 4.15
CA GLU B 46 4.92 -21.91 3.23
C GLU B 46 5.36 -21.70 1.78
N ILE B 47 4.64 -20.85 1.05
CA ILE B 47 4.95 -20.57 -0.35
C ILE B 47 4.91 -21.87 -1.16
N LYS B 48 6.07 -22.35 -1.61
CA LYS B 48 6.18 -23.60 -2.38
C LYS B 48 5.40 -23.57 -3.70
N GLU B 49 4.09 -23.78 -3.61
CA GLU B 49 3.23 -23.81 -4.78
C GLU B 49 2.86 -22.40 -5.26
N GLN B 50 3.39 -21.39 -4.56
CA GLN B 50 3.16 -19.98 -4.88
C GLN B 50 1.70 -19.59 -4.67
N GLU B 51 1.36 -19.31 -3.42
CA GLU B 51 0.01 -18.91 -3.06
C GLU B 51 -0.07 -17.42 -2.80
N VAL B 52 0.79 -16.93 -1.90
CA VAL B 52 0.82 -15.52 -1.55
C VAL B 52 1.34 -14.69 -2.73
N VAL B 53 2.16 -15.32 -3.56
CA VAL B 53 2.73 -14.66 -4.73
C VAL B 53 1.64 -14.23 -5.71
N ASP B 54 0.62 -15.07 -5.84
CA ASP B 54 -0.51 -14.81 -6.73
C ASP B 54 -1.32 -13.61 -6.24
N LYS B 55 -1.37 -13.45 -4.92
CA LYS B 55 -2.12 -12.37 -4.31
C LYS B 55 -1.35 -11.05 -4.31
N VAL B 56 -0.08 -11.09 -3.92
CA VAL B 56 0.74 -9.87 -3.86
C VAL B 56 0.89 -9.21 -5.23
N MET B 57 1.02 -10.01 -6.27
CA MET B 57 1.18 -9.47 -7.63
C MET B 57 -0.10 -8.79 -8.12
N GLU B 58 -1.19 -8.97 -7.38
CA GLU B 58 -2.46 -8.37 -7.74
C GLU B 58 -2.63 -7.00 -7.09
N THR B 59 -1.81 -6.71 -6.09
CA THR B 59 -1.87 -5.44 -5.39
C THR B 59 -0.61 -4.61 -5.57
N LEU B 60 0.51 -5.29 -5.85
CA LEU B 60 1.78 -4.62 -6.04
C LEU B 60 1.81 -3.78 -7.31
N ASP B 61 1.53 -4.41 -8.45
CA ASP B 61 1.51 -3.70 -9.73
C ASP B 61 0.31 -2.77 -9.81
N ASN B 62 0.45 -1.60 -9.20
CA ASN B 62 -0.60 -0.60 -9.19
C ASN B 62 -0.55 0.22 -10.47
N ASP B 63 0.64 0.29 -11.07
CA ASP B 63 0.83 1.04 -12.30
C ASP B 63 0.21 0.31 -13.48
N GLY B 64 0.41 -1.01 -13.51
CA GLY B 64 -0.14 -1.80 -14.58
C GLY B 64 0.89 -2.08 -15.67
N ASP B 65 2.11 -2.32 -15.24
CA ASP B 65 3.21 -2.60 -16.18
C ASP B 65 4.17 -3.63 -15.60
N GLY B 66 3.87 -4.11 -14.40
CA GLY B 66 4.72 -5.09 -13.75
C GLY B 66 5.99 -4.47 -13.21
N GLU B 67 5.94 -3.17 -12.93
CA GLU B 67 7.08 -2.44 -12.41
C GLU B 67 6.89 -2.14 -10.94
N CYS B 68 7.81 -2.60 -10.12
CA CYS B 68 7.74 -2.37 -8.68
C CYS B 68 8.32 -1.00 -8.33
N ASP B 69 7.97 -0.50 -7.15
CA ASP B 69 8.42 0.81 -6.69
C ASP B 69 8.37 0.87 -5.17
N PHE B 70 9.06 1.85 -4.59
CA PHE B 70 9.12 2.03 -3.15
C PHE B 70 7.72 2.06 -2.52
N GLN B 71 6.76 2.61 -3.26
CA GLN B 71 5.38 2.72 -2.77
C GLN B 71 4.76 1.34 -2.51
N GLU B 72 4.86 0.45 -3.48
CA GLU B 72 4.27 -0.88 -3.33
C GLU B 72 5.22 -1.83 -2.60
N PHE B 73 6.51 -1.49 -2.59
CA PHE B 73 7.52 -2.32 -1.93
C PHE B 73 7.17 -2.53 -0.45
N MET B 74 6.88 -1.45 0.25
CA MET B 74 6.54 -1.55 1.67
C MET B 74 5.14 -2.14 1.84
N ALA B 75 4.28 -1.90 0.86
CA ALA B 75 2.93 -2.44 0.90
C ALA B 75 2.99 -3.95 0.73
N PHE B 76 4.01 -4.38 -0.01
CA PHE B 76 4.26 -5.79 -0.26
C PHE B 76 4.58 -6.49 1.05
N VAL B 77 5.37 -5.82 1.89
CA VAL B 77 5.75 -6.37 3.18
C VAL B 77 4.50 -6.54 4.04
N ALA B 78 3.61 -5.56 3.98
CA ALA B 78 2.36 -5.61 4.73
C ALA B 78 1.50 -6.76 4.24
N MET B 79 1.35 -6.83 2.93
CA MET B 79 0.55 -7.85 2.28
C MET B 79 0.98 -9.26 2.71
N VAL B 80 2.27 -9.56 2.58
CA VAL B 80 2.76 -10.90 2.93
C VAL B 80 2.63 -11.16 4.44
N THR B 81 2.70 -10.13 5.25
CA THR B 81 2.60 -10.28 6.69
C THR B 81 1.15 -10.55 7.11
N THR B 82 0.22 -9.74 6.59
CA THR B 82 -1.18 -9.88 6.94
C THR B 82 -1.86 -11.06 6.24
N ALA B 83 -1.55 -11.27 4.96
CA ALA B 83 -2.16 -12.36 4.20
C ALA B 83 -1.93 -13.73 4.82
N CYS B 84 -0.67 -14.04 5.13
CA CYS B 84 -0.33 -15.33 5.72
C CYS B 84 -0.91 -15.48 7.12
N HIS B 85 -1.00 -14.37 7.84
CA HIS B 85 -1.53 -14.38 9.20
C HIS B 85 -3.04 -14.54 9.19
N GLU B 86 -3.70 -13.74 8.36
CA GLU B 86 -5.16 -13.78 8.24
C GLU B 86 -5.63 -14.96 7.39
N PHE B 87 -4.68 -15.75 6.90
CA PHE B 87 -5.01 -16.93 6.11
C PHE B 87 -5.69 -17.98 6.99
N PHE B 88 -5.59 -17.78 8.30
CA PHE B 88 -6.19 -18.69 9.26
C PHE B 88 -7.65 -18.33 9.51
N GLU B 89 -8.08 -17.21 8.95
CA GLU B 89 -9.46 -16.75 9.14
C GLU B 89 -9.88 -15.82 8.00
N HIS B 90 -10.53 -16.39 7.00
CA HIS B 90 -11.01 -15.62 5.85
C HIS B 90 -12.47 -15.22 6.08
N GLU B 91 -13.14 -14.80 5.04
CA GLU B 91 -14.53 -14.42 5.11
C GLU B 91 -15.37 -15.51 4.46
N SER C 1 17.49 -12.47 8.78
CA SER C 1 17.29 -11.62 7.59
C SER C 1 17.03 -10.17 8.00
N GLU C 2 16.95 -9.28 7.01
CA GLU C 2 16.73 -7.86 7.27
C GLU C 2 15.25 -7.59 7.52
N LEU C 3 14.41 -7.91 6.55
CA LEU C 3 12.97 -7.69 6.66
C LEU C 3 12.39 -8.46 7.84
N GLU C 4 12.98 -9.61 8.11
CA GLU C 4 12.54 -10.46 9.21
C GLU C 4 12.59 -9.69 10.54
N LYS C 5 13.74 -9.07 10.79
CA LYS C 5 13.92 -8.31 12.02
C LYS C 5 13.05 -7.06 12.00
N ALA C 6 12.91 -6.47 10.83
CA ALA C 6 12.09 -5.27 10.67
C ALA C 6 10.65 -5.58 11.04
N MET C 7 10.18 -6.77 10.64
CA MET C 7 8.81 -7.20 10.93
C MET C 7 8.56 -7.23 12.43
N VAL C 8 9.48 -7.85 13.16
CA VAL C 8 9.35 -7.95 14.61
C VAL C 8 9.19 -6.58 15.24
N ALA C 9 9.97 -5.62 14.75
CA ALA C 9 9.93 -4.26 15.26
C ALA C 9 8.66 -3.54 14.82
N LEU C 10 8.36 -3.61 13.52
CA LEU C 10 7.17 -2.96 12.96
C LEU C 10 5.88 -3.45 13.62
N ILE C 11 5.79 -4.77 13.82
CA ILE C 11 4.62 -5.36 14.44
C ILE C 11 4.45 -4.85 15.89
N ASP C 12 5.56 -4.80 16.61
CA ASP C 12 5.53 -4.33 17.99
C ASP C 12 5.19 -2.85 18.07
N VAL C 13 5.86 -2.05 17.25
CA VAL C 13 5.61 -0.60 17.21
C VAL C 13 4.16 -0.31 16.85
N PHE C 14 3.63 -1.07 15.89
CA PHE C 14 2.25 -0.92 15.46
C PHE C 14 1.31 -1.07 16.65
N HIS C 15 1.43 -2.19 17.35
CA HIS C 15 0.59 -2.47 18.51
C HIS C 15 0.83 -1.45 19.61
N GLN C 16 2.10 -1.07 19.79
CA GLN C 16 2.49 -0.11 20.80
C GLN C 16 1.78 1.23 20.59
N TYR C 17 1.84 1.75 19.37
CA TYR C 17 1.23 3.03 19.05
C TYR C 17 -0.29 2.92 18.96
N SER C 18 -0.80 1.78 18.49
CA SER C 18 -2.24 1.59 18.39
C SER C 18 -2.88 1.57 19.77
N GLY C 19 -2.06 1.35 20.79
CA GLY C 19 -2.54 1.31 22.16
C GLY C 19 -2.96 2.68 22.65
N ARG C 20 -2.50 3.72 21.96
CA ARG C 20 -2.82 5.09 22.32
C ARG C 20 -4.29 5.37 22.01
N GLU C 21 -4.80 4.69 20.99
CA GLU C 21 -6.19 4.84 20.57
C GLU C 21 -7.13 4.34 21.67
N GLY C 22 -6.83 3.16 22.18
CA GLY C 22 -7.65 2.56 23.21
C GLY C 22 -7.48 1.06 23.25
N ASP C 23 -7.40 0.46 22.06
CA ASP C 23 -7.22 -0.98 21.96
C ASP C 23 -5.76 -1.29 21.60
N LYS C 24 -5.53 -1.94 20.46
CA LYS C 24 -4.16 -2.26 20.03
C LYS C 24 -4.15 -2.86 18.63
N HIS C 25 -5.10 -2.48 17.79
CA HIS C 25 -5.16 -3.01 16.44
C HIS C 25 -5.39 -1.91 15.40
N LYS C 26 -5.67 -0.70 15.87
CA LYS C 26 -5.92 0.42 14.96
C LYS C 26 -5.41 1.74 15.52
N LEU C 27 -5.22 2.69 14.63
CA LEU C 27 -4.75 4.02 15.00
C LEU C 27 -5.87 5.02 14.73
N LYS C 28 -5.89 6.12 15.47
CA LYS C 28 -6.95 7.11 15.31
C LYS C 28 -6.39 8.45 14.82
N LYS C 29 -5.66 8.41 13.70
CA LYS C 29 -5.07 9.60 13.07
C LYS C 29 -3.93 10.22 13.89
N SER C 30 -4.21 10.58 15.12
CA SER C 30 -3.24 11.20 16.00
C SER C 30 -1.98 10.33 16.17
N GLU C 31 -2.20 9.02 16.25
CA GLU C 31 -1.10 8.07 16.43
C GLU C 31 -0.21 8.04 15.18
N LEU C 32 -0.81 8.29 14.01
CA LEU C 32 -0.07 8.30 12.77
C LEU C 32 0.91 9.46 12.78
N LYS C 33 0.41 10.61 13.20
CA LYS C 33 1.21 11.82 13.30
C LYS C 33 2.30 11.62 14.35
N GLU C 34 1.96 10.91 15.42
CA GLU C 34 2.88 10.63 16.50
C GLU C 34 4.05 9.79 15.97
N LEU C 35 3.74 8.85 15.09
CA LEU C 35 4.75 8.00 14.47
C LEU C 35 5.71 8.84 13.64
N ILE C 36 5.17 9.74 12.86
CA ILE C 36 5.98 10.61 12.01
C ILE C 36 6.85 11.54 12.84
N ASN C 37 6.27 12.08 13.90
CA ASN C 37 6.98 13.03 14.77
C ASN C 37 7.92 12.35 15.76
N ASN C 38 7.91 11.03 15.85
CA ASN C 38 8.80 10.36 16.80
C ASN C 38 9.75 9.36 16.13
N GLU C 39 9.24 8.62 15.16
CA GLU C 39 10.08 7.63 14.49
C GLU C 39 10.70 8.16 13.20
N LEU C 40 9.92 8.88 12.42
CA LEU C 40 10.41 9.41 11.15
C LEU C 40 10.84 10.87 11.26
N SER C 41 10.88 11.41 12.46
CA SER C 41 11.27 12.80 12.68
C SER C 41 12.75 13.02 12.39
N HIS C 42 13.53 11.95 12.44
CA HIS C 42 14.96 12.04 12.18
C HIS C 42 15.22 12.09 10.68
N PHE C 43 14.28 11.54 9.91
CA PHE C 43 14.40 11.51 8.46
C PHE C 43 13.64 12.69 7.87
N LEU C 44 12.35 12.76 8.17
CA LEU C 44 11.50 13.84 7.68
C LEU C 44 11.46 14.96 8.71
N GLU C 45 12.35 15.92 8.54
CA GLU C 45 12.44 17.04 9.47
C GLU C 45 11.58 18.21 9.02
N GLU C 46 10.42 17.91 8.47
CA GLU C 46 9.52 18.95 8.01
C GLU C 46 8.21 18.93 8.79
N ILE C 47 7.13 18.48 8.14
CA ILE C 47 5.81 18.43 8.77
C ILE C 47 5.40 19.84 9.22
N LYS C 48 5.30 20.07 10.52
CA LYS C 48 4.94 21.37 11.09
C LYS C 48 3.54 21.84 10.68
N GLU C 49 3.40 22.24 9.42
CA GLU C 49 2.12 22.74 8.91
C GLU C 49 1.23 21.61 8.42
N GLN C 50 1.69 20.37 8.63
CA GLN C 50 0.95 19.17 8.24
C GLN C 50 0.75 19.10 6.73
N GLU C 51 1.79 18.70 6.03
CA GLU C 51 1.74 18.59 4.58
C GLU C 51 1.57 17.13 4.16
N VAL C 52 2.49 16.29 4.62
CA VAL C 52 2.44 14.87 4.30
C VAL C 52 1.25 14.18 4.97
N VAL C 53 0.82 14.76 6.10
CA VAL C 53 -0.31 14.22 6.84
C VAL C 53 -1.59 14.28 6.01
N ASP C 54 -1.69 15.31 5.19
CA ASP C 54 -2.85 15.53 4.33
C ASP C 54 -2.89 14.48 3.20
N LYS C 55 -1.71 14.05 2.77
CA LYS C 55 -1.61 13.07 1.69
C LYS C 55 -1.73 11.63 2.18
N VAL C 56 -1.08 11.32 3.30
CA VAL C 56 -1.12 9.96 3.83
C VAL C 56 -2.53 9.53 4.22
N MET C 57 -3.30 10.44 4.81
CA MET C 57 -4.66 10.12 5.24
C MET C 57 -5.59 9.93 4.05
N GLU C 58 -5.09 10.23 2.86
CA GLU C 58 -5.87 10.09 1.64
C GLU C 58 -5.70 8.68 1.06
N THR C 59 -4.62 8.01 1.44
CA THR C 59 -4.33 6.67 0.93
C THR C 59 -4.47 5.62 2.02
N LEU C 60 -4.25 6.02 3.27
CA LEU C 60 -4.31 5.12 4.41
C LEU C 60 -5.74 4.60 4.64
N ASP C 61 -6.71 5.50 4.69
CA ASP C 61 -8.10 5.11 4.91
C ASP C 61 -8.69 4.48 3.65
N ASN C 62 -8.35 3.22 3.44
CA ASN C 62 -8.83 2.47 2.29
C ASN C 62 -10.21 1.91 2.58
N ASP C 63 -10.48 1.70 3.86
CA ASP C 63 -11.77 1.16 4.28
C ASP C 63 -12.85 2.24 4.18
N GLY C 64 -12.49 3.45 4.54
CA GLY C 64 -13.43 4.55 4.49
C GLY C 64 -14.11 4.75 5.83
N ASP C 65 -13.33 4.63 6.90
CA ASP C 65 -13.87 4.79 8.25
C ASP C 65 -12.86 5.46 9.17
N GLY C 66 -11.67 5.70 8.65
CA GLY C 66 -10.63 6.33 9.45
C GLY C 66 -9.99 5.34 10.40
N GLU C 67 -10.08 4.06 10.04
CA GLU C 67 -9.52 2.99 10.85
C GLU C 67 -8.28 2.43 10.20
N CYS C 68 -7.16 2.52 10.90
CA CYS C 68 -5.90 2.02 10.38
C CYS C 68 -5.81 0.50 10.54
N ASP C 69 -4.88 -0.11 9.81
CA ASP C 69 -4.70 -1.55 9.83
C ASP C 69 -3.29 -1.91 9.35
N PHE C 70 -2.86 -3.13 9.63
CA PHE C 70 -1.51 -3.59 9.25
C PHE C 70 -1.25 -3.39 7.77
N GLN C 71 -2.29 -3.55 6.95
CA GLN C 71 -2.17 -3.41 5.51
C GLN C 71 -1.72 -2.00 5.10
N GLU C 72 -2.39 -0.98 5.63
CA GLU C 72 -2.04 0.39 5.28
C GLU C 72 -0.92 0.94 6.17
N PHE C 73 -0.68 0.30 7.31
CA PHE C 73 0.37 0.72 8.22
C PHE C 73 1.74 0.72 7.53
N MET C 74 2.06 -0.37 6.85
CA MET C 74 3.34 -0.47 6.16
C MET C 74 3.34 0.41 4.92
N ALA C 75 2.16 0.58 4.32
CA ALA C 75 2.03 1.42 3.14
C ALA C 75 2.25 2.88 3.55
N PHE C 76 1.88 3.17 4.79
CA PHE C 76 2.05 4.49 5.37
C PHE C 76 3.53 4.85 5.43
N VAL C 77 4.35 3.86 5.80
CA VAL C 77 5.79 4.06 5.88
C VAL C 77 6.36 4.36 4.50
N ALA C 78 5.82 3.68 3.50
CA ALA C 78 6.26 3.90 2.13
C ALA C 78 5.87 5.28 1.66
N MET C 79 4.62 5.64 1.92
CA MET C 79 4.09 6.93 1.53
C MET C 79 4.93 8.08 2.09
N VAL C 80 5.18 8.08 3.40
CA VAL C 80 5.96 9.15 4.01
C VAL C 80 7.41 9.17 3.52
N THR C 81 7.93 8.01 3.17
CA THR C 81 9.31 7.91 2.69
C THR C 81 9.45 8.45 1.26
N THR C 82 8.57 7.99 0.38
CA THR C 82 8.61 8.41 -1.02
C THR C 82 8.08 9.83 -1.24
N ALA C 83 6.99 10.18 -0.57
CA ALA C 83 6.38 11.51 -0.74
C ALA C 83 7.36 12.63 -0.44
N CYS C 84 8.05 12.55 0.70
CA CYS C 84 8.99 13.59 1.09
C CYS C 84 10.22 13.60 0.17
N HIS C 85 10.60 12.42 -0.29
CA HIS C 85 11.76 12.29 -1.17
C HIS C 85 11.44 12.82 -2.57
N GLU C 86 10.30 12.42 -3.10
CA GLU C 86 9.86 12.83 -4.43
C GLU C 86 9.24 14.22 -4.39
N PHE C 87 9.25 14.85 -3.23
CA PHE C 87 8.70 16.19 -3.07
C PHE C 87 9.62 17.20 -3.76
N PHE C 88 10.79 16.69 -4.16
CA PHE C 88 11.79 17.51 -4.83
C PHE C 88 11.57 17.48 -6.34
N GLU C 89 10.57 16.73 -6.78
CA GLU C 89 10.24 16.63 -8.20
C GLU C 89 8.83 16.08 -8.38
N HIS C 90 7.89 16.96 -8.66
CA HIS C 90 6.50 16.59 -8.86
C HIS C 90 6.15 16.72 -10.34
N GLU C 91 5.11 16.04 -10.77
CA GLU C 91 4.67 16.13 -12.14
C GLU C 91 4.09 17.52 -12.40
N ASP D 1 11.23 27.48 -20.17
CA ASP D 1 11.15 28.90 -19.79
C ASP D 1 10.12 29.13 -18.68
N PRO D 2 8.84 28.74 -18.86
CA PRO D 2 7.83 28.91 -17.81
C PRO D 2 8.12 27.99 -16.62
N LYS D 3 8.02 28.54 -15.43
CA LYS D 3 8.30 27.78 -14.22
C LYS D 3 7.08 27.71 -13.32
N ARG D 4 6.91 26.56 -12.69
CA ARG D 4 5.81 26.32 -11.77
C ARG D 4 6.36 26.28 -10.35
N LEU D 5 6.01 27.26 -9.55
CA LEU D 5 6.50 27.32 -8.18
C LEU D 5 5.79 26.28 -7.32
N TYR D 6 6.47 25.16 -7.13
CA TYR D 6 5.95 24.06 -6.34
C TYR D 6 6.29 24.24 -4.87
N CYS D 7 5.28 24.40 -4.04
CA CYS D 7 5.49 24.58 -2.61
C CYS D 7 5.58 23.22 -1.91
N LYS D 8 6.52 23.10 -0.98
CA LYS D 8 6.71 21.84 -0.24
C LYS D 8 5.70 21.73 0.90
N ASN D 9 4.72 22.63 0.91
CA ASN D 9 3.68 22.63 1.93
C ASN D 9 2.37 22.16 1.34
N GLY D 10 2.17 20.85 1.31
CA GLY D 10 0.93 20.30 0.78
C GLY D 10 1.10 19.83 -0.66
N GLY D 11 2.07 20.40 -1.35
CA GLY D 11 2.32 20.05 -2.72
C GLY D 11 1.43 20.82 -3.67
N PHE D 12 1.51 22.14 -3.60
CA PHE D 12 0.70 23.00 -4.45
C PHE D 12 1.57 23.92 -5.29
N PHE D 13 1.10 24.19 -6.50
CA PHE D 13 1.80 25.08 -7.42
C PHE D 13 1.17 26.46 -7.35
N LEU D 14 2.00 27.50 -7.38
CA LEU D 14 1.50 28.87 -7.35
C LEU D 14 0.70 29.16 -8.61
N ARG D 15 -0.59 29.42 -8.43
CA ARG D 15 -1.48 29.70 -9.54
C ARG D 15 -1.96 31.15 -9.53
N ILE D 16 -1.60 31.88 -10.58
CA ILE D 16 -2.00 33.27 -10.70
C ILE D 16 -3.22 33.37 -11.62
N HIS D 17 -4.28 33.99 -11.13
CA HIS D 17 -5.50 34.13 -11.90
C HIS D 17 -5.52 35.49 -12.60
N PRO D 18 -6.13 35.56 -13.81
CA PRO D 18 -6.22 36.81 -14.58
C PRO D 18 -7.05 37.87 -13.87
N ASP D 19 -7.82 37.45 -12.87
CA ASP D 19 -8.66 38.37 -12.11
C ASP D 19 -7.85 39.08 -11.04
N GLY D 20 -6.70 38.52 -10.69
CA GLY D 20 -5.84 39.13 -9.70
C GLY D 20 -5.63 38.26 -8.47
N ARG D 21 -6.40 37.19 -8.35
CA ARG D 21 -6.29 36.29 -7.22
C ARG D 21 -5.19 35.27 -7.42
N VAL D 22 -4.57 34.87 -6.32
CA VAL D 22 -3.49 33.88 -6.36
C VAL D 22 -3.77 32.77 -5.36
N ASP D 23 -3.60 31.53 -5.79
CA ASP D 23 -3.84 30.38 -4.93
C ASP D 23 -2.91 29.23 -5.32
N GLY D 24 -3.12 28.07 -4.73
CA GLY D 24 -2.29 26.92 -5.04
C GLY D 24 -3.11 25.73 -5.49
N VAL D 25 -2.67 25.09 -6.57
CA VAL D 25 -3.36 23.93 -7.12
C VAL D 25 -2.40 22.75 -7.25
N ARG D 26 -2.93 21.54 -7.35
CA ARG D 26 -2.10 20.35 -7.48
C ARG D 26 -2.07 19.84 -8.92
N GLU D 27 -3.12 20.16 -9.67
CA GLU D 27 -3.21 19.73 -11.05
C GLU D 27 -2.23 20.48 -11.95
N LYS D 28 -1.50 19.73 -12.75
CA LYS D 28 -0.52 20.29 -13.66
C LYS D 28 -1.16 20.69 -14.99
N SER D 29 -2.45 20.45 -15.11
CA SER D 29 -3.19 20.77 -16.33
C SER D 29 -3.60 22.24 -16.36
N ASP D 30 -3.48 22.92 -15.23
CA ASP D 30 -3.86 24.32 -15.14
C ASP D 30 -2.81 25.20 -15.83
N PRO D 31 -3.23 26.01 -16.81
CA PRO D 31 -2.31 26.88 -17.56
C PRO D 31 -1.96 28.17 -16.81
N HIS D 32 -2.52 28.36 -15.62
CA HIS D 32 -2.27 29.57 -14.84
C HIS D 32 -1.14 29.36 -13.84
N ILE D 33 -0.59 28.15 -13.80
CA ILE D 33 0.51 27.86 -12.89
C ILE D 33 1.85 28.08 -13.58
N LYS D 34 1.78 28.50 -14.84
CA LYS D 34 2.98 28.77 -15.61
C LYS D 34 3.39 30.22 -15.41
N LEU D 35 4.42 30.41 -14.61
CA LEU D 35 4.90 31.75 -14.30
C LEU D 35 6.28 31.98 -14.91
N GLN D 36 6.58 33.24 -15.18
CA GLN D 36 7.86 33.62 -15.73
C GLN D 36 8.61 34.50 -14.73
N LEU D 37 9.84 34.13 -14.45
CA LEU D 37 10.65 34.87 -13.49
C LEU D 37 11.59 35.85 -14.18
N GLN D 38 11.25 37.13 -14.14
CA GLN D 38 12.05 38.18 -14.75
C GLN D 38 13.05 38.72 -13.73
N ALA D 39 14.32 38.79 -14.09
CA ALA D 39 15.33 39.29 -13.18
C ALA D 39 15.55 40.79 -13.36
N GLU D 40 15.59 41.52 -12.25
CA GLU D 40 15.80 42.96 -12.29
C GLU D 40 17.17 43.30 -11.72
N GLU D 41 17.57 42.53 -10.72
CA GLU D 41 18.85 42.71 -10.07
C GLU D 41 19.33 41.34 -9.63
N ARG D 42 20.63 41.21 -9.37
CA ARG D 42 21.20 39.95 -8.93
C ARG D 42 20.57 39.52 -7.62
N GLY D 43 19.67 38.55 -7.70
CA GLY D 43 18.99 38.05 -6.52
C GLY D 43 17.60 38.65 -6.36
N VAL D 44 17.19 39.46 -7.32
CA VAL D 44 15.87 40.09 -7.29
C VAL D 44 15.10 39.75 -8.57
N VAL D 45 14.01 39.02 -8.41
CA VAL D 45 13.21 38.63 -9.56
C VAL D 45 11.74 39.03 -9.40
N SER D 46 11.06 39.12 -10.52
CA SER D 46 9.65 39.45 -10.55
C SER D 46 8.86 38.28 -11.15
N ILE D 47 7.86 37.81 -10.43
CA ILE D 47 7.05 36.68 -10.88
C ILE D 47 5.85 37.16 -11.68
N LYS D 48 5.80 36.80 -12.95
CA LYS D 48 4.71 37.19 -13.82
C LYS D 48 3.98 35.97 -14.37
N GLY D 49 2.66 35.98 -14.29
CA GLY D 49 1.87 34.88 -14.80
C GLY D 49 1.76 34.96 -16.31
N VAL D 50 2.23 33.91 -16.99
CA VAL D 50 2.20 33.87 -18.45
C VAL D 50 0.79 34.03 -18.99
N SER D 51 -0.09 33.08 -18.64
CA SER D 51 -1.46 33.12 -19.11
C SER D 51 -2.34 34.01 -18.23
N ALA D 52 -1.72 34.94 -17.52
CA ALA D 52 -2.44 35.86 -16.65
C ALA D 52 -2.12 37.30 -17.02
N ASN D 53 -0.89 37.52 -17.48
CA ASN D 53 -0.42 38.85 -17.88
C ASN D 53 -0.38 39.80 -16.68
N ARG D 54 -0.22 39.23 -15.49
CA ARG D 54 -0.17 40.03 -14.27
C ARG D 54 1.06 39.64 -13.46
N TYR D 55 1.56 40.58 -12.66
CA TYR D 55 2.75 40.35 -11.84
C TYR D 55 2.35 40.11 -10.39
N LEU D 56 3.10 39.26 -9.71
CA LEU D 56 2.81 38.94 -8.31
C LEU D 56 3.28 40.10 -7.42
N ALA D 57 2.38 40.56 -6.56
CA ALA D 57 2.69 41.66 -5.67
C ALA D 57 2.14 41.41 -4.27
N MET D 58 2.82 41.96 -3.27
CA MET D 58 2.40 41.82 -1.88
C MET D 58 1.98 43.19 -1.33
N LYS D 59 0.86 43.24 -0.64
CA LYS D 59 0.37 44.50 -0.09
C LYS D 59 0.93 44.76 1.30
N GLU D 60 0.84 46.01 1.73
CA GLU D 60 1.34 46.46 3.03
C GLU D 60 0.55 45.88 4.19
N ASP D 61 -0.37 44.98 3.90
CA ASP D 61 -1.17 44.34 4.92
C ASP D 61 -0.77 42.88 5.06
N GLY D 62 -0.12 42.36 4.03
CA GLY D 62 0.32 40.98 4.04
C GLY D 62 -0.35 40.14 2.99
N ARG D 63 -1.30 40.72 2.26
CA ARG D 63 -2.01 40.01 1.21
C ARG D 63 -1.13 39.84 -0.03
N LEU D 64 -1.41 38.79 -0.78
CA LEU D 64 -0.69 38.49 -2.00
C LEU D 64 -1.67 38.48 -3.17
N LEU D 65 -1.39 39.26 -4.19
CA LEU D 65 -2.26 39.32 -5.35
C LEU D 65 -1.46 39.59 -6.62
N ALA D 66 -2.16 39.71 -7.73
CA ALA D 66 -1.51 39.97 -9.02
C ALA D 66 -1.86 41.36 -9.55
N SER D 67 -0.85 42.17 -9.76
CA SER D 67 -1.01 43.52 -10.27
C SER D 67 -0.77 43.54 -11.78
N LYS D 68 -1.39 44.49 -12.47
CA LYS D 68 -1.23 44.59 -13.92
C LYS D 68 -0.08 45.55 -14.24
N SER D 69 0.36 46.27 -13.23
CA SER D 69 1.44 47.23 -13.38
C SER D 69 2.59 46.83 -12.45
N VAL D 70 3.81 46.96 -12.95
CA VAL D 70 4.99 46.62 -12.16
C VAL D 70 5.23 47.66 -11.07
N THR D 71 5.14 47.22 -9.82
CA THR D 71 5.35 48.09 -8.69
C THR D 71 6.54 47.60 -7.87
N ASP D 72 6.94 48.38 -6.88
CA ASP D 72 8.06 48.04 -6.00
C ASP D 72 7.76 46.80 -5.16
N GLU D 73 6.48 46.48 -5.04
CA GLU D 73 6.07 45.31 -4.27
C GLU D 73 5.99 44.06 -5.14
N CYS D 74 6.37 44.19 -6.41
CA CYS D 74 6.35 43.08 -7.35
C CYS D 74 7.74 42.44 -7.46
N PHE D 75 8.68 42.95 -6.67
CA PHE D 75 10.04 42.44 -6.71
C PHE D 75 10.33 41.62 -5.45
N PHE D 76 10.78 40.39 -5.67
CA PHE D 76 11.09 39.50 -4.56
C PHE D 76 12.54 39.00 -4.66
N PHE D 77 13.15 38.81 -3.51
CA PHE D 77 14.52 38.32 -3.43
C PHE D 77 14.53 36.82 -3.63
N GLU D 78 15.27 36.38 -4.63
CA GLU D 78 15.38 34.96 -4.93
C GLU D 78 16.56 34.38 -4.17
N ARG D 79 16.27 33.57 -3.16
CA ARG D 79 17.30 32.95 -2.35
C ARG D 79 17.21 31.43 -2.40
N LEU D 80 18.35 30.77 -2.40
CA LEU D 80 18.40 29.32 -2.43
C LEU D 80 18.70 28.80 -1.03
N GLU D 81 17.78 28.03 -0.47
CA GLU D 81 17.96 27.47 0.86
C GLU D 81 18.88 26.25 0.82
N SER D 82 19.33 25.83 2.00
CA SER D 82 20.23 24.68 2.12
C SER D 82 19.51 23.37 1.81
N ASN D 83 18.21 23.44 1.62
CA ASN D 83 17.42 22.24 1.31
C ASN D 83 17.09 22.18 -0.18
N ASN D 84 17.79 22.99 -0.97
CA ASN D 84 17.63 23.02 -2.43
C ASN D 84 16.29 23.65 -2.84
N TYR D 85 15.74 24.50 -2.00
CA TYR D 85 14.48 25.18 -2.31
C TYR D 85 14.71 26.67 -2.45
N ASN D 86 13.76 27.35 -3.08
CA ASN D 86 13.88 28.79 -3.30
C ASN D 86 12.96 29.56 -2.35
N THR D 87 13.54 30.54 -1.67
CA THR D 87 12.80 31.39 -0.75
C THR D 87 12.62 32.76 -1.39
N TYR D 88 11.40 33.28 -1.39
CA TYR D 88 11.13 34.58 -1.97
C TYR D 88 10.67 35.58 -0.93
N ARG D 89 11.50 36.60 -0.73
CA ARG D 89 11.23 37.65 0.23
C ARG D 89 10.96 38.96 -0.50
N SER D 90 9.94 39.70 -0.08
CA SER D 90 9.59 40.95 -0.74
C SER D 90 10.69 41.99 -0.56
N ARG D 91 10.93 42.77 -1.61
CA ARG D 91 11.95 43.81 -1.57
C ARG D 91 11.38 45.03 -0.84
N LYS D 92 10.06 45.16 -0.87
CA LYS D 92 9.38 46.26 -0.20
C LYS D 92 9.23 45.94 1.29
N TYR D 93 9.03 44.66 1.58
CA TYR D 93 8.88 44.19 2.95
C TYR D 93 9.90 43.09 3.21
N THR D 94 11.06 43.48 3.73
CA THR D 94 12.14 42.56 4.01
C THR D 94 11.85 41.60 5.17
N SER D 95 10.66 41.69 5.73
CA SER D 95 10.29 40.83 6.85
C SER D 95 9.17 39.87 6.45
N TRP D 96 8.71 39.96 5.20
CA TRP D 96 7.63 39.11 4.74
C TRP D 96 8.07 38.25 3.55
N TYR D 97 7.64 37.00 3.56
CA TYR D 97 7.97 36.06 2.50
C TYR D 97 6.70 35.57 1.82
N VAL D 98 6.86 34.94 0.67
CA VAL D 98 5.74 34.39 -0.07
C VAL D 98 5.50 32.97 0.43
N ALA D 99 4.23 32.61 0.66
CA ALA D 99 3.93 31.28 1.16
C ALA D 99 2.52 30.81 0.77
N LEU D 100 2.35 29.49 0.68
CA LEU D 100 1.07 28.88 0.35
C LEU D 100 0.65 27.96 1.48
N LYS D 101 -0.62 28.01 1.84
CA LYS D 101 -1.13 27.16 2.91
C LYS D 101 -1.49 25.78 2.38
N ARG D 102 -1.43 24.79 3.26
CA ARG D 102 -1.74 23.41 2.90
C ARG D 102 -3.20 23.26 2.42
N THR D 103 -4.01 24.26 2.70
CA THR D 103 -5.41 24.26 2.31
C THR D 103 -5.59 24.70 0.86
N GLY D 104 -4.49 25.09 0.21
CA GLY D 104 -4.56 25.52 -1.18
C GLY D 104 -4.67 27.02 -1.30
N GLN D 105 -4.89 27.70 -0.19
CA GLN D 105 -5.02 29.15 -0.20
C GLN D 105 -3.67 29.77 0.12
N TYR D 106 -3.45 31.00 -0.33
CA TYR D 106 -2.21 31.69 -0.08
C TYR D 106 -2.06 32.01 1.41
N LYS D 107 -0.82 32.14 1.86
CA LYS D 107 -0.56 32.47 3.25
C LYS D 107 -0.22 33.94 3.37
N LEU D 108 -0.67 34.56 4.44
CA LEU D 108 -0.41 35.97 4.66
C LEU D 108 1.07 36.21 4.91
N GLY D 109 1.64 37.17 4.21
CA GLY D 109 3.05 37.49 4.36
C GLY D 109 3.39 37.88 5.77
N SER D 110 2.44 38.48 6.46
CA SER D 110 2.63 38.91 7.84
C SER D 110 2.73 37.72 8.79
N LYS D 111 2.43 36.53 8.28
CA LYS D 111 2.48 35.32 9.10
C LYS D 111 3.56 34.38 8.61
N THR D 112 4.53 34.91 7.87
CA THR D 112 5.61 34.09 7.35
C THR D 112 6.87 34.24 8.20
N GLY D 113 7.77 33.28 8.08
CA GLY D 113 9.01 33.31 8.83
C GLY D 113 9.91 32.14 8.47
N PRO D 114 11.22 32.27 8.66
CA PRO D 114 12.17 31.19 8.35
C PRO D 114 11.93 29.94 9.19
N GLY D 115 11.80 28.81 8.52
CA GLY D 115 11.57 27.56 9.22
C GLY D 115 10.25 26.94 8.83
N GLN D 116 9.38 27.74 8.21
CA GLN D 116 8.08 27.26 7.78
C GLN D 116 8.21 26.38 6.55
N LYS D 117 7.13 25.70 6.19
CA LYS D 117 7.13 24.82 5.03
C LYS D 117 6.54 25.54 3.83
N ALA D 118 5.61 26.44 4.11
CA ALA D 118 4.91 27.20 3.10
C ALA D 118 5.84 28.16 2.34
N ILE D 119 6.97 28.49 2.95
CA ILE D 119 7.92 29.43 2.33
C ILE D 119 8.92 28.73 1.42
N LEU D 120 8.79 27.41 1.28
CA LEU D 120 9.72 26.66 0.44
C LEU D 120 9.11 26.38 -0.92
N PHE D 121 9.63 27.05 -1.95
CA PHE D 121 9.14 26.89 -3.31
C PHE D 121 10.20 26.26 -4.21
N LEU D 122 9.75 25.52 -5.20
CA LEU D 122 10.62 24.87 -6.16
C LEU D 122 10.16 25.17 -7.58
N PRO D 123 10.92 26.00 -8.31
CA PRO D 123 10.58 26.38 -9.69
C PRO D 123 10.77 25.21 -10.67
N MET D 124 9.70 24.46 -10.90
CA MET D 124 9.72 23.33 -11.82
C MET D 124 9.34 23.77 -13.22
N SER D 125 10.10 23.33 -14.21
CA SER D 125 9.86 23.70 -15.61
C SER D 125 8.50 23.19 -16.10
N ALA D 126 7.86 23.97 -16.96
CA ALA D 126 6.56 23.62 -17.50
C ALA D 126 6.66 23.44 -19.01
N ASP A 1 -23.07 -26.22 11.97
CA ASP A 1 -23.14 -27.54 11.30
C ASP A 1 -22.37 -27.56 9.98
N PRO A 2 -22.64 -26.62 9.04
CA PRO A 2 -21.94 -26.60 7.77
C PRO A 2 -20.61 -25.85 7.87
N LYS A 3 -19.62 -26.34 7.14
CA LYS A 3 -18.30 -25.74 7.15
C LYS A 3 -17.79 -25.56 5.73
N ARG A 4 -16.96 -24.54 5.53
CA ARG A 4 -16.39 -24.28 4.23
C ARG A 4 -14.89 -24.59 4.27
N LEU A 5 -14.49 -25.58 3.50
CA LEU A 5 -13.09 -26.00 3.47
C LEU A 5 -12.22 -25.00 2.74
N TYR A 6 -11.49 -24.21 3.52
CA TYR A 6 -10.59 -23.20 2.98
C TYR A 6 -9.22 -23.82 2.71
N CYS A 7 -8.80 -23.85 1.45
CA CYS A 7 -7.52 -24.43 1.09
C CYS A 7 -6.41 -23.37 1.14
N LYS A 8 -5.22 -23.81 1.58
CA LYS A 8 -4.07 -22.92 1.66
C LYS A 8 -3.46 -22.68 0.28
N ASN A 9 -4.06 -23.29 -0.74
CA ASN A 9 -3.56 -23.15 -2.10
C ASN A 9 -4.42 -22.18 -2.88
N GLY A 10 -4.08 -20.89 -2.78
CA GLY A 10 -4.80 -19.87 -3.52
C GLY A 10 -5.87 -19.21 -2.68
N GLY A 11 -6.24 -19.85 -1.59
CA GLY A 11 -7.26 -19.30 -0.73
C GLY A 11 -8.65 -19.54 -1.28
N PHE A 12 -8.84 -20.72 -1.85
CA PHE A 12 -10.12 -21.09 -2.42
C PHE A 12 -10.85 -22.09 -1.54
N PHE A 13 -12.17 -22.02 -1.57
CA PHE A 13 -13.00 -22.92 -0.79
C PHE A 13 -13.46 -24.06 -1.69
N LEU A 14 -13.52 -25.26 -1.15
CA LEU A 14 -13.96 -26.43 -1.93
C LEU A 14 -15.42 -26.25 -2.33
N ARG A 15 -15.65 -26.04 -3.62
CA ARG A 15 -16.99 -25.83 -4.14
C ARG A 15 -17.50 -27.06 -4.90
N ILE A 16 -18.57 -27.65 -4.41
CA ILE A 16 -19.17 -28.82 -5.05
C ILE A 16 -20.36 -28.39 -5.91
N HIS A 17 -20.39 -28.86 -7.15
CA HIS A 17 -21.46 -28.51 -8.06
C HIS A 17 -22.48 -29.65 -8.15
N PRO A 18 -23.77 -29.32 -8.38
CA PRO A 18 -24.84 -30.33 -8.47
C PRO A 18 -24.73 -31.24 -9.69
N ASP A 19 -23.76 -30.96 -10.56
CA ASP A 19 -23.56 -31.77 -11.74
C ASP A 19 -22.46 -32.80 -11.52
N GLY A 20 -21.79 -32.70 -10.38
CA GLY A 20 -20.74 -33.64 -10.05
C GLY A 20 -19.36 -33.03 -10.11
N ARG A 21 -19.27 -31.81 -10.64
CA ARG A 21 -17.98 -31.13 -10.76
C ARG A 21 -17.58 -30.49 -9.43
N VAL A 22 -16.28 -30.42 -9.20
CA VAL A 22 -15.74 -29.84 -7.98
C VAL A 22 -14.61 -28.86 -8.34
N ASP A 23 -14.65 -27.67 -7.77
CA ASP A 23 -13.64 -26.66 -8.03
C ASP A 23 -13.40 -25.82 -6.78
N GLY A 24 -12.68 -24.71 -6.93
CA GLY A 24 -12.39 -23.86 -5.81
C GLY A 24 -12.72 -22.41 -6.10
N VAL A 25 -13.46 -21.77 -5.20
CA VAL A 25 -13.83 -20.37 -5.38
C VAL A 25 -13.46 -19.57 -4.13
N ARG A 26 -13.15 -18.29 -4.31
CA ARG A 26 -12.79 -17.42 -3.19
C ARG A 26 -14.01 -16.69 -2.66
N GLU A 27 -15.06 -16.67 -3.46
CA GLU A 27 -16.29 -16.00 -3.09
C GLU A 27 -17.09 -16.83 -2.09
N LYS A 28 -17.14 -16.36 -0.85
CA LYS A 28 -17.86 -17.04 0.22
C LYS A 28 -19.37 -16.93 0.02
N SER A 29 -19.77 -16.09 -0.92
CA SER A 29 -21.17 -15.87 -1.21
C SER A 29 -21.78 -17.05 -1.95
N ASP A 30 -20.93 -17.91 -2.50
CA ASP A 30 -21.40 -19.09 -3.23
C ASP A 30 -21.92 -20.15 -2.26
N PRO A 31 -23.21 -20.52 -2.36
CA PRO A 31 -23.83 -21.50 -1.47
C PRO A 31 -23.35 -22.93 -1.71
N HIS A 32 -22.53 -23.13 -2.73
CA HIS A 32 -22.04 -24.46 -3.05
C HIS A 32 -20.79 -24.81 -2.26
N ILE A 33 -20.34 -23.88 -1.42
CA ILE A 33 -19.17 -24.11 -0.59
C ILE A 33 -19.59 -24.57 0.80
N LYS A 34 -20.91 -24.69 0.98
CA LYS A 34 -21.47 -25.14 2.24
C LYS A 34 -21.40 -26.66 2.29
N LEU A 35 -20.36 -27.17 2.95
CA LEU A 35 -20.16 -28.60 3.04
C LEU A 35 -20.42 -29.11 4.45
N GLN A 36 -20.89 -30.34 4.53
CA GLN A 36 -21.17 -30.97 5.81
C GLN A 36 -20.24 -32.16 5.98
N LEU A 37 -19.57 -32.23 7.10
CA LEU A 37 -18.65 -33.33 7.36
C LEU A 37 -19.30 -34.39 8.23
N GLN A 38 -19.72 -35.48 7.60
CA GLN A 38 -20.35 -36.57 8.31
C GLN A 38 -19.30 -37.59 8.71
N ALA A 39 -19.20 -37.85 10.01
CA ALA A 39 -18.21 -38.78 10.54
C ALA A 39 -18.73 -40.22 10.49
N GLU A 40 -17.86 -41.12 10.07
CA GLU A 40 -18.18 -42.54 10.00
C GLU A 40 -17.46 -43.27 11.12
N GLU A 41 -16.13 -43.18 11.07
CA GLU A 41 -15.28 -43.81 12.06
C GLU A 41 -14.41 -42.73 12.69
N ARG A 42 -13.76 -43.04 13.81
CA ARG A 42 -12.90 -42.08 14.49
C ARG A 42 -11.75 -41.64 13.58
N GLY A 43 -11.92 -40.49 12.94
CA GLY A 43 -10.91 -39.97 12.05
C GLY A 43 -11.32 -40.07 10.60
N VAL A 44 -12.46 -40.71 10.36
CA VAL A 44 -12.97 -40.89 9.00
C VAL A 44 -14.25 -40.08 8.80
N VAL A 45 -14.20 -39.14 7.86
CA VAL A 45 -15.35 -38.28 7.57
C VAL A 45 -15.68 -38.30 6.09
N SER A 46 -16.92 -37.97 5.78
CA SER A 46 -17.40 -37.91 4.41
C SER A 46 -17.86 -36.50 4.10
N ILE A 47 -17.19 -35.85 3.14
CA ILE A 47 -17.53 -34.49 2.76
C ILE A 47 -18.75 -34.48 1.84
N LYS A 48 -19.85 -33.95 2.34
CA LYS A 48 -21.09 -33.88 1.58
C LYS A 48 -21.49 -32.43 1.34
N GLY A 49 -21.78 -32.09 0.08
CA GLY A 49 -22.19 -30.74 -0.24
C GLY A 49 -23.66 -30.54 0.08
N VAL A 50 -23.95 -29.58 0.95
CA VAL A 50 -25.33 -29.31 1.35
C VAL A 50 -26.18 -28.87 0.17
N SER A 51 -25.83 -27.75 -0.44
CA SER A 51 -26.57 -27.22 -1.59
C SER A 51 -26.18 -27.94 -2.88
N ALA A 52 -25.95 -29.25 -2.77
CA ALA A 52 -25.58 -30.07 -3.91
C ALA A 52 -26.15 -31.47 -3.77
N ASN A 53 -26.21 -31.95 -2.52
CA ASN A 53 -26.73 -33.29 -2.21
C ASN A 53 -25.84 -34.36 -2.81
N ARG A 54 -24.54 -34.10 -2.83
CA ARG A 54 -23.58 -35.04 -3.37
C ARG A 54 -22.39 -35.20 -2.43
N TYR A 55 -21.77 -36.36 -2.47
CA TYR A 55 -20.62 -36.67 -1.63
C TYR A 55 -19.34 -36.62 -2.45
N LEU A 56 -18.28 -36.08 -1.86
CA LEU A 56 -17.00 -35.99 -2.53
C LEU A 56 -16.39 -37.38 -2.67
N ALA A 57 -15.98 -37.72 -3.88
CA ALA A 57 -15.39 -39.02 -4.13
C ALA A 57 -14.17 -38.90 -5.03
N MET A 58 -13.19 -39.75 -4.78
CA MET A 58 -11.96 -39.77 -5.57
C MET A 58 -11.93 -41.02 -6.43
N LYS A 59 -11.42 -40.90 -7.64
CA LYS A 59 -11.35 -42.05 -8.53
C LYS A 59 -9.98 -42.71 -8.48
N GLU A 60 -9.89 -43.92 -9.03
CA GLU A 60 -8.65 -44.70 -9.03
C GLU A 60 -7.56 -44.09 -9.92
N ASP A 61 -7.93 -43.06 -10.67
CA ASP A 61 -6.97 -42.40 -11.56
C ASP A 61 -6.47 -41.12 -10.92
N GLY A 62 -7.16 -40.67 -9.87
CA GLY A 62 -6.77 -39.45 -9.20
C GLY A 62 -7.78 -38.33 -9.36
N ARG A 63 -8.85 -38.60 -10.10
CA ARG A 63 -9.90 -37.61 -10.32
C ARG A 63 -10.69 -37.35 -9.05
N LEU A 64 -11.28 -36.17 -8.97
CA LEU A 64 -12.09 -35.79 -7.83
C LEU A 64 -13.43 -35.27 -8.31
N LEU A 65 -14.52 -35.89 -7.85
CA LEU A 65 -15.86 -35.49 -8.25
C LEU A 65 -16.85 -35.72 -7.12
N ALA A 66 -18.10 -35.36 -7.36
CA ALA A 66 -19.13 -35.55 -6.37
C ALA A 66 -20.20 -36.51 -6.88
N SER A 67 -20.45 -37.58 -6.13
CA SER A 67 -21.42 -38.57 -6.52
C SER A 67 -22.65 -38.49 -5.60
N LYS A 68 -23.77 -39.03 -6.04
CA LYS A 68 -25.00 -39.00 -5.26
C LYS A 68 -25.09 -40.25 -4.37
N SER A 69 -24.08 -41.10 -4.44
CA SER A 69 -24.05 -42.32 -3.66
C SER A 69 -22.79 -42.35 -2.78
N VAL A 70 -22.95 -42.80 -1.55
CA VAL A 70 -21.83 -42.90 -0.63
C VAL A 70 -21.06 -44.18 -0.89
N THR A 71 -20.00 -44.09 -1.66
CA THR A 71 -19.19 -45.25 -1.97
C THR A 71 -17.99 -45.31 -1.02
N ASP A 72 -17.11 -46.29 -1.23
CA ASP A 72 -15.93 -46.43 -0.39
C ASP A 72 -14.86 -45.42 -0.79
N GLU A 73 -15.21 -44.57 -1.75
CA GLU A 73 -14.31 -43.54 -2.23
C GLU A 73 -14.62 -42.21 -1.55
N CYS A 74 -15.76 -42.15 -0.87
CA CYS A 74 -16.19 -40.93 -0.18
C CYS A 74 -15.71 -40.90 1.27
N PHE A 75 -14.92 -41.90 1.66
CA PHE A 75 -14.42 -41.96 3.01
C PHE A 75 -13.02 -41.38 3.09
N PHE A 76 -12.88 -40.26 3.77
CA PHE A 76 -11.59 -39.59 3.90
C PHE A 76 -11.17 -39.48 5.35
N PHE A 77 -9.87 -39.60 5.58
CA PHE A 77 -9.30 -39.48 6.91
C PHE A 77 -8.91 -38.04 7.18
N GLU A 78 -9.48 -37.45 8.22
CA GLU A 78 -9.18 -36.07 8.56
C GLU A 78 -8.11 -36.04 9.65
N ARG A 79 -6.95 -35.50 9.32
CA ARG A 79 -5.85 -35.42 10.27
C ARG A 79 -5.45 -33.96 10.51
N LEU A 80 -5.19 -33.63 11.76
CA LEU A 80 -4.79 -32.28 12.12
C LEU A 80 -3.27 -32.17 12.07
N GLU A 81 -2.77 -31.32 11.19
CA GLU A 81 -1.33 -31.13 11.06
C GLU A 81 -0.84 -30.14 12.11
N SER A 82 0.48 -30.07 12.28
CA SER A 82 1.09 -29.17 13.25
C SER A 82 0.96 -27.72 12.81
N ASN A 83 0.59 -27.51 11.56
CA ASN A 83 0.44 -26.17 11.00
C ASN A 83 -0.98 -25.66 11.20
N ASN A 84 -1.77 -26.41 11.99
CA ASN A 84 -3.15 -26.05 12.32
C ASN A 84 -4.12 -26.27 11.15
N TYR A 85 -3.72 -27.07 10.17
CA TYR A 85 -4.58 -27.36 9.04
C TYR A 85 -5.04 -28.81 9.07
N ASN A 86 -6.13 -29.10 8.38
CA ASN A 86 -6.68 -30.45 8.34
C ASN A 86 -6.41 -31.09 6.98
N THR A 87 -5.90 -32.31 7.01
CA THR A 87 -5.62 -33.05 5.78
C THR A 87 -6.71 -34.07 5.52
N TYR A 88 -7.02 -34.31 4.26
CA TYR A 88 -8.05 -35.28 3.90
C TYR A 88 -7.47 -36.35 3.00
N ARG A 89 -7.19 -37.51 3.60
CA ARG A 89 -6.62 -38.65 2.90
C ARG A 89 -7.67 -39.74 2.71
N SER A 90 -7.94 -40.10 1.46
CA SER A 90 -8.94 -41.12 1.16
C SER A 90 -8.57 -42.46 1.81
N ARG A 91 -9.58 -43.19 2.26
CA ARG A 91 -9.35 -44.50 2.87
C ARG A 91 -9.03 -45.51 1.78
N LYS A 92 -9.79 -45.42 0.69
CA LYS A 92 -9.62 -46.31 -0.45
C LYS A 92 -8.26 -46.05 -1.10
N TYR A 93 -7.90 -44.78 -1.18
CA TYR A 93 -6.63 -44.36 -1.73
C TYR A 93 -5.82 -43.68 -0.63
N THR A 94 -5.35 -44.50 0.29
CA THR A 94 -4.59 -44.02 1.46
C THR A 94 -3.25 -43.39 1.07
N SER A 95 -2.94 -43.38 -0.21
CA SER A 95 -1.69 -42.79 -0.67
C SER A 95 -1.95 -41.45 -1.36
N TRP A 96 -3.23 -41.06 -1.45
CA TRP A 96 -3.60 -39.81 -2.09
C TRP A 96 -4.35 -38.89 -1.14
N TYR A 97 -4.32 -37.59 -1.44
CA TYR A 97 -4.98 -36.59 -0.63
C TYR A 97 -5.83 -35.67 -1.51
N VAL A 98 -6.74 -34.96 -0.89
CA VAL A 98 -7.58 -34.01 -1.60
C VAL A 98 -6.87 -32.66 -1.62
N ALA A 99 -6.76 -32.06 -2.79
CA ALA A 99 -6.07 -30.77 -2.91
C ALA A 99 -6.66 -29.91 -4.01
N LEU A 100 -6.39 -28.61 -3.91
CA LEU A 100 -6.87 -27.65 -4.89
C LEU A 100 -5.68 -26.89 -5.46
N LYS A 101 -5.92 -26.08 -6.48
CA LYS A 101 -4.87 -25.29 -7.11
C LYS A 101 -5.25 -23.82 -7.10
N ARG A 102 -4.25 -22.95 -7.24
CA ARG A 102 -4.48 -21.51 -7.25
C ARG A 102 -5.31 -21.10 -8.47
N THR A 103 -5.45 -22.02 -9.41
CA THR A 103 -6.20 -21.77 -10.63
C THR A 103 -7.70 -21.95 -10.40
N GLY A 104 -8.07 -22.28 -9.17
CA GLY A 104 -9.46 -22.48 -8.83
C GLY A 104 -9.97 -23.82 -9.30
N GLN A 105 -9.05 -24.73 -9.57
CA GLN A 105 -9.41 -26.06 -10.03
C GLN A 105 -8.85 -27.11 -9.09
N TYR A 106 -9.44 -28.30 -9.13
CA TYR A 106 -9.03 -29.40 -8.28
C TYR A 106 -7.67 -29.95 -8.72
N LYS A 107 -6.95 -30.53 -7.78
CA LYS A 107 -5.65 -31.11 -8.07
C LYS A 107 -5.79 -32.62 -8.11
N LEU A 108 -5.15 -33.25 -9.07
CA LEU A 108 -5.23 -34.70 -9.22
C LEU A 108 -4.57 -35.38 -8.02
N GLY A 109 -5.32 -36.29 -7.40
CA GLY A 109 -4.82 -37.02 -6.24
C GLY A 109 -3.55 -37.78 -6.55
N SER A 110 -3.44 -38.22 -7.80
CA SER A 110 -2.27 -38.96 -8.26
C SER A 110 -0.99 -38.13 -8.16
N LYS A 111 -1.15 -36.82 -8.02
CA LYS A 111 0.00 -35.92 -7.91
C LYS A 111 0.08 -35.28 -6.53
N THR A 112 -0.67 -35.81 -5.57
CA THR A 112 -0.66 -35.27 -4.22
C THR A 112 0.29 -36.05 -3.32
N GLY A 113 0.69 -35.45 -2.22
CA GLY A 113 1.58 -36.11 -1.30
C GLY A 113 1.88 -35.23 -0.10
N PRO A 114 2.50 -35.79 0.95
CA PRO A 114 2.85 -35.03 2.16
C PRO A 114 3.83 -33.90 1.86
N GLY A 115 3.72 -32.81 2.58
CA GLY A 115 4.60 -31.68 2.36
C GLY A 115 3.95 -30.60 1.53
N GLN A 116 3.06 -31.00 0.62
CA GLN A 116 2.36 -30.05 -0.23
C GLN A 116 1.38 -29.22 0.58
N LYS A 117 1.49 -27.91 0.49
CA LYS A 117 0.61 -27.02 1.21
C LYS A 117 -0.73 -26.85 0.48
N ALA A 118 -1.00 -27.78 -0.44
CA ALA A 118 -2.23 -27.76 -1.22
C ALA A 118 -3.25 -28.72 -0.62
N ILE A 119 -2.77 -29.68 0.15
CA ILE A 119 -3.64 -30.66 0.78
C ILE A 119 -4.09 -30.19 2.16
N LEU A 120 -3.77 -28.94 2.47
CA LEU A 120 -4.11 -28.36 3.75
C LEU A 120 -5.41 -27.60 3.64
N PHE A 121 -6.43 -28.08 4.36
CA PHE A 121 -7.74 -27.45 4.34
C PHE A 121 -8.10 -26.96 5.74
N LEU A 122 -8.86 -25.88 5.79
CA LEU A 122 -9.30 -25.31 7.05
C LEU A 122 -10.82 -25.14 7.05
N PRO A 123 -11.53 -25.98 7.82
CA PRO A 123 -13.01 -25.92 7.90
C PRO A 123 -13.48 -24.69 8.65
N MET A 124 -13.82 -23.63 7.91
CA MET A 124 -14.30 -22.40 8.51
C MET A 124 -15.82 -22.41 8.63
N SER A 125 -16.34 -21.51 9.45
CA SER A 125 -17.78 -21.41 9.67
C SER A 125 -18.51 -20.95 8.41
N ALA A 126 -19.69 -21.50 8.18
CA ALA A 126 -20.47 -21.15 7.01
C ALA A 126 -21.92 -20.89 7.38
N SER B 1 14.78 5.93 16.17
CA SER B 1 13.46 5.26 16.23
C SER B 1 13.50 3.92 15.49
N GLU B 2 12.55 3.03 15.81
CA GLU B 2 12.50 1.70 15.21
C GLU B 2 12.19 1.79 13.72
N LEU B 3 11.12 2.50 13.38
CA LEU B 3 10.70 2.64 11.99
C LEU B 3 11.78 3.37 11.19
N GLU B 4 12.43 4.32 11.85
CA GLU B 4 13.50 5.10 11.24
C GLU B 4 14.63 4.18 10.79
N LYS B 5 15.08 3.31 11.69
CA LYS B 5 16.14 2.37 11.39
C LYS B 5 15.68 1.35 10.34
N ALA B 6 14.42 0.95 10.46
CA ALA B 6 13.83 0.00 9.52
C ALA B 6 13.81 0.58 8.11
N MET B 7 13.46 1.85 8.00
CA MET B 7 13.42 2.54 6.71
C MET B 7 14.75 2.44 6.00
N VAL B 8 15.82 2.73 6.74
CA VAL B 8 17.18 2.67 6.19
C VAL B 8 17.48 1.28 5.65
N ALA B 9 17.14 0.27 6.43
CA ALA B 9 17.37 -1.12 6.04
C ALA B 9 16.51 -1.49 4.83
N LEU B 10 15.25 -1.06 4.85
CA LEU B 10 14.32 -1.36 3.77
C LEU B 10 14.78 -0.72 2.46
N ILE B 11 15.20 0.54 2.53
CA ILE B 11 15.67 1.25 1.34
C ILE B 11 16.90 0.55 0.75
N ASP B 12 17.79 0.12 1.62
CA ASP B 12 19.01 -0.58 1.18
C ASP B 12 18.65 -1.89 0.51
N VAL B 13 17.81 -2.68 1.17
CA VAL B 13 17.36 -3.96 0.64
C VAL B 13 16.62 -3.77 -0.67
N PHE B 14 15.80 -2.72 -0.72
CA PHE B 14 15.03 -2.39 -1.91
C PHE B 14 15.94 -2.26 -3.13
N HIS B 15 16.97 -1.43 -3.00
CA HIS B 15 17.90 -1.20 -4.09
C HIS B 15 18.75 -2.44 -4.37
N GLN B 16 19.08 -3.18 -3.32
CA GLN B 16 19.89 -4.38 -3.45
C GLN B 16 19.17 -5.42 -4.31
N TYR B 17 17.90 -5.66 -4.00
CA TYR B 17 17.12 -6.66 -4.72
C TYR B 17 16.68 -6.15 -6.10
N SER B 18 16.56 -4.84 -6.26
CA SER B 18 16.15 -4.29 -7.56
C SER B 18 17.33 -4.27 -8.52
N GLY B 19 18.54 -4.42 -7.98
CA GLY B 19 19.74 -4.43 -8.80
C GLY B 19 19.83 -5.65 -9.68
N ARG B 20 18.98 -6.65 -9.41
CA ARG B 20 18.95 -7.87 -10.21
C ARG B 20 18.44 -7.58 -11.62
N GLU B 21 17.66 -6.51 -11.72
CA GLU B 21 17.07 -6.10 -12.99
C GLU B 21 18.00 -5.10 -13.70
N GLY B 22 19.28 -5.16 -13.37
CA GLY B 22 20.25 -4.26 -13.97
C GLY B 22 20.23 -2.91 -13.28
N ASP B 23 19.13 -2.19 -13.45
CA ASP B 23 18.96 -0.88 -12.83
C ASP B 23 18.26 -1.06 -11.49
N LYS B 24 18.97 -0.71 -10.42
CA LYS B 24 18.44 -0.84 -9.07
C LYS B 24 17.36 0.21 -8.79
N HIS B 25 16.22 0.06 -9.43
CA HIS B 25 15.12 0.99 -9.26
C HIS B 25 13.79 0.26 -9.07
N LYS B 26 13.60 -0.83 -9.81
CA LYS B 26 12.36 -1.58 -9.72
C LYS B 26 12.63 -3.08 -9.67
N LEU B 27 11.65 -3.83 -9.22
CA LEU B 27 11.76 -5.28 -9.14
C LEU B 27 10.87 -5.88 -10.23
N LYS B 28 11.31 -6.99 -10.84
CA LYS B 28 10.54 -7.61 -11.90
C LYS B 28 10.07 -9.02 -11.53
N LYS B 29 8.89 -9.09 -10.91
CA LYS B 29 8.25 -10.35 -10.51
C LYS B 29 9.15 -11.26 -9.66
N SER B 30 10.03 -12.00 -10.32
CA SER B 30 10.94 -12.94 -9.66
C SER B 30 11.74 -12.28 -8.54
N GLU B 31 12.06 -11.00 -8.70
CA GLU B 31 12.81 -10.26 -7.70
C GLU B 31 12.01 -10.16 -6.39
N LEU B 32 10.69 -10.12 -6.51
CA LEU B 32 9.82 -10.04 -5.35
C LEU B 32 9.80 -11.37 -4.63
N LYS B 33 9.75 -12.45 -5.41
CA LYS B 33 9.75 -13.79 -4.85
C LYS B 33 11.06 -14.06 -4.12
N GLU B 34 12.13 -13.45 -4.63
CA GLU B 34 13.44 -13.60 -4.04
C GLU B 34 13.43 -13.03 -2.62
N LEU B 35 12.65 -11.97 -2.43
CA LEU B 35 12.52 -11.35 -1.12
C LEU B 35 11.76 -12.27 -0.18
N ILE B 36 10.67 -12.83 -0.70
CA ILE B 36 9.82 -13.73 0.07
C ILE B 36 10.57 -14.97 0.52
N ASN B 37 11.30 -15.58 -0.40
CA ASN B 37 12.04 -16.81 -0.09
C ASN B 37 13.41 -16.55 0.54
N ASN B 38 13.71 -15.31 0.87
CA ASN B 38 15.01 -14.99 1.48
C ASN B 38 14.83 -14.28 2.81
N GLU B 39 13.94 -13.30 2.83
CA GLU B 39 13.71 -12.54 4.04
C GLU B 39 12.51 -13.07 4.83
N LEU B 40 11.40 -13.28 4.16
CA LEU B 40 10.19 -13.76 4.81
C LEU B 40 10.17 -15.28 4.93
N SER B 41 11.21 -15.94 4.45
CA SER B 41 11.30 -17.39 4.51
C SER B 41 11.46 -17.87 5.95
N HIS B 42 11.78 -16.95 6.84
CA HIS B 42 11.96 -17.28 8.24
C HIS B 42 10.69 -17.01 9.03
N PHE B 43 9.65 -16.57 8.33
CA PHE B 43 8.38 -16.27 8.95
C PHE B 43 7.26 -17.11 8.34
N LEU B 44 7.06 -16.99 7.05
CA LEU B 44 6.02 -17.75 6.36
C LEU B 44 6.65 -18.86 5.54
N GLU B 45 6.58 -20.07 6.05
CA GLU B 45 7.15 -21.23 5.37
C GLU B 45 6.09 -21.99 4.59
N GLU B 46 5.83 -21.53 3.38
CA GLU B 46 4.87 -22.17 2.50
C GLU B 46 5.15 -21.80 1.05
N ILE B 47 4.25 -21.05 0.42
CA ILE B 47 4.42 -20.63 -0.97
C ILE B 47 4.40 -21.84 -1.89
N LYS B 48 5.59 -22.32 -2.28
CA LYS B 48 5.74 -23.49 -3.14
C LYS B 48 5.12 -23.29 -4.52
N GLU B 49 3.80 -23.29 -4.60
CA GLU B 49 3.10 -23.12 -5.87
C GLU B 49 3.02 -21.63 -6.25
N GLN B 50 3.62 -20.79 -5.39
CA GLN B 50 3.70 -19.33 -5.59
C GLN B 50 2.35 -18.63 -5.51
N GLU B 51 1.50 -19.04 -4.57
CA GLU B 51 0.19 -18.42 -4.40
C GLU B 51 0.31 -16.96 -3.98
N VAL B 52 1.07 -16.72 -2.91
CA VAL B 52 1.26 -15.37 -2.41
C VAL B 52 1.97 -14.49 -3.43
N VAL B 53 2.82 -15.10 -4.26
CA VAL B 53 3.57 -14.37 -5.28
C VAL B 53 2.64 -13.83 -6.36
N ASP B 54 1.68 -14.63 -6.78
CA ASP B 54 0.74 -14.21 -7.81
C ASP B 54 -0.26 -13.22 -7.22
N LYS B 55 -0.59 -13.41 -5.94
CA LYS B 55 -1.54 -12.53 -5.26
C LYS B 55 -0.97 -11.14 -5.06
N VAL B 56 0.29 -11.05 -4.66
CA VAL B 56 0.90 -9.74 -4.44
C VAL B 56 1.00 -8.95 -5.74
N MET B 57 1.28 -9.65 -6.84
CA MET B 57 1.39 -8.98 -8.15
C MET B 57 0.07 -8.32 -8.52
N GLU B 58 -1.02 -8.91 -8.05
CA GLU B 58 -2.36 -8.42 -8.32
C GLU B 58 -2.58 -7.06 -7.66
N THR B 59 -1.95 -6.85 -6.51
CA THR B 59 -2.10 -5.59 -5.77
C THR B 59 -0.94 -4.63 -6.04
N LEU B 60 0.27 -5.20 -6.16
CA LEU B 60 1.48 -4.42 -6.39
C LEU B 60 1.43 -3.66 -7.71
N ASP B 61 1.09 -4.35 -8.79
CA ASP B 61 1.01 -3.73 -10.09
C ASP B 61 -0.25 -2.88 -10.18
N ASN B 62 -0.18 -1.69 -9.60
CA ASN B 62 -1.29 -0.77 -9.61
C ASN B 62 -1.20 0.17 -10.80
N ASP B 63 0.01 0.29 -11.33
CA ASP B 63 0.25 1.15 -12.48
C ASP B 63 -0.16 0.43 -13.76
N GLY B 64 -0.04 -0.89 -13.74
CA GLY B 64 -0.41 -1.68 -14.90
C GLY B 64 0.72 -1.79 -15.89
N ASP B 65 1.85 -2.32 -15.43
CA ASP B 65 3.03 -2.48 -16.27
C ASP B 65 3.94 -3.58 -15.75
N GLY B 66 3.84 -3.85 -14.46
CA GLY B 66 4.68 -4.87 -13.84
C GLY B 66 5.91 -4.26 -13.21
N GLU B 67 5.93 -2.94 -13.18
CA GLU B 67 7.04 -2.20 -12.61
C GLU B 67 6.75 -1.86 -11.16
N CYS B 68 7.56 -2.40 -10.26
CA CYS B 68 7.40 -2.15 -8.84
C CYS B 68 7.83 -0.73 -8.48
N ASP B 69 7.21 -0.20 -7.44
CA ASP B 69 7.49 1.16 -6.97
C ASP B 69 7.64 1.18 -5.46
N PHE B 70 8.27 2.22 -4.93
CA PHE B 70 8.47 2.35 -3.49
C PHE B 70 7.16 2.28 -2.72
N GLN B 71 6.10 2.79 -3.35
CA GLN B 71 4.77 2.79 -2.72
C GLN B 71 4.25 1.37 -2.50
N GLU B 72 4.25 0.56 -3.55
CA GLU B 72 3.77 -0.81 -3.46
C GLU B 72 4.79 -1.73 -2.80
N PHE B 73 6.06 -1.33 -2.80
CA PHE B 73 7.12 -2.13 -2.19
C PHE B 73 6.83 -2.41 -0.72
N MET B 74 6.50 -1.37 0.03
CA MET B 74 6.20 -1.52 1.44
C MET B 74 4.84 -2.17 1.63
N ALA B 75 3.94 -1.95 0.67
CA ALA B 75 2.61 -2.54 0.71
C ALA B 75 2.73 -4.04 0.49
N PHE B 76 3.74 -4.41 -0.27
CA PHE B 76 4.05 -5.80 -0.58
C PHE B 76 4.35 -6.55 0.71
N VAL B 77 5.12 -5.91 1.58
CA VAL B 77 5.49 -6.50 2.86
C VAL B 77 4.24 -6.74 3.69
N ALA B 78 3.34 -5.77 3.69
CA ALA B 78 2.09 -5.87 4.43
C ALA B 78 1.25 -7.00 3.87
N MET B 79 1.18 -7.05 2.54
CA MET B 79 0.39 -8.06 1.84
C MET B 79 0.80 -9.46 2.23
N VAL B 80 2.08 -9.80 2.04
CA VAL B 80 2.56 -11.15 2.36
C VAL B 80 2.41 -11.46 3.85
N THR B 81 2.64 -10.48 4.70
CA THR B 81 2.53 -10.66 6.14
C THR B 81 1.10 -10.99 6.56
N THR B 82 0.14 -10.19 6.10
CA THR B 82 -1.26 -10.40 6.46
C THR B 82 -1.86 -11.57 5.67
N ALA B 83 -1.38 -11.81 4.46
CA ALA B 83 -1.90 -12.90 3.64
C ALA B 83 -1.69 -14.25 4.31
N CYS B 84 -0.47 -14.55 4.69
CA CYS B 84 -0.15 -15.82 5.33
C CYS B 84 -0.73 -15.88 6.75
N HIS B 85 -0.83 -14.73 7.40
CA HIS B 85 -1.37 -14.67 8.76
C HIS B 85 -2.87 -14.93 8.75
N GLU B 86 -3.57 -14.24 7.86
CA GLU B 86 -5.02 -14.38 7.74
C GLU B 86 -5.38 -15.64 6.96
N PHE B 87 -4.37 -16.42 6.58
CA PHE B 87 -4.60 -17.66 5.84
C PHE B 87 -5.14 -18.71 6.80
N PHE B 88 -5.18 -18.35 8.08
CA PHE B 88 -5.68 -19.23 9.12
C PHE B 88 -7.14 -18.91 9.42
N GLU B 89 -7.67 -17.91 8.72
CA GLU B 89 -9.06 -17.49 8.89
C GLU B 89 -9.40 -16.41 7.87
N HIS B 90 -9.75 -16.82 6.66
CA HIS B 90 -10.08 -15.89 5.59
C HIS B 90 -11.58 -15.89 5.33
N GLU B 91 -12.22 -14.76 5.54
CA GLU B 91 -13.64 -14.63 5.31
C GLU B 91 -13.90 -14.37 3.83
N SER C 1 16.99 -12.59 8.80
CA SER C 1 16.86 -11.66 7.65
C SER C 1 16.54 -10.25 8.16
N GLU C 2 16.76 -9.26 7.30
CA GLU C 2 16.51 -7.87 7.66
C GLU C 2 15.02 -7.57 7.72
N LEU C 3 14.31 -7.93 6.66
CA LEU C 3 12.87 -7.68 6.59
C LEU C 3 12.15 -8.47 7.69
N GLU C 4 12.65 -9.66 7.96
CA GLU C 4 12.09 -10.53 8.98
C GLU C 4 12.12 -9.85 10.35
N LYS C 5 13.27 -9.30 10.70
CA LYS C 5 13.43 -8.61 11.97
C LYS C 5 12.60 -7.34 12.00
N ALA C 6 12.54 -6.66 10.87
CA ALA C 6 11.77 -5.43 10.73
C ALA C 6 10.29 -5.73 10.98
N MET C 7 9.81 -6.84 10.43
CA MET C 7 8.41 -7.25 10.58
C MET C 7 8.06 -7.36 12.05
N VAL C 8 8.89 -8.06 12.81
CA VAL C 8 8.68 -8.24 14.23
C VAL C 8 8.55 -6.90 14.95
N ALA C 9 9.45 -5.99 14.61
CA ALA C 9 9.44 -4.65 15.21
C ALA C 9 8.20 -3.87 14.78
N LEU C 10 7.88 -3.96 13.49
CA LEU C 10 6.72 -3.26 12.94
C LEU C 10 5.42 -3.74 13.59
N ILE C 11 5.28 -5.05 13.76
CA ILE C 11 4.10 -5.62 14.37
C ILE C 11 3.96 -5.16 15.82
N ASP C 12 5.09 -5.12 16.53
CA ASP C 12 5.11 -4.69 17.92
C ASP C 12 4.72 -3.23 18.02
N VAL C 13 5.35 -2.39 17.21
CA VAL C 13 5.07 -0.97 17.19
C VAL C 13 3.61 -0.72 16.80
N PHE C 14 3.12 -1.52 15.85
CA PHE C 14 1.74 -1.42 15.36
C PHE C 14 0.75 -1.55 16.51
N HIS C 15 0.86 -2.61 17.30
CA HIS C 15 -0.05 -2.85 18.41
C HIS C 15 0.17 -1.84 19.53
N GLN C 16 1.40 -1.39 19.68
CA GLN C 16 1.73 -0.42 20.72
C GLN C 16 1.04 0.92 20.46
N TYR C 17 1.13 1.41 19.22
CA TYR C 17 0.54 2.70 18.87
C TYR C 17 -0.97 2.60 18.71
N SER C 18 -1.49 1.42 18.38
CA SER C 18 -2.94 1.26 18.22
C SER C 18 -3.60 1.12 19.59
N GLY C 19 -2.79 0.92 20.61
CA GLY C 19 -3.32 0.77 21.96
C GLY C 19 -3.88 2.07 22.50
N ARG C 20 -3.63 3.17 21.79
CA ARG C 20 -4.11 4.48 22.20
C ARG C 20 -5.62 4.59 21.95
N GLU C 21 -6.13 3.72 21.08
CA GLU C 21 -7.54 3.70 20.76
C GLU C 21 -8.26 2.66 21.60
N GLY C 22 -7.77 2.43 22.81
CA GLY C 22 -8.39 1.45 23.67
C GLY C 22 -7.99 0.04 23.29
N ASP C 23 -8.46 -0.41 22.15
CA ASP C 23 -8.15 -1.74 21.65
C ASP C 23 -7.00 -1.65 20.66
N LYS C 24 -5.90 -2.31 20.99
CA LYS C 24 -4.70 -2.31 20.14
C LYS C 24 -4.91 -3.11 18.85
N HIS C 25 -5.70 -2.55 17.95
CA HIS C 25 -5.97 -3.21 16.67
C HIS C 25 -5.93 -2.21 15.52
N LYS C 26 -6.38 -0.99 15.75
CA LYS C 26 -6.40 0.03 14.70
C LYS C 26 -5.90 1.37 15.22
N LEU C 27 -5.56 2.26 14.30
CA LEU C 27 -5.11 3.59 14.64
C LEU C 27 -6.15 4.60 14.17
N LYS C 28 -6.46 5.59 15.00
CA LYS C 28 -7.46 6.58 14.64
C LYS C 28 -6.85 7.96 14.38
N LYS C 29 -6.40 8.17 13.16
CA LYS C 29 -5.83 9.45 12.68
C LYS C 29 -4.65 9.96 13.52
N SER C 30 -4.93 10.51 14.70
CA SER C 30 -3.90 11.08 15.57
C SER C 30 -2.81 10.08 15.90
N GLU C 31 -3.17 8.82 15.99
CA GLU C 31 -2.22 7.76 16.29
C GLU C 31 -1.21 7.59 15.15
N LEU C 32 -1.66 7.90 13.93
CA LEU C 32 -0.78 7.82 12.77
C LEU C 32 0.21 8.97 12.81
N LYS C 33 -0.29 10.15 13.19
CA LYS C 33 0.55 11.34 13.28
C LYS C 33 1.61 11.14 14.37
N GLU C 34 1.22 10.40 15.41
CA GLU C 34 2.12 10.11 16.51
C GLU C 34 3.33 9.34 15.99
N LEU C 35 3.08 8.42 15.08
CA LEU C 35 4.16 7.61 14.48
C LEU C 35 5.08 8.51 13.68
N ILE C 36 4.48 9.44 12.93
CA ILE C 36 5.25 10.36 12.10
C ILE C 36 6.13 11.28 12.94
N ASN C 37 5.56 11.84 13.99
CA ASN C 37 6.29 12.78 14.85
C ASN C 37 7.10 12.08 15.94
N ASN C 38 7.21 10.76 15.87
CA ASN C 38 7.97 10.02 16.88
C ASN C 38 9.02 9.13 16.23
N GLU C 39 8.62 8.45 15.17
CA GLU C 39 9.52 7.54 14.47
C GLU C 39 10.13 8.17 13.23
N LEU C 40 9.30 8.80 12.41
CA LEU C 40 9.77 9.42 11.17
C LEU C 40 10.26 10.85 11.38
N SER C 41 10.16 11.35 12.60
CA SER C 41 10.58 12.71 12.92
C SER C 41 12.09 12.85 12.80
N HIS C 42 12.78 11.72 12.79
CA HIS C 42 14.22 11.70 12.68
C HIS C 42 14.65 11.65 11.21
N PHE C 43 13.66 11.54 10.32
CA PHE C 43 13.93 11.46 8.90
C PHE C 43 13.35 12.67 8.18
N LEU C 44 12.04 12.84 8.29
CA LEU C 44 11.37 13.97 7.65
C LEU C 44 11.06 15.05 8.67
N GLU C 45 11.79 16.15 8.60
CA GLU C 45 11.60 17.24 9.53
C GLU C 45 10.82 18.38 8.89
N GLU C 46 9.52 18.22 8.82
CA GLU C 46 8.64 19.24 8.26
C GLU C 46 7.24 19.10 8.85
N ILE C 47 6.27 18.72 8.02
CA ILE C 47 4.88 18.58 8.46
C ILE C 47 4.35 19.94 8.94
N LYS C 48 4.28 20.13 10.26
CA LYS C 48 3.82 21.38 10.88
C LYS C 48 2.34 21.64 10.60
N GLU C 49 1.98 21.85 9.35
CA GLU C 49 0.59 22.12 8.99
C GLU C 49 -0.15 20.79 8.72
N GLN C 50 0.59 19.68 8.90
CA GLN C 50 0.07 18.31 8.76
C GLN C 50 -0.28 17.94 7.32
N GLU C 51 0.56 18.31 6.38
CA GLU C 51 0.32 18.00 4.96
C GLU C 51 0.35 16.50 4.71
N VAL C 52 1.45 15.86 5.09
CA VAL C 52 1.60 14.43 4.89
C VAL C 52 0.54 13.64 5.66
N VAL C 53 0.13 14.17 6.80
CA VAL C 53 -0.88 13.52 7.63
C VAL C 53 -2.24 13.49 6.93
N ASP C 54 -2.57 14.60 6.28
CA ASP C 54 -3.83 14.73 5.57
C ASP C 54 -3.83 13.85 4.31
N LYS C 55 -2.66 13.76 3.68
CA LYS C 55 -2.51 12.98 2.46
C LYS C 55 -2.54 11.48 2.72
N VAL C 56 -1.88 11.02 3.78
CA VAL C 56 -1.85 9.59 4.07
C VAL C 56 -3.25 9.06 4.36
N MET C 57 -4.05 9.84 5.07
CA MET C 57 -5.42 9.42 5.40
C MET C 57 -6.25 9.20 4.14
N GLU C 58 -5.87 9.88 3.07
CA GLU C 58 -6.56 9.79 1.79
C GLU C 58 -6.32 8.42 1.14
N THR C 59 -5.13 7.88 1.34
CA THR C 59 -4.78 6.59 0.75
C THR C 59 -4.97 5.43 1.74
N LEU C 60 -4.74 5.72 3.02
CA LEU C 60 -4.86 4.71 4.08
C LEU C 60 -6.30 4.24 4.24
N ASP C 61 -7.22 5.19 4.41
CA ASP C 61 -8.63 4.87 4.58
C ASP C 61 -9.25 4.43 3.25
N ASN C 62 -8.83 3.25 2.80
CA ASN C 62 -9.33 2.69 1.56
C ASN C 62 -10.67 2.00 1.79
N ASP C 63 -10.92 1.57 3.02
CA ASP C 63 -12.16 0.90 3.36
C ASP C 63 -13.29 1.91 3.44
N GLY C 64 -12.96 3.13 3.87
CA GLY C 64 -13.95 4.18 3.98
C GLY C 64 -14.63 4.17 5.33
N ASP C 65 -13.84 4.28 6.39
CA ASP C 65 -14.38 4.29 7.74
C ASP C 65 -13.40 4.92 8.73
N GLY C 66 -12.14 5.02 8.32
CA GLY C 66 -11.13 5.60 9.19
C GLY C 66 -10.47 4.57 10.06
N GLU C 67 -10.72 3.31 9.73
CA GLU C 67 -10.18 2.19 10.47
C GLU C 67 -8.90 1.68 9.81
N CYS C 68 -7.77 1.99 10.44
CA CYS C 68 -6.48 1.55 9.91
C CYS C 68 -6.33 0.04 10.00
N ASP C 69 -5.73 -0.54 8.98
CA ASP C 69 -5.52 -1.98 8.91
C ASP C 69 -4.06 -2.30 8.64
N PHE C 70 -3.67 -3.55 8.85
CA PHE C 70 -2.29 -3.98 8.63
C PHE C 70 -1.84 -3.72 7.19
N GLN C 71 -2.77 -3.83 6.25
CA GLN C 71 -2.46 -3.61 4.84
C GLN C 71 -1.98 -2.18 4.58
N GLU C 72 -2.78 -1.21 5.03
CA GLU C 72 -2.46 0.19 4.81
C GLU C 72 -1.38 0.68 5.80
N PHE C 73 -1.23 -0.02 6.92
CA PHE C 73 -0.24 0.35 7.91
C PHE C 73 1.17 0.42 7.32
N MET C 74 1.54 -0.61 6.57
CA MET C 74 2.86 -0.65 5.96
C MET C 74 2.91 0.27 4.74
N ALA C 75 1.76 0.44 4.10
CA ALA C 75 1.67 1.32 2.93
C ALA C 75 1.84 2.77 3.39
N PHE C 76 1.42 3.02 4.62
CA PHE C 76 1.53 4.32 5.25
C PHE C 76 2.99 4.72 5.34
N VAL C 77 3.83 3.77 5.73
CA VAL C 77 5.26 3.99 5.86
C VAL C 77 5.84 4.38 4.50
N ALA C 78 5.43 3.67 3.47
CA ALA C 78 5.88 3.93 2.10
C ALA C 78 5.43 5.31 1.65
N MET C 79 4.18 5.62 1.95
CA MET C 79 3.58 6.90 1.58
C MET C 79 4.39 8.07 2.12
N VAL C 80 4.59 8.13 3.44
CA VAL C 80 5.34 9.24 4.03
C VAL C 80 6.80 9.27 3.56
N THR C 81 7.40 8.10 3.40
CA THR C 81 8.78 7.99 2.95
C THR C 81 8.97 8.57 1.56
N THR C 82 8.14 8.16 0.61
CA THR C 82 8.24 8.63 -0.75
C THR C 82 7.64 10.02 -0.92
N ALA C 83 6.68 10.39 -0.07
CA ALA C 83 6.03 11.70 -0.15
C ALA C 83 7.02 12.81 0.13
N CYS C 84 7.70 12.73 1.28
CA CYS C 84 8.66 13.75 1.66
C CYS C 84 9.89 13.68 0.75
N HIS C 85 10.19 12.50 0.23
CA HIS C 85 11.34 12.31 -0.64
C HIS C 85 11.06 12.93 -2.02
N GLU C 86 9.89 12.66 -2.55
CA GLU C 86 9.50 13.18 -3.86
C GLU C 86 8.99 14.62 -3.75
N PHE C 87 9.11 15.20 -2.56
CA PHE C 87 8.70 16.58 -2.34
C PHE C 87 9.75 17.53 -2.90
N PHE C 88 10.87 16.95 -3.33
CA PHE C 88 11.96 17.73 -3.91
C PHE C 88 11.86 17.73 -5.43
N GLU C 89 10.84 17.04 -5.95
CA GLU C 89 10.61 16.96 -7.38
C GLU C 89 9.30 16.22 -7.64
N HIS C 90 8.20 16.96 -7.66
CA HIS C 90 6.89 16.36 -7.89
C HIS C 90 6.34 16.79 -9.24
N GLU C 91 6.16 15.83 -10.13
CA GLU C 91 5.61 16.11 -11.44
C GLU C 91 4.09 16.19 -11.34
N ASP D 1 12.58 28.23 -20.19
CA ASP D 1 12.45 29.62 -19.69
C ASP D 1 11.41 29.72 -18.57
N PRO D 2 10.13 29.29 -18.79
CA PRO D 2 9.11 29.37 -17.74
C PRO D 2 9.31 28.27 -16.69
N LYS D 3 9.01 28.60 -15.45
CA LYS D 3 9.16 27.67 -14.34
C LYS D 3 7.91 27.66 -13.48
N ARG D 4 7.65 26.54 -12.83
CA ARG D 4 6.50 26.42 -11.96
C ARG D 4 6.99 26.31 -10.52
N LEU D 5 6.59 27.29 -9.71
CA LEU D 5 7.00 27.35 -8.31
C LEU D 5 6.24 26.32 -7.49
N TYR D 6 6.92 25.22 -7.17
CA TYR D 6 6.34 24.16 -6.36
C TYR D 6 6.57 24.47 -4.89
N CYS D 7 5.49 24.64 -4.14
CA CYS D 7 5.58 24.94 -2.72
C CYS D 7 5.62 23.66 -1.90
N LYS D 8 6.40 23.66 -0.82
CA LYS D 8 6.52 22.51 0.06
C LYS D 8 5.30 22.41 0.97
N ASN D 9 4.40 23.38 0.87
CA ASN D 9 3.21 23.38 1.70
C ASN D 9 2.02 22.81 0.94
N GLY D 10 1.84 21.51 1.04
CA GLY D 10 0.73 20.85 0.37
C GLY D 10 1.08 20.34 -1.00
N GLY D 11 2.18 20.84 -1.56
CA GLY D 11 2.60 20.43 -2.87
C GLY D 11 1.81 21.13 -3.96
N PHE D 12 1.61 22.43 -3.80
CA PHE D 12 0.87 23.20 -4.77
C PHE D 12 1.78 24.15 -5.55
N PHE D 13 1.41 24.43 -6.79
CA PHE D 13 2.18 25.34 -7.63
C PHE D 13 1.54 26.71 -7.59
N LEU D 14 2.37 27.75 -7.59
CA LEU D 14 1.85 29.12 -7.57
C LEU D 14 1.11 29.41 -8.87
N ARG D 15 -0.20 29.53 -8.77
CA ARG D 15 -1.03 29.78 -9.94
C ARG D 15 -1.53 31.23 -9.97
N ILE D 16 -1.14 31.96 -11.00
CA ILE D 16 -1.56 33.34 -11.15
C ILE D 16 -2.73 33.43 -12.12
N HIS D 17 -3.79 34.11 -11.71
CA HIS D 17 -4.97 34.26 -12.55
C HIS D 17 -4.93 35.60 -13.27
N PRO D 18 -5.46 35.65 -14.52
CA PRO D 18 -5.48 36.88 -15.33
C PRO D 18 -6.31 38.00 -14.70
N ASP D 19 -7.11 37.66 -13.71
CA ASP D 19 -7.95 38.66 -13.03
C ASP D 19 -7.18 39.33 -11.90
N GLY D 20 -6.09 38.71 -11.47
CA GLY D 20 -5.28 39.28 -10.41
C GLY D 20 -5.18 38.38 -9.21
N ARG D 21 -6.04 37.37 -9.13
CA ARG D 21 -6.04 36.45 -8.00
C ARG D 21 -4.90 35.45 -8.10
N VAL D 22 -4.39 35.03 -6.95
CA VAL D 22 -3.30 34.07 -6.89
C VAL D 22 -3.65 32.95 -5.93
N ASP D 23 -3.44 31.71 -6.35
CA ASP D 23 -3.75 30.55 -5.52
C ASP D 23 -2.76 29.43 -5.81
N GLY D 24 -3.01 28.25 -5.24
CA GLY D 24 -2.14 27.12 -5.46
C GLY D 24 -2.89 25.91 -5.97
N VAL D 25 -2.38 25.29 -7.02
CA VAL D 25 -3.01 24.11 -7.60
C VAL D 25 -1.98 23.00 -7.76
N ARG D 26 -2.44 21.74 -7.74
CA ARG D 26 -1.53 20.60 -7.89
C ARG D 26 -1.49 20.14 -9.34
N GLU D 27 -2.49 20.54 -10.10
CA GLU D 27 -2.59 20.17 -11.50
C GLU D 27 -1.58 20.94 -12.35
N LYS D 28 -0.52 20.25 -12.74
CA LYS D 28 0.54 20.85 -13.55
C LYS D 28 0.06 21.14 -14.98
N SER D 29 -1.14 20.68 -15.30
CA SER D 29 -1.72 20.89 -16.61
C SER D 29 -2.27 22.31 -16.77
N ASP D 30 -2.45 23.00 -15.64
CA ASP D 30 -2.96 24.37 -15.66
C ASP D 30 -1.90 25.31 -16.21
N PRO D 31 -2.19 26.01 -17.32
CA PRO D 31 -1.24 26.94 -17.95
C PRO D 31 -0.99 28.20 -17.13
N HIS D 32 -1.74 28.38 -16.06
CA HIS D 32 -1.58 29.57 -15.22
C HIS D 32 -0.46 29.39 -14.20
N ILE D 33 0.20 28.24 -14.23
CA ILE D 33 1.31 27.99 -13.31
C ILE D 33 2.64 28.25 -14.01
N LYS D 34 2.56 28.66 -15.27
CA LYS D 34 3.74 28.97 -16.06
C LYS D 34 4.22 30.37 -15.71
N LEU D 35 5.19 30.45 -14.82
CA LEU D 35 5.71 31.74 -14.37
C LEU D 35 7.08 32.02 -14.95
N GLN D 36 7.37 33.29 -15.13
CA GLN D 36 8.65 33.72 -15.65
C GLN D 36 9.37 34.56 -14.61
N LEU D 37 10.61 34.18 -14.30
CA LEU D 37 11.38 34.91 -13.29
C LEU D 37 12.35 35.88 -13.94
N GLN D 38 11.98 37.15 -13.93
CA GLN D 38 12.81 38.20 -14.49
C GLN D 38 13.75 38.74 -13.43
N ALA D 39 15.03 38.82 -13.75
CA ALA D 39 16.02 39.29 -12.80
C ALA D 39 16.27 40.79 -12.95
N GLU D 40 16.22 41.50 -11.83
CA GLU D 40 16.45 42.93 -11.82
C GLU D 40 17.86 43.21 -11.29
N GLU D 41 18.09 42.76 -10.07
CA GLU D 41 19.36 42.93 -9.41
C GLU D 41 19.88 41.56 -8.98
N ARG D 42 21.16 41.47 -8.63
CA ARG D 42 21.75 40.21 -8.20
C ARG D 42 21.03 39.69 -6.95
N GLY D 43 20.10 38.77 -7.16
CA GLY D 43 19.35 38.20 -6.07
C GLY D 43 17.92 38.71 -6.02
N VAL D 44 17.59 39.63 -6.91
CA VAL D 44 16.24 40.19 -6.96
C VAL D 44 15.54 39.79 -8.26
N VAL D 45 14.40 39.13 -8.12
CA VAL D 45 13.63 38.67 -9.27
C VAL D 45 12.16 39.07 -9.17
N SER D 46 11.51 39.13 -10.30
CA SER D 46 10.10 39.47 -10.36
C SER D 46 9.33 38.30 -10.98
N ILE D 47 8.39 37.75 -10.23
CA ILE D 47 7.59 36.63 -10.69
C ILE D 47 6.43 37.11 -11.56
N LYS D 48 6.51 36.81 -12.85
CA LYS D 48 5.48 37.23 -13.79
C LYS D 48 4.78 36.01 -14.40
N GLY D 49 3.46 36.02 -14.38
CA GLY D 49 2.71 34.92 -14.95
C GLY D 49 2.61 35.04 -16.45
N VAL D 50 3.10 34.04 -17.18
CA VAL D 50 3.06 34.06 -18.64
C VAL D 50 1.63 34.10 -19.15
N SER D 51 0.85 33.07 -18.83
CA SER D 51 -0.54 33.01 -19.25
C SER D 51 -1.42 33.83 -18.31
N ALA D 52 -0.99 35.07 -18.09
CA ALA D 52 -1.71 35.99 -17.22
C ALA D 52 -1.29 37.43 -17.53
N ASN D 53 -0.01 37.60 -17.84
CA ASN D 53 0.56 38.92 -18.17
C ASN D 53 0.50 39.84 -16.95
N ARG D 54 0.64 39.24 -15.78
CA ARG D 54 0.58 40.01 -14.54
C ARG D 54 1.76 39.64 -13.64
N TYR D 55 2.23 40.61 -12.88
CA TYR D 55 3.35 40.41 -11.98
C TYR D 55 2.87 40.21 -10.55
N LEU D 56 3.52 39.31 -9.83
CA LEU D 56 3.16 39.04 -8.45
C LEU D 56 3.53 40.23 -7.57
N ALA D 57 2.60 40.69 -6.76
CA ALA D 57 2.85 41.82 -5.88
C ALA D 57 2.27 41.59 -4.49
N MET D 58 2.98 42.06 -3.49
CA MET D 58 2.54 41.93 -2.11
C MET D 58 2.09 43.29 -1.58
N LYS D 59 1.02 43.30 -0.80
CA LYS D 59 0.52 44.54 -0.25
C LYS D 59 1.06 44.80 1.15
N GLU D 60 0.90 46.03 1.62
CA GLU D 60 1.40 46.45 2.93
C GLU D 60 0.64 45.77 4.07
N ASP D 61 -0.45 45.11 3.75
CA ASP D 61 -1.24 44.42 4.77
C ASP D 61 -0.93 42.93 4.78
N GLY D 62 -0.16 42.50 3.78
CA GLY D 62 0.21 41.10 3.70
C GLY D 62 -0.50 40.36 2.57
N ARG D 63 -1.37 41.05 1.84
CA ARG D 63 -2.09 40.43 0.73
C ARG D 63 -1.15 40.12 -0.42
N LEU D 64 -1.53 39.14 -1.24
CA LEU D 64 -0.75 38.74 -2.39
C LEU D 64 -1.65 38.69 -3.62
N LEU D 65 -1.29 39.46 -4.64
CA LEU D 65 -2.08 39.50 -5.86
C LEU D 65 -1.18 39.74 -7.05
N ALA D 66 -1.77 39.78 -8.23
CA ALA D 66 -1.03 40.02 -9.45
C ALA D 66 -1.48 41.32 -10.10
N SER D 67 -0.52 42.20 -10.37
CA SER D 67 -0.83 43.48 -11.00
C SER D 67 -0.31 43.52 -12.42
N LYS D 68 -0.84 44.42 -13.23
CA LYS D 68 -0.40 44.55 -14.62
C LYS D 68 0.72 45.57 -14.73
N SER D 69 1.12 46.11 -13.58
CA SER D 69 2.19 47.08 -13.53
C SER D 69 3.32 46.59 -12.63
N VAL D 70 4.56 46.79 -13.05
CA VAL D 70 5.70 46.38 -12.27
C VAL D 70 6.02 47.44 -11.23
N THR D 71 5.51 47.25 -10.03
CA THR D 71 5.75 48.21 -8.96
C THR D 71 6.89 47.73 -8.06
N ASP D 72 7.16 48.50 -7.00
CA ASP D 72 8.22 48.16 -6.06
C ASP D 72 7.78 47.02 -5.16
N GLU D 73 6.55 46.56 -5.36
CA GLU D 73 5.99 45.47 -4.58
C GLU D 73 6.17 44.15 -5.32
N CYS D 74 6.67 44.22 -6.55
CA CYS D 74 6.88 43.04 -7.38
C CYS D 74 8.34 42.58 -7.35
N PHE D 75 9.16 43.26 -6.56
CA PHE D 75 10.57 42.91 -6.45
C PHE D 75 10.80 41.99 -5.26
N PHE D 76 11.14 40.75 -5.55
CA PHE D 76 11.37 39.76 -4.51
C PHE D 76 12.81 39.26 -4.53
N PHE D 77 13.34 38.99 -3.35
CA PHE D 77 14.69 38.49 -3.20
C PHE D 77 14.66 36.97 -3.17
N GLU D 78 15.34 36.35 -4.11
CA GLU D 78 15.40 34.90 -4.18
C GLU D 78 16.63 34.41 -3.44
N ARG D 79 16.43 33.54 -2.48
CA ARG D 79 17.53 33.00 -1.71
C ARG D 79 17.47 31.48 -1.67
N LEU D 80 18.63 30.85 -1.80
CA LEU D 80 18.70 29.40 -1.77
C LEU D 80 18.95 28.94 -0.34
N GLU D 81 18.02 28.18 0.21
CA GLU D 81 18.14 27.66 1.55
C GLU D 81 19.01 26.40 1.58
N SER D 82 19.36 25.95 2.77
CA SER D 82 20.21 24.77 2.92
C SER D 82 19.42 23.47 2.70
N ASN D 83 18.15 23.61 2.35
CA ASN D 83 17.30 22.46 2.11
C ASN D 83 17.00 22.31 0.62
N ASN D 84 17.75 23.06 -0.18
CA ASN D 84 17.63 23.04 -1.65
C ASN D 84 16.32 23.70 -2.13
N TYR D 85 15.78 24.59 -1.32
CA TYR D 85 14.56 25.30 -1.69
C TYR D 85 14.86 26.79 -1.85
N ASN D 86 14.03 27.48 -2.62
CA ASN D 86 14.22 28.90 -2.86
C ASN D 86 13.19 29.72 -2.10
N THR D 87 13.67 30.72 -1.38
CA THR D 87 12.80 31.60 -0.62
C THR D 87 12.59 32.91 -1.37
N TYR D 88 11.39 33.47 -1.26
CA TYR D 88 11.08 34.72 -1.94
C TYR D 88 10.66 35.78 -0.94
N ARG D 89 11.58 36.68 -0.63
CA ARG D 89 11.36 37.75 0.32
C ARG D 89 11.22 39.08 -0.42
N SER D 90 10.10 39.77 -0.23
CA SER D 90 9.87 41.05 -0.88
C SER D 90 10.91 42.08 -0.47
N ARG D 91 11.31 42.94 -1.39
CA ARG D 91 12.28 43.98 -1.09
C ARG D 91 11.60 45.09 -0.29
N LYS D 92 10.38 45.41 -0.71
CA LYS D 92 9.58 46.43 -0.04
C LYS D 92 9.25 45.98 1.37
N TYR D 93 8.89 44.71 1.47
CA TYR D 93 8.56 44.10 2.76
C TYR D 93 9.60 43.03 3.05
N THR D 94 10.80 43.49 3.42
CA THR D 94 11.93 42.62 3.69
C THR D 94 11.72 41.71 4.91
N SER D 95 10.62 41.88 5.61
CA SER D 95 10.33 41.06 6.77
C SER D 95 9.25 40.04 6.45
N TRP D 96 8.77 40.06 5.21
CA TRP D 96 7.72 39.15 4.77
C TRP D 96 8.19 38.27 3.62
N TYR D 97 7.61 37.09 3.52
CA TYR D 97 7.94 36.14 2.47
C TYR D 97 6.67 35.67 1.77
N VAL D 98 6.84 35.11 0.58
CA VAL D 98 5.71 34.58 -0.18
C VAL D 98 5.47 33.14 0.25
N ALA D 99 4.23 32.78 0.53
CA ALA D 99 3.92 31.43 0.97
C ALA D 99 2.52 30.98 0.54
N LEU D 100 2.31 29.67 0.55
CA LEU D 100 1.04 29.08 0.20
C LEU D 100 0.56 28.18 1.32
N LYS D 101 -0.69 27.73 1.24
CA LYS D 101 -1.25 26.85 2.25
C LYS D 101 -1.70 25.54 1.62
N ARG D 102 -1.83 24.51 2.44
CA ARG D 102 -2.25 23.19 1.97
C ARG D 102 -3.67 23.24 1.40
N THR D 103 -4.39 24.31 1.72
CA THR D 103 -5.74 24.49 1.25
C THR D 103 -5.78 24.97 -0.20
N GLY D 104 -4.59 25.22 -0.76
CA GLY D 104 -4.50 25.68 -2.12
C GLY D 104 -4.73 27.17 -2.23
N GLN D 105 -4.57 27.86 -1.12
CA GLN D 105 -4.74 29.30 -1.08
C GLN D 105 -3.46 29.97 -0.64
N TYR D 106 -3.35 31.26 -0.93
CA TYR D 106 -2.17 32.03 -0.58
C TYR D 106 -2.13 32.29 0.92
N LYS D 107 -0.92 32.42 1.46
CA LYS D 107 -0.75 32.69 2.88
C LYS D 107 -0.39 34.16 3.04
N LEU D 108 -0.99 34.80 4.04
CA LEU D 108 -0.73 36.21 4.29
C LEU D 108 0.72 36.44 4.67
N GLY D 109 1.39 37.35 3.95
CA GLY D 109 2.77 37.65 4.20
C GLY D 109 3.02 38.10 5.62
N SER D 110 2.01 38.74 6.21
CA SER D 110 2.09 39.22 7.57
C SER D 110 2.23 38.08 8.58
N LYS D 111 1.96 36.86 8.13
CA LYS D 111 2.04 35.69 9.00
C LYS D 111 3.21 34.79 8.60
N THR D 112 4.10 35.28 7.75
CA THR D 112 5.24 34.48 7.31
C THR D 112 6.47 34.78 8.15
N GLY D 113 7.47 33.91 8.06
CA GLY D 113 8.70 34.10 8.80
C GLY D 113 9.67 32.96 8.59
N PRO D 114 10.94 33.15 9.00
CA PRO D 114 11.97 32.12 8.88
C PRO D 114 11.66 30.89 9.73
N GLY D 115 11.62 29.74 9.10
CA GLY D 115 11.33 28.51 9.83
C GLY D 115 10.09 27.83 9.30
N GLN D 116 9.25 28.58 8.59
CA GLN D 116 8.04 28.03 8.02
C GLN D 116 8.35 27.33 6.70
N LYS D 117 7.94 26.08 6.58
CA LYS D 117 8.17 25.30 5.37
C LYS D 117 7.13 25.64 4.29
N ALA D 118 6.52 26.80 4.42
CA ALA D 118 5.52 27.26 3.48
C ALA D 118 6.10 28.30 2.54
N ILE D 119 7.22 28.88 2.95
CA ILE D 119 7.88 29.92 2.14
C ILE D 119 8.95 29.30 1.26
N LEU D 120 8.98 27.98 1.24
CA LEU D 120 9.96 27.24 0.44
C LEU D 120 9.36 26.87 -0.91
N PHE D 121 9.91 27.45 -1.96
CA PHE D 121 9.44 27.17 -3.31
C PHE D 121 10.52 26.51 -4.15
N LEU D 122 10.12 25.66 -5.06
CA LEU D 122 11.03 24.97 -5.95
C LEU D 122 10.64 25.23 -7.40
N PRO D 123 11.45 26.02 -8.14
CA PRO D 123 11.18 26.33 -9.55
C PRO D 123 11.43 25.15 -10.47
N MET D 124 10.39 24.36 -10.72
CA MET D 124 10.51 23.19 -11.58
C MET D 124 10.26 23.57 -13.03
N SER D 125 10.74 22.74 -13.95
CA SER D 125 10.58 22.98 -15.38
C SER D 125 9.11 22.99 -15.77
N ALA D 126 8.76 23.85 -16.71
CA ALA D 126 7.39 23.97 -17.18
C ALA D 126 7.36 24.22 -18.67
N ASP A 1 -24.70 -24.77 8.99
CA ASP A 1 -24.80 -26.13 8.42
C ASP A 1 -23.90 -26.28 7.20
N PRO A 2 -24.05 -25.46 6.13
CA PRO A 2 -23.19 -25.56 4.96
C PRO A 2 -21.81 -24.94 5.22
N LYS A 3 -20.77 -25.60 4.75
CA LYS A 3 -19.42 -25.13 4.94
C LYS A 3 -18.73 -24.93 3.61
N ARG A 4 -17.76 -24.03 3.59
CA ARG A 4 -16.99 -23.74 2.39
C ARG A 4 -15.51 -23.96 2.68
N LEU A 5 -14.96 -25.03 2.13
CA LEU A 5 -13.57 -25.38 2.34
C LEU A 5 -12.64 -24.40 1.64
N TYR A 6 -11.97 -23.58 2.44
CA TYR A 6 -11.03 -22.60 1.96
C TYR A 6 -9.62 -23.15 2.05
N CYS A 7 -8.97 -23.33 0.91
CA CYS A 7 -7.61 -23.88 0.88
C CYS A 7 -6.57 -22.77 0.97
N LYS A 8 -5.47 -23.06 1.68
CA LYS A 8 -4.39 -22.09 1.84
C LYS A 8 -3.52 -22.06 0.57
N ASN A 9 -3.90 -22.87 -0.41
CA ASN A 9 -3.17 -22.94 -1.67
C ASN A 9 -3.82 -22.02 -2.69
N GLY A 10 -3.47 -20.74 -2.63
CA GLY A 10 -4.01 -19.78 -3.55
C GLY A 10 -5.25 -19.08 -3.04
N GLY A 11 -5.89 -19.68 -2.03
CA GLY A 11 -7.08 -19.11 -1.46
C GLY A 11 -8.31 -19.45 -2.28
N PHE A 12 -8.46 -20.71 -2.62
CA PHE A 12 -9.59 -21.15 -3.41
C PHE A 12 -10.55 -22.01 -2.58
N PHE A 13 -11.83 -21.90 -2.87
CA PHE A 13 -12.85 -22.67 -2.18
C PHE A 13 -13.16 -23.93 -2.99
N LEU A 14 -13.36 -25.04 -2.31
CA LEU A 14 -13.69 -26.29 -2.99
C LEU A 14 -15.09 -26.19 -3.60
N ARG A 15 -15.14 -26.16 -4.92
CA ARG A 15 -16.41 -26.04 -5.63
C ARG A 15 -16.77 -27.32 -6.37
N ILE A 16 -17.97 -27.82 -6.11
CA ILE A 16 -18.47 -29.02 -6.75
C ILE A 16 -19.52 -28.66 -7.81
N HIS A 17 -19.36 -29.19 -9.00
CA HIS A 17 -20.29 -28.92 -10.09
C HIS A 17 -21.32 -30.04 -10.21
N PRO A 18 -22.55 -29.73 -10.62
CA PRO A 18 -23.63 -30.72 -10.77
C PRO A 18 -23.33 -31.76 -11.86
N ASP A 19 -22.31 -31.49 -12.66
CA ASP A 19 -21.93 -32.41 -13.74
C ASP A 19 -20.96 -33.47 -13.23
N GLY A 20 -20.41 -33.25 -12.03
CA GLY A 20 -19.49 -34.19 -11.45
C GLY A 20 -18.08 -33.66 -11.34
N ARG A 21 -17.84 -32.49 -11.92
CA ARG A 21 -16.51 -31.89 -11.89
C ARG A 21 -16.28 -31.11 -10.61
N VAL A 22 -15.04 -31.10 -10.16
CA VAL A 22 -14.66 -30.41 -8.93
C VAL A 22 -13.48 -29.47 -9.20
N ASP A 23 -13.61 -28.22 -8.76
CA ASP A 23 -12.54 -27.24 -8.96
C ASP A 23 -12.49 -26.27 -7.80
N GLY A 24 -11.70 -25.21 -7.95
CA GLY A 24 -11.57 -24.22 -6.90
C GLY A 24 -11.76 -22.81 -7.42
N VAL A 25 -12.58 -22.03 -6.73
CA VAL A 25 -12.84 -20.66 -7.12
C VAL A 25 -12.62 -19.72 -5.93
N ARG A 26 -12.23 -18.48 -6.21
CA ARG A 26 -11.99 -17.51 -5.15
C ARG A 26 -13.28 -16.73 -4.82
N GLU A 27 -14.21 -16.74 -5.75
CA GLU A 27 -15.48 -16.04 -5.57
C GLU A 27 -16.35 -16.79 -4.56
N LYS A 28 -16.55 -16.18 -3.41
CA LYS A 28 -17.36 -16.77 -2.35
C LYS A 28 -18.85 -16.51 -2.60
N SER A 29 -19.16 -16.03 -3.79
CA SER A 29 -20.53 -15.74 -4.17
C SER A 29 -21.14 -16.92 -4.93
N ASP A 30 -20.30 -17.91 -5.23
CA ASP A 30 -20.74 -19.09 -5.95
C ASP A 30 -21.46 -20.04 -4.99
N PRO A 31 -22.69 -20.45 -5.34
CA PRO A 31 -23.47 -21.36 -4.48
C PRO A 31 -22.93 -22.79 -4.49
N HIS A 32 -22.10 -23.11 -5.47
CA HIS A 32 -21.54 -24.45 -5.61
C HIS A 32 -20.38 -24.70 -4.65
N ILE A 33 -20.02 -23.68 -3.87
CA ILE A 33 -18.93 -23.83 -2.90
C ILE A 33 -19.49 -24.24 -1.55
N LYS A 34 -20.81 -24.37 -1.47
CA LYS A 34 -21.46 -24.78 -0.25
C LYS A 34 -21.50 -26.29 -0.16
N LEU A 35 -20.70 -26.84 0.75
CA LEU A 35 -20.62 -28.27 0.93
C LEU A 35 -21.19 -28.68 2.27
N GLN A 36 -21.84 -29.84 2.30
CA GLN A 36 -22.41 -30.37 3.51
C GLN A 36 -21.59 -31.57 3.98
N LEU A 37 -20.94 -31.43 5.12
CA LEU A 37 -20.11 -32.49 5.67
C LEU A 37 -20.89 -33.34 6.65
N GLN A 38 -21.23 -34.55 6.22
CA GLN A 38 -21.96 -35.48 7.06
C GLN A 38 -21.00 -36.45 7.74
N ALA A 39 -21.15 -36.62 9.05
CA ALA A 39 -20.27 -37.51 9.80
C ALA A 39 -20.77 -38.95 9.77
N GLU A 40 -19.93 -39.85 9.26
CA GLU A 40 -20.27 -41.26 9.18
C GLU A 40 -19.78 -41.97 10.44
N GLU A 41 -18.50 -41.81 10.71
CA GLU A 41 -17.87 -42.40 11.87
C GLU A 41 -16.99 -41.35 12.52
N ARG A 42 -16.47 -41.63 13.70
CA ARG A 42 -15.61 -40.68 14.41
C ARG A 42 -14.38 -40.31 13.57
N GLY A 43 -14.40 -39.11 13.01
CA GLY A 43 -13.30 -38.65 12.19
C GLY A 43 -13.50 -38.90 10.71
N VAL A 44 -14.65 -39.48 10.36
CA VAL A 44 -14.96 -39.78 8.97
C VAL A 44 -16.14 -38.94 8.50
N VAL A 45 -15.91 -38.08 7.52
CA VAL A 45 -16.96 -37.22 7.00
C VAL A 45 -17.13 -37.39 5.50
N SER A 46 -18.36 -37.17 5.05
CA SER A 46 -18.69 -37.25 3.63
C SER A 46 -19.02 -35.86 3.11
N ILE A 47 -18.29 -35.41 2.11
CA ILE A 47 -18.49 -34.08 1.54
C ILE A 47 -19.49 -34.12 0.39
N LYS A 48 -20.64 -33.52 0.60
CA LYS A 48 -21.69 -33.48 -0.41
C LYS A 48 -21.96 -32.04 -0.85
N GLY A 49 -21.97 -31.81 -2.16
CA GLY A 49 -22.23 -30.47 -2.67
C GLY A 49 -23.71 -30.15 -2.62
N VAL A 50 -24.06 -29.04 -1.99
CA VAL A 50 -25.46 -28.64 -1.87
C VAL A 50 -26.10 -28.42 -3.24
N SER A 51 -25.57 -27.48 -4.00
CA SER A 51 -26.09 -27.19 -5.34
C SER A 51 -25.48 -28.15 -6.37
N ALA A 52 -25.55 -29.42 -6.07
CA ALA A 52 -25.00 -30.46 -6.94
C ALA A 52 -25.63 -31.80 -6.62
N ASN A 53 -25.82 -32.06 -5.32
CA ASN A 53 -26.41 -33.31 -4.84
C ASN A 53 -25.49 -34.48 -5.17
N ARG A 54 -24.20 -34.21 -5.14
CA ARG A 54 -23.19 -35.22 -5.42
C ARG A 54 -22.15 -35.25 -4.31
N TYR A 55 -21.65 -36.44 -4.01
CA TYR A 55 -20.66 -36.63 -2.97
C TYR A 55 -19.26 -36.66 -3.58
N LEU A 56 -18.29 -36.11 -2.86
CA LEU A 56 -16.91 -36.07 -3.32
C LEU A 56 -16.30 -37.46 -3.21
N ALA A 57 -15.72 -37.95 -4.29
CA ALA A 57 -15.11 -39.27 -4.29
C ALA A 57 -13.77 -39.27 -5.00
N MET A 58 -12.84 -40.05 -4.47
CA MET A 58 -11.51 -40.18 -5.05
C MET A 58 -11.35 -41.56 -5.66
N LYS A 59 -10.84 -41.63 -6.88
CA LYS A 59 -10.66 -42.91 -7.56
C LYS A 59 -9.24 -43.45 -7.40
N GLU A 60 -9.02 -44.66 -7.92
CA GLU A 60 -7.73 -45.34 -7.83
C GLU A 60 -6.67 -44.68 -8.71
N ASP A 61 -7.08 -43.79 -9.58
CA ASP A 61 -6.13 -43.10 -10.45
C ASP A 61 -5.77 -41.75 -9.87
N GLY A 62 -6.26 -41.49 -8.65
CA GLY A 62 -5.99 -40.24 -7.98
C GLY A 62 -6.90 -39.13 -8.48
N ARG A 63 -7.96 -39.52 -9.14
CA ARG A 63 -8.93 -38.57 -9.68
C ARG A 63 -9.92 -38.16 -8.62
N LEU A 64 -10.29 -36.88 -8.63
CA LEU A 64 -11.25 -36.35 -7.68
C LEU A 64 -12.49 -35.90 -8.43
N LEU A 65 -13.62 -36.53 -8.13
CA LEU A 65 -14.87 -36.19 -8.80
C LEU A 65 -16.04 -36.27 -7.83
N ALA A 66 -17.23 -35.95 -8.32
CA ALA A 66 -18.43 -35.99 -7.49
C ALA A 66 -19.40 -37.01 -8.04
N SER A 67 -19.73 -38.01 -7.22
CA SER A 67 -20.64 -39.06 -7.62
C SER A 67 -21.99 -38.88 -6.92
N LYS A 68 -23.06 -39.33 -7.59
CA LYS A 68 -24.40 -39.23 -7.02
C LYS A 68 -24.66 -40.43 -6.12
N SER A 69 -23.75 -41.39 -6.17
CA SER A 69 -23.85 -42.60 -5.37
C SER A 69 -22.81 -42.58 -4.26
N VAL A 70 -23.27 -42.78 -3.03
CA VAL A 70 -22.38 -42.78 -1.88
C VAL A 70 -21.62 -44.10 -1.80
N THR A 71 -20.39 -44.10 -2.29
CA THR A 71 -19.55 -45.28 -2.27
C THR A 71 -18.52 -45.18 -1.15
N ASP A 72 -17.70 -46.21 -1.01
CA ASP A 72 -16.66 -46.22 0.02
C ASP A 72 -15.55 -45.24 -0.32
N GLU A 73 -15.57 -44.76 -1.56
CA GLU A 73 -14.56 -43.81 -2.03
C GLU A 73 -15.00 -42.37 -1.71
N CYS A 74 -16.19 -42.22 -1.13
CA CYS A 74 -16.73 -40.91 -0.79
C CYS A 74 -16.55 -40.60 0.69
N PHE A 75 -15.75 -41.39 1.38
CA PHE A 75 -15.52 -41.19 2.81
C PHE A 75 -14.07 -40.78 3.06
N PHE A 76 -13.91 -39.62 3.70
CA PHE A 76 -12.59 -39.09 3.99
C PHE A 76 -12.42 -38.84 5.48
N PHE A 77 -11.19 -38.95 5.95
CA PHE A 77 -10.86 -38.72 7.34
C PHE A 77 -10.55 -37.24 7.53
N GLU A 78 -11.24 -36.61 8.48
CA GLU A 78 -11.02 -35.20 8.75
C GLU A 78 -10.18 -35.05 10.01
N ARG A 79 -8.95 -34.56 9.85
CA ARG A 79 -8.05 -34.38 10.97
C ARG A 79 -7.69 -32.91 11.14
N LEU A 80 -7.60 -32.46 12.37
CA LEU A 80 -7.23 -31.09 12.66
C LEU A 80 -5.72 -30.99 12.87
N GLU A 81 -5.06 -30.31 11.95
CA GLU A 81 -3.62 -30.15 12.01
C GLU A 81 -3.22 -29.14 13.09
N SER A 82 -1.91 -29.03 13.31
CA SER A 82 -1.39 -28.11 14.32
C SER A 82 -1.28 -26.69 13.76
N ASN A 83 -2.01 -26.42 12.69
CA ASN A 83 -2.01 -25.10 12.07
C ASN A 83 -3.43 -24.60 11.86
N ASN A 84 -4.37 -25.17 12.63
CA ASN A 84 -5.78 -24.79 12.59
C ASN A 84 -6.49 -25.23 11.30
N TYR A 85 -5.79 -25.94 10.43
CA TYR A 85 -6.39 -26.42 9.18
C TYR A 85 -6.84 -27.86 9.31
N ASN A 86 -7.78 -28.26 8.46
CA ASN A 86 -8.31 -29.62 8.49
C ASN A 86 -7.85 -30.39 7.26
N THR A 87 -7.32 -31.59 7.48
CA THR A 87 -6.86 -32.44 6.40
C THR A 87 -7.89 -33.52 6.11
N TYR A 88 -7.98 -33.92 4.84
CA TYR A 88 -8.94 -34.94 4.44
C TYR A 88 -8.22 -36.07 3.69
N ARG A 89 -8.16 -37.24 4.32
CA ARG A 89 -7.50 -38.41 3.73
C ARG A 89 -8.53 -39.46 3.35
N SER A 90 -8.35 -40.07 2.18
CA SER A 90 -9.27 -41.09 1.70
C SER A 90 -9.19 -42.34 2.58
N ARG A 91 -10.34 -42.98 2.80
CA ARG A 91 -10.38 -44.19 3.61
C ARG A 91 -9.91 -45.39 2.79
N LYS A 92 -10.35 -45.45 1.54
CA LYS A 92 -9.97 -46.53 0.65
C LYS A 92 -8.50 -46.40 0.26
N TYR A 93 -8.07 -45.16 0.10
CA TYR A 93 -6.69 -44.85 -0.26
C TYR A 93 -6.07 -44.00 0.85
N THR A 94 -5.62 -44.67 1.91
CA THR A 94 -5.04 -44.01 3.08
C THR A 94 -3.65 -43.41 2.81
N SER A 95 -3.35 -43.15 1.55
CA SER A 95 -2.07 -42.57 1.19
C SER A 95 -2.27 -41.30 0.37
N TRP A 96 -3.52 -41.03 0.02
CA TRP A 96 -3.85 -39.86 -0.77
C TRP A 96 -4.77 -38.92 0.00
N TYR A 97 -4.60 -37.63 -0.22
CA TYR A 97 -5.39 -36.62 0.45
C TYR A 97 -6.09 -35.73 -0.57
N VAL A 98 -7.13 -35.03 -0.13
CA VAL A 98 -7.85 -34.12 -1.00
C VAL A 98 -7.04 -32.83 -1.10
N ALA A 99 -6.74 -32.40 -2.31
CA ALA A 99 -5.94 -31.20 -2.49
C ALA A 99 -6.36 -30.41 -3.73
N LEU A 100 -6.04 -29.11 -3.70
CA LEU A 100 -6.34 -28.23 -4.81
C LEU A 100 -5.07 -27.56 -5.32
N LYS A 101 -5.16 -26.92 -6.47
CA LYS A 101 -4.01 -26.24 -7.05
C LYS A 101 -4.26 -24.74 -7.09
N ARG A 102 -3.18 -23.96 -7.05
CA ARG A 102 -3.25 -22.50 -7.06
C ARG A 102 -3.77 -21.96 -8.40
N THR A 103 -4.01 -22.86 -9.34
CA THR A 103 -4.52 -22.47 -10.65
C THR A 103 -6.04 -22.52 -10.71
N GLY A 104 -6.65 -23.06 -9.67
CA GLY A 104 -8.11 -23.15 -9.63
C GLY A 104 -8.62 -24.53 -9.94
N GLN A 105 -7.70 -25.46 -10.13
CA GLN A 105 -8.07 -26.85 -10.43
C GLN A 105 -7.71 -27.75 -9.26
N TYR A 106 -8.19 -28.98 -9.29
CA TYR A 106 -7.91 -29.93 -8.22
C TYR A 106 -6.53 -30.53 -8.41
N LYS A 107 -5.98 -31.09 -7.33
CA LYS A 107 -4.66 -31.71 -7.39
C LYS A 107 -4.82 -33.21 -7.33
N LEU A 108 -4.10 -33.92 -8.17
CA LEU A 108 -4.17 -35.37 -8.22
C LEU A 108 -3.77 -35.99 -6.88
N GLY A 109 -4.60 -36.90 -6.39
CA GLY A 109 -4.35 -37.55 -5.12
C GLY A 109 -3.02 -38.28 -5.09
N SER A 110 -2.63 -38.82 -6.24
CA SER A 110 -1.37 -39.55 -6.36
C SER A 110 -0.16 -38.63 -6.20
N LYS A 111 -0.40 -37.34 -6.11
CA LYS A 111 0.67 -36.36 -5.97
C LYS A 111 0.50 -35.56 -4.67
N THR A 112 -0.24 -36.12 -3.73
CA THR A 112 -0.48 -35.46 -2.45
C THR A 112 0.30 -36.12 -1.32
N GLY A 113 0.52 -35.37 -0.25
CA GLY A 113 1.23 -35.90 0.90
C GLY A 113 1.21 -34.93 2.05
N PRO A 114 1.43 -35.41 3.29
CA PRO A 114 1.43 -34.56 4.49
C PRO A 114 2.55 -33.52 4.45
N GLY A 115 2.18 -32.26 4.49
CA GLY A 115 3.16 -31.20 4.46
C GLY A 115 2.88 -30.21 3.34
N GLN A 116 2.09 -30.65 2.36
CA GLN A 116 1.74 -29.79 1.23
C GLN A 116 0.70 -28.75 1.64
N LYS A 117 0.75 -27.61 0.99
CA LYS A 117 -0.19 -26.53 1.27
C LYS A 117 -1.55 -26.83 0.67
N ALA A 118 -1.55 -27.69 -0.33
CA ALA A 118 -2.75 -28.07 -1.05
C ALA A 118 -3.74 -28.87 -0.19
N ILE A 119 -3.26 -29.47 0.88
CA ILE A 119 -4.11 -30.27 1.75
C ILE A 119 -4.59 -29.48 2.97
N LEU A 120 -4.25 -28.20 3.01
CA LEU A 120 -4.64 -27.35 4.12
C LEU A 120 -5.96 -26.66 3.81
N PHE A 121 -7.04 -27.18 4.39
CA PHE A 121 -8.38 -26.62 4.18
C PHE A 121 -8.95 -26.04 5.45
N LEU A 122 -9.64 -24.92 5.32
CA LEU A 122 -10.29 -24.26 6.45
C LEU A 122 -11.80 -24.32 6.25
N PRO A 123 -12.52 -25.03 7.15
CA PRO A 123 -13.97 -25.17 7.06
C PRO A 123 -14.72 -23.90 7.48
N MET A 124 -14.69 -22.89 6.63
CA MET A 124 -15.37 -21.63 6.90
C MET A 124 -16.88 -21.80 6.73
N SER A 125 -17.66 -21.04 7.49
CA SER A 125 -19.11 -21.13 7.41
C SER A 125 -19.66 -20.28 6.27
N ALA A 126 -20.84 -20.65 5.79
CA ALA A 126 -21.47 -19.91 4.71
C ALA A 126 -22.66 -19.12 5.24
N SER B 1 15.72 5.12 16.52
CA SER B 1 14.32 4.67 16.48
C SER B 1 14.20 3.34 15.74
N GLU B 2 13.15 2.58 16.04
CA GLU B 2 12.94 1.27 15.42
C GLU B 2 12.64 1.42 13.93
N LEU B 3 11.67 2.25 13.60
CA LEU B 3 11.29 2.47 12.21
C LEU B 3 12.43 3.11 11.44
N GLU B 4 13.13 4.04 12.09
CA GLU B 4 14.26 4.72 11.48
C GLU B 4 15.34 3.71 11.08
N LYS B 5 15.73 2.85 12.02
CA LYS B 5 16.74 1.84 11.76
C LYS B 5 16.25 0.86 10.72
N ALA B 6 14.95 0.55 10.77
CA ALA B 6 14.36 -0.36 9.82
C ALA B 6 14.43 0.21 8.41
N MET B 7 14.19 1.52 8.29
CA MET B 7 14.23 2.20 7.01
C MET B 7 15.59 2.05 6.36
N VAL B 8 16.64 2.24 7.17
CA VAL B 8 18.01 2.12 6.68
C VAL B 8 18.25 0.72 6.10
N ALA B 9 17.78 -0.29 6.81
CA ALA B 9 17.93 -1.67 6.38
C ALA B 9 17.07 -1.96 5.15
N LEU B 10 15.82 -1.52 5.19
CA LEU B 10 14.89 -1.73 4.08
C LEU B 10 15.40 -1.10 2.80
N ILE B 11 15.89 0.14 2.91
CA ILE B 11 16.42 0.85 1.75
C ILE B 11 17.61 0.10 1.16
N ASP B 12 18.48 -0.39 2.03
CA ASP B 12 19.66 -1.12 1.60
C ASP B 12 19.26 -2.43 0.93
N VAL B 13 18.39 -3.19 1.58
CA VAL B 13 17.92 -4.45 1.04
C VAL B 13 17.23 -4.23 -0.31
N PHE B 14 16.43 -3.17 -0.37
CA PHE B 14 15.71 -2.82 -1.59
C PHE B 14 16.68 -2.65 -2.76
N HIS B 15 17.67 -1.79 -2.57
CA HIS B 15 18.67 -1.51 -3.62
C HIS B 15 19.51 -2.75 -3.94
N GLN B 16 19.66 -3.62 -2.95
CA GLN B 16 20.44 -4.84 -3.12
C GLN B 16 19.72 -5.84 -4.03
N TYR B 17 18.43 -6.06 -3.74
CA TYR B 17 17.64 -7.01 -4.50
C TYR B 17 17.26 -6.45 -5.87
N SER B 18 17.07 -5.15 -5.97
CA SER B 18 16.71 -4.54 -7.24
C SER B 18 17.88 -4.59 -8.21
N GLY B 19 19.10 -4.65 -7.64
CA GLY B 19 20.30 -4.71 -8.45
C GLY B 19 20.49 -6.06 -9.12
N ARG B 20 19.63 -7.02 -8.78
CA ARG B 20 19.72 -8.35 -9.35
C ARG B 20 19.18 -8.34 -10.78
N GLU B 21 18.26 -7.43 -11.04
CA GLU B 21 17.65 -7.29 -12.35
C GLU B 21 18.66 -6.73 -13.33
N GLY B 22 19.01 -5.46 -13.14
CA GLY B 22 19.96 -4.79 -14.00
C GLY B 22 20.30 -3.42 -13.48
N ASP B 23 19.28 -2.71 -13.04
CA ASP B 23 19.48 -1.37 -12.48
C ASP B 23 19.67 -1.47 -10.97
N LYS B 24 18.99 -0.63 -10.20
CA LYS B 24 19.10 -0.65 -8.75
C LYS B 24 17.93 0.09 -8.11
N HIS B 25 16.82 0.18 -8.82
CA HIS B 25 15.65 0.88 -8.29
C HIS B 25 14.37 0.08 -8.47
N LYS B 26 14.44 -1.02 -9.21
CA LYS B 26 13.25 -1.84 -9.44
C LYS B 26 13.57 -3.33 -9.37
N LEU B 27 12.58 -4.11 -8.96
CA LEU B 27 12.75 -5.56 -8.89
C LEU B 27 12.13 -6.18 -10.14
N LYS B 28 12.49 -7.42 -10.43
CA LYS B 28 11.98 -8.10 -11.62
C LYS B 28 11.07 -9.27 -11.24
N LYS B 29 10.21 -9.06 -10.24
CA LYS B 29 9.26 -10.08 -9.77
C LYS B 29 9.94 -11.24 -9.04
N SER B 30 10.94 -11.85 -9.66
CA SER B 30 11.66 -12.97 -9.08
C SER B 30 12.32 -12.59 -7.75
N GLU B 31 12.86 -11.38 -7.68
CA GLU B 31 13.52 -10.90 -6.48
C GLU B 31 12.52 -10.72 -5.34
N LEU B 32 11.27 -10.45 -5.69
CA LEU B 32 10.21 -10.30 -4.68
C LEU B 32 10.01 -11.63 -3.98
N LYS B 33 10.04 -12.70 -4.77
CA LYS B 33 9.87 -14.05 -4.24
C LYS B 33 11.13 -14.42 -3.45
N GLU B 34 12.27 -13.94 -3.94
CA GLU B 34 13.56 -14.18 -3.31
C GLU B 34 13.55 -13.63 -1.89
N LEU B 35 12.91 -12.47 -1.73
CA LEU B 35 12.79 -11.83 -0.43
C LEU B 35 12.07 -12.74 0.55
N ILE B 36 10.99 -13.37 0.10
CA ILE B 36 10.23 -14.27 0.95
C ILE B 36 11.00 -15.56 1.20
N ASN B 37 11.82 -15.92 0.23
CA ASN B 37 12.60 -17.15 0.31
C ASN B 37 14.01 -16.92 0.83
N ASN B 38 14.22 -15.81 1.54
CA ASN B 38 15.55 -15.51 2.09
C ASN B 38 15.43 -14.63 3.33
N GLU B 39 14.46 -13.74 3.33
CA GLU B 39 14.24 -12.85 4.46
C GLU B 39 13.11 -13.35 5.35
N LEU B 40 11.96 -13.58 4.73
CA LEU B 40 10.78 -14.02 5.46
C LEU B 40 10.66 -15.55 5.47
N SER B 41 11.74 -16.22 5.08
CA SER B 41 11.77 -17.68 5.05
C SER B 41 11.67 -18.25 6.45
N HIS B 42 12.08 -17.45 7.43
CA HIS B 42 12.05 -17.88 8.82
C HIS B 42 10.72 -17.49 9.46
N PHE B 43 9.94 -16.67 8.77
CA PHE B 43 8.66 -16.24 9.28
C PHE B 43 7.53 -17.05 8.66
N LEU B 44 7.45 -17.03 7.34
CA LEU B 44 6.43 -17.77 6.62
C LEU B 44 7.07 -18.97 5.93
N GLU B 45 7.16 -20.07 6.64
CA GLU B 45 7.77 -21.29 6.12
C GLU B 45 6.79 -22.09 5.27
N GLU B 46 6.19 -21.44 4.28
CA GLU B 46 5.24 -22.12 3.41
C GLU B 46 5.56 -21.85 1.94
N ILE B 47 4.76 -21.02 1.29
CA ILE B 47 4.94 -20.69 -0.13
C ILE B 47 5.01 -21.97 -0.97
N LYS B 48 6.00 -22.04 -1.86
CA LYS B 48 6.24 -23.21 -2.73
C LYS B 48 5.21 -23.34 -3.86
N GLU B 49 3.94 -23.12 -3.55
CA GLU B 49 2.87 -23.24 -4.55
C GLU B 49 2.61 -21.93 -5.28
N GLN B 50 3.43 -20.91 -5.00
CA GLN B 50 3.31 -19.59 -5.64
C GLN B 50 1.98 -18.92 -5.31
N GLU B 51 1.38 -19.32 -4.20
CA GLU B 51 0.09 -18.79 -3.76
C GLU B 51 0.20 -17.33 -3.36
N VAL B 52 1.07 -17.06 -2.39
CA VAL B 52 1.25 -15.69 -1.91
C VAL B 52 1.80 -14.78 -3.00
N VAL B 53 2.64 -15.32 -3.86
CA VAL B 53 3.25 -14.56 -4.95
C VAL B 53 2.18 -14.10 -5.95
N ASP B 54 1.21 -14.97 -6.20
CA ASP B 54 0.12 -14.69 -7.13
C ASP B 54 -0.79 -13.58 -6.61
N LYS B 55 -0.93 -13.50 -5.30
CA LYS B 55 -1.80 -12.51 -4.68
C LYS B 55 -1.09 -11.16 -4.46
N VAL B 56 0.18 -11.19 -4.07
CA VAL B 56 0.91 -9.94 -3.81
C VAL B 56 1.09 -9.12 -5.09
N MET B 57 1.33 -9.78 -6.22
CA MET B 57 1.53 -9.07 -7.49
C MET B 57 0.30 -8.24 -7.86
N GLU B 58 -0.85 -8.66 -7.38
CA GLU B 58 -2.10 -7.97 -7.66
C GLU B 58 -2.11 -6.56 -7.04
N THR B 59 -1.51 -6.43 -5.87
CA THR B 59 -1.46 -5.15 -5.18
C THR B 59 -0.13 -4.43 -5.42
N LEU B 60 0.94 -5.21 -5.61
CA LEU B 60 2.27 -4.67 -5.83
C LEU B 60 2.32 -3.83 -7.10
N ASP B 61 1.96 -4.43 -8.23
CA ASP B 61 1.97 -3.70 -9.49
C ASP B 61 0.73 -2.82 -9.59
N ASN B 62 0.78 -1.72 -8.85
CA ASN B 62 -0.33 -0.76 -8.82
C ASN B 62 -0.22 0.23 -9.99
N ASP B 63 0.81 0.06 -10.80
CA ASP B 63 1.01 0.93 -11.95
C ASP B 63 0.53 0.25 -13.21
N GLY B 64 0.75 -1.07 -13.28
CA GLY B 64 0.32 -1.84 -14.42
C GLY B 64 1.44 -2.04 -15.42
N ASP B 65 2.56 -2.58 -14.94
CA ASP B 65 3.72 -2.82 -15.79
C ASP B 65 4.67 -3.81 -15.14
N GLY B 66 4.71 -3.81 -13.81
CA GLY B 66 5.60 -4.71 -13.10
C GLY B 66 6.82 -4.00 -12.56
N GLU B 67 6.73 -2.69 -12.45
CA GLU B 67 7.83 -1.88 -11.94
C GLU B 67 7.82 -1.85 -10.43
N CYS B 68 8.42 -2.86 -9.82
CA CYS B 68 8.50 -2.95 -8.37
C CYS B 68 9.40 -1.83 -7.83
N ASP B 69 8.80 -0.88 -7.13
CA ASP B 69 9.55 0.25 -6.59
C ASP B 69 9.30 0.40 -5.08
N PHE B 70 9.85 1.47 -4.50
CA PHE B 70 9.73 1.73 -3.06
C PHE B 70 8.29 1.74 -2.59
N GLN B 71 7.42 2.29 -3.42
CA GLN B 71 5.99 2.41 -3.11
C GLN B 71 5.36 1.05 -2.78
N GLU B 72 5.64 0.05 -3.62
CA GLU B 72 5.07 -1.28 -3.41
C GLU B 72 5.97 -2.16 -2.55
N PHE B 73 7.25 -1.81 -2.46
CA PHE B 73 8.21 -2.58 -1.67
C PHE B 73 7.73 -2.76 -0.23
N MET B 74 7.39 -1.66 0.43
CA MET B 74 6.92 -1.72 1.80
C MET B 74 5.49 -2.23 1.87
N ALA B 75 4.74 -2.02 0.79
CA ALA B 75 3.37 -2.50 0.73
C ALA B 75 3.37 -4.02 0.61
N PHE B 76 4.43 -4.52 -0.03
CA PHE B 76 4.62 -5.95 -0.21
C PHE B 76 4.80 -6.60 1.15
N VAL B 77 5.60 -5.96 2.01
CA VAL B 77 5.85 -6.45 3.36
C VAL B 77 4.53 -6.48 4.13
N ALA B 78 3.72 -5.44 3.93
CA ALA B 78 2.43 -5.36 4.59
C ALA B 78 1.52 -6.49 4.14
N MET B 79 1.53 -6.74 2.84
CA MET B 79 0.73 -7.79 2.23
C MET B 79 1.08 -9.16 2.78
N VAL B 80 2.33 -9.56 2.65
CA VAL B 80 2.75 -10.89 3.12
C VAL B 80 2.56 -11.07 4.63
N THR B 81 2.86 -10.05 5.41
CA THR B 81 2.71 -10.12 6.87
C THR B 81 1.25 -10.30 7.28
N THR B 82 0.35 -9.54 6.66
CA THR B 82 -1.06 -9.59 7.01
C THR B 82 -1.80 -10.74 6.32
N ALA B 83 -1.59 -10.90 5.01
CA ALA B 83 -2.28 -11.94 4.24
C ALA B 83 -1.96 -13.33 4.74
N CYS B 84 -0.70 -13.58 5.08
CA CYS B 84 -0.31 -14.90 5.57
C CYS B 84 -0.88 -15.15 6.96
N HIS B 85 -0.98 -14.08 7.74
CA HIS B 85 -1.52 -14.15 9.09
C HIS B 85 -3.04 -14.34 9.07
N GLU B 86 -3.71 -13.55 8.25
CA GLU B 86 -5.16 -13.61 8.13
C GLU B 86 -5.60 -14.74 7.20
N PHE B 87 -4.67 -15.61 6.86
CA PHE B 87 -4.97 -16.75 6.00
C PHE B 87 -5.69 -17.81 6.83
N PHE B 88 -5.63 -17.64 8.14
CA PHE B 88 -6.27 -18.57 9.08
C PHE B 88 -7.72 -18.19 9.32
N GLU B 89 -8.12 -17.04 8.80
CA GLU B 89 -9.49 -16.56 8.96
C GLU B 89 -9.81 -15.48 7.93
N HIS B 90 -10.63 -15.82 6.97
CA HIS B 90 -11.03 -14.89 5.93
C HIS B 90 -12.55 -14.81 5.88
N GLU B 91 -13.08 -13.75 5.29
CA GLU B 91 -14.52 -13.59 5.18
C GLU B 91 -15.04 -14.50 4.06
N SER C 1 17.36 -12.43 9.55
CA SER C 1 17.21 -11.62 8.32
C SER C 1 16.88 -10.16 8.66
N GLU C 2 17.14 -9.27 7.72
CA GLU C 2 16.89 -7.84 7.93
C GLU C 2 15.39 -7.56 8.02
N LEU C 3 14.64 -8.01 7.01
CA LEU C 3 13.20 -7.81 6.98
C LEU C 3 12.53 -8.53 8.14
N GLU C 4 13.05 -9.70 8.46
CA GLU C 4 12.54 -10.52 9.55
C GLU C 4 12.62 -9.74 10.87
N LYS C 5 13.80 -9.20 11.15
CA LYS C 5 14.04 -8.44 12.36
C LYS C 5 13.20 -7.17 12.35
N ALA C 6 13.04 -6.58 11.17
CA ALA C 6 12.25 -5.38 11.00
C ALA C 6 10.79 -5.66 11.32
N MET C 7 10.30 -6.81 10.86
CA MET C 7 8.91 -7.21 11.09
C MET C 7 8.61 -7.26 12.58
N VAL C 8 9.50 -7.89 13.33
CA VAL C 8 9.34 -8.01 14.78
C VAL C 8 9.20 -6.63 15.42
N ALA C 9 10.09 -5.72 15.02
CA ALA C 9 10.08 -4.36 15.55
C ALA C 9 8.82 -3.62 15.11
N LEU C 10 8.48 -3.74 13.83
CA LEU C 10 7.31 -3.08 13.28
C LEU C 10 6.02 -3.54 13.96
N ILE C 11 5.89 -4.85 14.14
CA ILE C 11 4.71 -5.42 14.79
C ILE C 11 4.59 -4.90 16.22
N ASP C 12 5.70 -4.87 16.93
CA ASP C 12 5.73 -4.41 18.31
C ASP C 12 5.36 -2.93 18.37
N VAL C 13 6.00 -2.13 17.53
CA VAL C 13 5.73 -0.69 17.48
C VAL C 13 4.28 -0.43 17.12
N PHE C 14 3.77 -1.19 16.16
CA PHE C 14 2.39 -1.07 15.72
C PHE C 14 1.42 -1.22 16.89
N HIS C 15 1.56 -2.32 17.63
CA HIS C 15 0.69 -2.61 18.76
C HIS C 15 0.90 -1.58 19.89
N GLN C 16 2.12 -1.10 20.02
CA GLN C 16 2.45 -0.12 21.05
C GLN C 16 1.74 1.20 20.80
N TYR C 17 1.71 1.62 19.53
CA TYR C 17 1.08 2.89 19.16
C TYR C 17 -0.44 2.75 19.03
N SER C 18 -0.91 1.60 18.60
CA SER C 18 -2.35 1.40 18.45
C SER C 18 -3.02 1.34 19.83
N GLY C 19 -2.23 1.00 20.83
CA GLY C 19 -2.72 0.91 22.19
C GLY C 19 -2.96 2.28 22.82
N ARG C 20 -2.58 3.33 22.10
CA ARG C 20 -2.77 4.70 22.57
C ARG C 20 -4.23 5.11 22.44
N GLU C 21 -4.92 4.50 21.48
CA GLU C 21 -6.32 4.80 21.24
C GLU C 21 -7.18 4.17 22.33
N GLY C 22 -7.15 2.86 22.38
CA GLY C 22 -7.92 2.12 23.37
C GLY C 22 -7.72 0.63 23.18
N ASP C 23 -7.71 0.20 21.94
CA ASP C 23 -7.51 -1.21 21.62
C ASP C 23 -6.01 -1.49 21.46
N LYS C 24 -5.65 -2.32 20.50
CA LYS C 24 -4.25 -2.65 20.24
C LYS C 24 -4.07 -3.14 18.81
N HIS C 25 -5.04 -2.84 17.95
CA HIS C 25 -4.96 -3.29 16.56
C HIS C 25 -5.17 -2.15 15.57
N LYS C 26 -5.58 -0.98 16.04
CA LYS C 26 -5.81 0.15 15.16
C LYS C 26 -5.34 1.45 15.79
N LEU C 27 -4.89 2.38 14.96
CA LEU C 27 -4.44 3.68 15.43
C LEU C 27 -5.61 4.67 15.35
N LYS C 28 -5.42 5.88 15.85
CA LYS C 28 -6.47 6.88 15.83
C LYS C 28 -6.00 8.16 15.12
N LYS C 29 -5.28 7.99 14.01
CA LYS C 29 -4.77 9.11 13.21
C LYS C 29 -3.63 9.87 13.91
N SER C 30 -3.88 10.33 15.13
CA SER C 30 -2.88 11.08 15.89
C SER C 30 -1.60 10.27 16.10
N GLU C 31 -1.75 8.98 16.37
CA GLU C 31 -0.62 8.10 16.60
C GLU C 31 0.23 7.96 15.32
N LEU C 32 -0.42 8.11 14.17
CA LEU C 32 0.30 8.04 12.90
C LEU C 32 1.27 9.21 12.79
N LYS C 33 0.82 10.36 13.26
CA LYS C 33 1.64 11.56 13.25
C LYS C 33 2.71 11.42 14.32
N GLU C 34 2.34 10.80 15.43
CA GLU C 34 3.25 10.56 16.54
C GLU C 34 4.43 9.74 16.06
N LEU C 35 4.16 8.80 15.17
CA LEU C 35 5.19 7.93 14.61
C LEU C 35 6.24 8.76 13.87
N ILE C 36 5.79 9.72 13.08
CA ILE C 36 6.69 10.58 12.33
C ILE C 36 7.41 11.56 13.25
N ASN C 37 6.74 11.94 14.34
CA ASN C 37 7.29 12.89 15.30
C ASN C 37 8.04 12.19 16.43
N ASN C 38 8.32 10.90 16.29
CA ASN C 38 9.04 10.16 17.31
C ASN C 38 10.03 9.19 16.69
N GLU C 39 9.58 8.47 15.68
CA GLU C 39 10.43 7.50 15.01
C GLU C 39 11.17 8.13 13.83
N LEU C 40 10.42 8.73 12.91
CA LEU C 40 11.01 9.33 11.73
C LEU C 40 11.40 10.79 11.96
N SER C 41 11.41 11.22 13.22
CA SER C 41 11.78 12.58 13.57
C SER C 41 13.27 12.82 13.33
N HIS C 42 14.01 11.74 13.15
CA HIS C 42 15.43 11.81 12.90
C HIS C 42 15.71 11.59 11.40
N PHE C 43 14.65 11.40 10.64
CA PHE C 43 14.77 11.17 9.21
C PHE C 43 14.15 12.33 8.43
N LEU C 44 12.91 12.66 8.76
CA LEU C 44 12.21 13.76 8.11
C LEU C 44 12.00 14.87 9.12
N GLU C 45 12.95 15.79 9.20
CA GLU C 45 12.89 16.88 10.15
C GLU C 45 12.10 18.08 9.62
N GLU C 46 10.91 17.82 9.10
CA GLU C 46 10.08 18.90 8.58
C GLU C 46 8.68 18.85 9.21
N ILE C 47 7.69 18.41 8.45
CA ILE C 47 6.30 18.32 8.94
C ILE C 47 5.85 19.69 9.49
N LYS C 48 5.21 19.69 10.67
CA LYS C 48 4.74 20.91 11.34
C LYS C 48 3.52 21.54 10.67
N GLU C 49 3.48 21.56 9.35
CA GLU C 49 2.37 22.17 8.62
C GLU C 49 1.27 21.15 8.29
N GLN C 50 1.42 19.92 8.78
CA GLN C 50 0.45 18.85 8.56
C GLN C 50 0.31 18.51 7.08
N GLU C 51 1.37 18.78 6.33
CA GLU C 51 1.39 18.54 4.90
C GLU C 51 1.44 17.05 4.59
N VAL C 52 2.47 16.38 5.09
CA VAL C 52 2.64 14.95 4.86
C VAL C 52 1.47 14.15 5.46
N VAL C 53 0.96 14.63 6.59
CA VAL C 53 -0.14 13.98 7.28
C VAL C 53 -1.42 14.02 6.43
N ASP C 54 -1.61 15.13 5.72
CA ASP C 54 -2.78 15.32 4.89
C ASP C 54 -2.76 14.40 3.68
N LYS C 55 -1.57 14.13 3.16
CA LYS C 55 -1.41 13.27 1.98
C LYS C 55 -1.45 11.78 2.33
N VAL C 56 -0.79 11.38 3.42
CA VAL C 56 -0.75 9.96 3.79
C VAL C 56 -2.15 9.41 4.10
N MET C 57 -2.99 10.21 4.75
CA MET C 57 -4.34 9.77 5.10
C MET C 57 -5.14 9.37 3.87
N GLU C 58 -4.83 10.01 2.74
CA GLU C 58 -5.50 9.75 1.48
C GLU C 58 -5.31 8.29 1.04
N THR C 59 -4.11 7.76 1.24
CA THR C 59 -3.81 6.40 0.84
C THR C 59 -3.97 5.42 2.00
N LEU C 60 -3.69 5.89 3.22
CA LEU C 60 -3.78 5.07 4.42
C LEU C 60 -5.20 4.55 4.63
N ASP C 61 -6.16 5.47 4.70
CA ASP C 61 -7.55 5.08 4.89
C ASP C 61 -8.14 4.52 3.60
N ASN C 62 -7.68 3.34 3.22
CA ASN C 62 -8.15 2.68 2.01
C ASN C 62 -9.42 1.90 2.30
N ASP C 63 -9.90 2.00 3.53
CA ASP C 63 -11.11 1.33 3.95
C ASP C 63 -12.29 2.29 3.90
N GLY C 64 -12.03 3.54 4.25
CA GLY C 64 -13.08 4.55 4.24
C GLY C 64 -13.72 4.68 5.60
N ASP C 65 -12.90 4.85 6.62
CA ASP C 65 -13.39 4.98 7.99
C ASP C 65 -12.31 5.55 8.90
N GLY C 66 -11.06 5.25 8.59
CA GLY C 66 -9.96 5.73 9.39
C GLY C 66 -9.36 4.65 10.26
N GLU C 67 -9.68 3.40 9.92
CA GLU C 67 -9.19 2.25 10.65
C GLU C 67 -7.75 1.93 10.24
N CYS C 68 -6.80 2.51 10.97
CA CYS C 68 -5.39 2.27 10.68
C CYS C 68 -4.99 0.87 11.13
N ASP C 69 -4.71 -0.01 10.17
CA ASP C 69 -4.36 -1.39 10.48
C ASP C 69 -3.01 -1.77 9.86
N PHE C 70 -2.63 -3.05 9.99
CA PHE C 70 -1.36 -3.55 9.46
C PHE C 70 -1.22 -3.29 7.97
N GLN C 71 -2.35 -3.35 7.27
CA GLN C 71 -2.39 -3.16 5.82
C GLN C 71 -1.86 -1.79 5.42
N GLU C 72 -2.27 -0.75 6.12
CA GLU C 72 -1.84 0.60 5.79
C GLU C 72 -0.62 1.02 6.61
N PHE C 73 -0.38 0.33 7.72
CA PHE C 73 0.76 0.64 8.59
C PHE C 73 2.08 0.64 7.81
N MET C 74 2.34 -0.45 7.11
CA MET C 74 3.58 -0.56 6.34
C MET C 74 3.50 0.30 5.08
N ALA C 75 2.29 0.52 4.59
CA ALA C 75 2.09 1.36 3.42
C ALA C 75 2.39 2.80 3.77
N PHE C 76 2.09 3.15 5.02
CA PHE C 76 2.33 4.47 5.55
C PHE C 76 3.82 4.77 5.52
N VAL C 77 4.62 3.78 5.92
CA VAL C 77 6.06 3.90 5.91
C VAL C 77 6.57 4.13 4.49
N ALA C 78 5.98 3.38 3.55
CA ALA C 78 6.34 3.51 2.15
C ALA C 78 6.02 4.91 1.64
N MET C 79 4.85 5.40 2.05
CA MET C 79 4.39 6.72 1.65
C MET C 79 5.33 7.82 2.13
N VAL C 80 5.57 7.88 3.43
CA VAL C 80 6.44 8.92 3.99
C VAL C 80 7.86 8.84 3.46
N THR C 81 8.40 7.64 3.32
CA THR C 81 9.75 7.46 2.84
C THR C 81 9.92 7.90 1.38
N THR C 82 8.94 7.55 0.54
CA THR C 82 9.02 7.90 -0.88
C THR C 82 8.53 9.32 -1.16
N ALA C 83 7.36 9.68 -0.62
CA ALA C 83 6.78 11.00 -0.88
C ALA C 83 7.69 12.14 -0.44
N CYS C 84 8.31 12.00 0.73
CA CYS C 84 9.20 13.04 1.24
C CYS C 84 10.47 13.13 0.39
N HIS C 85 10.92 11.97 -0.08
CA HIS C 85 12.13 11.91 -0.91
C HIS C 85 11.85 12.47 -2.29
N GLU C 86 10.74 12.06 -2.88
CA GLU C 86 10.35 12.50 -4.21
C GLU C 86 9.61 13.83 -4.15
N PHE C 87 9.75 14.54 -3.04
CA PHE C 87 9.13 15.85 -2.88
C PHE C 87 9.99 16.90 -3.56
N PHE C 88 11.24 16.51 -3.82
CA PHE C 88 12.22 17.38 -4.45
C PHE C 88 12.05 17.34 -5.97
N GLU C 89 11.17 16.47 -6.45
CA GLU C 89 10.94 16.34 -7.88
C GLU C 89 9.63 15.59 -8.14
N HIS C 90 8.61 16.33 -8.57
CA HIS C 90 7.30 15.75 -8.85
C HIS C 90 6.92 16.03 -10.30
N GLU C 91 6.04 15.23 -10.86
CA GLU C 91 5.59 15.43 -12.22
C GLU C 91 4.64 16.64 -12.27
N ASP D 1 9.26 27.75 -20.98
CA ASP D 1 9.28 29.17 -20.53
C ASP D 1 8.41 29.37 -19.28
N PRO D 2 7.11 29.01 -19.30
CA PRO D 2 6.25 29.17 -18.12
C PRO D 2 6.61 28.14 -17.04
N LYS D 3 6.60 28.58 -15.79
CA LYS D 3 6.93 27.72 -14.67
C LYS D 3 5.76 27.61 -13.71
N ARG D 4 5.71 26.51 -12.99
CA ARG D 4 4.66 26.26 -12.00
C ARG D 4 5.29 26.05 -10.64
N LEU D 5 5.17 27.06 -9.77
CA LEU D 5 5.75 27.01 -8.44
C LEU D 5 5.04 25.99 -7.56
N TYR D 6 5.74 24.90 -7.27
CA TYR D 6 5.24 23.82 -6.43
C TYR D 6 5.76 23.98 -5.01
N CYS D 7 4.85 24.21 -4.08
CA CYS D 7 5.24 24.40 -2.68
C CYS D 7 5.29 23.07 -1.93
N LYS D 8 6.28 22.93 -1.05
CA LYS D 8 6.43 21.71 -0.25
C LYS D 8 5.41 21.69 0.89
N ASN D 9 4.62 22.75 0.99
CA ASN D 9 3.61 22.87 2.03
C ASN D 9 2.27 22.37 1.51
N GLY D 10 2.07 21.06 1.58
CA GLY D 10 0.83 20.48 1.12
C GLY D 10 0.88 20.03 -0.32
N GLY D 11 1.83 20.57 -1.06
CA GLY D 11 1.97 20.22 -2.47
C GLY D 11 0.99 20.98 -3.34
N PHE D 12 1.01 22.30 -3.20
CA PHE D 12 0.13 23.17 -3.97
C PHE D 12 0.91 24.05 -4.92
N PHE D 13 0.33 24.34 -6.06
CA PHE D 13 0.95 25.20 -7.06
C PHE D 13 0.40 26.61 -6.91
N LEU D 14 1.27 27.60 -7.08
CA LEU D 14 0.87 29.00 -6.97
C LEU D 14 -0.04 29.36 -8.15
N ARG D 15 -1.31 29.58 -7.85
CA ARG D 15 -2.29 29.90 -8.88
C ARG D 15 -2.73 31.36 -8.80
N ILE D 16 -2.56 32.08 -9.90
CA ILE D 16 -2.96 33.48 -9.97
C ILE D 16 -4.25 33.62 -10.75
N HIS D 17 -5.22 34.32 -10.18
CA HIS D 17 -6.51 34.51 -10.83
C HIS D 17 -6.56 35.84 -11.56
N PRO D 18 -7.33 35.93 -12.67
CA PRO D 18 -7.45 37.16 -13.46
C PRO D 18 -8.12 38.31 -12.69
N ASP D 19 -8.73 37.99 -11.56
CA ASP D 19 -9.40 39.00 -10.74
C ASP D 19 -8.43 39.64 -9.75
N GLY D 20 -7.28 39.01 -9.57
CA GLY D 20 -6.29 39.55 -8.66
C GLY D 20 -6.05 38.66 -7.45
N ARG D 21 -6.86 37.60 -7.33
CA ARG D 21 -6.74 36.68 -6.21
C ARG D 21 -5.65 35.64 -6.47
N VAL D 22 -5.00 35.21 -5.39
CA VAL D 22 -3.93 34.22 -5.49
C VAL D 22 -4.21 33.09 -4.50
N ASP D 23 -4.12 31.85 -4.97
CA ASP D 23 -4.35 30.69 -4.13
C ASP D 23 -3.45 29.54 -4.54
N GLY D 24 -3.69 28.36 -3.98
CA GLY D 24 -2.87 27.21 -4.31
C GLY D 24 -3.71 25.99 -4.63
N VAL D 25 -3.47 25.40 -5.79
CA VAL D 25 -4.22 24.22 -6.20
C VAL D 25 -3.27 23.04 -6.45
N ARG D 26 -3.78 21.83 -6.29
CA ARG D 26 -2.97 20.62 -6.49
C ARG D 26 -3.09 20.13 -7.93
N GLU D 27 -4.16 20.53 -8.59
CA GLU D 27 -4.41 20.12 -9.98
C GLU D 27 -3.48 20.87 -10.92
N LYS D 28 -2.58 20.12 -11.55
CA LYS D 28 -1.61 20.70 -12.49
C LYS D 28 -2.25 20.91 -13.86
N SER D 29 -3.54 20.69 -13.95
CA SER D 29 -4.28 20.86 -15.20
C SER D 29 -4.82 22.28 -15.32
N ASP D 30 -4.72 23.04 -14.24
CA ASP D 30 -5.21 24.42 -14.22
C ASP D 30 -4.23 25.30 -14.99
N PRO D 31 -4.73 26.06 -15.98
CA PRO D 31 -3.89 26.94 -16.79
C PRO D 31 -3.42 28.19 -16.04
N HIS D 32 -4.00 28.44 -14.87
CA HIS D 32 -3.65 29.65 -14.10
C HIS D 32 -2.43 29.41 -13.20
N ILE D 33 -1.88 28.21 -13.23
CA ILE D 33 -0.71 27.89 -12.42
C ILE D 33 0.56 28.15 -13.22
N LYS D 34 0.38 28.58 -14.46
CA LYS D 34 1.51 28.87 -15.34
C LYS D 34 1.95 30.32 -15.12
N LEU D 35 3.08 30.46 -14.44
CA LEU D 35 3.62 31.77 -14.14
C LEU D 35 4.88 32.04 -14.96
N GLN D 36 5.04 33.30 -15.34
CA GLN D 36 6.20 33.71 -16.10
C GLN D 36 7.09 34.58 -15.23
N LEU D 37 8.26 34.05 -14.90
CA LEU D 37 9.21 34.77 -14.06
C LEU D 37 10.19 35.58 -14.90
N GLN D 38 10.05 36.89 -14.83
CA GLN D 38 10.92 37.80 -15.57
C GLN D 38 12.01 38.34 -14.65
N ALA D 39 13.25 38.24 -15.10
CA ALA D 39 14.38 38.71 -14.32
C ALA D 39 14.66 40.19 -14.57
N GLU D 40 14.53 40.98 -13.53
CA GLU D 40 14.77 42.41 -13.61
C GLU D 40 16.22 42.71 -13.27
N GLU D 41 16.65 42.23 -12.12
CA GLU D 41 18.01 42.41 -11.64
C GLU D 41 18.57 41.05 -11.21
N ARG D 42 19.87 40.99 -10.98
CA ARG D 42 20.51 39.74 -10.56
C ARG D 42 19.90 39.23 -9.26
N GLY D 43 19.05 38.21 -9.37
CA GLY D 43 18.41 37.63 -8.22
C GLY D 43 17.01 38.17 -7.98
N VAL D 44 16.61 39.14 -8.78
CA VAL D 44 15.29 39.74 -8.67
C VAL D 44 14.39 39.32 -9.82
N VAL D 45 13.30 38.66 -9.51
CA VAL D 45 12.38 38.20 -10.54
C VAL D 45 10.96 38.71 -10.28
N SER D 46 10.20 38.85 -11.35
CA SER D 46 8.82 39.30 -11.26
C SER D 46 7.89 38.19 -11.74
N ILE D 47 7.02 37.74 -10.86
CA ILE D 47 6.10 36.65 -11.18
C ILE D 47 4.82 37.19 -11.82
N LYS D 48 4.60 36.84 -13.08
CA LYS D 48 3.41 37.27 -13.80
C LYS D 48 2.59 36.06 -14.24
N GLY D 49 1.30 36.08 -13.94
CA GLY D 49 0.43 34.99 -14.34
C GLY D 49 0.12 35.04 -15.81
N VAL D 50 0.43 33.96 -16.53
CA VAL D 50 0.20 33.90 -17.97
C VAL D 50 -1.27 34.07 -18.34
N SER D 51 -2.15 33.30 -17.70
CA SER D 51 -3.57 33.37 -17.99
C SER D 51 -4.26 34.43 -17.11
N ALA D 52 -3.50 35.41 -16.68
CA ALA D 52 -4.03 36.46 -15.83
C ALA D 52 -3.54 37.83 -16.27
N ASN D 53 -2.28 37.88 -16.72
CA ASN D 53 -1.65 39.13 -17.17
C ASN D 53 -1.49 40.07 -16.00
N ARG D 54 -1.31 39.49 -14.82
CA ARG D 54 -1.15 40.24 -13.60
C ARG D 54 0.14 39.82 -12.89
N TYR D 55 0.78 40.76 -12.23
CA TYR D 55 2.01 40.51 -11.52
C TYR D 55 1.74 40.29 -10.03
N LEU D 56 2.49 39.39 -9.43
CA LEU D 56 2.33 39.09 -8.01
C LEU D 56 2.93 40.23 -7.17
N ALA D 57 2.15 40.73 -6.24
CA ALA D 57 2.60 41.82 -5.39
C ALA D 57 2.21 41.61 -3.94
N MET D 58 3.05 42.10 -3.04
CA MET D 58 2.80 41.99 -1.61
C MET D 58 2.60 43.39 -1.03
N LYS D 59 1.56 43.56 -0.22
CA LYS D 59 1.27 44.86 0.36
C LYS D 59 1.85 45.00 1.77
N GLU D 60 1.64 46.18 2.36
CA GLU D 60 2.15 46.51 3.68
C GLU D 60 1.44 45.72 4.79
N ASP D 61 0.29 45.14 4.47
CA ASP D 61 -0.46 44.38 5.46
C ASP D 61 -0.10 42.89 5.35
N GLY D 62 0.86 42.59 4.49
CA GLY D 62 1.29 41.22 4.29
C GLY D 62 0.38 40.47 3.35
N ARG D 63 -0.46 41.21 2.63
CA ARG D 63 -1.39 40.61 1.69
C ARG D 63 -0.71 40.28 0.37
N LEU D 64 -1.09 39.16 -0.21
CA LEU D 64 -0.53 38.71 -1.48
C LEU D 64 -1.63 38.78 -2.54
N LEU D 65 -1.41 39.59 -3.55
CA LEU D 65 -2.39 39.74 -4.62
C LEU D 65 -1.70 39.94 -5.96
N ALA D 66 -2.50 39.98 -7.01
CA ALA D 66 -1.97 40.18 -8.36
C ALA D 66 -2.45 41.50 -8.93
N SER D 67 -1.50 42.37 -9.28
CA SER D 67 -1.83 43.67 -9.83
C SER D 67 -1.50 43.72 -11.32
N LYS D 68 -2.23 44.55 -12.06
CA LYS D 68 -2.01 44.69 -13.49
C LYS D 68 -0.90 45.70 -13.76
N SER D 69 -0.51 46.42 -12.72
CA SER D 69 0.55 47.40 -12.80
C SER D 69 1.79 46.90 -12.09
N VAL D 70 2.94 46.99 -12.75
CA VAL D 70 4.19 46.51 -12.18
C VAL D 70 4.80 47.55 -11.24
N THR D 71 4.53 47.39 -9.95
CA THR D 71 5.06 48.29 -8.95
C THR D 71 6.31 47.69 -8.32
N ASP D 72 6.90 48.43 -7.39
CA ASP D 72 8.09 47.99 -6.69
C ASP D 72 7.76 46.83 -5.75
N GLU D 73 6.48 46.62 -5.51
CA GLU D 73 6.00 45.55 -4.64
C GLU D 73 5.86 44.24 -5.42
N CYS D 74 6.07 44.31 -6.73
CA CYS D 74 5.94 43.14 -7.59
C CYS D 74 7.31 42.51 -7.88
N PHE D 75 8.32 42.91 -7.12
CA PHE D 75 9.66 42.38 -7.31
C PHE D 75 10.10 41.57 -6.10
N PHE D 76 10.51 40.34 -6.34
CA PHE D 76 10.93 39.47 -5.26
C PHE D 76 12.32 38.88 -5.53
N PHE D 77 13.05 38.61 -4.46
CA PHE D 77 14.38 38.02 -4.55
C PHE D 77 14.27 36.50 -4.57
N GLU D 78 14.81 35.90 -5.61
CA GLU D 78 14.76 34.44 -5.74
C GLU D 78 16.11 33.84 -5.31
N ARG D 79 16.10 33.12 -4.21
CA ARG D 79 17.30 32.49 -3.70
C ARG D 79 17.17 30.99 -3.67
N LEU D 80 18.24 30.30 -4.04
CA LEU D 80 18.24 28.85 -4.03
C LEU D 80 18.71 28.35 -2.67
N GLU D 81 17.81 27.69 -1.95
CA GLU D 81 18.13 27.17 -0.63
C GLU D 81 18.99 25.91 -0.74
N SER D 82 19.45 25.43 0.40
CA SER D 82 20.28 24.25 0.46
C SER D 82 19.45 22.97 0.37
N ASN D 83 18.19 23.11 0.00
CA ASN D 83 17.28 21.97 -0.12
C ASN D 83 16.70 21.88 -1.52
N ASN D 84 17.36 22.54 -2.48
CA ASN D 84 16.95 22.54 -3.89
C ASN D 84 15.65 23.30 -4.11
N TYR D 85 15.24 24.09 -3.12
CA TYR D 85 14.02 24.89 -3.25
C TYR D 85 14.37 26.36 -3.42
N ASN D 86 13.46 27.12 -4.01
CA ASN D 86 13.67 28.54 -4.24
C ASN D 86 12.81 29.38 -3.32
N THR D 87 13.43 30.35 -2.67
CA THR D 87 12.72 31.24 -1.78
C THR D 87 12.49 32.59 -2.46
N TYR D 88 11.39 33.25 -2.11
CA TYR D 88 11.06 34.54 -2.70
C TYR D 88 10.80 35.58 -1.62
N ARG D 89 11.72 36.53 -1.48
CA ARG D 89 11.61 37.59 -0.49
C ARG D 89 11.26 38.91 -1.17
N SER D 90 10.35 39.67 -0.56
CA SER D 90 9.95 40.95 -1.11
C SER D 90 11.09 41.96 -1.09
N ARG D 91 11.18 42.79 -2.12
CA ARG D 91 12.23 43.80 -2.20
C ARG D 91 11.89 44.99 -1.31
N LYS D 92 10.61 45.33 -1.28
CA LYS D 92 10.14 46.45 -0.47
C LYS D 92 10.08 46.04 0.99
N TYR D 93 9.65 44.81 1.23
CA TYR D 93 9.56 44.28 2.58
C TYR D 93 10.54 43.12 2.72
N THR D 94 11.80 43.46 2.96
CA THR D 94 12.87 42.49 3.10
C THR D 94 12.78 41.69 4.41
N SER D 95 11.57 41.31 4.78
CA SER D 95 11.35 40.53 5.99
C SER D 95 10.22 39.53 5.76
N TRP D 96 9.49 39.73 4.67
CA TRP D 96 8.37 38.87 4.35
C TRP D 96 8.68 38.06 3.10
N TYR D 97 8.24 36.82 3.09
CA TYR D 97 8.46 35.92 1.97
C TYR D 97 7.13 35.44 1.41
N VAL D 98 7.14 35.01 0.15
CA VAL D 98 5.94 34.49 -0.46
C VAL D 98 5.69 33.09 0.07
N ALA D 99 4.51 32.85 0.62
CA ALA D 99 4.22 31.55 1.19
C ALA D 99 2.77 31.13 0.97
N LEU D 100 2.55 29.83 1.01
CA LEU D 100 1.22 29.26 0.83
C LEU D 100 0.87 28.41 2.04
N LYS D 101 -0.40 28.05 2.15
CA LYS D 101 -0.87 27.23 3.26
C LYS D 101 -1.34 25.88 2.73
N ARG D 102 -1.31 24.87 3.60
CA ARG D 102 -1.71 23.51 3.22
C ARG D 102 -3.23 23.41 2.99
N THR D 103 -3.92 24.53 3.13
CA THR D 103 -5.36 24.58 2.93
C THR D 103 -5.72 25.08 1.53
N GLY D 104 -4.72 25.33 0.71
CA GLY D 104 -4.96 25.81 -0.65
C GLY D 104 -5.08 27.31 -0.72
N GLN D 105 -4.69 27.99 0.36
CA GLN D 105 -4.74 29.44 0.40
C GLN D 105 -3.35 29.99 0.63
N TYR D 106 -3.18 31.29 0.41
CA TYR D 106 -1.87 31.92 0.61
C TYR D 106 -1.63 32.21 2.08
N LYS D 107 -0.38 32.40 2.45
CA LYS D 107 -0.02 32.69 3.83
C LYS D 107 0.40 34.16 3.94
N LEU D 108 -0.12 34.83 4.97
CA LEU D 108 0.20 36.24 5.19
C LEU D 108 1.70 36.44 5.33
N GLY D 109 2.23 37.40 4.58
CA GLY D 109 3.65 37.69 4.60
C GLY D 109 4.17 38.02 5.98
N SER D 110 3.36 38.71 6.77
CA SER D 110 3.74 39.09 8.13
C SER D 110 3.96 37.86 9.02
N LYS D 111 3.46 36.71 8.56
CA LYS D 111 3.60 35.48 9.33
C LYS D 111 4.59 34.52 8.67
N THR D 112 5.43 35.04 7.79
CA THR D 112 6.42 34.23 7.10
C THR D 112 7.81 34.44 7.69
N GLY D 113 8.71 33.51 7.43
CA GLY D 113 10.06 33.61 7.92
C GLY D 113 10.91 32.47 7.43
N PRO D 114 12.24 32.62 7.44
CA PRO D 114 13.18 31.57 6.98
C PRO D 114 13.06 30.31 7.83
N GLY D 115 12.89 29.17 7.16
CA GLY D 115 12.76 27.90 7.86
C GLY D 115 11.39 27.29 7.69
N GLN D 116 10.41 28.11 7.34
CA GLN D 116 9.05 27.63 7.14
C GLN D 116 8.93 26.81 5.86
N LYS D 117 8.07 25.81 5.87
CA LYS D 117 7.86 24.96 4.71
C LYS D 117 7.05 25.69 3.65
N ALA D 118 6.36 26.73 4.09
CA ALA D 118 5.50 27.51 3.21
C ALA D 118 6.29 28.35 2.22
N ILE D 119 7.56 28.61 2.51
CA ILE D 119 8.39 29.42 1.62
C ILE D 119 9.27 28.56 0.72
N LEU D 120 9.02 27.26 0.73
CA LEU D 120 9.80 26.33 -0.09
C LEU D 120 9.06 26.05 -1.40
N PHE D 121 9.50 26.71 -2.46
CA PHE D 121 8.88 26.53 -3.77
C PHE D 121 9.82 25.87 -4.76
N LEU D 122 9.27 24.99 -5.57
CA LEU D 122 10.02 24.28 -6.60
C LEU D 122 9.56 24.76 -7.97
N PRO D 123 10.42 25.44 -8.74
CA PRO D 123 10.07 25.95 -10.06
C PRO D 123 10.01 24.85 -11.12
N MET D 124 8.94 24.08 -11.10
CA MET D 124 8.76 23.00 -12.05
C MET D 124 8.32 23.56 -13.40
N SER D 125 8.74 22.92 -14.48
CA SER D 125 8.39 23.37 -15.82
C SER D 125 7.00 22.90 -16.22
N ALA D 126 6.40 23.59 -17.18
CA ALA D 126 5.07 23.25 -17.66
C ALA D 126 5.10 22.95 -19.15
N ASP A 1 -25.08 -24.58 8.46
CA ASP A 1 -24.81 -26.01 8.19
C ASP A 1 -23.85 -26.18 7.00
N PRO A 2 -24.17 -25.63 5.80
CA PRO A 2 -23.28 -25.74 4.65
C PRO A 2 -21.99 -24.94 4.85
N LYS A 3 -20.88 -25.49 4.39
CA LYS A 3 -19.60 -24.81 4.54
C LYS A 3 -18.80 -24.83 3.25
N ARG A 4 -17.82 -23.94 3.17
CA ARG A 4 -16.97 -23.83 2.00
C ARG A 4 -15.53 -24.21 2.39
N LEU A 5 -15.01 -25.25 1.77
CA LEU A 5 -13.67 -25.72 2.07
C LEU A 5 -12.62 -24.80 1.44
N TYR A 6 -11.96 -24.02 2.28
CA TYR A 6 -10.94 -23.09 1.84
C TYR A 6 -9.56 -23.75 1.91
N CYS A 7 -8.90 -23.87 0.78
CA CYS A 7 -7.58 -24.48 0.73
C CYS A 7 -6.51 -23.42 1.00
N LYS A 8 -5.53 -23.78 1.83
CA LYS A 8 -4.45 -22.86 2.18
C LYS A 8 -3.53 -22.64 1.00
N ASN A 9 -3.44 -23.63 0.13
CA ASN A 9 -2.56 -23.54 -1.03
C ASN A 9 -3.25 -22.86 -2.21
N GLY A 10 -3.04 -21.56 -2.33
CA GLY A 10 -3.63 -20.81 -3.43
C GLY A 10 -4.83 -20.01 -3.00
N GLY A 11 -5.51 -20.47 -1.96
CA GLY A 11 -6.67 -19.77 -1.47
C GLY A 11 -7.88 -20.00 -2.36
N PHE A 12 -8.20 -21.26 -2.58
CA PHE A 12 -9.33 -21.62 -3.42
C PHE A 12 -10.35 -22.42 -2.62
N PHE A 13 -11.61 -22.32 -3.02
CA PHE A 13 -12.68 -23.05 -2.38
C PHE A 13 -13.03 -24.27 -3.20
N LEU A 14 -13.24 -25.41 -2.55
CA LEU A 14 -13.59 -26.64 -3.25
C LEU A 14 -14.98 -26.48 -3.88
N ARG A 15 -15.00 -26.39 -5.20
CA ARG A 15 -16.24 -26.21 -5.93
C ARG A 15 -16.65 -27.49 -6.67
N ILE A 16 -17.83 -28.00 -6.33
CA ILE A 16 -18.34 -29.20 -6.97
C ILE A 16 -19.34 -28.81 -8.06
N HIS A 17 -19.16 -29.37 -9.25
CA HIS A 17 -20.03 -29.07 -10.37
C HIS A 17 -21.10 -30.15 -10.51
N PRO A 18 -22.32 -29.78 -10.94
CA PRO A 18 -23.43 -30.72 -11.12
C PRO A 18 -23.15 -31.77 -12.19
N ASP A 19 -22.16 -31.50 -13.03
CA ASP A 19 -21.78 -32.42 -14.10
C ASP A 19 -20.92 -33.56 -13.57
N GLY A 20 -20.31 -33.34 -12.41
CA GLY A 20 -19.47 -34.35 -11.80
C GLY A 20 -18.04 -33.92 -11.62
N ARG A 21 -17.69 -32.77 -12.18
CA ARG A 21 -16.32 -32.26 -12.07
C ARG A 21 -16.14 -31.42 -10.82
N VAL A 22 -14.91 -31.34 -10.34
CA VAL A 22 -14.58 -30.56 -9.16
C VAL A 22 -13.34 -29.71 -9.41
N ASP A 23 -13.40 -28.44 -9.00
CA ASP A 23 -12.28 -27.53 -9.19
C ASP A 23 -12.21 -26.53 -8.03
N GLY A 24 -11.34 -25.54 -8.15
CA GLY A 24 -11.20 -24.56 -7.09
C GLY A 24 -11.42 -23.13 -7.58
N VAL A 25 -12.34 -22.43 -6.95
CA VAL A 25 -12.64 -21.06 -7.32
C VAL A 25 -12.33 -20.12 -6.15
N ARG A 26 -12.05 -18.87 -6.46
CA ARG A 26 -11.72 -17.89 -5.42
C ARG A 26 -12.93 -17.01 -5.11
N GLU A 27 -13.97 -17.16 -5.90
CA GLU A 27 -15.19 -16.37 -5.72
C GLU A 27 -16.14 -17.04 -4.73
N LYS A 28 -16.45 -16.33 -3.66
CA LYS A 28 -17.36 -16.84 -2.65
C LYS A 28 -18.82 -16.61 -3.07
N SER A 29 -18.99 -16.01 -4.24
CA SER A 29 -20.30 -15.73 -4.78
C SER A 29 -20.88 -16.96 -5.50
N ASP A 30 -20.04 -17.98 -5.66
CA ASP A 30 -20.45 -19.22 -6.32
C ASP A 30 -21.12 -20.13 -5.30
N PRO A 31 -22.37 -20.54 -5.57
CA PRO A 31 -23.12 -21.41 -4.65
C PRO A 31 -22.67 -22.86 -4.71
N HIS A 32 -21.79 -23.18 -5.65
CA HIS A 32 -21.30 -24.55 -5.81
C HIS A 32 -20.18 -24.86 -4.83
N ILE A 33 -19.78 -23.85 -4.05
CA ILE A 33 -18.74 -24.04 -3.06
C ILE A 33 -19.35 -24.41 -1.72
N LYS A 34 -20.68 -24.37 -1.66
CA LYS A 34 -21.40 -24.72 -0.44
C LYS A 34 -21.53 -26.23 -0.36
N LEU A 35 -20.69 -26.83 0.47
CA LEU A 35 -20.69 -28.27 0.64
C LEU A 35 -21.20 -28.65 2.02
N GLN A 36 -21.68 -29.87 2.14
CA GLN A 36 -22.21 -30.38 3.40
C GLN A 36 -21.31 -31.49 3.90
N LEU A 37 -20.95 -31.42 5.18
CA LEU A 37 -20.10 -32.43 5.78
C LEU A 37 -20.92 -33.43 6.58
N GLN A 38 -21.20 -34.57 5.96
CA GLN A 38 -21.97 -35.62 6.61
C GLN A 38 -21.04 -36.53 7.40
N ALA A 39 -21.39 -36.80 8.65
CA ALA A 39 -20.57 -37.65 9.49
C ALA A 39 -21.11 -39.08 9.52
N GLU A 40 -20.29 -40.03 9.11
CA GLU A 40 -20.68 -41.43 9.10
C GLU A 40 -20.19 -42.10 10.38
N GLU A 41 -18.92 -41.94 10.66
CA GLU A 41 -18.33 -42.52 11.85
C GLU A 41 -17.43 -41.50 12.53
N ARG A 42 -16.99 -41.83 13.74
CA ARG A 42 -16.12 -40.95 14.51
C ARG A 42 -14.81 -40.72 13.76
N GLY A 43 -14.70 -39.57 13.09
CA GLY A 43 -13.51 -39.26 12.36
C GLY A 43 -13.67 -39.48 10.86
N VAL A 44 -14.87 -39.87 10.44
CA VAL A 44 -15.15 -40.13 9.03
C VAL A 44 -16.29 -39.23 8.54
N VAL A 45 -16.00 -38.43 7.53
CA VAL A 45 -16.99 -37.52 6.97
C VAL A 45 -17.12 -37.68 5.46
N SER A 46 -18.27 -37.31 4.95
CA SER A 46 -18.56 -37.38 3.52
C SER A 46 -18.87 -35.97 3.01
N ILE A 47 -18.21 -35.58 1.93
CA ILE A 47 -18.40 -34.26 1.36
C ILE A 47 -19.45 -34.29 0.25
N LYS A 48 -20.56 -33.58 0.48
CA LYS A 48 -21.65 -33.53 -0.49
C LYS A 48 -21.87 -32.09 -0.96
N GLY A 49 -21.95 -31.90 -2.26
CA GLY A 49 -22.18 -30.58 -2.80
C GLY A 49 -23.65 -30.19 -2.74
N VAL A 50 -23.97 -29.13 -2.01
CA VAL A 50 -25.35 -28.67 -1.86
C VAL A 50 -25.92 -28.26 -3.21
N SER A 51 -25.18 -27.44 -3.94
CA SER A 51 -25.62 -26.95 -5.23
C SER A 51 -25.14 -27.90 -6.34
N ALA A 52 -25.30 -29.19 -6.11
CA ALA A 52 -24.89 -30.21 -7.07
C ALA A 52 -25.57 -31.54 -6.80
N ASN A 53 -25.79 -31.83 -5.51
CA ASN A 53 -26.44 -33.07 -5.08
C ASN A 53 -25.55 -34.27 -5.42
N ARG A 54 -24.24 -34.05 -5.33
CA ARG A 54 -23.27 -35.09 -5.62
C ARG A 54 -22.25 -35.19 -4.49
N TYR A 55 -21.72 -36.38 -4.28
CA TYR A 55 -20.75 -36.61 -3.22
C TYR A 55 -19.35 -36.69 -3.79
N LEU A 56 -18.38 -36.17 -3.06
CA LEU A 56 -17.00 -36.19 -3.50
C LEU A 56 -16.42 -37.60 -3.36
N ALA A 57 -15.80 -38.09 -4.42
CA ALA A 57 -15.21 -39.42 -4.40
C ALA A 57 -13.87 -39.44 -5.13
N MET A 58 -12.98 -40.32 -4.66
CA MET A 58 -11.66 -40.46 -5.26
C MET A 58 -11.57 -41.82 -5.96
N LYS A 59 -11.01 -41.85 -7.16
CA LYS A 59 -10.89 -43.10 -7.90
C LYS A 59 -9.56 -43.78 -7.62
N GLU A 60 -9.44 -45.02 -8.10
CA GLU A 60 -8.23 -45.82 -7.89
C GLU A 60 -7.01 -45.24 -8.59
N ASP A 61 -7.23 -44.30 -9.49
CA ASP A 61 -6.14 -43.66 -10.21
C ASP A 61 -5.70 -42.38 -9.51
N GLY A 62 -6.51 -41.94 -8.56
CA GLY A 62 -6.21 -40.73 -7.82
C GLY A 62 -7.03 -39.54 -8.28
N ARG A 63 -7.96 -39.78 -9.20
CA ARG A 63 -8.80 -38.71 -9.70
C ARG A 63 -9.85 -38.31 -8.67
N LEU A 64 -10.28 -37.07 -8.73
CA LEU A 64 -11.28 -36.55 -7.82
C LEU A 64 -12.51 -36.10 -8.61
N LEU A 65 -13.66 -36.67 -8.29
CA LEU A 65 -14.89 -36.33 -8.99
C LEU A 65 -16.08 -36.39 -8.04
N ALA A 66 -17.25 -36.03 -8.55
CA ALA A 66 -18.46 -36.05 -7.75
C ALA A 66 -19.40 -37.16 -8.23
N SER A 67 -19.62 -38.14 -7.37
CA SER A 67 -20.49 -39.26 -7.68
C SER A 67 -21.88 -39.03 -7.07
N LYS A 68 -22.91 -39.51 -7.73
CA LYS A 68 -24.27 -39.37 -7.23
C LYS A 68 -24.55 -40.47 -6.22
N SER A 69 -23.84 -41.58 -6.36
CA SER A 69 -23.99 -42.70 -5.46
C SER A 69 -22.91 -42.66 -4.38
N VAL A 70 -23.30 -42.90 -3.15
CA VAL A 70 -22.37 -42.87 -2.03
C VAL A 70 -21.58 -44.18 -1.94
N THR A 71 -20.40 -44.20 -2.54
CA THR A 71 -19.56 -45.38 -2.52
C THR A 71 -18.60 -45.32 -1.34
N ASP A 72 -17.79 -46.36 -1.18
CA ASP A 72 -16.83 -46.40 -0.08
C ASP A 72 -15.66 -45.45 -0.33
N GLU A 73 -15.69 -44.80 -1.48
CA GLU A 73 -14.66 -43.84 -1.86
C GLU A 73 -15.06 -42.42 -1.48
N CYS A 74 -16.33 -42.25 -1.10
CA CYS A 74 -16.86 -40.94 -0.73
C CYS A 74 -16.64 -40.64 0.75
N PHE A 75 -16.02 -41.58 1.45
CA PHE A 75 -15.78 -41.41 2.87
C PHE A 75 -14.34 -40.97 3.11
N PHE A 76 -14.20 -39.81 3.73
CA PHE A 76 -12.88 -39.25 4.03
C PHE A 76 -12.70 -39.07 5.52
N PHE A 77 -11.46 -39.16 5.96
CA PHE A 77 -11.13 -39.01 7.37
C PHE A 77 -11.01 -37.53 7.72
N GLU A 78 -11.54 -37.17 8.87
CA GLU A 78 -11.51 -35.79 9.35
C GLU A 78 -10.38 -35.64 10.36
N ARG A 79 -9.22 -35.20 9.90
CA ARG A 79 -8.07 -35.02 10.78
C ARG A 79 -7.71 -33.54 10.89
N LEU A 80 -7.47 -33.10 12.11
CA LEU A 80 -7.10 -31.71 12.37
C LEU A 80 -5.61 -31.61 12.61
N GLU A 81 -4.94 -30.75 11.85
CA GLU A 81 -3.51 -30.56 11.98
C GLU A 81 -3.20 -29.57 13.12
N SER A 82 -1.93 -29.39 13.42
CA SER A 82 -1.50 -28.49 14.48
C SER A 82 -1.60 -27.02 14.02
N ASN A 83 -1.89 -26.83 12.74
CA ASN A 83 -2.00 -25.48 12.18
C ASN A 83 -3.46 -25.05 12.07
N ASN A 84 -4.34 -25.78 12.76
CA ASN A 84 -5.77 -25.50 12.80
C ASN A 84 -6.47 -25.85 11.49
N TYR A 85 -5.76 -26.51 10.58
CA TYR A 85 -6.36 -26.91 9.31
C TYR A 85 -6.81 -28.35 9.37
N ASN A 86 -7.71 -28.73 8.46
CA ASN A 86 -8.23 -30.09 8.43
C ASN A 86 -7.79 -30.81 7.15
N THR A 87 -7.30 -32.02 7.30
CA THR A 87 -6.86 -32.81 6.17
C THR A 87 -7.92 -33.85 5.81
N TYR A 88 -8.10 -34.08 4.52
CA TYR A 88 -9.10 -35.04 4.05
C TYR A 88 -8.42 -36.22 3.36
N ARG A 89 -8.53 -37.40 3.96
CA ARG A 89 -7.95 -38.62 3.41
C ARG A 89 -9.03 -39.65 3.18
N SER A 90 -9.00 -40.30 2.03
CA SER A 90 -10.01 -41.30 1.71
C SER A 90 -9.84 -42.55 2.58
N ARG A 91 -10.96 -43.16 2.95
CA ARG A 91 -10.94 -44.37 3.77
C ARG A 91 -10.51 -45.56 2.91
N LYS A 92 -10.74 -45.45 1.61
CA LYS A 92 -10.39 -46.49 0.66
C LYS A 92 -8.91 -46.34 0.26
N TYR A 93 -8.45 -45.11 0.25
CA TYR A 93 -7.07 -44.81 -0.11
C TYR A 93 -6.40 -44.07 1.05
N THR A 94 -5.87 -44.83 1.99
CA THR A 94 -5.23 -44.27 3.18
C THR A 94 -3.87 -43.64 2.90
N SER A 95 -3.40 -43.71 1.67
CA SER A 95 -2.11 -43.12 1.32
C SER A 95 -2.28 -41.88 0.47
N TRP A 96 -3.53 -41.57 0.11
CA TRP A 96 -3.81 -40.40 -0.72
C TRP A 96 -4.68 -39.39 0.02
N TYR A 97 -4.50 -38.13 -0.30
CA TYR A 97 -5.26 -37.05 0.34
C TYR A 97 -5.89 -36.17 -0.73
N VAL A 98 -6.87 -35.37 -0.31
CA VAL A 98 -7.54 -34.44 -1.22
C VAL A 98 -6.77 -33.13 -1.24
N ALA A 99 -6.43 -32.64 -2.43
CA ALA A 99 -5.68 -31.40 -2.54
C ALA A 99 -6.07 -30.60 -3.78
N LEU A 100 -5.75 -29.32 -3.75
CA LEU A 100 -6.03 -28.42 -4.87
C LEU A 100 -4.73 -27.85 -5.41
N LYS A 101 -4.71 -27.57 -6.70
CA LYS A 101 -3.52 -27.01 -7.33
C LYS A 101 -3.58 -25.50 -7.37
N ARG A 102 -2.41 -24.88 -7.51
CA ARG A 102 -2.27 -23.43 -7.56
C ARG A 102 -3.08 -22.83 -8.71
N THR A 103 -3.28 -23.61 -9.75
CA THR A 103 -4.01 -23.17 -10.93
C THR A 103 -5.53 -23.23 -10.72
N GLY A 104 -5.95 -23.55 -9.49
CA GLY A 104 -7.37 -23.62 -9.18
C GLY A 104 -8.01 -24.89 -9.71
N GLN A 105 -7.21 -25.93 -9.87
CA GLN A 105 -7.72 -27.19 -10.37
C GLN A 105 -7.45 -28.30 -9.35
N TYR A 106 -8.23 -29.36 -9.42
CA TYR A 106 -8.07 -30.47 -8.48
C TYR A 106 -6.73 -31.16 -8.70
N LYS A 107 -6.14 -31.67 -7.63
CA LYS A 107 -4.88 -32.36 -7.72
C LYS A 107 -5.07 -33.85 -7.60
N LEU A 108 -4.30 -34.61 -8.35
CA LEU A 108 -4.40 -36.06 -8.30
C LEU A 108 -3.93 -36.58 -6.96
N GLY A 109 -4.78 -37.38 -6.32
CA GLY A 109 -4.45 -37.94 -5.02
C GLY A 109 -3.18 -38.76 -5.05
N SER A 110 -2.86 -39.31 -6.21
CA SER A 110 -1.67 -40.13 -6.38
C SER A 110 -0.40 -39.29 -6.25
N LYS A 111 -0.56 -37.96 -6.21
CA LYS A 111 0.57 -37.06 -6.09
C LYS A 111 0.49 -36.23 -4.80
N THR A 112 -0.25 -36.74 -3.82
CA THR A 112 -0.41 -36.04 -2.55
C THR A 112 0.42 -36.71 -1.45
N GLY A 113 0.34 -36.16 -0.24
CA GLY A 113 1.09 -36.72 0.87
C GLY A 113 1.15 -35.76 2.04
N PRO A 114 1.47 -36.26 3.25
CA PRO A 114 1.55 -35.43 4.46
C PRO A 114 2.69 -34.42 4.38
N GLY A 115 2.34 -33.15 4.48
CA GLY A 115 3.34 -32.11 4.41
C GLY A 115 3.02 -31.10 3.32
N GLN A 116 2.22 -31.52 2.36
CA GLN A 116 1.83 -30.64 1.28
C GLN A 116 0.81 -29.62 1.78
N LYS A 117 1.10 -28.34 1.58
CA LYS A 117 0.22 -27.26 2.01
C LYS A 117 -1.09 -27.24 1.20
N ALA A 118 -1.21 -28.14 0.24
CA ALA A 118 -2.38 -28.22 -0.61
C ALA A 118 -3.48 -29.09 -0.01
N ILE A 119 -3.12 -29.92 0.97
CA ILE A 119 -4.10 -30.80 1.60
C ILE A 119 -4.69 -30.16 2.85
N LEU A 120 -4.29 -28.92 3.10
CA LEU A 120 -4.77 -28.19 4.25
C LEU A 120 -6.03 -27.40 3.89
N PHE A 121 -7.18 -27.89 4.35
CA PHE A 121 -8.46 -27.25 4.07
C PHE A 121 -9.06 -26.68 5.35
N LEU A 122 -9.76 -25.57 5.21
CA LEU A 122 -10.42 -24.92 6.33
C LEU A 122 -11.91 -24.74 6.01
N PRO A 123 -12.78 -25.50 6.68
CA PRO A 123 -14.23 -25.42 6.47
C PRO A 123 -14.83 -24.11 7.00
N MET A 124 -14.96 -23.14 6.12
CA MET A 124 -15.52 -21.83 6.48
C MET A 124 -17.04 -21.86 6.32
N SER A 125 -17.73 -21.12 7.16
CA SER A 125 -19.19 -21.06 7.09
C SER A 125 -19.67 -20.33 5.84
N ALA A 126 -20.87 -20.67 5.39
CA ALA A 126 -21.47 -20.08 4.21
C ALA A 126 -22.97 -19.94 4.41
N SER B 1 15.96 6.28 15.68
CA SER B 1 14.64 5.68 15.91
C SER B 1 14.57 4.30 15.26
N GLU B 2 13.52 3.54 15.57
CA GLU B 2 13.35 2.20 15.05
C GLU B 2 12.97 2.21 13.57
N LEU B 3 11.94 2.98 13.23
CA LEU B 3 11.50 3.07 11.85
C LEU B 3 12.59 3.68 10.99
N GLU B 4 13.35 4.61 11.58
CA GLU B 4 14.45 5.26 10.88
C GLU B 4 15.47 4.23 10.43
N LYS B 5 15.88 3.36 11.36
CA LYS B 5 16.83 2.30 11.07
C LYS B 5 16.29 1.39 9.98
N ALA B 6 15.02 1.04 10.11
CA ALA B 6 14.36 0.16 9.16
C ALA B 6 14.32 0.79 7.77
N MET B 7 14.09 2.10 7.72
CA MET B 7 14.03 2.82 6.45
C MET B 7 15.34 2.66 5.69
N VAL B 8 16.45 2.90 6.38
CA VAL B 8 17.78 2.79 5.77
C VAL B 8 18.00 1.39 5.23
N ALA B 9 17.61 0.39 6.01
CA ALA B 9 17.76 -1.01 5.63
C ALA B 9 16.86 -1.37 4.46
N LEU B 10 15.59 -0.99 4.55
CA LEU B 10 14.61 -1.28 3.52
C LEU B 10 15.03 -0.65 2.18
N ILE B 11 15.45 0.59 2.22
CA ILE B 11 15.88 1.29 1.00
C ILE B 11 17.08 0.58 0.37
N ASP B 12 18.02 0.17 1.21
CA ASP B 12 19.21 -0.53 0.74
C ASP B 12 18.82 -1.87 0.13
N VAL B 13 17.99 -2.62 0.86
CA VAL B 13 17.53 -3.92 0.41
C VAL B 13 16.76 -3.77 -0.91
N PHE B 14 15.93 -2.74 -1.00
CA PHE B 14 15.15 -2.46 -2.19
C PHE B 14 16.07 -2.33 -3.41
N HIS B 15 17.09 -1.49 -3.28
CA HIS B 15 18.02 -1.25 -4.38
C HIS B 15 18.84 -2.51 -4.68
N GLN B 16 19.11 -3.30 -3.65
CA GLN B 16 19.88 -4.53 -3.79
C GLN B 16 19.12 -5.57 -4.60
N TYR B 17 17.84 -5.76 -4.28
CA TYR B 17 17.03 -6.75 -4.97
C TYR B 17 16.52 -6.25 -6.32
N SER B 18 16.36 -4.94 -6.46
CA SER B 18 15.89 -4.38 -7.73
C SER B 18 17.00 -4.38 -8.77
N GLY B 19 18.24 -4.47 -8.30
CA GLY B 19 19.38 -4.48 -9.19
C GLY B 19 19.49 -5.78 -9.96
N ARG B 20 18.74 -6.79 -9.52
CA ARG B 20 18.75 -8.09 -10.17
C ARG B 20 17.92 -8.06 -11.44
N GLU B 21 17.01 -7.10 -11.52
CA GLU B 21 16.16 -6.94 -12.68
C GLU B 21 16.95 -6.39 -13.86
N GLY B 22 17.55 -5.23 -13.65
CA GLY B 22 18.33 -4.60 -14.69
C GLY B 22 18.98 -3.34 -14.19
N ASP B 23 18.18 -2.43 -13.67
CA ASP B 23 18.69 -1.18 -13.13
C ASP B 23 18.88 -1.31 -11.62
N LYS B 24 18.05 -0.61 -10.85
CA LYS B 24 18.11 -0.64 -9.39
C LYS B 24 16.94 0.15 -8.80
N HIS B 25 15.81 0.15 -9.49
CA HIS B 25 14.64 0.89 -9.04
C HIS B 25 13.36 0.08 -9.12
N LYS B 26 13.36 -1.01 -9.87
CA LYS B 26 12.16 -1.82 -10.02
C LYS B 26 12.48 -3.31 -9.87
N LEU B 27 11.47 -4.07 -9.49
CA LEU B 27 11.59 -5.51 -9.32
C LEU B 27 10.91 -6.19 -10.50
N LYS B 28 11.38 -7.37 -10.87
CA LYS B 28 10.83 -8.07 -12.02
C LYS B 28 10.04 -9.31 -11.59
N LYS B 29 9.08 -9.13 -10.69
CA LYS B 29 8.22 -10.21 -10.19
C LYS B 29 8.99 -11.26 -9.39
N SER B 30 9.86 -12.02 -10.07
CA SER B 30 10.65 -13.05 -9.41
C SER B 30 11.54 -12.46 -8.32
N GLU B 31 11.98 -11.24 -8.53
CA GLU B 31 12.81 -10.54 -7.56
C GLU B 31 12.05 -10.35 -6.24
N LEU B 32 10.72 -10.28 -6.35
CA LEU B 32 9.87 -10.13 -5.18
C LEU B 32 9.86 -11.43 -4.39
N LYS B 33 9.82 -12.54 -5.12
CA LYS B 33 9.83 -13.85 -4.52
C LYS B 33 11.15 -14.09 -3.81
N GLU B 34 12.22 -13.51 -4.36
CA GLU B 34 13.54 -13.63 -3.78
C GLU B 34 13.55 -13.05 -2.37
N LEU B 35 12.79 -11.97 -2.18
CA LEU B 35 12.70 -11.32 -0.89
C LEU B 35 12.06 -12.27 0.13
N ILE B 36 11.03 -12.96 -0.30
CA ILE B 36 10.32 -13.90 0.57
C ILE B 36 11.19 -15.12 0.85
N ASN B 37 11.89 -15.58 -0.18
CA ASN B 37 12.75 -16.75 -0.08
C ASN B 37 14.06 -16.49 0.66
N ASN B 38 14.45 -15.22 0.82
CA ASN B 38 15.70 -14.91 1.49
C ASN B 38 15.51 -14.19 2.82
N GLU B 39 14.54 -13.30 2.89
CA GLU B 39 14.31 -12.54 4.10
C GLU B 39 13.18 -13.10 4.96
N LEU B 40 12.06 -13.45 4.33
CA LEU B 40 10.90 -13.96 5.07
C LEU B 40 10.87 -15.47 5.15
N SER B 41 11.93 -16.13 4.72
CA SER B 41 12.00 -17.59 4.73
C SER B 41 12.08 -18.16 6.14
N HIS B 42 12.30 -17.29 7.12
CA HIS B 42 12.40 -17.74 8.50
C HIS B 42 11.16 -17.35 9.30
N PHE B 43 10.40 -16.40 8.79
CA PHE B 43 9.20 -15.95 9.47
C PHE B 43 7.98 -16.74 8.99
N LEU B 44 7.81 -16.81 7.68
CA LEU B 44 6.70 -17.52 7.09
C LEU B 44 7.19 -18.62 6.16
N GLU B 45 7.17 -19.86 6.66
CA GLU B 45 7.63 -20.99 5.88
C GLU B 45 6.50 -21.53 5.00
N GLU B 46 6.02 -20.67 4.12
CA GLU B 46 4.95 -21.02 3.21
C GLU B 46 5.52 -21.16 1.81
N ILE B 47 5.07 -20.28 0.90
CA ILE B 47 5.53 -20.27 -0.49
C ILE B 47 5.48 -21.68 -1.12
N LYS B 48 6.43 -21.95 -2.03
CA LYS B 48 6.55 -23.23 -2.73
C LYS B 48 5.52 -23.36 -3.85
N GLU B 49 4.40 -22.66 -3.74
CA GLU B 49 3.37 -22.69 -4.77
C GLU B 49 3.03 -21.29 -5.26
N GLN B 50 3.85 -20.33 -4.83
CA GLN B 50 3.70 -18.93 -5.23
C GLN B 50 2.30 -18.39 -4.91
N GLU B 51 1.68 -18.92 -3.87
CA GLU B 51 0.35 -18.50 -3.46
C GLU B 51 0.40 -17.07 -2.93
N VAL B 52 1.40 -16.81 -2.09
CA VAL B 52 1.59 -15.49 -1.51
C VAL B 52 1.93 -14.49 -2.60
N VAL B 53 2.80 -14.89 -3.52
CA VAL B 53 3.24 -14.04 -4.62
C VAL B 53 2.06 -13.68 -5.52
N ASP B 54 1.21 -14.65 -5.78
CA ASP B 54 0.04 -14.47 -6.63
C ASP B 54 -0.91 -13.42 -6.04
N LYS B 55 -1.05 -13.42 -4.72
CA LYS B 55 -1.94 -12.50 -4.03
C LYS B 55 -1.34 -11.10 -3.91
N VAL B 56 -0.07 -11.02 -3.51
CA VAL B 56 0.59 -9.72 -3.33
C VAL B 56 0.68 -8.94 -4.64
N MET B 57 0.84 -9.65 -5.75
CA MET B 57 0.97 -9.01 -7.06
C MET B 57 -0.32 -8.30 -7.47
N GLU B 58 -1.43 -8.66 -6.85
CA GLU B 58 -2.71 -8.05 -7.16
C GLU B 58 -2.85 -6.69 -6.46
N THR B 59 -2.11 -6.51 -5.39
CA THR B 59 -2.14 -5.26 -4.63
C THR B 59 -0.91 -4.41 -4.90
N LEU B 60 0.22 -5.06 -5.16
CA LEU B 60 1.48 -4.38 -5.42
C LEU B 60 1.42 -3.53 -6.69
N ASP B 61 1.27 -4.19 -7.83
CA ASP B 61 1.20 -3.50 -9.10
C ASP B 61 -0.09 -2.71 -9.22
N ASN B 62 -0.07 -1.49 -8.70
CA ASN B 62 -1.23 -0.61 -8.75
C ASN B 62 -1.23 0.16 -10.05
N ASP B 63 -0.15 0.04 -10.81
CA ASP B 63 -0.02 0.74 -12.08
C ASP B 63 -0.65 -0.10 -13.18
N GLY B 64 -0.37 -1.38 -13.15
CA GLY B 64 -0.92 -2.30 -14.15
C GLY B 64 0.08 -2.62 -15.23
N ASP B 65 1.35 -2.33 -14.99
CA ASP B 65 2.41 -2.60 -15.96
C ASP B 65 3.39 -3.62 -15.42
N GLY B 66 3.18 -4.06 -14.19
CA GLY B 66 4.06 -5.03 -13.58
C GLY B 66 5.35 -4.38 -13.10
N GLU B 67 5.27 -3.09 -12.81
CA GLU B 67 6.43 -2.33 -12.35
C GLU B 67 6.32 -2.05 -10.86
N CYS B 68 7.35 -2.42 -10.11
CA CYS B 68 7.37 -2.19 -8.67
C CYS B 68 7.81 -0.77 -8.34
N ASP B 69 7.59 -0.39 -7.08
CA ASP B 69 7.93 0.95 -6.60
C ASP B 69 7.98 0.97 -5.09
N PHE B 70 8.54 2.03 -4.52
CA PHE B 70 8.64 2.18 -3.07
C PHE B 70 7.27 2.09 -2.39
N GLN B 71 6.25 2.60 -3.09
CA GLN B 71 4.89 2.59 -2.58
C GLN B 71 4.39 1.17 -2.28
N GLU B 72 4.60 0.26 -3.23
CA GLU B 72 4.13 -1.11 -3.07
C GLU B 72 5.17 -1.98 -2.37
N PHE B 73 6.44 -1.58 -2.43
CA PHE B 73 7.52 -2.35 -1.80
C PHE B 73 7.26 -2.55 -0.31
N MET B 74 6.98 -1.47 0.40
CA MET B 74 6.71 -1.55 1.83
C MET B 74 5.33 -2.13 2.09
N ALA B 75 4.42 -1.94 1.14
CA ALA B 75 3.06 -2.48 1.26
C ALA B 75 3.13 -4.00 1.13
N PHE B 76 4.12 -4.45 0.37
CA PHE B 76 4.36 -5.87 0.14
C PHE B 76 4.69 -6.54 1.47
N VAL B 77 5.50 -5.86 2.28
CA VAL B 77 5.88 -6.38 3.59
C VAL B 77 4.64 -6.49 4.47
N ALA B 78 3.75 -5.50 4.34
CA ALA B 78 2.51 -5.49 5.10
C ALA B 78 1.62 -6.65 4.68
N MET B 79 1.50 -6.81 3.37
CA MET B 79 0.67 -7.86 2.79
C MET B 79 1.11 -9.25 3.24
N VAL B 80 2.40 -9.57 3.07
CA VAL B 80 2.91 -10.88 3.44
C VAL B 80 2.77 -11.17 4.94
N THR B 81 3.04 -10.16 5.76
CA THR B 81 2.94 -10.33 7.21
C THR B 81 1.49 -10.57 7.65
N THR B 82 0.58 -9.76 7.16
CA THR B 82 -0.83 -9.88 7.52
C THR B 82 -1.48 -11.12 6.90
N ALA B 83 -1.18 -11.38 5.62
CA ALA B 83 -1.75 -12.53 4.91
C ALA B 83 -1.40 -13.85 5.58
N CYS B 84 -0.14 -14.02 5.96
CA CYS B 84 0.29 -15.25 6.60
C CYS B 84 -0.30 -15.37 8.01
N HIS B 85 -0.31 -14.25 8.72
CA HIS B 85 -0.82 -14.23 10.09
C HIS B 85 -2.33 -14.50 10.11
N GLU B 86 -3.05 -13.84 9.23
CA GLU B 86 -4.50 -13.99 9.15
C GLU B 86 -4.91 -15.15 8.25
N PHE B 87 -3.97 -16.06 7.97
CA PHE B 87 -4.26 -17.21 7.14
C PHE B 87 -5.07 -18.23 7.95
N PHE B 88 -4.98 -18.10 9.27
CA PHE B 88 -5.69 -18.98 10.18
C PHE B 88 -7.14 -18.52 10.34
N GLU B 89 -7.37 -17.24 10.09
CA GLU B 89 -8.71 -16.67 10.20
C GLU B 89 -8.98 -15.73 9.03
N HIS B 90 -9.28 -16.31 7.89
CA HIS B 90 -9.56 -15.56 6.68
C HIS B 90 -11.07 -15.52 6.42
N GLU B 91 -11.58 -14.35 6.07
CA GLU B 91 -13.00 -14.19 5.77
C GLU B 91 -13.24 -14.34 4.27
N SER C 1 17.62 -12.24 8.90
CA SER C 1 17.55 -11.39 7.69
C SER C 1 17.22 -9.95 8.07
N GLU C 2 17.36 -9.05 7.10
CA GLU C 2 17.10 -7.62 7.31
C GLU C 2 15.61 -7.36 7.47
N LEU C 3 14.82 -7.81 6.50
CA LEU C 3 13.38 -7.60 6.55
C LEU C 3 12.79 -8.31 7.77
N GLU C 4 13.36 -9.46 8.09
CA GLU C 4 12.93 -10.23 9.25
C GLU C 4 13.13 -9.41 10.53
N LYS C 5 14.29 -8.78 10.64
CA LYS C 5 14.61 -7.95 11.80
C LYS C 5 13.64 -6.78 11.87
N ALA C 6 13.40 -6.17 10.71
CA ALA C 6 12.50 -5.03 10.61
C ALA C 6 11.09 -5.42 11.01
N MET C 7 10.66 -6.61 10.60
CA MET C 7 9.31 -7.10 10.92
C MET C 7 9.08 -7.09 12.42
N VAL C 8 10.00 -7.70 13.16
CA VAL C 8 9.89 -7.77 14.62
C VAL C 8 9.80 -6.36 15.22
N ALA C 9 10.66 -5.47 14.74
CA ALA C 9 10.68 -4.10 15.22
C ALA C 9 9.38 -3.38 14.89
N LEU C 10 8.93 -3.50 13.64
CA LEU C 10 7.70 -2.85 13.19
C LEU C 10 6.49 -3.35 13.97
N ILE C 11 6.41 -4.66 14.17
CA ILE C 11 5.31 -5.26 14.92
C ILE C 11 5.29 -4.74 16.36
N ASP C 12 6.47 -4.70 16.98
CA ASP C 12 6.59 -4.21 18.35
C ASP C 12 6.21 -2.74 18.43
N VAL C 13 6.74 -1.95 17.50
CA VAL C 13 6.46 -0.53 17.44
C VAL C 13 4.97 -0.29 17.22
N PHE C 14 4.38 -1.08 16.33
CA PHE C 14 2.97 -1.01 16.03
C PHE C 14 2.14 -1.16 17.29
N HIS C 15 2.38 -2.24 18.04
CA HIS C 15 1.64 -2.51 19.27
C HIS C 15 1.91 -1.43 20.33
N GLN C 16 3.10 -0.87 20.29
CA GLN C 16 3.49 0.18 21.23
C GLN C 16 2.68 1.46 21.00
N TYR C 17 2.61 1.89 19.75
CA TYR C 17 1.89 3.12 19.41
C TYR C 17 0.38 2.93 19.38
N SER C 18 -0.08 1.73 19.01
CA SER C 18 -1.51 1.46 18.96
C SER C 18 -2.10 1.38 20.36
N GLY C 19 -1.24 1.10 21.33
CA GLY C 19 -1.69 1.00 22.71
C GLY C 19 -2.09 2.35 23.27
N ARG C 20 -1.67 3.42 22.61
CA ARG C 20 -1.99 4.77 23.05
C ARG C 20 -3.46 5.10 22.76
N GLU C 21 -4.04 4.38 21.80
CA GLU C 21 -5.43 4.58 21.43
C GLU C 21 -6.34 4.05 22.53
N GLY C 22 -6.13 2.79 22.88
CA GLY C 22 -6.93 2.15 23.90
C GLY C 22 -6.52 0.71 24.07
N ASP C 23 -6.57 -0.05 22.98
CA ASP C 23 -6.19 -1.45 23.03
C ASP C 23 -4.71 -1.58 22.63
N LYS C 24 -4.42 -2.26 21.54
CA LYS C 24 -3.06 -2.42 21.05
C LYS C 24 -3.07 -3.02 19.65
N HIS C 25 -4.07 -2.64 18.85
CA HIS C 25 -4.19 -3.16 17.50
C HIS C 25 -4.53 -2.07 16.49
N LYS C 26 -4.96 -0.91 16.95
CA LYS C 26 -5.34 0.17 16.03
C LYS C 26 -4.77 1.52 16.47
N LEU C 27 -4.68 2.43 15.51
CA LEU C 27 -4.17 3.77 15.76
C LEU C 27 -5.33 4.76 15.65
N LYS C 28 -5.34 5.76 16.52
CA LYS C 28 -6.42 6.73 16.55
C LYS C 28 -6.06 8.02 15.80
N LYS C 29 -5.54 7.87 14.58
CA LYS C 29 -5.16 9.00 13.72
C LYS C 29 -3.98 9.81 14.29
N SER C 30 -4.17 10.42 15.46
CA SER C 30 -3.14 11.23 16.10
C SER C 30 -1.90 10.38 16.38
N GLU C 31 -2.11 9.11 16.70
CA GLU C 31 -1.03 8.19 16.99
C GLU C 31 -0.12 8.00 15.78
N LEU C 32 -0.67 8.24 14.59
CA LEU C 32 0.11 8.12 13.36
C LEU C 32 1.11 9.27 13.26
N LYS C 33 0.67 10.44 13.70
CA LYS C 33 1.52 11.62 13.70
C LYS C 33 2.65 11.43 14.70
N GLU C 34 2.36 10.69 15.77
CA GLU C 34 3.33 10.41 16.81
C GLU C 34 4.51 9.63 16.20
N LEU C 35 4.18 8.72 15.28
CA LEU C 35 5.20 7.92 14.61
C LEU C 35 6.14 8.82 13.80
N ILE C 36 5.56 9.78 13.11
CA ILE C 36 6.33 10.71 12.30
C ILE C 36 7.14 11.67 13.17
N ASN C 37 6.55 12.05 14.29
CA ASN C 37 7.20 12.98 15.22
C ASN C 37 8.26 12.31 16.09
N ASN C 38 8.26 10.99 16.17
CA ASN C 38 9.23 10.29 17.02
C ASN C 38 10.23 9.44 16.21
N GLU C 39 9.77 8.86 15.12
CA GLU C 39 10.64 8.01 14.31
C GLU C 39 11.15 8.70 13.06
N LEU C 40 10.27 9.33 12.32
CA LEU C 40 10.65 9.98 11.07
C LEU C 40 11.02 11.44 11.23
N SER C 41 11.13 11.89 12.47
CA SER C 41 11.46 13.29 12.76
C SER C 41 12.90 13.61 12.38
N HIS C 42 13.69 12.59 12.07
CA HIS C 42 15.09 12.79 11.71
C HIS C 42 15.30 12.62 10.20
N PHE C 43 14.49 11.79 9.58
CA PHE C 43 14.62 11.54 8.14
C PHE C 43 13.88 12.61 7.35
N LEU C 44 12.67 12.94 7.77
CA LEU C 44 11.88 13.95 7.09
C LEU C 44 11.42 15.00 8.08
N GLU C 45 12.15 16.11 8.12
CA GLU C 45 11.84 17.21 9.03
C GLU C 45 10.75 18.09 8.44
N GLU C 46 9.62 17.46 8.12
CA GLU C 46 8.49 18.16 7.55
C GLU C 46 7.43 18.40 8.62
N ILE C 47 6.24 17.82 8.42
CA ILE C 47 5.12 17.92 9.36
C ILE C 47 4.83 19.37 9.73
N LYS C 48 4.38 19.58 10.97
CA LYS C 48 4.04 20.90 11.52
C LYS C 48 2.70 21.40 10.98
N GLU C 49 2.40 21.11 9.72
CA GLU C 49 1.13 21.52 9.12
C GLU C 49 0.26 20.31 8.81
N GLN C 50 0.72 19.14 9.23
CA GLN C 50 -0.01 17.88 9.04
C GLN C 50 -0.30 17.60 7.56
N GLU C 51 0.55 18.13 6.69
CA GLU C 51 0.40 17.94 5.25
C GLU C 51 0.60 16.48 4.89
N VAL C 52 1.61 15.87 5.50
CA VAL C 52 1.91 14.48 5.26
C VAL C 52 0.80 13.60 5.79
N VAL C 53 0.29 13.96 6.97
CA VAL C 53 -0.79 13.21 7.61
C VAL C 53 -2.06 13.27 6.76
N ASP C 54 -2.31 14.45 6.21
CA ASP C 54 -3.49 14.67 5.36
C ASP C 54 -3.51 13.73 4.16
N LYS C 55 -2.35 13.54 3.56
CA LYS C 55 -2.25 12.68 2.39
C LYS C 55 -2.24 11.20 2.75
N VAL C 56 -1.45 10.81 3.75
CA VAL C 56 -1.37 9.40 4.13
C VAL C 56 -2.71 8.84 4.62
N MET C 57 -3.51 9.66 5.29
CA MET C 57 -4.80 9.22 5.82
C MET C 57 -5.78 8.85 4.70
N GLU C 58 -5.54 9.40 3.52
CA GLU C 58 -6.40 9.14 2.38
C GLU C 58 -6.12 7.76 1.78
N THR C 59 -4.91 7.26 2.00
CA THR C 59 -4.50 5.95 1.48
C THR C 59 -4.50 4.88 2.57
N LEU C 60 -4.24 5.30 3.81
CA LEU C 60 -4.18 4.38 4.94
C LEU C 60 -5.55 3.76 5.22
N ASP C 61 -6.53 4.60 5.55
CA ASP C 61 -7.87 4.12 5.85
C ASP C 61 -8.55 3.63 4.56
N ASN C 62 -8.37 2.36 4.28
CA ASN C 62 -8.96 1.75 3.09
C ASN C 62 -10.32 1.14 3.44
N ASP C 63 -10.67 1.22 4.71
CA ASP C 63 -11.93 0.70 5.18
C ASP C 63 -12.98 1.80 5.17
N GLY C 64 -12.59 2.98 5.65
CA GLY C 64 -13.50 4.10 5.68
C GLY C 64 -14.10 4.32 7.05
N ASP C 65 -13.43 3.82 8.07
CA ASP C 65 -13.91 3.96 9.44
C ASP C 65 -12.86 4.64 10.32
N GLY C 66 -11.74 4.99 9.72
CA GLY C 66 -10.67 5.63 10.47
C GLY C 66 -9.94 4.65 11.37
N GLU C 67 -9.94 3.39 10.96
CA GLU C 67 -9.30 2.33 11.73
C GLU C 67 -8.04 1.87 11.02
N CYS C 68 -6.93 1.87 11.74
CA CYS C 68 -5.66 1.45 11.18
C CYS C 68 -5.51 -0.07 11.21
N ASP C 69 -4.52 -0.58 10.50
CA ASP C 69 -4.28 -2.02 10.41
C ASP C 69 -2.87 -2.29 9.89
N PHE C 70 -2.39 -3.51 10.09
CA PHE C 70 -1.04 -3.90 9.64
C PHE C 70 -0.87 -3.63 8.15
N GLN C 71 -1.95 -3.81 7.40
CA GLN C 71 -1.93 -3.61 5.95
C GLN C 71 -1.54 -2.18 5.58
N GLU C 72 -2.11 -1.21 6.27
CA GLU C 72 -1.82 0.19 5.97
C GLU C 72 -0.67 0.72 6.82
N PHE C 73 -0.36 0.05 7.92
CA PHE C 73 0.72 0.48 8.80
C PHE C 73 2.05 0.52 8.06
N MET C 74 2.37 -0.56 7.36
CA MET C 74 3.62 -0.63 6.61
C MET C 74 3.50 0.19 5.33
N ALA C 75 2.28 0.36 4.84
CA ALA C 75 2.05 1.16 3.64
C ALA C 75 2.28 2.62 3.97
N PHE C 76 2.00 2.96 5.24
CA PHE C 76 2.19 4.31 5.75
C PHE C 76 3.65 4.70 5.65
N VAL C 77 4.53 3.75 6.00
CA VAL C 77 5.96 3.97 5.92
C VAL C 77 6.38 4.21 4.47
N ALA C 78 5.74 3.48 3.56
CA ALA C 78 6.03 3.62 2.14
C ALA C 78 5.60 5.00 1.66
N MET C 79 4.40 5.39 2.05
CA MET C 79 3.84 6.67 1.66
C MET C 79 4.70 7.84 2.10
N VAL C 80 5.02 7.90 3.40
CA VAL C 80 5.82 8.99 3.93
C VAL C 80 7.21 9.06 3.29
N THR C 81 7.84 7.91 3.07
CA THR C 81 9.17 7.86 2.47
C THR C 81 9.15 8.36 1.02
N THR C 82 8.21 7.85 0.24
CA THR C 82 8.10 8.22 -1.16
C THR C 82 7.60 9.66 -1.34
N ALA C 83 6.58 10.03 -0.56
CA ALA C 83 6.00 11.36 -0.67
C ALA C 83 7.01 12.46 -0.37
N CYS C 84 7.81 12.28 0.68
CA CYS C 84 8.80 13.27 1.05
C CYS C 84 9.94 13.33 0.04
N HIS C 85 10.36 12.15 -0.45
CA HIS C 85 11.45 12.08 -1.41
C HIS C 85 11.02 12.67 -2.75
N GLU C 86 9.81 12.35 -3.17
CA GLU C 86 9.29 12.83 -4.44
C GLU C 86 8.61 14.20 -4.29
N PHE C 87 8.91 14.88 -3.20
CA PHE C 87 8.36 16.22 -2.96
C PHE C 87 9.15 17.23 -3.77
N PHE C 88 10.19 16.75 -4.44
CA PHE C 88 11.04 17.57 -5.27
C PHE C 88 10.68 17.39 -6.74
N GLU C 89 9.83 16.39 -7.00
CA GLU C 89 9.41 16.09 -8.37
C GLU C 89 8.01 15.47 -8.35
N HIS C 90 7.04 16.28 -7.97
CA HIS C 90 5.65 15.82 -7.91
C HIS C 90 4.90 16.24 -9.16
N GLU C 91 4.42 15.25 -9.91
CA GLU C 91 3.67 15.52 -11.12
C GLU C 91 2.31 16.07 -10.77
N ASP D 1 10.47 27.43 -20.76
CA ASP D 1 10.52 28.80 -20.20
C ASP D 1 9.53 28.96 -19.02
N PRO D 2 8.22 28.68 -19.20
CA PRO D 2 7.24 28.82 -18.11
C PRO D 2 7.43 27.73 -17.05
N LYS D 3 7.27 28.11 -15.78
CA LYS D 3 7.43 27.17 -14.68
C LYS D 3 6.29 27.29 -13.69
N ARG D 4 6.16 26.28 -12.84
CA ARG D 4 5.13 26.24 -11.82
C ARG D 4 5.79 26.21 -10.44
N LEU D 5 5.45 27.18 -9.61
CA LEU D 5 6.03 27.26 -8.27
C LEU D 5 5.35 26.27 -7.32
N TYR D 6 6.07 25.21 -7.01
CA TYR D 6 5.57 24.16 -6.12
C TYR D 6 5.98 24.46 -4.68
N CYS D 7 5.00 24.67 -3.82
CA CYS D 7 5.27 24.94 -2.41
C CYS D 7 5.41 23.64 -1.63
N LYS D 8 6.41 23.58 -0.77
CA LYS D 8 6.67 22.39 0.04
C LYS D 8 5.60 22.21 1.11
N ASN D 9 5.05 23.32 1.59
CA ASN D 9 4.04 23.27 2.64
C ASN D 9 2.65 23.02 2.07
N GLY D 10 2.27 21.75 2.02
CA GLY D 10 0.96 21.39 1.51
C GLY D 10 1.03 20.80 0.12
N GLY D 11 2.00 21.22 -0.66
CA GLY D 11 2.14 20.72 -2.01
C GLY D 11 1.19 21.41 -2.96
N PHE D 12 1.22 22.74 -2.96
CA PHE D 12 0.36 23.52 -3.83
C PHE D 12 1.18 24.34 -4.80
N PHE D 13 0.60 24.62 -5.96
CA PHE D 13 1.25 25.42 -6.98
C PHE D 13 0.70 26.83 -6.93
N LEU D 14 1.58 27.82 -7.04
CA LEU D 14 1.15 29.22 -7.02
C LEU D 14 0.32 29.52 -8.26
N ARG D 15 -0.98 29.70 -8.07
CA ARG D 15 -1.89 29.97 -9.16
C ARG D 15 -2.35 31.43 -9.18
N ILE D 16 -2.01 32.12 -10.26
CA ILE D 16 -2.39 33.52 -10.42
C ILE D 16 -3.67 33.60 -11.25
N HIS D 17 -4.64 34.34 -10.75
CA HIS D 17 -5.91 34.49 -11.45
C HIS D 17 -5.94 35.79 -12.24
N PRO D 18 -6.61 35.80 -13.39
CA PRO D 18 -6.73 36.99 -14.24
C PRO D 18 -7.46 38.14 -13.55
N ASP D 19 -8.19 37.82 -12.49
CA ASP D 19 -8.94 38.83 -11.73
C ASP D 19 -8.04 39.55 -10.74
N GLY D 20 -6.85 38.99 -10.50
CA GLY D 20 -5.91 39.63 -9.60
C GLY D 20 -5.68 38.83 -8.33
N ARG D 21 -6.48 37.79 -8.13
CA ARG D 21 -6.34 36.96 -6.93
C ARG D 21 -5.31 35.86 -7.14
N VAL D 22 -4.69 35.43 -6.05
CA VAL D 22 -3.69 34.38 -6.10
C VAL D 22 -3.98 33.33 -5.03
N ASP D 23 -3.90 32.06 -5.42
CA ASP D 23 -4.16 30.96 -4.49
C ASP D 23 -3.24 29.78 -4.82
N GLY D 24 -3.48 28.64 -4.17
CA GLY D 24 -2.66 27.47 -4.41
C GLY D 24 -3.49 26.25 -4.78
N VAL D 25 -3.20 25.67 -5.94
CA VAL D 25 -3.91 24.50 -6.41
C VAL D 25 -2.98 23.29 -6.46
N ARG D 26 -3.55 22.08 -6.41
CA ARG D 26 -2.76 20.86 -6.47
C ARG D 26 -2.84 20.21 -7.85
N GLU D 27 -3.62 20.80 -8.74
CA GLU D 27 -3.79 20.27 -10.08
C GLU D 27 -2.84 20.93 -11.07
N LYS D 28 -2.07 20.11 -11.77
CA LYS D 28 -1.13 20.60 -12.77
C LYS D 28 -1.83 20.87 -14.10
N SER D 29 -3.12 20.55 -14.15
CA SER D 29 -3.90 20.75 -15.36
C SER D 29 -4.40 22.20 -15.47
N ASP D 30 -4.06 23.00 -14.46
CA ASP D 30 -4.47 24.40 -14.45
C ASP D 30 -3.40 25.25 -15.12
N PRO D 31 -3.74 25.93 -16.23
CA PRO D 31 -2.79 26.77 -16.97
C PRO D 31 -2.41 28.05 -16.23
N HIS D 32 -3.09 28.33 -15.12
CA HIS D 32 -2.83 29.54 -14.35
C HIS D 32 -1.67 29.35 -13.40
N ILE D 33 -1.11 28.14 -13.36
CA ILE D 33 0.03 27.85 -12.50
C ILE D 33 1.33 28.08 -13.26
N LYS D 34 1.19 28.38 -14.55
CA LYS D 34 2.33 28.64 -15.40
C LYS D 34 2.77 30.08 -15.24
N LEU D 35 3.85 30.28 -14.51
CA LEU D 35 4.37 31.61 -14.26
C LEU D 35 5.73 31.79 -14.92
N GLN D 36 6.08 33.03 -15.21
CA GLN D 36 7.34 33.35 -15.83
C GLN D 36 8.23 34.11 -14.85
N LEU D 37 9.47 33.67 -14.73
CA LEU D 37 10.42 34.31 -13.83
C LEU D 37 11.31 35.30 -14.58
N GLN D 38 10.92 36.57 -14.54
CA GLN D 38 11.67 37.62 -15.20
C GLN D 38 12.80 38.11 -14.30
N ALA D 39 14.00 38.21 -14.83
CA ALA D 39 15.14 38.63 -14.05
C ALA D 39 15.43 40.12 -14.26
N GLU D 40 15.43 40.88 -13.18
CA GLU D 40 15.71 42.31 -13.25
C GLU D 40 17.16 42.57 -12.89
N GLU D 41 17.56 42.11 -11.73
CA GLU D 41 18.91 42.29 -11.25
C GLU D 41 19.44 40.97 -10.72
N ARG D 42 20.73 40.95 -10.37
CA ARG D 42 21.37 39.75 -9.82
C ARG D 42 20.75 39.39 -8.47
N GLY D 43 19.82 38.44 -8.49
CA GLY D 43 19.17 38.02 -7.27
C GLY D 43 17.78 38.59 -7.12
N VAL D 44 17.34 39.32 -8.16
CA VAL D 44 16.01 39.93 -8.14
C VAL D 44 15.19 39.44 -9.32
N VAL D 45 14.05 38.80 -9.03
CA VAL D 45 13.19 38.26 -10.07
C VAL D 45 11.75 38.75 -9.90
N SER D 46 11.02 38.76 -11.01
CA SER D 46 9.63 39.18 -11.01
C SER D 46 8.75 38.02 -11.47
N ILE D 47 7.72 37.71 -10.70
CA ILE D 47 6.82 36.61 -11.02
C ILE D 47 5.62 37.11 -11.83
N LYS D 48 5.53 36.66 -13.07
CA LYS D 48 4.43 37.05 -13.95
C LYS D 48 3.60 35.85 -14.36
N GLY D 49 2.29 35.97 -14.21
CA GLY D 49 1.40 34.88 -14.59
C GLY D 49 1.19 34.82 -16.08
N VAL D 50 1.57 33.71 -16.70
CA VAL D 50 1.42 33.54 -18.14
C VAL D 50 -0.05 33.59 -18.56
N SER D 51 -0.88 32.81 -17.88
CA SER D 51 -2.30 32.76 -18.17
C SER D 51 -3.05 33.79 -17.33
N ALA D 52 -2.55 35.01 -17.31
CA ALA D 52 -3.16 36.09 -16.54
C ALA D 52 -2.63 37.45 -16.98
N ASN D 53 -1.36 37.49 -17.38
CA ASN D 53 -0.70 38.70 -17.84
C ASN D 53 -0.61 39.71 -16.69
N ARG D 54 -0.52 39.19 -15.49
CA ARG D 54 -0.43 40.01 -14.29
C ARG D 54 0.82 39.63 -13.50
N TYR D 55 1.39 40.59 -12.81
CA TYR D 55 2.60 40.38 -12.02
C TYR D 55 2.27 40.23 -10.55
N LEU D 56 2.97 39.33 -9.87
CA LEU D 56 2.74 39.11 -8.45
C LEU D 56 3.30 40.26 -7.64
N ALA D 57 2.50 40.81 -6.74
CA ALA D 57 2.93 41.93 -5.92
C ALA D 57 2.40 41.80 -4.50
N MET D 58 3.19 42.29 -3.54
CA MET D 58 2.82 42.25 -2.14
C MET D 58 2.46 43.66 -1.68
N LYS D 59 1.42 43.79 -0.88
CA LYS D 59 1.00 45.09 -0.41
C LYS D 59 1.62 45.42 0.95
N GLU D 60 1.44 46.66 1.39
CA GLU D 60 2.01 47.14 2.65
C GLU D 60 1.31 46.53 3.87
N ASP D 61 0.28 45.74 3.63
CA ASP D 61 -0.46 45.09 4.70
C ASP D 61 -0.11 43.61 4.76
N GLY D 62 0.68 43.17 3.78
CA GLY D 62 1.09 41.78 3.72
C GLY D 62 0.26 40.96 2.75
N ARG D 63 -0.68 41.58 2.08
CA ARG D 63 -1.53 40.87 1.12
C ARG D 63 -0.76 40.54 -0.15
N LEU D 64 -1.14 39.44 -0.77
CA LEU D 64 -0.51 39.01 -2.00
C LEU D 64 -1.53 38.98 -3.13
N LEU D 65 -1.29 39.76 -4.17
CA LEU D 65 -2.19 39.84 -5.30
C LEU D 65 -1.42 40.00 -6.60
N ALA D 66 -2.14 40.06 -7.71
CA ALA D 66 -1.53 40.21 -9.01
C ALA D 66 -1.86 41.58 -9.60
N SER D 67 -0.83 42.39 -9.77
CA SER D 67 -0.99 43.73 -10.32
C SER D 67 -0.65 43.72 -11.80
N LYS D 68 -1.35 44.53 -12.58
CA LYS D 68 -1.10 44.61 -14.01
C LYS D 68 0.09 45.52 -14.27
N SER D 69 0.33 46.44 -13.34
CA SER D 69 1.44 47.37 -13.44
C SER D 69 2.63 46.83 -12.64
N VAL D 70 3.81 46.89 -13.23
CA VAL D 70 5.02 46.40 -12.58
C VAL D 70 5.53 47.44 -11.59
N THR D 71 5.11 47.32 -10.34
CA THR D 71 5.52 48.23 -9.30
C THR D 71 6.79 47.72 -8.62
N ASP D 72 7.30 48.50 -7.67
CA ASP D 72 8.51 48.14 -6.93
C ASP D 72 8.21 47.01 -5.96
N GLU D 73 6.94 46.65 -5.87
CA GLU D 73 6.49 45.58 -4.99
C GLU D 73 6.45 44.25 -5.72
N CYS D 74 6.60 44.29 -7.04
CA CYS D 74 6.56 43.09 -7.86
C CYS D 74 7.95 42.47 -8.00
N PHE D 75 8.93 43.05 -7.33
CA PHE D 75 10.28 42.55 -7.39
C PHE D 75 10.61 41.75 -6.14
N PHE D 76 10.95 40.49 -6.33
CA PHE D 76 11.28 39.61 -5.23
C PHE D 76 12.72 39.10 -5.35
N PHE D 77 13.30 38.74 -4.22
CA PHE D 77 14.66 38.23 -4.18
C PHE D 77 14.67 36.73 -4.42
N GLU D 78 15.59 36.30 -5.26
CA GLU D 78 15.74 34.88 -5.56
C GLU D 78 16.85 34.31 -4.68
N ARG D 79 16.46 33.58 -3.65
CA ARG D 79 17.42 32.99 -2.73
C ARG D 79 17.24 31.48 -2.63
N LEU D 80 18.33 30.75 -2.79
CA LEU D 80 18.31 29.31 -2.71
C LEU D 80 18.71 28.86 -1.30
N GLU D 81 17.88 28.03 -0.69
CA GLU D 81 18.14 27.54 0.66
C GLU D 81 19.04 26.31 0.61
N SER D 82 19.36 25.78 1.79
CA SER D 82 20.23 24.61 1.89
C SER D 82 19.44 23.31 1.64
N ASN D 83 18.16 23.45 1.33
CA ASN D 83 17.31 22.30 1.08
C ASN D 83 16.89 22.22 -0.39
N ASN D 84 17.60 22.98 -1.23
CA ASN D 84 17.36 23.01 -2.68
C ASN D 84 16.07 23.76 -3.04
N TYR D 85 15.47 24.42 -2.07
CA TYR D 85 14.25 25.19 -2.30
C TYR D 85 14.59 26.66 -2.45
N ASN D 86 13.72 27.40 -3.12
CA ASN D 86 13.94 28.82 -3.34
C ASN D 86 12.95 29.65 -2.54
N THR D 87 13.45 30.66 -1.84
CA THR D 87 12.61 31.54 -1.05
C THR D 87 12.36 32.85 -1.79
N TYR D 88 11.14 33.36 -1.70
CA TYR D 88 10.79 34.60 -2.37
C TYR D 88 10.51 35.71 -1.35
N ARG D 89 11.35 36.73 -1.36
CA ARG D 89 11.21 37.86 -0.46
C ARG D 89 11.08 39.15 -1.26
N SER D 90 10.12 39.99 -0.91
CA SER D 90 9.91 41.24 -1.62
C SER D 90 11.08 42.20 -1.38
N ARG D 91 11.45 42.96 -2.41
CA ARG D 91 12.53 43.93 -2.30
C ARG D 91 12.05 45.12 -1.47
N LYS D 92 10.76 45.37 -1.54
CA LYS D 92 10.15 46.47 -0.81
C LYS D 92 9.92 46.08 0.64
N TYR D 93 9.62 44.80 0.86
CA TYR D 93 9.38 44.28 2.20
C TYR D 93 10.38 43.17 2.51
N THR D 94 11.57 43.57 2.94
CA THR D 94 12.63 42.64 3.25
C THR D 94 12.36 41.82 4.51
N SER D 95 11.27 42.10 5.19
CA SER D 95 10.91 41.37 6.40
C SER D 95 9.77 40.40 6.14
N TRP D 96 9.23 40.43 4.93
CA TRP D 96 8.12 39.55 4.56
C TRP D 96 8.50 38.62 3.41
N TYR D 97 7.91 37.44 3.40
CA TYR D 97 8.17 36.45 2.37
C TYR D 97 6.86 35.97 1.76
N VAL D 98 6.96 35.33 0.61
CA VAL D 98 5.79 34.79 -0.06
C VAL D 98 5.56 33.36 0.44
N ALA D 99 4.33 33.05 0.85
CA ALA D 99 4.04 31.72 1.36
C ALA D 99 2.61 31.29 1.07
N LEU D 100 2.39 29.99 1.08
CA LEU D 100 1.07 29.41 0.85
C LEU D 100 0.62 28.65 2.10
N LYS D 101 -0.68 28.67 2.36
CA LYS D 101 -1.21 28.00 3.53
C LYS D 101 -1.63 26.56 3.19
N ARG D 102 -1.74 25.74 4.22
CA ARG D 102 -2.12 24.33 4.08
C ARG D 102 -3.50 24.19 3.42
N THR D 103 -4.32 25.23 3.55
CA THR D 103 -5.66 25.22 2.98
C THR D 103 -5.67 25.61 1.50
N GLY D 104 -4.48 25.73 0.90
CA GLY D 104 -4.39 26.08 -0.49
C GLY D 104 -4.68 27.54 -0.76
N GLN D 105 -4.52 28.37 0.26
CA GLN D 105 -4.77 29.79 0.12
C GLN D 105 -3.49 30.57 0.41
N TYR D 106 -3.40 31.78 -0.14
CA TYR D 106 -2.23 32.62 0.05
C TYR D 106 -2.09 33.03 1.51
N LYS D 107 -0.85 33.08 1.99
CA LYS D 107 -0.59 33.47 3.36
C LYS D 107 -0.11 34.92 3.39
N LEU D 108 -0.57 35.66 4.39
CA LEU D 108 -0.18 37.05 4.53
C LEU D 108 1.31 37.15 4.84
N GLY D 109 2.01 38.00 4.09
CA GLY D 109 3.43 38.18 4.28
C GLY D 109 3.76 38.65 5.68
N SER D 110 2.82 39.38 6.28
CA SER D 110 2.98 39.90 7.62
C SER D 110 3.11 38.77 8.65
N LYS D 111 2.72 37.56 8.25
CA LYS D 111 2.78 36.41 9.13
C LYS D 111 3.83 35.41 8.66
N THR D 112 4.75 35.86 7.82
CA THR D 112 5.80 34.99 7.30
C THR D 112 7.15 35.33 7.93
N GLY D 113 8.10 34.43 7.74
CA GLY D 113 9.43 34.63 8.28
C GLY D 113 10.32 33.45 7.98
N PRO D 114 11.64 33.58 8.15
CA PRO D 114 12.58 32.49 7.89
C PRO D 114 12.32 31.30 8.80
N GLY D 115 12.44 30.10 8.24
CA GLY D 115 12.22 28.89 9.00
C GLY D 115 10.89 28.24 8.69
N GLN D 116 9.99 29.01 8.11
CA GLN D 116 8.66 28.50 7.76
C GLN D 116 8.75 27.66 6.50
N LYS D 117 8.19 26.45 6.56
CA LYS D 117 8.20 25.53 5.42
C LYS D 117 7.26 26.01 4.31
N ALA D 118 6.51 27.06 4.59
CA ALA D 118 5.56 27.61 3.64
C ALA D 118 6.20 28.55 2.64
N ILE D 119 7.39 29.06 2.96
CA ILE D 119 8.08 29.98 2.06
C ILE D 119 9.04 29.24 1.14
N LEU D 120 9.03 27.92 1.22
CA LEU D 120 9.91 27.10 0.40
C LEU D 120 9.21 26.71 -0.90
N PHE D 121 9.62 27.34 -1.99
CA PHE D 121 9.04 27.07 -3.30
C PHE D 121 10.05 26.42 -4.23
N LEU D 122 9.55 25.57 -5.13
CA LEU D 122 10.39 24.89 -6.09
C LEU D 122 9.84 25.12 -7.50
N PRO D 123 10.56 25.91 -8.31
CA PRO D 123 10.15 26.20 -9.70
C PRO D 123 10.27 24.99 -10.61
N MET D 124 9.19 24.23 -10.73
CA MET D 124 9.17 23.04 -11.58
C MET D 124 8.79 23.42 -13.01
N SER D 125 9.30 22.68 -13.97
CA SER D 125 9.03 22.96 -15.37
C SER D 125 7.56 22.70 -15.73
N ALA D 126 7.06 23.40 -16.73
CA ALA D 126 5.68 23.25 -17.17
C ALA D 126 5.60 23.35 -18.69
N ASP A 1 -23.45 -25.82 11.41
CA ASP A 1 -23.44 -27.16 10.78
C ASP A 1 -22.66 -27.15 9.45
N PRO A 2 -23.05 -26.33 8.44
CA PRO A 2 -22.33 -26.29 7.17
C PRO A 2 -20.95 -25.65 7.30
N LYS A 3 -19.95 -26.27 6.70
CA LYS A 3 -18.60 -25.77 6.75
C LYS A 3 -18.02 -25.64 5.35
N ARG A 4 -17.19 -24.63 5.15
CA ARG A 4 -16.56 -24.39 3.87
C ARG A 4 -15.07 -24.69 3.97
N LEU A 5 -14.60 -25.64 3.19
CA LEU A 5 -13.20 -26.03 3.21
C LEU A 5 -12.33 -25.02 2.47
N TYR A 6 -11.57 -24.25 3.24
CA TYR A 6 -10.67 -23.24 2.69
C TYR A 6 -9.29 -23.84 2.49
N CYS A 7 -8.80 -23.83 1.27
CA CYS A 7 -7.49 -24.37 0.97
C CYS A 7 -6.43 -23.28 1.05
N LYS A 8 -5.25 -23.64 1.56
CA LYS A 8 -4.16 -22.69 1.69
C LYS A 8 -3.39 -22.56 0.38
N ASN A 9 -3.97 -23.11 -0.68
CA ASN A 9 -3.36 -23.05 -2.00
C ASN A 9 -4.20 -22.17 -2.92
N GLY A 10 -3.73 -20.95 -3.14
CA GLY A 10 -4.45 -20.03 -3.99
C GLY A 10 -5.62 -19.38 -3.28
N GLY A 11 -5.91 -19.86 -2.08
CA GLY A 11 -7.01 -19.32 -1.31
C GLY A 11 -8.35 -19.65 -1.92
N PHE A 12 -8.56 -20.93 -2.22
CA PHE A 12 -9.80 -21.37 -2.83
C PHE A 12 -10.61 -22.24 -1.89
N PHE A 13 -11.92 -22.23 -2.07
CA PHE A 13 -12.83 -23.03 -1.27
C PHE A 13 -13.31 -24.20 -2.11
N LEU A 14 -13.45 -25.36 -1.49
CA LEU A 14 -13.90 -26.55 -2.21
C LEU A 14 -15.36 -26.38 -2.64
N ARG A 15 -15.58 -26.32 -3.94
CA ARG A 15 -16.91 -26.14 -4.49
C ARG A 15 -17.37 -27.39 -5.24
N ILE A 16 -18.45 -28.00 -4.75
CA ILE A 16 -18.99 -29.19 -5.37
C ILE A 16 -20.18 -28.83 -6.26
N HIS A 17 -20.16 -29.28 -7.50
CA HIS A 17 -21.22 -28.99 -8.45
C HIS A 17 -22.24 -30.14 -8.45
N PRO A 18 -23.51 -29.84 -8.75
CA PRO A 18 -24.58 -30.85 -8.79
C PRO A 18 -24.39 -31.85 -9.93
N ASP A 19 -23.49 -31.53 -10.85
CA ASP A 19 -23.24 -32.39 -12.00
C ASP A 19 -22.20 -33.46 -11.67
N GLY A 20 -21.47 -33.25 -10.58
CA GLY A 20 -20.48 -34.21 -10.16
C GLY A 20 -19.06 -33.67 -10.20
N ARG A 21 -18.89 -32.50 -10.80
CA ARG A 21 -17.57 -31.88 -10.91
C ARG A 21 -17.24 -31.05 -9.68
N VAL A 22 -15.97 -31.05 -9.30
CA VAL A 22 -15.51 -30.31 -8.14
C VAL A 22 -14.39 -29.34 -8.52
N ASP A 23 -14.46 -28.12 -8.00
CA ASP A 23 -13.46 -27.10 -8.30
C ASP A 23 -13.23 -26.20 -7.09
N GLY A 24 -12.41 -25.17 -7.25
CA GLY A 24 -12.13 -24.26 -6.17
C GLY A 24 -12.46 -22.82 -6.53
N VAL A 25 -13.26 -22.18 -5.69
CA VAL A 25 -13.66 -20.80 -5.93
C VAL A 25 -13.29 -19.91 -4.74
N ARG A 26 -13.16 -18.60 -4.98
CA ARG A 26 -12.81 -17.66 -3.92
C ARG A 26 -14.04 -16.93 -3.41
N GLU A 27 -14.98 -16.72 -4.32
CA GLU A 27 -16.23 -16.03 -4.02
C GLU A 27 -17.08 -16.85 -3.06
N LYS A 28 -17.34 -16.30 -1.88
CA LYS A 28 -18.16 -16.97 -0.87
C LYS A 28 -19.65 -16.83 -1.17
N SER A 29 -19.96 -16.19 -2.29
CA SER A 29 -21.34 -15.97 -2.69
C SER A 29 -21.95 -17.24 -3.31
N ASP A 30 -21.09 -18.21 -3.62
CA ASP A 30 -21.56 -19.46 -4.22
C ASP A 30 -22.02 -20.43 -3.12
N PRO A 31 -23.29 -20.87 -3.17
CA PRO A 31 -23.85 -21.79 -2.18
C PRO A 31 -23.33 -23.21 -2.32
N HIS A 32 -22.52 -23.46 -3.35
CA HIS A 32 -21.99 -24.80 -3.59
C HIS A 32 -20.70 -25.03 -2.79
N ILE A 33 -20.27 -24.03 -2.04
CA ILE A 33 -19.06 -24.16 -1.23
C ILE A 33 -19.39 -24.62 0.17
N LYS A 34 -20.68 -24.71 0.46
CA LYS A 34 -21.14 -25.16 1.78
C LYS A 34 -21.20 -26.67 1.79
N LEU A 35 -20.29 -27.28 2.54
CA LEU A 35 -20.22 -28.72 2.62
C LEU A 35 -20.57 -29.22 4.03
N GLN A 36 -20.96 -30.47 4.11
CA GLN A 36 -21.32 -31.09 5.37
C GLN A 36 -20.29 -32.17 5.72
N LEU A 37 -19.75 -32.10 6.93
CA LEU A 37 -18.76 -33.06 7.36
C LEU A 37 -19.40 -34.12 8.26
N GLN A 38 -19.83 -35.22 7.64
CA GLN A 38 -20.46 -36.30 8.36
C GLN A 38 -19.41 -37.26 8.90
N ALA A 39 -19.47 -37.55 10.19
CA ALA A 39 -18.51 -38.44 10.82
C ALA A 39 -18.94 -39.90 10.72
N GLU A 40 -18.03 -40.73 10.20
CA GLU A 40 -18.30 -42.16 10.06
C GLU A 40 -17.57 -42.92 11.16
N GLU A 41 -16.30 -42.58 11.34
CA GLU A 41 -15.46 -43.21 12.34
C GLU A 41 -14.66 -42.13 13.05
N ARG A 42 -14.01 -42.49 14.15
CA ARG A 42 -13.20 -41.54 14.90
C ARG A 42 -12.02 -41.06 14.04
N GLY A 43 -12.20 -39.90 13.41
CA GLY A 43 -11.16 -39.35 12.57
C GLY A 43 -11.48 -39.51 11.09
N VAL A 44 -12.57 -40.20 10.80
CA VAL A 44 -12.99 -40.42 9.43
C VAL A 44 -14.30 -39.71 9.15
N VAL A 45 -14.29 -38.80 8.19
CA VAL A 45 -15.48 -38.04 7.84
C VAL A 45 -15.77 -38.13 6.34
N SER A 46 -17.02 -37.87 5.99
CA SER A 46 -17.47 -37.88 4.61
C SER A 46 -17.92 -36.47 4.23
N ILE A 47 -17.27 -35.92 3.22
CA ILE A 47 -17.58 -34.57 2.75
C ILE A 47 -18.71 -34.59 1.73
N LYS A 48 -19.86 -34.08 2.11
CA LYS A 48 -21.01 -34.02 1.21
C LYS A 48 -21.43 -32.59 0.97
N GLY A 49 -21.60 -32.22 -0.30
CA GLY A 49 -22.03 -30.87 -0.62
C GLY A 49 -23.49 -30.67 -0.29
N VAL A 50 -23.80 -29.62 0.46
CA VAL A 50 -25.18 -29.35 0.85
C VAL A 50 -26.05 -29.05 -0.37
N SER A 51 -25.67 -28.04 -1.14
CA SER A 51 -26.41 -27.65 -2.33
C SER A 51 -26.03 -28.53 -3.52
N ALA A 52 -26.15 -29.84 -3.33
CA ALA A 52 -25.83 -30.82 -4.37
C ALA A 52 -26.19 -32.22 -3.89
N ASN A 53 -25.97 -32.45 -2.59
CA ASN A 53 -26.26 -33.73 -1.95
C ASN A 53 -25.40 -34.84 -2.54
N ARG A 54 -24.17 -34.49 -2.91
CA ARG A 54 -23.24 -35.45 -3.47
C ARG A 54 -22.00 -35.54 -2.59
N TYR A 55 -21.55 -36.76 -2.36
CA TYR A 55 -20.39 -37.02 -1.52
C TYR A 55 -19.11 -36.96 -2.32
N LEU A 56 -18.08 -36.36 -1.75
CA LEU A 56 -16.79 -36.27 -2.42
C LEU A 56 -16.17 -37.67 -2.47
N ALA A 57 -15.74 -38.08 -3.64
CA ALA A 57 -15.14 -39.40 -3.81
C ALA A 57 -13.85 -39.34 -4.60
N MET A 58 -12.87 -40.09 -4.13
CA MET A 58 -11.57 -40.17 -4.79
C MET A 58 -11.51 -41.48 -5.58
N LYS A 59 -11.00 -41.42 -6.79
CA LYS A 59 -10.91 -42.61 -7.63
C LYS A 59 -9.52 -43.25 -7.59
N GLU A 60 -9.42 -44.44 -8.15
CA GLU A 60 -8.17 -45.20 -8.18
C GLU A 60 -7.11 -44.53 -9.04
N ASP A 61 -7.55 -43.69 -9.97
CA ASP A 61 -6.63 -42.97 -10.84
C ASP A 61 -6.28 -41.61 -10.25
N GLY A 62 -6.70 -41.39 -9.01
CA GLY A 62 -6.41 -40.13 -8.35
C GLY A 62 -7.36 -39.03 -8.75
N ARG A 63 -8.49 -39.41 -9.33
CA ARG A 63 -9.48 -38.43 -9.77
C ARG A 63 -10.37 -38.04 -8.61
N LEU A 64 -10.95 -36.85 -8.70
CA LEU A 64 -11.84 -36.36 -7.65
C LEU A 64 -13.17 -35.95 -8.26
N LEU A 65 -14.26 -36.49 -7.71
CA LEU A 65 -15.59 -36.18 -8.20
C LEU A 65 -16.61 -36.32 -7.08
N ALA A 66 -17.85 -35.96 -7.36
CA ALA A 66 -18.92 -36.04 -6.39
C ALA A 66 -19.87 -37.18 -6.74
N SER A 67 -19.98 -38.16 -5.86
CA SER A 67 -20.84 -39.31 -6.08
C SER A 67 -22.12 -39.18 -5.25
N LYS A 68 -23.22 -39.69 -5.78
CA LYS A 68 -24.49 -39.64 -5.08
C LYS A 68 -24.58 -40.78 -4.08
N SER A 69 -23.83 -41.84 -4.36
CA SER A 69 -23.78 -43.01 -3.50
C SER A 69 -22.58 -42.91 -2.58
N VAL A 70 -22.71 -43.39 -1.36
CA VAL A 70 -21.62 -43.34 -0.40
C VAL A 70 -20.78 -44.61 -0.48
N THR A 71 -19.61 -44.49 -1.06
CA THR A 71 -18.71 -45.62 -1.18
C THR A 71 -17.57 -45.50 -0.18
N ASP A 72 -16.67 -46.47 -0.19
CA ASP A 72 -15.52 -46.48 0.71
C ASP A 72 -14.49 -45.46 0.25
N GLU A 73 -14.78 -44.83 -0.88
CA GLU A 73 -13.92 -43.81 -1.46
C GLU A 73 -14.36 -42.43 -0.99
N CYS A 74 -15.49 -42.38 -0.28
CA CYS A 74 -16.03 -41.13 0.24
C CYS A 74 -15.63 -40.94 1.69
N PHE A 75 -14.88 -41.90 2.22
CA PHE A 75 -14.43 -41.82 3.60
C PHE A 75 -13.01 -41.27 3.66
N PHE A 76 -12.89 -40.07 4.20
CA PHE A 76 -11.59 -39.42 4.31
C PHE A 76 -11.18 -39.22 5.76
N PHE A 77 -9.89 -39.37 6.02
CA PHE A 77 -9.34 -39.18 7.34
C PHE A 77 -9.05 -37.70 7.55
N GLU A 78 -9.57 -37.14 8.62
CA GLU A 78 -9.33 -35.73 8.93
C GLU A 78 -8.24 -35.61 9.98
N ARG A 79 -7.08 -35.18 9.55
CA ARG A 79 -5.96 -35.03 10.46
C ARG A 79 -5.65 -33.55 10.69
N LEU A 80 -5.42 -33.20 11.95
CA LEU A 80 -5.11 -31.82 12.29
C LEU A 80 -3.60 -31.62 12.27
N GLU A 81 -3.14 -30.79 11.36
CA GLU A 81 -1.72 -30.52 11.22
C GLU A 81 -1.23 -29.61 12.34
N SER A 82 0.08 -29.48 12.45
CA SER A 82 0.69 -28.63 13.46
C SER A 82 0.46 -27.15 13.15
N ASN A 83 0.02 -26.88 11.94
CA ASN A 83 -0.24 -25.50 11.51
C ASN A 83 -1.72 -25.17 11.63
N ASN A 84 -2.45 -26.02 12.37
CA ASN A 84 -3.88 -25.85 12.64
C ASN A 84 -4.77 -26.15 11.42
N TYR A 85 -4.17 -26.69 10.36
CA TYR A 85 -4.94 -27.02 9.16
C TYR A 85 -5.42 -28.47 9.21
N ASN A 86 -6.40 -28.78 8.39
CA ASN A 86 -6.97 -30.12 8.33
C ASN A 86 -6.62 -30.81 7.03
N THR A 87 -6.06 -32.00 7.13
CA THR A 87 -5.71 -32.78 5.95
C THR A 87 -6.73 -33.89 5.74
N TYR A 88 -7.06 -34.17 4.49
CA TYR A 88 -8.05 -35.21 4.20
C TYR A 88 -7.43 -36.31 3.34
N ARG A 89 -7.24 -37.47 3.96
CA ARG A 89 -6.65 -38.62 3.28
C ARG A 89 -7.70 -39.71 3.08
N SER A 90 -7.81 -40.24 1.87
CA SER A 90 -8.79 -41.29 1.59
C SER A 90 -8.49 -42.56 2.37
N ARG A 91 -9.53 -43.31 2.70
CA ARG A 91 -9.37 -44.56 3.42
C ARG A 91 -8.95 -45.67 2.47
N LYS A 92 -9.68 -45.80 1.36
CA LYS A 92 -9.37 -46.81 0.35
C LYS A 92 -8.01 -46.52 -0.27
N TYR A 93 -7.72 -45.24 -0.41
CA TYR A 93 -6.45 -44.79 -0.96
C TYR A 93 -5.71 -44.02 0.12
N THR A 94 -5.27 -44.74 1.14
CA THR A 94 -4.58 -44.17 2.29
C THR A 94 -3.15 -43.69 1.96
N SER A 95 -2.96 -43.22 0.74
CA SER A 95 -1.66 -42.73 0.30
C SER A 95 -1.81 -41.41 -0.44
N TRP A 96 -3.06 -41.02 -0.70
CA TRP A 96 -3.34 -39.79 -1.42
C TRP A 96 -4.22 -38.87 -0.58
N TYR A 97 -4.07 -37.56 -0.79
CA TYR A 97 -4.84 -36.57 -0.06
C TYR A 97 -5.63 -35.71 -1.04
N VAL A 98 -6.63 -35.00 -0.52
CA VAL A 98 -7.43 -34.10 -1.34
C VAL A 98 -6.67 -32.80 -1.51
N ALA A 99 -6.60 -32.28 -2.74
CA ALA A 99 -5.86 -31.06 -2.98
C ALA A 99 -6.47 -30.22 -4.10
N LEU A 100 -6.18 -28.93 -4.07
CA LEU A 100 -6.65 -27.99 -5.08
C LEU A 100 -5.47 -27.31 -5.76
N LYS A 101 -5.61 -27.01 -7.04
CA LYS A 101 -4.56 -26.36 -7.80
C LYS A 101 -4.66 -24.85 -7.67
N ARG A 102 -3.54 -24.17 -7.93
CA ARG A 102 -3.46 -22.71 -7.84
C ARG A 102 -4.37 -22.03 -8.87
N THR A 103 -4.90 -22.81 -9.80
CA THR A 103 -5.78 -22.29 -10.83
C THR A 103 -7.24 -22.37 -10.41
N GLY A 104 -7.51 -22.99 -9.27
CA GLY A 104 -8.86 -23.13 -8.80
C GLY A 104 -9.53 -24.38 -9.31
N GLN A 105 -8.71 -25.37 -9.62
CA GLN A 105 -9.20 -26.65 -10.11
C GLN A 105 -8.71 -27.77 -9.20
N TYR A 106 -9.34 -28.92 -9.28
CA TYR A 106 -8.94 -30.05 -8.44
C TYR A 106 -7.55 -30.56 -8.82
N LYS A 107 -6.82 -31.04 -7.84
CA LYS A 107 -5.49 -31.57 -8.08
C LYS A 107 -5.51 -33.09 -7.96
N LEU A 108 -4.82 -33.77 -8.86
CA LEU A 108 -4.77 -35.23 -8.84
C LEU A 108 -4.18 -35.73 -7.54
N GLY A 109 -4.95 -36.57 -6.84
CA GLY A 109 -4.52 -37.13 -5.57
C GLY A 109 -3.23 -37.90 -5.68
N SER A 110 -3.01 -38.53 -6.82
CA SER A 110 -1.81 -39.32 -7.06
C SER A 110 -0.55 -38.46 -7.06
N LYS A 111 -0.72 -37.15 -7.03
CA LYS A 111 0.42 -36.23 -7.03
C LYS A 111 0.45 -35.38 -5.77
N THR A 112 -0.22 -35.86 -4.71
CA THR A 112 -0.26 -35.12 -3.45
C THR A 112 0.72 -35.71 -2.45
N GLY A 113 0.92 -35.00 -1.35
CA GLY A 113 1.83 -35.46 -0.32
C GLY A 113 2.00 -34.43 0.78
N PRO A 114 2.43 -34.87 1.98
CA PRO A 114 2.64 -33.96 3.12
C PRO A 114 3.65 -32.87 2.80
N GLY A 115 3.21 -31.63 2.90
CA GLY A 115 4.08 -30.51 2.62
C GLY A 115 3.45 -29.55 1.62
N GLN A 116 2.52 -30.06 0.83
CA GLN A 116 1.84 -29.24 -0.16
C GLN A 116 0.74 -28.44 0.51
N LYS A 117 0.65 -27.15 0.17
CA LYS A 117 -0.37 -26.28 0.74
C LYS A 117 -1.74 -26.62 0.17
N ALA A 118 -1.74 -27.44 -0.87
CA ALA A 118 -2.95 -27.86 -1.54
C ALA A 118 -3.77 -28.84 -0.70
N ILE A 119 -3.10 -29.57 0.18
CA ILE A 119 -3.78 -30.55 1.03
C ILE A 119 -4.16 -29.93 2.38
N LEU A 120 -3.86 -28.66 2.54
CA LEU A 120 -4.15 -27.95 3.78
C LEU A 120 -5.50 -27.25 3.66
N PHE A 121 -6.53 -27.86 4.25
CA PHE A 121 -7.87 -27.30 4.22
C PHE A 121 -8.28 -26.82 5.61
N LEU A 122 -9.13 -25.82 5.64
CA LEU A 122 -9.62 -25.29 6.90
C LEU A 122 -11.14 -25.13 6.84
N PRO A 123 -11.88 -25.93 7.61
CA PRO A 123 -13.35 -25.86 7.63
C PRO A 123 -13.86 -24.59 8.30
N MET A 124 -14.03 -23.54 7.51
CA MET A 124 -14.52 -22.28 8.02
C MET A 124 -16.05 -22.31 8.11
N SER A 125 -16.61 -21.49 8.98
CA SER A 125 -18.06 -21.45 9.14
C SER A 125 -18.72 -20.64 8.03
N ALA A 126 -20.00 -20.91 7.80
CA ALA A 126 -20.76 -20.23 6.78
C ALA A 126 -22.08 -19.73 7.33
N SER B 1 15.09 5.57 15.95
CA SER B 1 13.71 5.07 16.13
C SER B 1 13.57 3.68 15.49
N GLU B 2 12.46 3.02 15.77
CA GLU B 2 12.23 1.68 15.25
C GLU B 2 11.86 1.72 13.77
N LEU B 3 10.87 2.52 13.43
CA LEU B 3 10.43 2.64 12.05
C LEU B 3 11.55 3.23 11.19
N GLU B 4 12.25 4.20 11.76
CA GLU B 4 13.35 4.87 11.09
C GLU B 4 14.44 3.87 10.69
N LYS B 5 14.84 3.04 11.64
CA LYS B 5 15.86 2.02 11.39
C LYS B 5 15.42 1.09 10.28
N ALA B 6 14.17 0.65 10.36
CA ALA B 6 13.61 -0.25 9.37
C ALA B 6 13.62 0.41 7.99
N MET B 7 13.31 1.69 7.95
CA MET B 7 13.28 2.45 6.70
C MET B 7 14.64 2.39 6.00
N VAL B 8 15.69 2.67 6.75
CA VAL B 8 17.05 2.66 6.22
C VAL B 8 17.37 1.29 5.61
N ALA B 9 17.06 0.24 6.35
CA ALA B 9 17.32 -1.12 5.90
C ALA B 9 16.47 -1.47 4.68
N LEU B 10 15.18 -1.14 4.76
CA LEU B 10 14.25 -1.43 3.66
C LEU B 10 14.64 -0.70 2.38
N ILE B 11 15.07 0.56 2.51
CA ILE B 11 15.48 1.34 1.35
C ILE B 11 16.67 0.68 0.66
N ASP B 12 17.63 0.24 1.46
CA ASP B 12 18.82 -0.42 0.94
C ASP B 12 18.41 -1.72 0.26
N VAL B 13 17.57 -2.50 0.95
CA VAL B 13 17.08 -3.76 0.42
C VAL B 13 16.34 -3.55 -0.90
N PHE B 14 15.53 -2.49 -0.94
CA PHE B 14 14.77 -2.14 -2.13
C PHE B 14 15.69 -1.98 -3.34
N HIS B 15 16.74 -1.17 -3.18
CA HIS B 15 17.68 -0.94 -4.27
C HIS B 15 18.51 -2.18 -4.57
N GLN B 16 18.79 -2.96 -3.52
CA GLN B 16 19.57 -4.18 -3.66
C GLN B 16 18.85 -5.21 -4.52
N TYR B 17 17.58 -5.46 -4.22
CA TYR B 17 16.81 -6.45 -4.96
C TYR B 17 16.38 -5.94 -6.33
N SER B 18 16.21 -4.64 -6.48
CA SER B 18 15.82 -4.09 -7.77
C SER B 18 17.00 -4.09 -8.75
N GLY B 19 18.20 -3.92 -8.19
CA GLY B 19 19.41 -3.93 -9.00
C GLY B 19 19.68 -5.27 -9.65
N ARG B 20 18.94 -6.28 -9.25
CA ARG B 20 19.11 -7.62 -9.80
C ARG B 20 18.56 -7.70 -11.22
N GLU B 21 17.68 -6.78 -11.56
CA GLU B 21 17.08 -6.73 -12.89
C GLU B 21 18.03 -6.02 -13.85
N GLY B 22 18.26 -4.74 -13.58
CA GLY B 22 19.14 -3.94 -14.39
C GLY B 22 19.51 -2.66 -13.68
N ASP B 23 18.50 -1.92 -13.27
CA ASP B 23 18.72 -0.69 -12.54
C ASP B 23 18.11 -0.81 -11.15
N LYS B 24 18.83 -0.32 -10.15
CA LYS B 24 18.39 -0.38 -8.75
C LYS B 24 17.24 0.60 -8.48
N HIS B 25 16.13 0.43 -9.19
CA HIS B 25 14.98 1.30 -9.01
C HIS B 25 13.67 0.53 -9.05
N LYS B 26 13.61 -0.54 -9.84
CA LYS B 26 12.39 -1.33 -9.95
C LYS B 26 12.69 -2.82 -9.98
N LEU B 27 11.72 -3.62 -9.54
CA LEU B 27 11.87 -5.06 -9.52
C LEU B 27 11.10 -5.65 -10.70
N LYS B 28 11.45 -6.85 -11.11
CA LYS B 28 10.82 -7.50 -12.26
C LYS B 28 10.18 -8.85 -11.87
N LYS B 29 9.31 -8.81 -10.87
CA LYS B 29 8.57 -9.99 -10.38
C LYS B 29 9.47 -11.05 -9.73
N SER B 30 10.42 -11.60 -10.49
CA SER B 30 11.31 -12.64 -9.98
C SER B 30 12.06 -12.14 -8.74
N GLU B 31 12.46 -10.88 -8.78
CA GLU B 31 13.18 -10.26 -7.67
C GLU B 31 12.26 -10.10 -6.46
N LEU B 32 10.96 -9.96 -6.72
CA LEU B 32 9.98 -9.85 -5.64
C LEU B 32 9.86 -11.19 -4.94
N LYS B 33 9.87 -12.25 -5.75
CA LYS B 33 9.79 -13.61 -5.24
C LYS B 33 11.03 -13.92 -4.42
N GLU B 34 12.16 -13.35 -4.84
CA GLU B 34 13.42 -13.55 -4.14
C GLU B 34 13.33 -12.99 -2.72
N LEU B 35 12.59 -11.89 -2.57
CA LEU B 35 12.39 -11.27 -1.28
C LEU B 35 11.67 -12.24 -0.36
N ILE B 36 10.67 -12.91 -0.90
CA ILE B 36 9.88 -13.87 -0.14
C ILE B 36 10.71 -15.14 0.13
N ASN B 37 11.50 -15.54 -0.87
CA ASN B 37 12.32 -16.74 -0.77
C ASN B 37 13.69 -16.44 -0.14
N ASN B 38 13.76 -15.43 0.71
CA ASN B 38 15.01 -15.07 1.37
C ASN B 38 14.76 -14.29 2.65
N GLU B 39 14.18 -13.09 2.48
CA GLU B 39 13.90 -12.21 3.61
C GLU B 39 12.74 -12.74 4.44
N LEU B 40 11.69 -13.21 3.77
CA LEU B 40 10.52 -13.73 4.46
C LEU B 40 10.59 -15.24 4.68
N SER B 41 11.72 -15.84 4.30
CA SER B 41 11.92 -17.28 4.47
C SER B 41 12.18 -17.64 5.92
N HIS B 42 11.21 -17.32 6.77
CA HIS B 42 11.28 -17.60 8.20
C HIS B 42 9.91 -17.39 8.81
N PHE B 43 9.15 -16.46 8.25
CA PHE B 43 7.81 -16.17 8.71
C PHE B 43 6.81 -17.04 7.98
N LEU B 44 6.65 -16.78 6.70
CA LEU B 44 5.74 -17.55 5.86
C LEU B 44 6.53 -18.47 4.94
N GLU B 45 6.94 -19.60 5.50
CA GLU B 45 7.72 -20.58 4.75
C GLU B 45 6.80 -21.53 3.99
N GLU B 46 6.04 -20.98 3.07
CA GLU B 46 5.12 -21.76 2.28
C GLU B 46 5.43 -21.59 0.78
N ILE B 47 4.80 -20.61 0.16
CA ILE B 47 4.99 -20.33 -1.26
C ILE B 47 4.76 -21.59 -2.11
N LYS B 48 5.84 -22.15 -2.67
CA LYS B 48 5.81 -23.36 -3.50
C LYS B 48 5.00 -23.15 -4.80
N GLU B 49 3.69 -23.01 -4.67
CA GLU B 49 2.83 -22.80 -5.84
C GLU B 49 2.95 -21.36 -6.32
N GLN B 50 3.40 -20.49 -5.42
CA GLN B 50 3.63 -19.07 -5.71
C GLN B 50 2.35 -18.34 -6.12
N GLU B 51 1.21 -18.76 -5.59
CA GLU B 51 -0.05 -18.10 -5.92
C GLU B 51 -0.08 -16.72 -5.30
N VAL B 52 0.39 -16.62 -4.07
CA VAL B 52 0.43 -15.36 -3.35
C VAL B 52 1.38 -14.36 -4.05
N VAL B 53 2.41 -14.89 -4.70
CA VAL B 53 3.38 -14.06 -5.39
C VAL B 53 2.73 -13.34 -6.57
N ASP B 54 1.81 -14.01 -7.23
CA ASP B 54 1.12 -13.42 -8.37
C ASP B 54 -0.05 -12.56 -7.89
N LYS B 55 -0.69 -13.00 -6.82
CA LYS B 55 -1.82 -12.27 -6.26
C LYS B 55 -1.42 -10.88 -5.76
N VAL B 56 -0.25 -10.78 -5.14
CA VAL B 56 0.22 -9.50 -4.65
C VAL B 56 0.57 -8.57 -5.80
N MET B 57 0.97 -9.16 -6.93
CA MET B 57 1.33 -8.39 -8.12
C MET B 57 0.13 -7.61 -8.65
N GLU B 58 -1.06 -8.16 -8.40
CA GLU B 58 -2.31 -7.53 -8.84
C GLU B 58 -2.52 -6.19 -8.13
N THR B 59 -2.00 -6.10 -6.92
CA THR B 59 -2.12 -4.88 -6.13
C THR B 59 -0.85 -4.03 -6.23
N LEU B 60 0.28 -4.71 -6.39
CA LEU B 60 1.58 -4.05 -6.51
C LEU B 60 1.67 -3.21 -7.77
N ASP B 61 1.42 -3.82 -8.92
CA ASP B 61 1.47 -3.11 -10.19
C ASP B 61 0.24 -2.22 -10.34
N ASN B 62 0.26 -1.11 -9.62
CA ASN B 62 -0.83 -0.16 -9.65
C ASN B 62 -0.67 0.76 -10.84
N ASP B 63 0.57 0.85 -11.33
CA ASP B 63 0.86 1.70 -12.49
C ASP B 63 0.28 1.07 -13.75
N GLY B 64 0.39 -0.24 -13.86
CA GLY B 64 -0.15 -0.93 -15.01
C GLY B 64 0.89 -1.19 -16.07
N ASP B 65 2.07 -1.64 -15.64
CA ASP B 65 3.18 -1.91 -16.58
C ASP B 65 4.03 -3.10 -16.11
N GLY B 66 3.88 -3.46 -14.84
CA GLY B 66 4.65 -4.56 -14.30
C GLY B 66 5.94 -4.09 -13.68
N GLU B 67 5.95 -2.84 -13.22
CA GLU B 67 7.14 -2.28 -12.61
C GLU B 67 6.87 -1.87 -11.17
N CYS B 68 7.82 -2.16 -10.30
CA CYS B 68 7.68 -1.85 -8.89
C CYS B 68 8.03 -0.40 -8.57
N ASP B 69 7.69 0.01 -7.36
CA ASP B 69 7.93 1.38 -6.90
C ASP B 69 7.98 1.39 -5.37
N PHE B 70 8.50 2.46 -4.79
CA PHE B 70 8.60 2.57 -3.34
C PHE B 70 7.22 2.50 -2.68
N GLN B 71 6.20 2.96 -3.39
CA GLN B 71 4.83 2.97 -2.88
C GLN B 71 4.30 1.54 -2.69
N GLU B 72 4.53 0.68 -3.66
CA GLU B 72 4.03 -0.69 -3.59
C GLU B 72 5.01 -1.62 -2.90
N PHE B 73 6.28 -1.23 -2.85
CA PHE B 73 7.31 -2.06 -2.20
C PHE B 73 6.95 -2.35 -0.75
N MET B 74 6.61 -1.31 0.00
CA MET B 74 6.26 -1.48 1.41
C MET B 74 4.87 -2.06 1.54
N ALA B 75 4.02 -1.81 0.54
CA ALA B 75 2.67 -2.35 0.52
C ALA B 75 2.74 -3.86 0.32
N PHE B 76 3.77 -4.27 -0.40
CA PHE B 76 4.03 -5.68 -0.67
C PHE B 76 4.28 -6.42 0.63
N VAL B 77 5.07 -5.79 1.50
CA VAL B 77 5.38 -6.37 2.81
C VAL B 77 4.10 -6.53 3.62
N ALA B 78 3.23 -5.54 3.54
CA ALA B 78 1.96 -5.56 4.24
C ALA B 78 1.07 -6.68 3.72
N MET B 79 1.03 -6.79 2.40
CA MET B 79 0.21 -7.80 1.74
C MET B 79 0.60 -9.22 2.16
N VAL B 80 1.86 -9.58 1.98
CA VAL B 80 2.32 -10.93 2.33
C VAL B 80 2.15 -11.22 3.83
N THR B 81 2.42 -10.22 4.67
CA THR B 81 2.29 -10.40 6.11
C THR B 81 0.84 -10.63 6.53
N THR B 82 -0.07 -9.80 6.02
CA THR B 82 -1.47 -9.91 6.36
C THR B 82 -2.13 -11.12 5.68
N ALA B 83 -1.75 -11.38 4.44
CA ALA B 83 -2.32 -12.50 3.68
C ALA B 83 -2.08 -13.83 4.40
N CYS B 84 -0.84 -14.04 4.85
CA CYS B 84 -0.49 -15.28 5.54
C CYS B 84 -1.23 -15.38 6.87
N HIS B 85 -1.38 -14.25 7.55
CA HIS B 85 -2.07 -14.21 8.83
C HIS B 85 -3.56 -14.45 8.66
N GLU B 86 -4.14 -13.85 7.63
CA GLU B 86 -5.56 -13.98 7.35
C GLU B 86 -5.87 -15.25 6.57
N PHE B 87 -4.86 -16.08 6.37
CA PHE B 87 -5.05 -17.34 5.66
C PHE B 87 -5.72 -18.36 6.57
N PHE B 88 -5.89 -17.98 7.84
CA PHE B 88 -6.52 -18.83 8.82
C PHE B 88 -7.98 -18.44 9.00
N GLU B 89 -8.31 -17.24 8.55
CA GLU B 89 -9.67 -16.71 8.66
C GLU B 89 -9.96 -15.79 7.48
N HIS B 90 -10.19 -16.37 6.32
CA HIS B 90 -10.49 -15.60 5.12
C HIS B 90 -11.95 -15.74 4.75
N GLU B 91 -12.76 -14.79 5.17
CA GLU B 91 -14.17 -14.79 4.87
C GLU B 91 -14.39 -14.51 3.39
N SER C 1 16.92 -12.40 8.82
CA SER C 1 16.96 -11.58 7.60
C SER C 1 16.74 -10.10 7.95
N GLU C 2 16.80 -9.24 6.93
CA GLU C 2 16.63 -7.82 7.13
C GLU C 2 15.16 -7.44 7.21
N LEU C 3 14.40 -7.86 6.20
CA LEU C 3 12.97 -7.56 6.16
C LEU C 3 12.25 -8.25 7.33
N GLU C 4 12.69 -9.46 7.63
CA GLU C 4 12.12 -10.24 8.71
C GLU C 4 12.25 -9.51 10.05
N LYS C 5 13.43 -8.98 10.31
CA LYS C 5 13.68 -8.25 11.55
C LYS C 5 12.76 -7.03 11.64
N ALA C 6 12.66 -6.32 10.52
CA ALA C 6 11.83 -5.14 10.45
C ALA C 6 10.36 -5.48 10.70
N MET C 7 9.94 -6.63 10.17
CA MET C 7 8.57 -7.09 10.33
C MET C 7 8.22 -7.24 11.81
N VAL C 8 9.09 -7.92 12.56
CA VAL C 8 8.87 -8.14 13.99
C VAL C 8 8.69 -6.81 14.72
N ALA C 9 9.59 -5.88 14.46
CA ALA C 9 9.55 -4.57 15.09
C ALA C 9 8.29 -3.80 14.67
N LEU C 10 8.01 -3.79 13.38
CA LEU C 10 6.85 -3.09 12.85
C LEU C 10 5.54 -3.64 13.42
N ILE C 11 5.47 -4.96 13.54
CA ILE C 11 4.27 -5.61 14.08
C ILE C 11 4.02 -5.16 15.52
N ASP C 12 5.08 -5.12 16.31
CA ASP C 12 4.98 -4.70 17.71
C ASP C 12 4.62 -3.22 17.77
N VAL C 13 5.28 -2.43 16.93
CA VAL C 13 5.02 -1.00 16.86
C VAL C 13 3.56 -0.75 16.50
N PHE C 14 3.06 -1.54 15.55
CA PHE C 14 1.68 -1.44 15.10
C PHE C 14 0.71 -1.58 16.26
N HIS C 15 0.89 -2.64 17.05
CA HIS C 15 0.00 -2.89 18.19
C HIS C 15 0.22 -1.85 19.29
N GLN C 16 1.46 -1.42 19.45
CA GLN C 16 1.79 -0.42 20.46
C GLN C 16 1.10 0.91 20.19
N TYR C 17 1.19 1.40 18.96
CA TYR C 17 0.60 2.68 18.60
C TYR C 17 -0.92 2.58 18.43
N SER C 18 -1.45 1.40 18.11
CA SER C 18 -2.89 1.25 17.95
C SER C 18 -3.56 1.16 19.32
N GLY C 19 -2.86 0.54 20.27
CA GLY C 19 -3.37 0.39 21.61
C GLY C 19 -3.56 1.72 22.32
N ARG C 20 -3.05 2.80 21.74
CA ARG C 20 -3.16 4.13 22.33
C ARG C 20 -4.62 4.59 22.26
N GLU C 21 -5.35 4.07 21.28
CA GLU C 21 -6.75 4.41 21.08
C GLU C 21 -7.59 3.69 22.12
N GLY C 22 -7.66 2.37 21.98
CA GLY C 22 -8.42 1.54 22.89
C GLY C 22 -7.99 0.11 22.78
N ASP C 23 -8.02 -0.43 21.57
CA ASP C 23 -7.61 -1.80 21.33
C ASP C 23 -6.37 -1.80 20.44
N LYS C 24 -5.46 -2.72 20.71
CA LYS C 24 -4.23 -2.82 19.95
C LYS C 24 -4.46 -3.48 18.58
N HIS C 25 -5.33 -2.87 17.78
CA HIS C 25 -5.62 -3.41 16.45
C HIS C 25 -5.75 -2.32 15.40
N LYS C 26 -6.32 -1.18 15.76
CA LYS C 26 -6.49 -0.10 14.81
C LYS C 26 -6.09 1.24 15.40
N LEU C 27 -5.67 2.16 14.53
CA LEU C 27 -5.25 3.49 14.94
C LEU C 27 -6.38 4.48 14.66
N LYS C 28 -6.38 5.60 15.36
CA LYS C 28 -7.43 6.59 15.19
C LYS C 28 -6.87 7.96 14.76
N LYS C 29 -6.18 7.95 13.61
CA LYS C 29 -5.60 9.16 13.01
C LYS C 29 -4.50 9.81 13.87
N SER C 30 -4.85 10.27 15.06
CA SER C 30 -3.89 10.91 15.95
C SER C 30 -2.69 10.01 16.23
N GLU C 31 -2.97 8.73 16.41
CA GLU C 31 -1.94 7.73 16.68
C GLU C 31 -1.05 7.57 15.45
N LEU C 32 -1.60 7.82 14.26
CA LEU C 32 -0.84 7.73 13.03
C LEU C 32 0.12 8.90 12.96
N LYS C 33 -0.37 10.05 13.42
CA LYS C 33 0.43 11.27 13.46
C LYS C 33 1.55 11.11 14.46
N GLU C 34 1.28 10.38 15.54
CA GLU C 34 2.27 10.13 16.57
C GLU C 34 3.46 9.37 15.98
N LEU C 35 3.16 8.48 15.03
CA LEU C 35 4.19 7.69 14.36
C LEU C 35 5.12 8.62 13.60
N ILE C 36 4.55 9.63 12.96
CA ILE C 36 5.33 10.59 12.20
C ILE C 36 6.07 11.54 13.15
N ASN C 37 5.42 11.88 14.26
CA ASN C 37 5.99 12.79 15.24
C ASN C 37 6.81 12.05 16.30
N ASN C 38 7.34 10.89 15.94
CA ASN C 38 8.16 10.11 16.86
C ASN C 38 9.11 9.21 16.10
N GLU C 39 8.55 8.27 15.35
CA GLU C 39 9.35 7.32 14.59
C GLU C 39 10.04 8.00 13.41
N LEU C 40 9.28 8.78 12.66
CA LEU C 40 9.81 9.46 11.49
C LEU C 40 10.37 10.85 11.83
N SER C 41 10.47 11.15 13.12
CA SER C 41 10.99 12.44 13.58
C SER C 41 12.52 12.51 13.46
N HIS C 42 13.01 12.12 12.30
CA HIS C 42 14.44 12.13 12.01
C HIS C 42 14.65 12.17 10.51
N PHE C 43 13.71 11.60 9.77
CA PHE C 43 13.78 11.58 8.31
C PHE C 43 13.08 12.82 7.76
N LEU C 44 11.77 12.86 7.91
CA LEU C 44 10.98 13.98 7.43
C LEU C 44 10.53 14.84 8.61
N GLU C 45 11.41 15.70 9.08
CA GLU C 45 11.10 16.57 10.20
C GLU C 45 10.40 17.85 9.72
N GLU C 46 9.28 17.68 9.05
CA GLU C 46 8.52 18.81 8.56
C GLU C 46 7.14 18.86 9.22
N ILE C 47 6.16 18.22 8.60
CA ILE C 47 4.79 18.19 9.13
C ILE C 47 4.28 19.61 9.39
N LYS C 48 4.08 19.97 10.66
CA LYS C 48 3.61 21.30 11.08
C LYS C 48 2.18 21.57 10.62
N GLU C 49 1.96 21.66 9.31
CA GLU C 49 0.64 21.90 8.76
C GLU C 49 -0.15 20.61 8.71
N GLN C 50 0.58 19.49 8.81
CA GLN C 50 -0.01 18.16 8.84
C GLN C 50 -0.85 17.84 7.59
N GLU C 51 -0.51 18.44 6.46
CA GLU C 51 -1.26 18.19 5.23
C GLU C 51 -1.04 16.76 4.77
N VAL C 52 0.22 16.32 4.86
CA VAL C 52 0.58 14.96 4.47
C VAL C 52 -0.11 13.92 5.34
N VAL C 53 -0.32 14.27 6.62
CA VAL C 53 -0.97 13.37 7.57
C VAL C 53 -2.39 13.07 7.14
N ASP C 54 -3.08 14.09 6.64
CA ASP C 54 -4.46 13.90 6.19
C ASP C 54 -4.49 13.29 4.79
N LYS C 55 -3.51 13.67 3.97
CA LYS C 55 -3.42 13.15 2.60
C LYS C 55 -3.21 11.64 2.58
N VAL C 56 -2.36 11.13 3.48
CA VAL C 56 -2.12 9.69 3.52
C VAL C 56 -3.35 8.95 4.01
N MET C 57 -4.15 9.61 4.83
CA MET C 57 -5.38 9.01 5.36
C MET C 57 -6.34 8.68 4.23
N GLU C 58 -6.26 9.46 3.17
CA GLU C 58 -7.10 9.30 2.00
C GLU C 58 -6.84 7.94 1.32
N THR C 59 -5.61 7.47 1.44
CA THR C 59 -5.22 6.20 0.85
C THR C 59 -5.22 5.08 1.90
N LEU C 60 -4.96 5.46 3.15
CA LEU C 60 -4.94 4.52 4.26
C LEU C 60 -6.31 3.93 4.52
N ASP C 61 -7.31 4.80 4.71
CA ASP C 61 -8.67 4.34 4.96
C ASP C 61 -9.29 3.85 3.66
N ASN C 62 -8.91 2.64 3.28
CA ASN C 62 -9.40 2.02 2.07
C ASN C 62 -10.73 1.35 2.35
N ASP C 63 -10.95 1.02 3.61
CA ASP C 63 -12.19 0.37 4.03
C ASP C 63 -13.35 1.37 3.97
N GLY C 64 -13.07 2.59 4.41
CA GLY C 64 -14.08 3.62 4.39
C GLY C 64 -14.80 3.75 5.72
N ASP C 65 -14.02 3.80 6.80
CA ASP C 65 -14.59 3.92 8.13
C ASP C 65 -13.68 4.71 9.05
N GLY C 66 -12.45 4.95 8.59
CA GLY C 66 -11.49 5.68 9.39
C GLY C 66 -10.72 4.77 10.31
N GLU C 67 -10.64 3.50 9.94
CA GLU C 67 -9.94 2.51 10.74
C GLU C 67 -8.72 1.99 10.00
N CYS C 68 -7.64 1.79 10.74
CA CYS C 68 -6.39 1.30 10.17
C CYS C 68 -6.35 -0.22 10.12
N ASP C 69 -5.35 -0.75 9.43
CA ASP C 69 -5.18 -2.18 9.27
C ASP C 69 -3.73 -2.47 8.90
N PHE C 70 -3.32 -3.73 9.02
CA PHE C 70 -1.96 -4.12 8.70
C PHE C 70 -1.62 -3.84 7.24
N GLN C 71 -2.64 -3.91 6.38
CA GLN C 71 -2.45 -3.66 4.96
C GLN C 71 -2.07 -2.22 4.66
N GLU C 72 -2.76 -1.26 5.28
CA GLU C 72 -2.48 0.15 5.05
C GLU C 72 -1.39 0.68 5.97
N PHE C 73 -1.13 -0.02 7.07
CA PHE C 73 -0.11 0.39 8.02
C PHE C 73 1.27 0.47 7.34
N MET C 74 1.64 -0.58 6.64
CA MET C 74 2.92 -0.61 5.95
C MET C 74 2.88 0.26 4.70
N ALA C 75 1.68 0.45 4.15
CA ALA C 75 1.51 1.31 2.98
C ALA C 75 1.71 2.75 3.40
N PHE C 76 1.35 3.02 4.65
CA PHE C 76 1.51 4.35 5.25
C PHE C 76 2.99 4.73 5.27
N VAL C 77 3.82 3.76 5.64
CA VAL C 77 5.25 3.98 5.70
C VAL C 77 5.77 4.30 4.30
N ALA C 78 5.28 3.57 3.32
CA ALA C 78 5.67 3.79 1.94
C ALA C 78 5.25 5.17 1.47
N MET C 79 4.01 5.53 1.79
CA MET C 79 3.46 6.82 1.40
C MET C 79 4.29 7.98 1.93
N VAL C 80 4.52 8.03 3.24
CA VAL C 80 5.28 9.12 3.85
C VAL C 80 6.72 9.16 3.34
N THR C 81 7.32 8.00 3.12
CA THR C 81 8.69 7.92 2.65
C THR C 81 8.83 8.44 1.21
N THR C 82 7.93 7.99 0.34
CA THR C 82 7.97 8.40 -1.05
C THR C 82 7.48 9.84 -1.24
N ALA C 83 6.44 10.21 -0.50
CA ALA C 83 5.87 11.56 -0.61
C ALA C 83 6.92 12.63 -0.29
N CYS C 84 7.64 12.44 0.81
CA CYS C 84 8.66 13.40 1.21
C CYS C 84 9.80 13.46 0.18
N HIS C 85 10.10 12.31 -0.40
CA HIS C 85 11.17 12.23 -1.39
C HIS C 85 10.75 12.87 -2.70
N GLU C 86 9.55 12.58 -3.15
CA GLU C 86 9.02 13.11 -4.40
C GLU C 86 8.51 14.54 -4.23
N PHE C 87 8.79 15.15 -3.08
CA PHE C 87 8.38 16.51 -2.81
C PHE C 87 9.35 17.48 -3.49
N PHE C 88 10.36 16.91 -4.13
CA PHE C 88 11.36 17.70 -4.83
C PHE C 88 11.09 17.69 -6.34
N GLU C 89 10.34 16.70 -6.80
CA GLU C 89 10.02 16.56 -8.21
C GLU C 89 8.61 16.00 -8.38
N HIS C 90 7.61 16.80 -8.03
CA HIS C 90 6.23 16.37 -8.16
C HIS C 90 5.62 16.95 -9.43
N GLU C 91 5.59 16.13 -10.47
CA GLU C 91 5.05 16.54 -11.75
C GLU C 91 3.52 16.64 -11.67
N ASP D 1 12.54 28.00 -19.96
CA ASP D 1 12.24 29.38 -19.53
C ASP D 1 11.10 29.40 -18.50
N PRO D 2 9.86 28.96 -18.85
CA PRO D 2 8.75 28.97 -17.89
C PRO D 2 8.99 28.02 -16.73
N LYS D 3 8.75 28.51 -15.52
CA LYS D 3 8.94 27.70 -14.33
C LYS D 3 7.69 27.71 -13.46
N ARG D 4 7.44 26.62 -12.77
CA ARG D 4 6.28 26.51 -11.91
C ARG D 4 6.76 26.37 -10.46
N LEU D 5 6.40 27.36 -9.64
CA LEU D 5 6.81 27.37 -8.25
C LEU D 5 6.03 26.35 -7.42
N TYR D 6 6.71 25.28 -7.05
CA TYR D 6 6.11 24.22 -6.25
C TYR D 6 6.36 24.48 -4.78
N CYS D 7 5.29 24.59 -4.00
CA CYS D 7 5.41 24.84 -2.57
C CYS D 7 5.43 23.52 -1.81
N LYS D 8 6.23 23.46 -0.76
CA LYS D 8 6.33 22.25 0.06
C LYS D 8 5.22 22.20 1.10
N ASN D 9 4.26 23.11 0.97
CA ASN D 9 3.14 23.17 1.89
C ASN D 9 1.87 22.73 1.18
N GLY D 10 1.44 21.50 1.45
CA GLY D 10 0.24 20.97 0.81
C GLY D 10 0.51 20.47 -0.59
N GLY D 11 1.67 20.81 -1.14
CA GLY D 11 2.02 20.40 -2.48
C GLY D 11 1.24 21.18 -3.53
N PHE D 12 1.29 22.50 -3.44
CA PHE D 12 0.57 23.35 -4.38
C PHE D 12 1.53 24.16 -5.22
N PHE D 13 1.07 24.53 -6.41
CA PHE D 13 1.85 25.34 -7.33
C PHE D 13 1.26 26.74 -7.34
N LEU D 14 2.11 27.76 -7.41
CA LEU D 14 1.65 29.14 -7.43
C LEU D 14 0.91 29.43 -8.73
N ARG D 15 -0.38 29.71 -8.61
CA ARG D 15 -1.21 30.01 -9.77
C ARG D 15 -1.65 31.47 -9.78
N ILE D 16 -1.26 32.19 -10.81
CA ILE D 16 -1.62 33.60 -10.95
C ILE D 16 -2.78 33.75 -11.92
N HIS D 17 -3.83 34.43 -11.49
CA HIS D 17 -5.01 34.63 -12.32
C HIS D 17 -4.91 35.96 -13.05
N PRO D 18 -5.52 36.07 -14.24
CA PRO D 18 -5.50 37.31 -15.04
C PRO D 18 -6.31 38.43 -14.39
N ASP D 19 -7.11 38.06 -13.38
CA ASP D 19 -7.93 39.04 -12.67
C ASP D 19 -7.13 39.73 -11.57
N GLY D 20 -5.98 39.16 -11.25
CA GLY D 20 -5.13 39.74 -10.23
C GLY D 20 -5.03 38.90 -8.97
N ARG D 21 -5.84 37.85 -8.88
CA ARG D 21 -5.83 36.98 -7.70
C ARG D 21 -4.80 35.87 -7.86
N VAL D 22 -4.24 35.44 -6.74
CA VAL D 22 -3.24 34.38 -6.72
C VAL D 22 -3.66 33.27 -5.75
N ASP D 23 -3.49 32.03 -6.16
CA ASP D 23 -3.86 30.89 -5.33
C ASP D 23 -2.92 29.71 -5.59
N GLY D 24 -3.19 28.59 -4.94
CA GLY D 24 -2.37 27.41 -5.12
C GLY D 24 -3.16 26.25 -5.67
N VAL D 25 -2.62 25.60 -6.70
CA VAL D 25 -3.30 24.47 -7.33
C VAL D 25 -2.35 23.28 -7.46
N ARG D 26 -2.90 22.07 -7.47
CA ARG D 26 -2.09 20.87 -7.60
C ARG D 26 -2.08 20.39 -9.04
N GLU D 27 -3.17 20.64 -9.75
CA GLU D 27 -3.30 20.23 -11.14
C GLU D 27 -2.36 21.03 -12.04
N LYS D 28 -1.46 20.33 -12.71
CA LYS D 28 -0.51 20.98 -13.62
C LYS D 28 -1.15 21.24 -14.97
N SER D 29 -2.43 20.94 -15.08
CA SER D 29 -3.18 21.13 -16.31
C SER D 29 -3.61 22.59 -16.46
N ASP D 30 -3.29 23.40 -15.46
CA ASP D 30 -3.63 24.81 -15.48
C ASP D 30 -2.45 25.62 -16.01
N PRO D 31 -2.65 26.39 -17.09
CA PRO D 31 -1.60 27.20 -17.71
C PRO D 31 -1.24 28.46 -16.92
N HIS D 32 -1.94 28.69 -15.81
CA HIS D 32 -1.69 29.87 -14.99
C HIS D 32 -0.61 29.60 -13.95
N ILE D 33 -0.09 28.38 -13.94
CA ILE D 33 0.96 28.02 -12.97
C ILE D 33 2.34 28.26 -13.57
N LYS D 34 2.36 28.58 -14.86
CA LYS D 34 3.62 28.84 -15.55
C LYS D 34 4.02 30.29 -15.34
N LEU D 35 5.07 30.49 -14.58
CA LEU D 35 5.55 31.83 -14.27
C LEU D 35 6.92 32.07 -14.89
N GLN D 36 7.24 33.34 -15.08
CA GLN D 36 8.50 33.74 -15.64
C GLN D 36 9.32 34.44 -14.56
N LEU D 37 10.53 33.98 -14.35
CA LEU D 37 11.40 34.55 -13.33
C LEU D 37 12.40 35.52 -13.95
N GLN D 38 12.02 36.78 -14.01
CA GLN D 38 12.88 37.82 -14.57
C GLN D 38 13.86 38.31 -13.51
N ALA D 39 15.11 38.50 -13.89
CA ALA D 39 16.13 38.95 -12.95
C ALA D 39 16.28 40.46 -13.01
N GLU D 40 16.26 41.09 -11.84
CA GLU D 40 16.42 42.54 -11.75
C GLU D 40 17.79 42.87 -11.20
N GLU D 41 18.19 42.13 -10.18
CA GLU D 41 19.48 42.32 -9.55
C GLU D 41 20.01 40.96 -9.10
N ARG D 42 21.29 40.89 -8.74
CA ARG D 42 21.89 39.64 -8.29
C ARG D 42 21.16 39.13 -7.04
N GLY D 43 20.31 38.12 -7.23
CA GLY D 43 19.58 37.55 -6.11
C GLY D 43 18.16 38.11 -6.01
N VAL D 44 17.83 39.04 -6.89
CA VAL D 44 16.51 39.65 -6.91
C VAL D 44 15.79 39.36 -8.22
N VAL D 45 14.66 38.67 -8.12
CA VAL D 45 13.89 38.33 -9.30
C VAL D 45 12.44 38.80 -9.19
N SER D 46 11.78 38.89 -10.33
CA SER D 46 10.39 39.30 -10.39
C SER D 46 9.56 38.16 -10.99
N ILE D 47 8.58 37.70 -10.23
CA ILE D 47 7.72 36.61 -10.67
C ILE D 47 6.52 37.13 -11.47
N LYS D 48 6.51 36.86 -12.76
CA LYS D 48 5.42 37.29 -13.62
C LYS D 48 4.73 36.09 -14.26
N GLY D 49 3.41 36.03 -14.13
CA GLY D 49 2.67 34.94 -14.72
C GLY D 49 2.60 35.06 -16.23
N VAL D 50 2.92 33.99 -16.94
CA VAL D 50 2.90 34.00 -18.40
C VAL D 50 1.48 34.21 -18.93
N SER D 51 0.58 33.30 -18.58
CA SER D 51 -0.81 33.38 -19.03
C SER D 51 -1.61 34.38 -18.17
N ALA D 52 -1.08 35.59 -18.08
CA ALA D 52 -1.70 36.66 -17.30
C ALA D 52 -0.93 37.97 -17.51
N ASN D 53 0.38 37.84 -17.64
CA ASN D 53 1.28 38.97 -17.85
C ASN D 53 1.20 39.95 -16.69
N ARG D 54 1.08 39.39 -15.49
CA ARG D 54 0.99 40.20 -14.28
C ARG D 54 2.10 39.81 -13.32
N TYR D 55 2.70 40.80 -12.69
CA TYR D 55 3.81 40.57 -11.76
C TYR D 55 3.27 40.36 -10.35
N LEU D 56 3.87 39.42 -9.64
CA LEU D 56 3.48 39.14 -8.27
C LEU D 56 3.92 40.31 -7.37
N ALA D 57 3.01 40.82 -6.57
CA ALA D 57 3.33 41.94 -5.70
C ALA D 57 2.82 41.72 -4.29
N MET D 58 3.64 42.08 -3.31
CA MET D 58 3.28 41.97 -1.91
C MET D 58 2.90 43.35 -1.39
N LYS D 59 1.84 43.44 -0.62
CA LYS D 59 1.40 44.73 -0.11
C LYS D 59 1.87 44.95 1.32
N GLU D 60 1.65 46.17 1.81
CA GLU D 60 2.07 46.59 3.15
C GLU D 60 1.30 45.86 4.24
N ASP D 61 0.13 45.34 3.90
CA ASP D 61 -0.69 44.61 4.86
C ASP D 61 -0.35 43.14 4.82
N GLY D 62 0.56 42.76 3.93
CA GLY D 62 0.96 41.38 3.80
C GLY D 62 0.16 40.65 2.75
N ARG D 63 -0.65 41.40 2.01
CA ARG D 63 -1.48 40.83 0.95
C ARG D 63 -0.63 40.45 -0.25
N LEU D 64 -1.10 39.48 -1.02
CA LEU D 64 -0.40 39.02 -2.20
C LEU D 64 -1.34 39.07 -3.40
N LEU D 65 -0.93 39.79 -4.44
CA LEU D 65 -1.74 39.91 -5.64
C LEU D 65 -0.86 40.10 -6.87
N ALA D 66 -1.48 40.08 -8.03
CA ALA D 66 -0.76 40.25 -9.28
C ALA D 66 -1.01 41.63 -9.86
N SER D 67 0.05 42.39 -10.03
CA SER D 67 -0.03 43.75 -10.55
C SER D 67 0.48 43.81 -11.98
N LYS D 68 -0.15 44.64 -12.81
CA LYS D 68 0.26 44.81 -14.20
C LYS D 68 1.43 45.79 -14.27
N SER D 69 1.64 46.51 -13.18
CA SER D 69 2.72 47.46 -13.09
C SER D 69 3.85 46.90 -12.23
N VAL D 70 5.08 47.09 -12.67
CA VAL D 70 6.23 46.59 -11.94
C VAL D 70 6.68 47.57 -10.87
N THR D 71 6.20 47.39 -9.66
CA THR D 71 6.58 48.24 -8.55
C THR D 71 7.76 47.64 -7.80
N ASP D 72 8.22 48.32 -6.76
CA ASP D 72 9.34 47.82 -5.97
C ASP D 72 8.89 46.70 -5.05
N GLU D 73 7.60 46.40 -5.11
CA GLU D 73 7.00 45.34 -4.32
C GLU D 73 7.03 44.03 -5.11
N CYS D 74 7.35 44.13 -6.39
CA CYS D 74 7.41 42.97 -7.27
C CYS D 74 8.83 42.40 -7.32
N PHE D 75 9.72 43.02 -6.57
CA PHE D 75 11.10 42.57 -6.52
C PHE D 75 11.30 41.69 -5.30
N PHE D 76 11.49 40.40 -5.54
CA PHE D 76 11.67 39.45 -4.45
C PHE D 76 13.08 38.86 -4.46
N PHE D 77 13.61 38.67 -3.27
CA PHE D 77 14.92 38.09 -3.08
C PHE D 77 14.80 36.57 -3.13
N GLU D 78 15.51 35.95 -4.04
CA GLU D 78 15.48 34.51 -4.17
C GLU D 78 16.68 33.90 -3.45
N ARG D 79 16.43 33.28 -2.32
CA ARG D 79 17.48 32.67 -1.54
C ARG D 79 17.38 31.15 -1.61
N LEU D 80 18.52 30.49 -1.77
CA LEU D 80 18.54 29.03 -1.83
C LEU D 80 18.79 28.47 -0.44
N GLU D 81 17.80 27.74 0.07
CA GLU D 81 17.90 27.13 1.39
C GLU D 81 18.82 25.92 1.36
N SER D 82 19.21 25.47 2.55
CA SER D 82 20.09 24.32 2.68
C SER D 82 19.40 23.04 2.20
N ASN D 83 18.07 23.05 2.23
CA ASN D 83 17.28 21.90 1.80
C ASN D 83 16.99 21.94 0.29
N ASN D 84 17.70 22.83 -0.42
CA ASN D 84 17.58 22.98 -1.88
C ASN D 84 16.27 23.67 -2.30
N TYR D 85 15.61 24.33 -1.37
CA TYR D 85 14.38 25.06 -1.72
C TYR D 85 14.68 26.54 -1.90
N ASN D 86 13.82 27.22 -2.64
CA ASN D 86 14.01 28.65 -2.90
C ASN D 86 13.02 29.49 -2.12
N THR D 87 13.53 30.46 -1.37
CA THR D 87 12.69 31.35 -0.59
C THR D 87 12.57 32.70 -1.29
N TYR D 88 11.39 33.30 -1.22
CA TYR D 88 11.17 34.59 -1.87
C TYR D 88 10.77 35.64 -0.84
N ARG D 89 11.69 36.56 -0.59
CA ARG D 89 11.48 37.65 0.36
C ARG D 89 11.37 38.98 -0.36
N SER D 90 10.33 39.75 -0.08
CA SER D 90 10.13 41.04 -0.74
C SER D 90 11.27 42.01 -0.41
N ARG D 91 11.56 42.91 -1.35
CA ARG D 91 12.60 43.91 -1.16
C ARG D 91 12.09 45.04 -0.27
N LYS D 92 10.94 45.59 -0.64
CA LYS D 92 10.32 46.67 0.13
C LYS D 92 9.97 46.17 1.52
N TYR D 93 9.50 44.93 1.57
CA TYR D 93 9.13 44.30 2.82
C TYR D 93 10.10 43.16 3.09
N THR D 94 11.33 43.54 3.41
CA THR D 94 12.41 42.59 3.66
C THR D 94 12.26 41.86 5.00
N SER D 95 11.02 41.66 5.43
CA SER D 95 10.75 40.97 6.67
C SER D 95 9.71 39.87 6.45
N TRP D 96 9.11 39.87 5.27
CA TRP D 96 8.07 38.90 4.94
C TRP D 96 8.46 38.08 3.71
N TYR D 97 7.91 36.87 3.63
CA TYR D 97 8.19 35.98 2.52
C TYR D 97 6.88 35.57 1.85
N VAL D 98 6.98 35.02 0.66
CA VAL D 98 5.81 34.55 -0.07
C VAL D 98 5.45 33.16 0.46
N ALA D 99 4.18 32.92 0.73
CA ALA D 99 3.77 31.63 1.27
C ALA D 99 2.37 31.22 0.82
N LEU D 100 2.13 29.91 0.83
CA LEU D 100 0.85 29.35 0.47
C LEU D 100 0.28 28.55 1.64
N LYS D 101 -1.04 28.56 1.78
CA LYS D 101 -1.69 27.82 2.85
C LYS D 101 -1.98 26.39 2.41
N ARG D 102 -2.18 25.52 3.39
CA ARG D 102 -2.45 24.10 3.12
C ARG D 102 -3.78 23.91 2.39
N THR D 103 -4.59 24.95 2.36
CA THR D 103 -5.88 24.90 1.69
C THR D 103 -5.78 25.32 0.23
N GLY D 104 -4.59 25.68 -0.22
CA GLY D 104 -4.41 26.08 -1.60
C GLY D 104 -4.69 27.56 -1.81
N GLN D 105 -4.61 28.33 -0.74
CA GLN D 105 -4.84 29.77 -0.81
C GLN D 105 -3.60 30.50 -0.36
N TYR D 106 -3.46 31.77 -0.75
CA TYR D 106 -2.30 32.54 -0.37
C TYR D 106 -2.25 32.77 1.14
N LYS D 107 -1.04 32.82 1.68
CA LYS D 107 -0.85 33.06 3.10
C LYS D 107 -0.36 34.48 3.31
N LEU D 108 -0.83 35.13 4.37
CA LEU D 108 -0.43 36.50 4.65
C LEU D 108 1.06 36.57 4.94
N GLY D 109 1.75 37.44 4.21
CA GLY D 109 3.19 37.60 4.39
C GLY D 109 3.55 38.02 5.80
N SER D 110 2.66 38.76 6.44
CA SER D 110 2.88 39.24 7.80
C SER D 110 2.88 38.10 8.83
N LYS D 111 2.64 36.88 8.35
CA LYS D 111 2.60 35.71 9.22
C LYS D 111 3.58 34.65 8.72
N THR D 112 4.60 35.07 8.00
CA THR D 112 5.59 34.16 7.47
C THR D 112 6.89 34.24 8.27
N GLY D 113 7.77 33.28 8.04
CA GLY D 113 9.04 33.27 8.75
C GLY D 113 9.87 32.04 8.40
N PRO D 114 11.19 32.10 8.59
CA PRO D 114 12.09 30.97 8.31
C PRO D 114 11.70 29.74 9.11
N GLY D 115 11.38 28.66 8.41
CA GLY D 115 10.98 27.44 9.07
C GLY D 115 9.68 26.90 8.53
N GLN D 116 8.85 27.79 7.99
CA GLN D 116 7.57 27.39 7.43
C GLN D 116 7.77 26.77 6.06
N LYS D 117 7.11 25.64 5.82
CA LYS D 117 7.20 24.95 4.54
C LYS D 117 6.46 25.74 3.46
N ALA D 118 5.68 26.70 3.90
CA ALA D 118 4.90 27.54 3.01
C ALA D 118 5.77 28.51 2.22
N ILE D 119 6.94 28.83 2.75
CA ILE D 119 7.85 29.75 2.07
C ILE D 119 8.89 28.99 1.25
N LEU D 120 8.78 27.67 1.27
CA LEU D 120 9.70 26.83 0.54
C LEU D 120 9.14 26.52 -0.85
N PHE D 121 9.65 27.22 -1.85
CA PHE D 121 9.20 27.03 -3.21
C PHE D 121 10.31 26.41 -4.05
N LEU D 122 9.91 25.67 -5.06
CA LEU D 122 10.87 25.04 -5.96
C LEU D 122 10.45 25.27 -7.40
N PRO D 123 11.24 26.05 -8.16
CA PRO D 123 10.94 26.35 -9.56
C PRO D 123 11.11 25.13 -10.47
N MET D 124 10.06 24.34 -10.58
CA MET D 124 10.08 23.16 -11.41
C MET D 124 9.86 23.55 -12.87
N SER D 125 10.38 22.75 -13.79
CA SER D 125 10.25 23.01 -15.21
C SER D 125 8.86 22.64 -15.71
N ALA D 126 8.50 23.17 -16.89
CA ALA D 126 7.22 22.91 -17.49
C ALA D 126 7.38 22.80 -19.01
N ASP A 1 -23.61 -24.77 11.16
CA ASP A 1 -23.67 -26.20 10.75
C ASP A 1 -22.83 -26.46 9.49
N PRO A 2 -23.09 -25.79 8.35
CA PRO A 2 -22.29 -26.01 7.14
C PRO A 2 -20.92 -25.36 7.25
N LYS A 3 -19.91 -26.00 6.70
CA LYS A 3 -18.56 -25.49 6.74
C LYS A 3 -17.99 -25.37 5.34
N ARG A 4 -17.20 -24.32 5.13
CA ARG A 4 -16.58 -24.07 3.85
C ARG A 4 -15.09 -24.40 3.94
N LEU A 5 -14.67 -25.40 3.17
CA LEU A 5 -13.28 -25.83 3.17
C LEU A 5 -12.40 -24.84 2.43
N TYR A 6 -11.63 -24.07 3.19
CA TYR A 6 -10.73 -23.08 2.63
C TYR A 6 -9.35 -23.71 2.38
N CYS A 7 -8.95 -23.77 1.13
CA CYS A 7 -7.66 -24.34 0.77
C CYS A 7 -6.58 -23.27 0.83
N LYS A 8 -5.40 -23.65 1.31
CA LYS A 8 -4.29 -22.72 1.42
C LYS A 8 -3.66 -22.46 0.04
N ASN A 9 -3.94 -23.34 -0.91
CA ASN A 9 -3.38 -23.20 -2.25
C ASN A 9 -4.18 -22.21 -3.07
N GLY A 10 -3.79 -20.94 -2.99
CA GLY A 10 -4.46 -19.90 -3.75
C GLY A 10 -5.62 -19.29 -3.00
N GLY A 11 -5.96 -19.87 -1.86
CA GLY A 11 -7.06 -19.36 -1.07
C GLY A 11 -8.40 -19.59 -1.73
N PHE A 12 -8.68 -20.84 -2.08
CA PHE A 12 -9.92 -21.18 -2.74
C PHE A 12 -10.80 -22.06 -1.86
N PHE A 13 -12.10 -21.84 -1.92
CA PHE A 13 -13.05 -22.62 -1.15
C PHE A 13 -13.56 -23.76 -2.02
N LEU A 14 -13.71 -24.94 -1.42
CA LEU A 14 -14.19 -26.10 -2.16
C LEU A 14 -15.66 -25.92 -2.55
N ARG A 15 -15.91 -25.88 -3.84
CA ARG A 15 -17.25 -25.70 -4.36
C ARG A 15 -17.73 -26.93 -5.11
N ILE A 16 -18.82 -27.51 -4.63
CA ILE A 16 -19.39 -28.70 -5.26
C ILE A 16 -20.56 -28.31 -6.15
N HIS A 17 -20.57 -28.80 -7.38
CA HIS A 17 -21.63 -28.49 -8.32
C HIS A 17 -22.63 -29.65 -8.40
N PRO A 18 -23.93 -29.35 -8.57
CA PRO A 18 -24.99 -30.37 -8.65
C PRO A 18 -24.83 -31.30 -9.86
N ASP A 19 -24.00 -30.90 -10.82
CA ASP A 19 -23.77 -31.70 -12.01
C ASP A 19 -22.76 -32.81 -11.72
N GLY A 20 -21.95 -32.60 -10.69
CA GLY A 20 -20.95 -33.58 -10.32
C GLY A 20 -19.53 -33.04 -10.37
N ARG A 21 -19.38 -31.81 -10.84
CA ARG A 21 -18.07 -31.18 -10.93
C ARG A 21 -17.68 -30.52 -9.60
N VAL A 22 -16.38 -30.46 -9.36
CA VAL A 22 -15.85 -29.85 -8.15
C VAL A 22 -14.71 -28.89 -8.50
N ASP A 23 -14.76 -27.69 -7.96
CA ASP A 23 -13.74 -26.67 -8.23
C ASP A 23 -13.56 -25.77 -7.02
N GLY A 24 -12.73 -24.74 -7.18
CA GLY A 24 -12.49 -23.82 -6.08
C GLY A 24 -12.86 -22.39 -6.43
N VAL A 25 -13.42 -21.68 -5.47
CA VAL A 25 -13.83 -20.28 -5.66
C VAL A 25 -13.37 -19.43 -4.47
N ARG A 26 -13.01 -18.19 -4.73
CA ARG A 26 -12.56 -17.30 -3.67
C ARG A 26 -13.73 -16.55 -3.05
N GLU A 27 -14.74 -16.27 -3.88
CA GLU A 27 -15.93 -15.56 -3.44
C GLU A 27 -16.78 -16.46 -2.56
N LYS A 28 -17.00 -16.03 -1.32
CA LYS A 28 -17.81 -16.81 -0.39
C LYS A 28 -19.31 -16.55 -0.61
N SER A 29 -19.61 -15.79 -1.66
CA SER A 29 -20.99 -15.46 -1.99
C SER A 29 -21.65 -16.62 -2.74
N ASP A 30 -20.89 -17.65 -3.04
CA ASP A 30 -21.42 -18.81 -3.74
C ASP A 30 -22.07 -19.77 -2.74
N PRO A 31 -23.35 -20.08 -2.92
CA PRO A 31 -24.07 -20.97 -2.02
C PRO A 31 -23.65 -22.44 -2.15
N HIS A 32 -22.79 -22.73 -3.11
CA HIS A 32 -22.33 -24.09 -3.34
C HIS A 32 -21.10 -24.44 -2.50
N ILE A 33 -20.68 -23.51 -1.66
CA ILE A 33 -19.52 -23.74 -0.80
C ILE A 33 -19.98 -24.25 0.56
N LYS A 34 -21.30 -24.40 0.69
CA LYS A 34 -21.91 -24.88 1.92
C LYS A 34 -21.79 -26.40 1.97
N LEU A 35 -20.74 -26.89 2.60
CA LEU A 35 -20.51 -28.31 2.70
C LEU A 35 -20.81 -28.81 4.10
N GLN A 36 -21.34 -30.03 4.18
CA GLN A 36 -21.66 -30.63 5.46
C GLN A 36 -20.73 -31.82 5.70
N LEU A 37 -20.14 -31.86 6.88
CA LEU A 37 -19.21 -32.93 7.23
C LEU A 37 -19.91 -33.97 8.11
N GLN A 38 -20.09 -35.17 7.57
CA GLN A 38 -20.72 -36.25 8.30
C GLN A 38 -19.66 -37.16 8.89
N ALA A 39 -19.81 -37.52 10.15
CA ALA A 39 -18.85 -38.38 10.82
C ALA A 39 -19.30 -39.83 10.81
N GLU A 40 -18.52 -40.67 10.13
CA GLU A 40 -18.82 -42.08 10.04
C GLU A 40 -18.07 -42.84 11.13
N GLU A 41 -16.79 -42.52 11.26
CA GLU A 41 -15.92 -43.13 12.24
C GLU A 41 -15.01 -42.05 12.81
N ARG A 42 -14.43 -42.29 13.98
CA ARG A 42 -13.54 -41.32 14.61
C ARG A 42 -12.34 -41.03 13.70
N GLY A 43 -12.41 -39.91 12.98
CA GLY A 43 -11.34 -39.53 12.08
C GLY A 43 -11.76 -39.65 10.62
N VAL A 44 -12.86 -40.33 10.38
CA VAL A 44 -13.37 -40.53 9.02
C VAL A 44 -14.65 -39.73 8.81
N VAL A 45 -14.60 -38.77 7.91
CA VAL A 45 -15.74 -37.92 7.63
C VAL A 45 -16.10 -37.94 6.15
N SER A 46 -17.32 -37.53 5.85
CA SER A 46 -17.82 -37.48 4.48
C SER A 46 -18.25 -36.05 4.16
N ILE A 47 -17.78 -35.53 3.04
CA ILE A 47 -18.11 -34.17 2.62
C ILE A 47 -19.28 -34.16 1.65
N LYS A 48 -20.37 -33.55 2.07
CA LYS A 48 -21.57 -33.48 1.23
C LYS A 48 -21.95 -32.04 0.95
N GLY A 49 -22.21 -31.73 -0.31
CA GLY A 49 -22.60 -30.39 -0.68
C GLY A 49 -24.07 -30.15 -0.39
N VAL A 50 -24.38 -29.20 0.48
CA VAL A 50 -25.76 -28.92 0.84
C VAL A 50 -26.60 -28.48 -0.35
N SER A 51 -26.05 -27.61 -1.19
CA SER A 51 -26.76 -27.11 -2.35
C SER A 51 -26.58 -28.01 -3.58
N ALA A 52 -26.04 -29.20 -3.37
CA ALA A 52 -25.81 -30.12 -4.47
C ALA A 52 -26.39 -31.50 -4.17
N ASN A 53 -26.46 -31.83 -2.88
CA ASN A 53 -26.98 -33.13 -2.43
C ASN A 53 -26.08 -34.27 -2.89
N ARG A 54 -24.85 -33.93 -3.25
CA ARG A 54 -23.89 -34.91 -3.71
C ARG A 54 -22.73 -34.99 -2.73
N TYR A 55 -22.14 -36.18 -2.63
CA TYR A 55 -21.03 -36.43 -1.73
C TYR A 55 -19.72 -36.43 -2.50
N LEU A 56 -18.68 -35.89 -1.89
CA LEU A 56 -17.37 -35.84 -2.53
C LEU A 56 -16.77 -37.24 -2.61
N ALA A 57 -16.36 -37.64 -3.80
CA ALA A 57 -15.78 -38.96 -3.99
C ALA A 57 -14.55 -38.91 -4.90
N MET A 58 -13.62 -39.82 -4.67
CA MET A 58 -12.41 -39.90 -5.46
C MET A 58 -12.38 -41.21 -6.25
N LYS A 59 -12.01 -41.15 -7.51
CA LYS A 59 -11.97 -42.34 -8.35
C LYS A 59 -10.59 -42.98 -8.31
N GLU A 60 -10.50 -44.20 -8.84
CA GLU A 60 -9.25 -44.97 -8.85
C GLU A 60 -8.21 -44.37 -9.79
N ASP A 61 -8.57 -43.33 -10.51
CA ASP A 61 -7.65 -42.68 -11.43
C ASP A 61 -7.07 -41.42 -10.79
N GLY A 62 -7.64 -41.04 -9.66
CA GLY A 62 -7.17 -39.86 -8.96
C GLY A 62 -8.08 -38.67 -9.14
N ARG A 63 -9.14 -38.85 -9.92
CA ARG A 63 -10.09 -37.76 -10.17
C ARG A 63 -10.99 -37.53 -8.96
N LEU A 64 -11.44 -36.30 -8.83
CA LEU A 64 -12.31 -35.90 -7.73
C LEU A 64 -13.64 -35.41 -8.29
N LEU A 65 -14.72 -36.04 -7.89
CA LEU A 65 -16.04 -35.66 -8.36
C LEU A 65 -17.08 -35.81 -7.26
N ALA A 66 -18.31 -35.40 -7.55
CA ALA A 66 -19.39 -35.50 -6.58
C ALA A 66 -20.32 -36.64 -6.94
N SER A 67 -20.44 -37.59 -6.04
CA SER A 67 -21.29 -38.75 -6.25
C SER A 67 -22.61 -38.59 -5.52
N LYS A 68 -23.71 -38.95 -6.17
CA LYS A 68 -25.03 -38.85 -5.57
C LYS A 68 -25.25 -40.04 -4.63
N SER A 69 -24.49 -41.10 -4.87
CA SER A 69 -24.58 -42.30 -4.06
C SER A 69 -23.44 -42.31 -3.04
N VAL A 70 -23.76 -42.65 -1.80
CA VAL A 70 -22.75 -42.70 -0.74
C VAL A 70 -21.91 -43.97 -0.87
N THR A 71 -20.86 -43.89 -1.68
CA THR A 71 -19.98 -45.02 -1.89
C THR A 71 -18.84 -45.00 -0.87
N ASP A 72 -17.99 -46.01 -0.92
CA ASP A 72 -16.86 -46.10 -0.01
C ASP A 72 -15.78 -45.10 -0.40
N GLU A 73 -15.99 -44.46 -1.55
CA GLU A 73 -15.05 -43.48 -2.07
C GLU A 73 -15.38 -42.09 -1.52
N CYS A 74 -16.51 -41.99 -0.82
CA CYS A 74 -16.96 -40.72 -0.26
C CYS A 74 -16.51 -40.55 1.20
N PHE A 75 -15.69 -41.48 1.68
CA PHE A 75 -15.21 -41.43 3.05
C PHE A 75 -13.74 -41.04 3.08
N PHE A 76 -13.44 -39.93 3.72
CA PHE A 76 -12.07 -39.45 3.80
C PHE A 76 -11.62 -39.33 5.25
N PHE A 77 -10.32 -39.49 5.45
CA PHE A 77 -9.71 -39.39 6.77
C PHE A 77 -9.31 -37.94 7.02
N GLU A 78 -9.92 -37.34 8.02
CA GLU A 78 -9.61 -35.97 8.39
C GLU A 78 -8.56 -35.96 9.49
N ARG A 79 -7.47 -35.24 9.26
CA ARG A 79 -6.41 -35.16 10.24
C ARG A 79 -5.99 -33.71 10.46
N LEU A 80 -5.76 -33.34 11.71
CA LEU A 80 -5.36 -31.98 12.04
C LEU A 80 -3.83 -31.88 12.04
N GLU A 81 -3.30 -31.05 11.16
CA GLU A 81 -1.87 -30.86 11.04
C GLU A 81 -1.37 -29.86 12.08
N SER A 82 -0.06 -29.82 12.28
CA SER A 82 0.56 -28.93 13.25
C SER A 82 0.40 -27.45 12.88
N ASN A 83 0.03 -27.19 11.63
CA ASN A 83 -0.15 -25.82 11.16
C ASN A 83 -1.61 -25.38 11.26
N ASN A 84 -2.39 -26.14 12.04
CA ASN A 84 -3.81 -25.85 12.27
C ASN A 84 -4.68 -26.13 11.05
N TYR A 85 -4.11 -26.80 10.05
CA TYR A 85 -4.87 -27.12 8.84
C TYR A 85 -5.31 -28.57 8.92
N ASN A 86 -6.26 -28.95 8.08
CA ASN A 86 -6.76 -30.32 8.08
C ASN A 86 -6.47 -31.01 6.76
N THR A 87 -6.00 -32.23 6.85
CA THR A 87 -5.70 -33.02 5.66
C THR A 87 -6.82 -34.03 5.43
N TYR A 88 -7.19 -34.22 4.17
CA TYR A 88 -8.24 -35.16 3.82
C TYR A 88 -7.69 -36.25 2.91
N ARG A 89 -7.45 -37.42 3.50
CA ARG A 89 -6.91 -38.55 2.77
C ARG A 89 -8.00 -39.58 2.52
N SER A 90 -8.03 -40.14 1.33
CA SER A 90 -9.05 -41.13 0.99
C SER A 90 -8.84 -42.41 1.79
N ARG A 91 -9.93 -42.99 2.28
CA ARG A 91 -9.86 -44.23 3.04
C ARG A 91 -9.52 -45.39 2.11
N LYS A 92 -10.08 -45.34 0.91
CA LYS A 92 -9.83 -46.38 -0.08
C LYS A 92 -8.40 -46.26 -0.58
N TYR A 93 -8.05 -45.08 -1.08
CA TYR A 93 -6.71 -44.82 -1.57
C TYR A 93 -5.93 -44.05 -0.52
N THR A 94 -5.33 -44.79 0.41
CA THR A 94 -4.58 -44.21 1.51
C THR A 94 -3.28 -43.52 1.08
N SER A 95 -3.05 -43.44 -0.22
CA SER A 95 -1.85 -42.80 -0.74
C SER A 95 -2.20 -41.50 -1.45
N TRP A 96 -3.50 -41.20 -1.55
CA TRP A 96 -3.96 -40.00 -2.22
C TRP A 96 -4.72 -39.09 -1.28
N TYR A 97 -4.52 -37.79 -1.46
CA TYR A 97 -5.20 -36.79 -0.64
C TYR A 97 -6.01 -35.87 -1.52
N VAL A 98 -6.96 -35.16 -0.93
CA VAL A 98 -7.77 -34.21 -1.66
C VAL A 98 -7.01 -32.89 -1.76
N ALA A 99 -6.88 -32.35 -2.96
CA ALA A 99 -6.15 -31.11 -3.15
C ALA A 99 -6.74 -30.24 -4.23
N LEU A 100 -6.51 -28.94 -4.10
CA LEU A 100 -6.98 -27.96 -5.06
C LEU A 100 -5.79 -27.21 -5.63
N LYS A 101 -5.92 -26.72 -6.85
CA LYS A 101 -4.84 -25.98 -7.48
C LYS A 101 -5.12 -24.49 -7.36
N ARG A 102 -4.05 -23.69 -7.27
CA ARG A 102 -4.19 -22.23 -7.15
C ARG A 102 -4.73 -21.62 -8.44
N THR A 103 -5.06 -22.46 -9.40
CA THR A 103 -5.60 -22.01 -10.67
C THR A 103 -7.14 -22.03 -10.66
N GLY A 104 -7.71 -22.65 -9.62
CA GLY A 104 -9.16 -22.72 -9.52
C GLY A 104 -9.69 -24.14 -9.69
N GLN A 105 -8.90 -24.99 -10.32
CA GLN A 105 -9.29 -26.38 -10.55
C GLN A 105 -8.72 -27.29 -9.48
N TYR A 106 -9.30 -28.47 -9.32
CA TYR A 106 -8.83 -29.42 -8.32
C TYR A 106 -7.56 -30.12 -8.83
N LYS A 107 -6.84 -30.75 -7.92
CA LYS A 107 -5.63 -31.45 -8.28
C LYS A 107 -5.86 -32.96 -8.17
N LEU A 108 -5.35 -33.70 -9.14
CA LEU A 108 -5.49 -35.14 -9.14
C LEU A 108 -4.82 -35.76 -7.92
N GLY A 109 -5.56 -36.62 -7.22
CA GLY A 109 -5.04 -37.26 -6.02
C GLY A 109 -3.76 -38.02 -6.29
N SER A 110 -3.62 -38.52 -7.50
CA SER A 110 -2.44 -39.27 -7.91
C SER A 110 -1.18 -38.40 -7.90
N LYS A 111 -1.36 -37.10 -7.76
CA LYS A 111 -0.24 -36.15 -7.74
C LYS A 111 -0.12 -35.46 -6.39
N THR A 112 -0.83 -35.97 -5.39
CA THR A 112 -0.79 -35.38 -4.06
C THR A 112 0.18 -36.14 -3.16
N GLY A 113 0.50 -35.55 -2.02
CA GLY A 113 1.41 -36.18 -1.10
C GLY A 113 1.73 -35.30 0.09
N PRO A 114 2.30 -35.87 1.17
CA PRO A 114 2.66 -35.11 2.37
C PRO A 114 3.73 -34.07 2.08
N GLY A 115 3.37 -32.80 2.25
CA GLY A 115 4.30 -31.72 1.99
C GLY A 115 3.67 -30.64 1.15
N GLN A 116 2.71 -31.03 0.33
CA GLN A 116 2.01 -30.09 -0.53
C GLN A 116 0.96 -29.32 0.27
N LYS A 117 1.01 -27.99 0.17
CA LYS A 117 0.05 -27.14 0.88
C LYS A 117 -1.32 -27.17 0.21
N ALA A 118 -1.43 -27.92 -0.87
CA ALA A 118 -2.68 -28.04 -1.61
C ALA A 118 -3.66 -28.97 -0.91
N ILE A 119 -3.14 -29.82 -0.03
CA ILE A 119 -3.97 -30.77 0.70
C ILE A 119 -4.34 -30.23 2.08
N LEU A 120 -4.02 -28.96 2.30
CA LEU A 120 -4.30 -28.31 3.58
C LEU A 120 -5.58 -27.50 3.48
N PHE A 121 -6.62 -27.97 4.15
CA PHE A 121 -7.91 -27.30 4.14
C PHE A 121 -8.27 -26.76 5.53
N LEU A 122 -8.94 -25.62 5.55
CA LEU A 122 -9.38 -25.00 6.78
C LEU A 122 -10.90 -24.86 6.77
N PRO A 123 -11.60 -25.68 7.57
CA PRO A 123 -13.06 -25.65 7.64
C PRO A 123 -13.59 -24.39 8.35
N MET A 124 -13.99 -23.40 7.56
CA MET A 124 -14.52 -22.17 8.11
C MET A 124 -16.04 -22.23 8.15
N SER A 125 -16.65 -21.46 9.04
CA SER A 125 -18.10 -21.44 9.18
C SER A 125 -18.77 -20.84 7.95
N ALA A 126 -19.93 -21.37 7.58
CA ALA A 126 -20.66 -20.88 6.42
C ALA A 126 -22.14 -20.83 6.74
N SER B 1 15.41 5.17 16.35
CA SER B 1 14.01 4.70 16.41
C SER B 1 13.87 3.38 15.67
N GLU B 2 12.85 2.61 16.01
CA GLU B 2 12.60 1.31 15.41
C GLU B 2 12.29 1.44 13.91
N LEU B 3 11.30 2.27 13.58
CA LEU B 3 10.92 2.45 12.17
C LEU B 3 12.07 3.08 11.40
N GLU B 4 12.73 4.04 12.03
CA GLU B 4 13.85 4.73 11.42
C GLU B 4 14.95 3.74 11.03
N LYS B 5 15.28 2.84 11.95
CA LYS B 5 16.29 1.82 11.70
C LYS B 5 15.83 0.88 10.60
N ALA B 6 14.56 0.50 10.65
CA ALA B 6 13.98 -0.39 9.66
C ALA B 6 14.03 0.22 8.28
N MET B 7 13.77 1.54 8.20
CA MET B 7 13.78 2.25 6.93
C MET B 7 15.13 2.10 6.23
N VAL B 8 16.20 2.38 6.95
CA VAL B 8 17.55 2.27 6.40
C VAL B 8 17.82 0.85 5.90
N ALA B 9 17.43 -0.13 6.71
CA ALA B 9 17.62 -1.53 6.35
C ALA B 9 16.83 -1.89 5.10
N LEU B 10 15.56 -1.51 5.06
CA LEU B 10 14.69 -1.79 3.92
C LEU B 10 15.24 -1.13 2.66
N ILE B 11 15.72 0.09 2.79
CA ILE B 11 16.26 0.82 1.65
C ILE B 11 17.50 0.12 1.10
N ASP B 12 18.37 -0.34 2.00
CA ASP B 12 19.59 -1.04 1.60
C ASP B 12 19.25 -2.37 0.94
N VAL B 13 18.36 -3.13 1.56
CA VAL B 13 17.94 -4.42 1.03
C VAL B 13 17.32 -4.25 -0.34
N PHE B 14 16.45 -3.26 -0.49
CA PHE B 14 15.78 -2.98 -1.75
C PHE B 14 16.81 -2.72 -2.85
N HIS B 15 17.70 -1.76 -2.61
CA HIS B 15 18.73 -1.39 -3.57
C HIS B 15 19.59 -2.60 -3.95
N GLN B 16 19.89 -3.43 -2.97
CA GLN B 16 20.69 -4.63 -3.17
C GLN B 16 19.97 -5.62 -4.08
N TYR B 17 18.72 -5.93 -3.76
CA TYR B 17 17.94 -6.88 -4.54
C TYR B 17 17.61 -6.33 -5.93
N SER B 18 17.34 -5.03 -6.01
CA SER B 18 17.02 -4.40 -7.28
C SER B 18 18.23 -4.40 -8.23
N GLY B 19 19.38 -4.75 -7.68
CA GLY B 19 20.59 -4.79 -8.49
C GLY B 19 20.57 -5.92 -9.50
N ARG B 20 19.70 -6.91 -9.24
CA ARG B 20 19.58 -8.07 -10.13
C ARG B 20 18.88 -7.66 -11.43
N GLU B 21 18.00 -6.68 -11.35
CA GLU B 21 17.27 -6.19 -12.51
C GLU B 21 18.24 -5.62 -13.55
N GLY B 22 19.21 -4.87 -13.05
CA GLY B 22 20.19 -4.26 -13.91
C GLY B 22 20.73 -3.00 -13.28
N ASP B 23 19.83 -2.21 -12.74
CA ASP B 23 20.21 -0.99 -12.06
C ASP B 23 20.10 -1.20 -10.55
N LYS B 24 19.30 -0.39 -9.89
CA LYS B 24 19.13 -0.51 -8.44
C LYS B 24 17.97 0.34 -7.96
N HIS B 25 16.94 0.48 -8.79
CA HIS B 25 15.79 1.29 -8.41
C HIS B 25 14.48 0.55 -8.67
N LYS B 26 14.55 -0.57 -9.38
CA LYS B 26 13.36 -1.35 -9.69
C LYS B 26 13.61 -2.85 -9.56
N LEU B 27 12.54 -3.59 -9.43
CA LEU B 27 12.61 -5.05 -9.31
C LEU B 27 11.96 -5.66 -10.56
N LYS B 28 12.43 -6.84 -10.96
CA LYS B 28 11.90 -7.48 -12.16
C LYS B 28 11.10 -8.73 -11.83
N LYS B 29 10.27 -8.64 -10.78
CA LYS B 29 9.41 -9.75 -10.34
C LYS B 29 10.18 -10.87 -9.65
N SER B 30 11.26 -11.35 -10.28
CA SER B 30 12.06 -12.43 -9.73
C SER B 30 12.59 -12.08 -8.34
N GLU B 31 13.05 -10.84 -8.19
CA GLU B 31 13.59 -10.36 -6.92
C GLU B 31 12.49 -10.29 -5.86
N LEU B 32 11.27 -10.00 -6.29
CA LEU B 32 10.14 -9.92 -5.36
C LEU B 32 9.94 -11.28 -4.71
N LYS B 33 9.97 -12.32 -5.52
CA LYS B 33 9.81 -13.68 -5.04
C LYS B 33 11.00 -14.06 -4.16
N GLU B 34 12.18 -13.56 -4.51
CA GLU B 34 13.39 -13.85 -3.76
C GLU B 34 13.29 -13.21 -2.38
N LEU B 35 12.70 -12.03 -2.30
CA LEU B 35 12.54 -11.34 -1.02
C LEU B 35 11.74 -12.21 -0.05
N ILE B 36 10.71 -12.86 -0.57
CA ILE B 36 9.87 -13.72 0.26
C ILE B 36 10.59 -15.04 0.59
N ASN B 37 11.28 -15.60 -0.40
CA ASN B 37 11.96 -16.87 -0.23
C ASN B 37 13.30 -16.76 0.49
N ASN B 38 13.85 -15.56 0.59
CA ASN B 38 15.15 -15.39 1.25
C ASN B 38 15.03 -14.64 2.58
N GLU B 39 14.08 -13.71 2.66
CA GLU B 39 13.90 -12.93 3.88
C GLU B 39 12.75 -13.46 4.73
N LEU B 40 11.63 -13.76 4.09
CA LEU B 40 10.45 -14.23 4.80
C LEU B 40 10.38 -15.76 4.85
N SER B 41 11.48 -16.43 4.53
CA SER B 41 11.53 -17.89 4.53
C SER B 41 11.32 -18.46 5.93
N HIS B 42 11.57 -17.63 6.94
CA HIS B 42 11.41 -18.06 8.32
C HIS B 42 10.06 -17.61 8.85
N PHE B 43 9.39 -16.75 8.11
CA PHE B 43 8.09 -16.24 8.51
C PHE B 43 6.99 -17.09 7.88
N LEU B 44 7.12 -17.35 6.59
CA LEU B 44 6.15 -18.17 5.87
C LEU B 44 6.86 -19.12 4.91
N GLU B 45 7.00 -20.36 5.35
CA GLU B 45 7.67 -21.39 4.56
C GLU B 45 6.67 -22.14 3.70
N GLU B 46 6.01 -21.42 2.80
CA GLU B 46 5.01 -22.03 1.93
C GLU B 46 5.31 -21.70 0.46
N ILE B 47 4.35 -21.07 -0.22
CA ILE B 47 4.50 -20.70 -1.62
C ILE B 47 4.80 -21.94 -2.47
N LYS B 48 5.93 -21.92 -3.19
CA LYS B 48 6.35 -23.03 -4.07
C LYS B 48 5.55 -23.06 -5.37
N GLU B 49 4.25 -22.84 -5.29
CA GLU B 49 3.41 -22.84 -6.48
C GLU B 49 3.15 -21.42 -6.97
N GLN B 50 3.69 -20.45 -6.24
CA GLN B 50 3.56 -19.03 -6.57
C GLN B 50 2.10 -18.57 -6.54
N GLU B 51 1.55 -18.49 -5.34
CA GLU B 51 0.17 -18.08 -5.14
C GLU B 51 0.12 -16.62 -4.73
N VAL B 52 0.75 -16.33 -3.60
CA VAL B 52 0.82 -14.96 -3.09
C VAL B 52 1.58 -14.06 -4.04
N VAL B 53 2.50 -14.65 -4.80
CA VAL B 53 3.32 -13.91 -5.75
C VAL B 53 2.45 -13.28 -6.84
N ASP B 54 1.34 -13.92 -7.14
CA ASP B 54 0.42 -13.43 -8.16
C ASP B 54 -0.45 -12.31 -7.59
N LYS B 55 -0.91 -12.50 -6.36
CA LYS B 55 -1.76 -11.51 -5.71
C LYS B 55 -1.00 -10.23 -5.37
N VAL B 56 0.25 -10.36 -4.94
CA VAL B 56 1.04 -9.19 -4.59
C VAL B 56 1.30 -8.33 -5.83
N MET B 57 1.61 -8.98 -6.95
CA MET B 57 1.88 -8.25 -8.19
C MET B 57 0.63 -7.51 -8.65
N GLU B 58 -0.52 -8.05 -8.28
CA GLU B 58 -1.81 -7.46 -8.62
C GLU B 58 -1.99 -6.11 -7.93
N THR B 59 -1.42 -5.96 -6.74
CA THR B 59 -1.52 -4.73 -5.97
C THR B 59 -0.29 -3.85 -6.17
N LEU B 60 0.87 -4.49 -6.30
CA LEU B 60 2.14 -3.78 -6.47
C LEU B 60 2.14 -2.92 -7.72
N ASP B 61 1.83 -3.54 -8.86
CA ASP B 61 1.80 -2.82 -10.12
C ASP B 61 0.54 -1.97 -10.22
N ASN B 62 0.54 -0.86 -9.49
CA ASN B 62 -0.59 0.06 -9.49
C ASN B 62 -0.47 1.05 -10.65
N ASP B 63 0.58 0.86 -11.46
CA ASP B 63 0.81 1.72 -12.59
C ASP B 63 0.43 1.03 -13.89
N GLY B 64 0.77 -0.25 -14.01
CA GLY B 64 0.44 -1.00 -15.21
C GLY B 64 1.62 -1.05 -16.14
N ASP B 65 2.73 -1.59 -15.65
CA ASP B 65 3.95 -1.70 -16.43
C ASP B 65 4.91 -2.69 -15.80
N GLY B 66 4.69 -3.00 -14.53
CA GLY B 66 5.56 -3.94 -13.83
C GLY B 66 6.80 -3.26 -13.30
N GLU B 67 6.73 -1.95 -13.16
CA GLU B 67 7.85 -1.17 -12.66
C GLU B 67 7.78 -1.05 -11.15
N CYS B 68 8.46 -1.96 -10.46
CA CYS B 68 8.47 -1.97 -9.01
C CYS B 68 9.21 -0.75 -8.46
N ASP B 69 8.62 -0.13 -7.46
CA ASP B 69 9.18 1.07 -6.84
C ASP B 69 9.01 1.01 -5.33
N PHE B 70 9.74 1.86 -4.61
CA PHE B 70 9.66 1.92 -3.15
C PHE B 70 8.22 2.00 -2.65
N GLN B 71 7.37 2.69 -3.42
CA GLN B 71 5.97 2.86 -3.08
C GLN B 71 5.26 1.51 -2.92
N GLU B 72 5.47 0.61 -3.87
CA GLU B 72 4.84 -0.70 -3.83
C GLU B 72 5.69 -1.70 -3.05
N PHE B 73 6.97 -1.41 -2.90
CA PHE B 73 7.90 -2.28 -2.17
C PHE B 73 7.45 -2.47 -0.73
N MET B 74 7.15 -1.38 -0.05
CA MET B 74 6.70 -1.45 1.34
C MET B 74 5.27 -1.98 1.40
N ALA B 75 4.52 -1.74 0.34
CA ALA B 75 3.14 -2.22 0.26
C ALA B 75 3.17 -3.73 0.10
N PHE B 76 4.23 -4.20 -0.55
CA PHE B 76 4.45 -5.62 -0.77
C PHE B 76 4.63 -6.30 0.58
N VAL B 77 5.36 -5.64 1.47
CA VAL B 77 5.60 -6.17 2.81
C VAL B 77 4.26 -6.25 3.55
N ALA B 78 3.45 -5.21 3.41
CA ALA B 78 2.14 -5.16 4.05
C ALA B 78 1.28 -6.32 3.55
N MET B 79 1.27 -6.50 2.24
CA MET B 79 0.50 -7.55 1.60
C MET B 79 0.89 -8.93 2.10
N VAL B 80 2.16 -9.28 2.02
CA VAL B 80 2.61 -10.60 2.47
C VAL B 80 2.38 -10.83 3.96
N THR B 81 2.55 -9.78 4.76
CA THR B 81 2.37 -9.88 6.20
C THR B 81 0.91 -10.14 6.57
N THR B 82 -0.01 -9.55 5.82
CA THR B 82 -1.43 -9.71 6.10
C THR B 82 -2.04 -10.91 5.38
N ALA B 83 -1.81 -11.00 4.07
CA ALA B 83 -2.37 -12.09 3.26
C ALA B 83 -2.01 -13.47 3.79
N CYS B 84 -0.77 -13.63 4.24
CA CYS B 84 -0.33 -14.91 4.77
C CYS B 84 -0.92 -15.17 6.16
N HIS B 85 -0.95 -14.12 6.99
CA HIS B 85 -1.48 -14.23 8.34
C HIS B 85 -2.99 -14.48 8.32
N GLU B 86 -3.68 -13.82 7.39
CA GLU B 86 -5.12 -13.94 7.28
C GLU B 86 -5.53 -15.19 6.50
N PHE B 87 -4.60 -16.13 6.33
CA PHE B 87 -4.90 -17.38 5.64
C PHE B 87 -5.72 -18.29 6.55
N PHE B 88 -5.96 -17.80 7.76
CA PHE B 88 -6.75 -18.53 8.75
C PHE B 88 -8.07 -17.81 9.00
N GLU B 89 -8.29 -16.72 8.27
CA GLU B 89 -9.50 -15.91 8.40
C GLU B 89 -9.74 -15.12 7.12
N HIS B 90 -10.40 -15.76 6.17
CA HIS B 90 -10.68 -15.10 4.90
C HIS B 90 -12.16 -14.76 4.80
N GLU B 91 -12.46 -13.66 4.11
CA GLU B 91 -13.83 -13.24 3.91
C GLU B 91 -14.42 -13.98 2.72
N SER C 1 16.69 -12.83 9.25
CA SER C 1 16.74 -11.97 8.04
C SER C 1 16.45 -10.51 8.40
N GLU C 2 16.77 -9.61 7.49
CA GLU C 2 16.55 -8.18 7.71
C GLU C 2 15.07 -7.84 7.70
N LEU C 3 14.39 -8.21 6.61
CA LEU C 3 12.97 -7.93 6.49
C LEU C 3 12.19 -8.64 7.59
N GLU C 4 12.59 -9.86 7.88
CA GLU C 4 11.96 -10.67 8.93
C GLU C 4 12.05 -9.95 10.28
N LYS C 5 13.25 -9.48 10.61
CA LYS C 5 13.48 -8.76 11.86
C LYS C 5 12.64 -7.48 11.89
N ALA C 6 12.61 -6.80 10.75
CA ALA C 6 11.85 -5.55 10.63
C ALA C 6 10.37 -5.81 10.82
N MET C 7 9.88 -6.93 10.29
CA MET C 7 8.48 -7.29 10.40
C MET C 7 8.07 -7.40 11.87
N VAL C 8 8.83 -8.15 12.64
CA VAL C 8 8.55 -8.31 14.07
C VAL C 8 8.55 -6.98 14.78
N ALA C 9 9.52 -6.13 14.45
CA ALA C 9 9.64 -4.81 15.06
C ALA C 9 8.45 -3.93 14.69
N LEU C 10 8.11 -3.91 13.39
CA LEU C 10 7.00 -3.12 12.89
C LEU C 10 5.69 -3.56 13.54
N ILE C 11 5.51 -4.87 13.67
CA ILE C 11 4.31 -5.44 14.28
C ILE C 11 4.20 -4.98 15.74
N ASP C 12 5.33 -5.04 16.45
CA ASP C 12 5.36 -4.63 17.85
C ASP C 12 5.06 -3.15 18.01
N VAL C 13 5.74 -2.33 17.21
CA VAL C 13 5.54 -0.89 17.25
C VAL C 13 4.09 -0.54 16.94
N PHE C 14 3.54 -1.18 15.91
CA PHE C 14 2.16 -0.95 15.52
C PHE C 14 1.22 -1.22 16.68
N HIS C 15 1.34 -2.41 17.26
CA HIS C 15 0.50 -2.81 18.39
C HIS C 15 0.67 -1.84 19.57
N GLN C 16 1.89 -1.36 19.76
CA GLN C 16 2.17 -0.44 20.85
C GLN C 16 1.46 0.90 20.63
N TYR C 17 1.62 1.46 19.44
CA TYR C 17 1.02 2.75 19.11
C TYR C 17 -0.50 2.65 19.01
N SER C 18 -1.00 1.57 18.45
CA SER C 18 -2.45 1.36 18.29
C SER C 18 -3.14 1.26 19.64
N GLY C 19 -2.35 1.08 20.69
CA GLY C 19 -2.91 0.96 22.03
C GLY C 19 -3.44 2.29 22.55
N ARG C 20 -3.13 3.38 21.85
CA ARG C 20 -3.58 4.70 22.25
C ARG C 20 -5.01 4.94 21.79
N GLU C 21 -5.41 4.23 20.73
CA GLU C 21 -6.75 4.34 20.17
C GLU C 21 -7.78 3.79 21.15
N GLY C 22 -7.45 2.64 21.72
CA GLY C 22 -8.32 2.00 22.66
C GLY C 22 -8.01 0.53 22.75
N ASP C 23 -7.90 -0.09 21.58
CA ASP C 23 -7.58 -1.51 21.50
C ASP C 23 -6.09 -1.67 21.18
N LYS C 24 -5.78 -2.34 20.07
CA LYS C 24 -4.39 -2.56 19.67
C LYS C 24 -4.33 -3.13 18.26
N HIS C 25 -5.29 -2.76 17.43
CA HIS C 25 -5.32 -3.25 16.05
C HIS C 25 -5.58 -2.11 15.07
N LYS C 26 -5.91 -0.93 15.57
CA LYS C 26 -6.18 0.21 14.72
C LYS C 26 -5.58 1.48 15.29
N LEU C 27 -5.43 2.48 14.43
CA LEU C 27 -4.89 3.77 14.83
C LEU C 27 -5.97 4.83 14.66
N LYS C 28 -5.86 5.93 15.39
CA LYS C 28 -6.86 6.99 15.34
C LYS C 28 -6.28 8.29 14.79
N LYS C 29 -5.45 8.18 13.75
CA LYS C 29 -4.81 9.33 13.09
C LYS C 29 -3.71 9.97 13.94
N SER C 30 -4.00 10.20 15.21
CA SER C 30 -3.04 10.82 16.13
C SER C 30 -1.76 10.01 16.21
N GLU C 31 -1.90 8.70 16.33
CA GLU C 31 -0.76 7.80 16.42
C GLU C 31 0.02 7.77 15.13
N LEU C 32 -0.67 7.98 14.01
CA LEU C 32 -0.02 8.01 12.70
C LEU C 32 0.96 9.16 12.66
N LYS C 33 0.53 10.30 13.19
CA LYS C 33 1.35 11.49 13.24
C LYS C 33 2.49 11.29 14.22
N GLU C 34 2.20 10.63 15.34
CA GLU C 34 3.21 10.35 16.35
C GLU C 34 4.30 9.46 15.77
N LEU C 35 3.90 8.51 14.93
CA LEU C 35 4.84 7.60 14.30
C LEU C 35 5.89 8.40 13.53
N ILE C 36 5.45 9.41 12.80
CA ILE C 36 6.35 10.25 12.02
C ILE C 36 7.16 11.17 12.92
N ASN C 37 6.50 11.76 13.90
CA ASN C 37 7.13 12.70 14.82
C ASN C 37 8.04 12.03 15.85
N ASN C 38 7.89 10.74 16.06
CA ASN C 38 8.70 10.04 17.05
C ASN C 38 9.69 9.07 16.43
N GLU C 39 9.25 8.33 15.42
CA GLU C 39 10.11 7.35 14.78
C GLU C 39 10.84 7.91 13.56
N LEU C 40 10.22 8.85 12.86
CA LEU C 40 10.85 9.41 11.67
C LEU C 40 11.33 10.84 11.88
N SER C 41 11.43 11.25 13.14
CA SER C 41 11.88 12.59 13.48
C SER C 41 13.32 12.83 13.03
N HIS C 42 14.12 11.78 13.08
CA HIS C 42 15.52 11.88 12.69
C HIS C 42 15.66 11.75 11.17
N PHE C 43 14.63 11.23 10.52
CA PHE C 43 14.65 11.05 9.08
C PHE C 43 14.15 12.33 8.39
N LEU C 44 13.02 12.83 8.86
CA LEU C 44 12.44 14.05 8.31
C LEU C 44 11.94 14.94 9.44
N GLU C 45 12.69 15.99 9.71
CA GLU C 45 12.34 16.93 10.77
C GLU C 45 11.61 18.14 10.22
N GLU C 46 10.48 17.89 9.58
CA GLU C 46 9.68 18.96 9.02
C GLU C 46 8.25 18.91 9.58
N ILE C 47 7.28 18.75 8.70
CA ILE C 47 5.87 18.69 9.09
C ILE C 47 5.48 19.95 9.88
N LYS C 48 5.06 19.75 11.14
CA LYS C 48 4.66 20.86 12.04
C LYS C 48 3.29 21.42 11.65
N GLU C 49 3.07 21.64 10.35
CA GLU C 49 1.80 22.17 9.88
C GLU C 49 0.88 21.06 9.41
N GLN C 50 1.42 19.85 9.31
CA GLN C 50 0.65 18.66 8.89
C GLN C 50 0.31 18.73 7.40
N GLU C 51 1.28 18.35 6.58
CA GLU C 51 1.12 18.36 5.13
C GLU C 51 1.08 16.92 4.65
N VAL C 52 2.16 16.19 4.90
CA VAL C 52 2.26 14.80 4.51
C VAL C 52 1.19 13.96 5.22
N VAL C 53 0.80 14.41 6.41
CA VAL C 53 -0.22 13.73 7.21
C VAL C 53 -1.54 13.68 6.45
N ASP C 54 -1.78 14.72 5.66
CA ASP C 54 -3.00 14.81 4.87
C ASP C 54 -2.93 13.85 3.69
N LYS C 55 -1.81 13.88 2.99
CA LYS C 55 -1.62 13.03 1.81
C LYS C 55 -1.58 11.54 2.17
N VAL C 56 -0.96 11.20 3.29
CA VAL C 56 -0.88 9.79 3.69
C VAL C 56 -2.27 9.26 4.05
N MET C 57 -3.05 10.04 4.80
CA MET C 57 -4.40 9.63 5.20
C MET C 57 -5.26 9.39 3.97
N GLU C 58 -4.98 10.16 2.92
CA GLU C 58 -5.71 10.07 1.66
C GLU C 58 -5.50 8.69 1.01
N THR C 59 -4.30 8.15 1.14
CA THR C 59 -3.98 6.86 0.54
C THR C 59 -4.14 5.71 1.54
N LEU C 60 -3.99 6.02 2.82
CA LEU C 60 -4.11 5.03 3.89
C LEU C 60 -5.54 4.51 4.00
N ASP C 61 -6.48 5.42 4.14
CA ASP C 61 -7.89 5.04 4.26
C ASP C 61 -8.43 4.63 2.89
N ASN C 62 -8.10 3.40 2.50
CA ASN C 62 -8.53 2.85 1.22
C ASN C 62 -9.89 2.16 1.37
N ASP C 63 -10.46 2.24 2.56
CA ASP C 63 -11.75 1.63 2.83
C ASP C 63 -12.83 2.70 2.94
N GLY C 64 -12.49 3.81 3.59
CA GLY C 64 -13.44 4.89 3.74
C GLY C 64 -14.10 4.84 5.11
N ASP C 65 -13.35 5.22 6.13
CA ASP C 65 -13.86 5.22 7.50
C ASP C 65 -12.81 5.76 8.45
N GLY C 66 -11.55 5.46 8.15
CA GLY C 66 -10.46 5.90 9.01
C GLY C 66 -9.98 4.76 9.88
N GLU C 67 -10.21 3.55 9.40
CA GLU C 67 -9.81 2.34 10.11
C GLU C 67 -8.41 1.93 9.70
N CYS C 68 -7.43 2.43 10.40
CA CYS C 68 -6.04 2.10 10.10
C CYS C 68 -5.75 0.64 10.40
N ASP C 69 -5.14 -0.04 9.43
CA ASP C 69 -4.82 -1.46 9.54
C ASP C 69 -3.40 -1.72 9.04
N PHE C 70 -2.89 -2.92 9.30
CA PHE C 70 -1.55 -3.32 8.88
C PHE C 70 -1.33 -3.08 7.38
N GLN C 71 -2.38 -3.27 6.60
CA GLN C 71 -2.31 -3.07 5.16
C GLN C 71 -1.86 -1.66 4.80
N GLU C 72 -2.47 -0.67 5.43
CA GLU C 72 -2.12 0.73 5.16
C GLU C 72 -0.95 1.18 6.02
N PHE C 73 -0.72 0.49 7.13
CA PHE C 73 0.38 0.83 8.03
C PHE C 73 1.72 0.78 7.31
N MET C 74 1.98 -0.32 6.60
CA MET C 74 3.25 -0.45 5.88
C MET C 74 3.24 0.43 4.64
N ALA C 75 2.05 0.69 4.11
CA ALA C 75 1.92 1.55 2.95
C ALA C 75 2.22 2.98 3.38
N PHE C 76 1.90 3.26 4.64
CA PHE C 76 2.15 4.55 5.25
C PHE C 76 3.65 4.81 5.27
N VAL C 77 4.40 3.78 5.61
CA VAL C 77 5.85 3.86 5.66
C VAL C 77 6.38 4.15 4.26
N ALA C 78 5.81 3.47 3.27
CA ALA C 78 6.20 3.66 1.88
C ALA C 78 5.95 5.09 1.45
N MET C 79 4.75 5.58 1.77
CA MET C 79 4.34 6.93 1.42
C MET C 79 5.26 7.98 2.01
N VAL C 80 5.51 7.92 3.31
CA VAL C 80 6.36 8.91 3.96
C VAL C 80 7.82 8.83 3.47
N THR C 81 8.28 7.62 3.19
CA THR C 81 9.65 7.43 2.72
C THR C 81 9.86 8.02 1.32
N THR C 82 8.84 7.92 0.47
CA THR C 82 8.94 8.42 -0.89
C THR C 82 8.52 9.88 -1.00
N ALA C 83 7.35 10.22 -0.48
CA ALA C 83 6.82 11.58 -0.54
C ALA C 83 7.80 12.63 0.00
N CYS C 84 8.47 12.30 1.09
CA CYS C 84 9.43 13.22 1.69
C CYS C 84 10.71 13.28 0.87
N HIS C 85 11.14 12.14 0.37
CA HIS C 85 12.37 12.07 -0.43
C HIS C 85 12.19 12.70 -1.80
N GLU C 86 11.04 12.45 -2.41
CA GLU C 86 10.73 12.97 -3.73
C GLU C 86 10.26 14.42 -3.69
N PHE C 87 10.51 15.10 -2.57
CA PHE C 87 10.13 16.49 -2.44
C PHE C 87 11.10 17.37 -3.24
N PHE C 88 12.22 16.77 -3.62
CA PHE C 88 13.23 17.47 -4.39
C PHE C 88 13.01 17.23 -5.89
N GLU C 89 12.04 16.38 -6.21
CA GLU C 89 11.72 16.05 -7.59
C GLU C 89 10.29 15.51 -7.71
N HIS C 90 9.38 16.37 -8.10
CA HIS C 90 7.98 15.99 -8.27
C HIS C 90 7.64 15.99 -9.75
N GLU C 91 6.46 15.47 -10.08
CA GLU C 91 6.01 15.44 -11.46
C GLU C 91 5.29 16.75 -11.77
N ASP D 1 9.51 27.71 -21.19
CA ASP D 1 9.69 29.09 -20.68
C ASP D 1 8.99 29.30 -19.32
N PRO D 2 7.67 29.08 -19.21
CA PRO D 2 6.96 29.26 -17.94
C PRO D 2 7.37 28.23 -16.90
N LYS D 3 7.32 28.64 -15.64
CA LYS D 3 7.68 27.77 -14.53
C LYS D 3 6.57 27.76 -13.50
N ARG D 4 6.36 26.61 -12.91
CA ARG D 4 5.32 26.45 -11.90
C ARG D 4 5.97 26.31 -10.52
N LEU D 5 5.69 27.26 -9.64
CA LEU D 5 6.25 27.25 -8.30
C LEU D 5 5.56 26.21 -7.43
N TYR D 6 6.28 25.14 -7.15
CA TYR D 6 5.77 24.05 -6.32
C TYR D 6 6.17 24.28 -4.86
N CYS D 7 5.18 24.48 -4.01
CA CYS D 7 5.44 24.71 -2.59
C CYS D 7 5.53 23.39 -1.84
N LYS D 8 6.47 23.32 -0.91
CA LYS D 8 6.68 22.12 -0.11
C LYS D 8 5.54 21.95 0.91
N ASN D 9 4.86 23.03 1.22
CA ASN D 9 3.77 23.01 2.19
C ASN D 9 2.48 22.47 1.58
N GLY D 10 2.32 21.15 1.63
CA GLY D 10 1.12 20.53 1.10
C GLY D 10 1.26 20.11 -0.34
N GLY D 11 2.32 20.56 -0.99
CA GLY D 11 2.55 20.22 -2.38
C GLY D 11 1.58 20.94 -3.30
N PHE D 12 1.53 22.26 -3.17
CA PHE D 12 0.64 23.06 -3.99
C PHE D 12 1.42 23.97 -4.92
N PHE D 13 0.90 24.14 -6.13
CA PHE D 13 1.51 25.02 -7.11
C PHE D 13 0.89 26.40 -7.02
N LEU D 14 1.71 27.43 -7.12
CA LEU D 14 1.23 28.80 -7.05
C LEU D 14 0.36 29.12 -8.25
N ARG D 15 -0.90 29.44 -8.00
CA ARG D 15 -1.84 29.74 -9.05
C ARG D 15 -2.33 31.19 -8.94
N ILE D 16 -2.14 31.95 -10.01
CA ILE D 16 -2.57 33.33 -10.05
C ILE D 16 -3.86 33.46 -10.84
N HIS D 17 -4.86 34.12 -10.26
CA HIS D 17 -6.14 34.30 -10.91
C HIS D 17 -6.21 35.67 -11.58
N PRO D 18 -6.92 35.77 -12.73
CA PRO D 18 -7.06 37.03 -13.47
C PRO D 18 -7.84 38.10 -12.71
N ASP D 19 -8.47 37.70 -11.61
CA ASP D 19 -9.24 38.63 -10.79
C ASP D 19 -8.35 39.30 -9.77
N GLY D 20 -7.19 38.72 -9.52
CA GLY D 20 -6.25 39.27 -8.56
C GLY D 20 -5.98 38.35 -7.39
N ARG D 21 -6.76 37.27 -7.30
CA ARG D 21 -6.59 36.31 -6.21
C ARG D 21 -5.45 35.34 -6.49
N VAL D 22 -4.81 34.87 -5.43
CA VAL D 22 -3.70 33.94 -5.54
C VAL D 22 -3.90 32.78 -4.56
N ASP D 23 -3.73 31.56 -5.05
CA ASP D 23 -3.92 30.37 -4.21
C ASP D 23 -3.02 29.23 -4.68
N GLY D 24 -3.18 28.07 -4.08
CA GLY D 24 -2.38 26.92 -4.45
C GLY D 24 -3.23 25.75 -4.91
N VAL D 25 -2.77 25.06 -5.94
CA VAL D 25 -3.48 23.91 -6.48
C VAL D 25 -2.52 22.74 -6.67
N ARG D 26 -3.02 21.51 -6.49
CA ARG D 26 -2.17 20.33 -6.65
C ARG D 26 -2.18 19.86 -8.10
N GLU D 27 -3.32 20.02 -8.76
CA GLU D 27 -3.47 19.61 -10.15
C GLU D 27 -2.68 20.54 -11.07
N LYS D 28 -1.74 19.95 -11.81
CA LYS D 28 -0.91 20.72 -12.73
C LYS D 28 -1.61 20.91 -14.08
N SER D 29 -2.90 20.61 -14.11
CA SER D 29 -3.70 20.74 -15.31
C SER D 29 -4.26 22.16 -15.45
N ASP D 30 -4.10 22.95 -14.41
CA ASP D 30 -4.59 24.33 -14.41
C ASP D 30 -3.60 25.23 -15.15
N PRO D 31 -4.06 25.93 -16.19
CA PRO D 31 -3.21 26.80 -16.99
C PRO D 31 -2.80 28.09 -16.26
N HIS D 32 -3.35 28.31 -15.07
CA HIS D 32 -3.04 29.50 -14.31
C HIS D 32 -1.78 29.31 -13.46
N ILE D 33 -1.18 28.13 -13.55
CA ILE D 33 0.04 27.85 -12.81
C ILE D 33 1.26 28.20 -13.66
N LYS D 34 0.99 28.65 -14.88
CA LYS D 34 2.05 29.04 -15.79
C LYS D 34 2.55 30.43 -15.41
N LEU D 35 3.61 30.47 -14.64
CA LEU D 35 4.18 31.73 -14.20
C LEU D 35 5.47 32.04 -14.94
N GLN D 36 5.70 33.30 -15.20
CA GLN D 36 6.91 33.75 -15.88
C GLN D 36 7.78 34.51 -14.90
N LEU D 37 9.06 34.17 -14.85
CA LEU D 37 9.98 34.81 -13.95
C LEU D 37 10.82 35.84 -14.69
N GLN D 38 10.64 37.10 -14.34
CA GLN D 38 11.37 38.20 -14.96
C GLN D 38 12.49 38.66 -14.04
N ALA D 39 13.71 38.73 -14.56
CA ALA D 39 14.84 39.16 -13.76
C ALA D 39 15.08 40.66 -13.91
N GLU D 40 15.01 41.38 -12.80
CA GLU D 40 15.24 42.82 -12.80
C GLU D 40 16.67 43.10 -12.39
N GLU D 41 17.11 42.41 -11.35
CA GLU D 41 18.45 42.56 -10.84
C GLU D 41 18.95 41.18 -10.42
N ARG D 42 20.25 41.05 -10.22
CA ARG D 42 20.85 39.77 -9.83
C ARG D 42 20.29 39.32 -8.48
N GLY D 43 19.38 38.36 -8.53
CA GLY D 43 18.78 37.85 -7.31
C GLY D 43 17.38 38.39 -7.08
N VAL D 44 16.97 39.33 -7.90
CA VAL D 44 15.65 39.94 -7.78
C VAL D 44 14.81 39.63 -9.01
N VAL D 45 13.72 38.90 -8.80
CA VAL D 45 12.85 38.52 -9.91
C VAL D 45 11.40 38.93 -9.65
N SER D 46 10.62 38.95 -10.72
CA SER D 46 9.21 39.29 -10.64
C SER D 46 8.39 38.13 -11.17
N ILE D 47 7.36 37.74 -10.45
CA ILE D 47 6.51 36.63 -10.86
C ILE D 47 5.25 37.14 -11.56
N LYS D 48 5.11 36.79 -12.82
CA LYS D 48 3.96 37.21 -13.61
C LYS D 48 3.17 36.00 -14.11
N GLY D 49 1.86 36.02 -13.91
CA GLY D 49 1.02 34.94 -14.36
C GLY D 49 0.72 35.08 -15.84
N VAL D 50 1.13 34.10 -16.63
CA VAL D 50 0.92 34.13 -18.08
C VAL D 50 -0.57 34.20 -18.43
N SER D 51 -1.35 33.28 -17.88
CA SER D 51 -2.79 33.25 -18.13
C SER D 51 -3.55 34.17 -17.18
N ALA D 52 -2.99 35.35 -16.94
CA ALA D 52 -3.60 36.34 -16.06
C ALA D 52 -3.11 37.74 -16.41
N ASN D 53 -1.85 37.81 -16.83
CA ASN D 53 -1.22 39.09 -17.20
C ASN D 53 -1.11 39.99 -15.99
N ARG D 54 -0.96 39.37 -14.83
CA ARG D 54 -0.83 40.10 -13.57
C ARG D 54 0.45 39.71 -12.88
N TYR D 55 1.00 40.62 -12.08
CA TYR D 55 2.24 40.38 -11.37
C TYR D 55 1.95 40.13 -9.89
N LEU D 56 2.70 39.22 -9.29
CA LEU D 56 2.53 38.92 -7.88
C LEU D 56 3.07 40.05 -7.03
N ALA D 57 2.25 40.57 -6.13
CA ALA D 57 2.66 41.67 -5.27
C ALA D 57 2.21 41.44 -3.83
N MET D 58 2.97 41.98 -2.90
CA MET D 58 2.66 41.86 -1.48
C MET D 58 2.35 43.24 -0.91
N LYS D 59 1.30 43.32 -0.10
CA LYS D 59 0.91 44.60 0.49
C LYS D 59 1.60 44.81 1.82
N GLU D 60 1.45 46.02 2.36
CA GLU D 60 2.08 46.40 3.63
C GLU D 60 1.45 45.70 4.84
N ASP D 61 0.41 44.92 4.60
CA ASP D 61 -0.25 44.20 5.69
C ASP D 61 0.16 42.74 5.69
N GLY D 62 0.83 42.33 4.62
CA GLY D 62 1.27 40.95 4.52
C GLY D 62 0.44 40.14 3.54
N ARG D 63 -0.55 40.79 2.93
CA ARG D 63 -1.41 40.13 1.95
C ARG D 63 -0.68 39.90 0.64
N LEU D 64 -1.07 38.86 -0.07
CA LEU D 64 -0.47 38.52 -1.35
C LEU D 64 -1.54 38.53 -2.42
N LEU D 65 -1.36 39.36 -3.43
CA LEU D 65 -2.33 39.47 -4.51
C LEU D 65 -1.63 39.72 -5.84
N ALA D 66 -2.40 39.70 -6.91
CA ALA D 66 -1.85 39.93 -8.24
C ALA D 66 -2.21 41.32 -8.73
N SER D 67 -1.19 42.13 -8.97
CA SER D 67 -1.37 43.49 -9.44
C SER D 67 -1.16 43.57 -10.95
N LYS D 68 -2.00 44.34 -11.63
CA LYS D 68 -1.87 44.50 -13.08
C LYS D 68 -0.74 45.48 -13.41
N SER D 69 -0.43 46.34 -12.45
CA SER D 69 0.61 47.32 -12.63
C SER D 69 1.90 46.84 -11.96
N VAL D 70 3.02 46.96 -12.68
CA VAL D 70 4.31 46.53 -12.15
C VAL D 70 4.82 47.52 -11.11
N THR D 71 4.50 47.26 -9.86
CA THR D 71 4.91 48.12 -8.78
C THR D 71 6.18 47.58 -8.13
N ASP D 72 6.69 48.31 -7.14
CA ASP D 72 7.90 47.91 -6.44
C ASP D 72 7.61 46.76 -5.49
N GLU D 73 6.34 46.40 -5.38
CA GLU D 73 5.90 45.31 -4.52
C GLU D 73 5.89 44.01 -5.29
N CYS D 74 6.13 44.09 -6.59
CA CYS D 74 6.13 42.92 -7.46
C CYS D 74 7.54 42.35 -7.65
N PHE D 75 8.49 42.86 -6.86
CA PHE D 75 9.87 42.42 -6.96
C PHE D 75 10.24 41.61 -5.72
N PHE D 76 10.65 40.37 -5.93
CA PHE D 76 11.01 39.49 -4.83
C PHE D 76 12.43 38.96 -4.99
N PHE D 77 13.08 38.73 -3.86
CA PHE D 77 14.43 38.21 -3.84
C PHE D 77 14.38 36.69 -3.88
N GLU D 78 14.94 36.11 -4.93
CA GLU D 78 14.96 34.67 -5.07
C GLU D 78 16.29 34.11 -4.59
N ARG D 79 16.26 33.31 -3.54
CA ARG D 79 17.47 32.73 -2.99
C ARG D 79 17.39 31.21 -2.99
N LEU D 80 18.48 30.57 -3.35
CA LEU D 80 18.53 29.11 -3.36
C LEU D 80 18.97 28.59 -2.00
N GLU D 81 18.15 27.74 -1.41
CA GLU D 81 18.44 27.18 -0.11
C GLU D 81 19.28 25.91 -0.25
N SER D 82 19.81 25.43 0.86
CA SER D 82 20.65 24.23 0.86
C SER D 82 19.84 22.97 0.56
N ASN D 83 18.52 23.07 0.65
CA ASN D 83 17.65 21.93 0.38
C ASN D 83 17.11 21.97 -1.04
N ASN D 84 17.85 22.68 -1.91
CA ASN D 84 17.51 22.79 -3.33
C ASN D 84 16.23 23.59 -3.58
N TYR D 85 15.70 24.22 -2.55
CA TYR D 85 14.49 25.02 -2.69
C TYR D 85 14.84 26.48 -2.91
N ASN D 86 13.85 27.25 -3.33
CA ASN D 86 14.06 28.67 -3.57
C ASN D 86 13.13 29.50 -2.68
N THR D 87 13.70 30.48 -2.01
CA THR D 87 12.94 31.35 -1.14
C THR D 87 12.62 32.65 -1.88
N TYR D 88 11.46 33.22 -1.60
CA TYR D 88 11.05 34.46 -2.22
C TYR D 88 10.71 35.50 -1.17
N ARG D 89 11.64 36.41 -0.94
CA ARG D 89 11.48 37.47 0.04
C ARG D 89 11.19 38.80 -0.65
N SER D 90 10.27 39.57 -0.10
CA SER D 90 9.93 40.85 -0.70
C SER D 90 11.09 41.84 -0.56
N ARG D 91 11.33 42.62 -1.61
CA ARG D 91 12.40 43.61 -1.57
C ARG D 91 11.98 44.79 -0.68
N LYS D 92 10.70 45.13 -0.75
CA LYS D 92 10.15 46.22 0.04
C LYS D 92 10.09 45.80 1.50
N TYR D 93 9.51 44.64 1.75
CA TYR D 93 9.41 44.10 3.10
C TYR D 93 10.39 42.94 3.24
N THR D 94 11.63 43.29 3.57
CA THR D 94 12.70 42.30 3.71
C THR D 94 12.53 41.38 4.92
N SER D 95 11.42 41.50 5.61
CA SER D 95 11.13 40.66 6.76
C SER D 95 10.01 39.68 6.47
N TRP D 96 9.43 39.78 5.28
CA TRP D 96 8.33 38.91 4.90
C TRP D 96 8.68 38.08 3.68
N TYR D 97 8.23 36.84 3.67
CA TYR D 97 8.47 35.93 2.57
C TYR D 97 7.16 35.45 1.98
N VAL D 98 7.21 34.95 0.76
CA VAL D 98 6.01 34.42 0.11
C VAL D 98 5.81 32.99 0.58
N ALA D 99 4.62 32.67 1.05
CA ALA D 99 4.34 31.33 1.55
C ALA D 99 2.92 30.90 1.27
N LEU D 100 2.74 29.60 1.13
CA LEU D 100 1.44 29.01 0.87
C LEU D 100 1.09 28.07 2.02
N LYS D 101 -0.19 27.86 2.25
CA LYS D 101 -0.61 26.97 3.32
C LYS D 101 -1.06 25.65 2.74
N ARG D 102 -0.87 24.59 3.50
CA ARG D 102 -1.25 23.24 3.07
C ARG D 102 -2.77 23.10 2.91
N THR D 103 -3.49 24.17 3.23
CA THR D 103 -4.93 24.17 3.12
C THR D 103 -5.37 24.63 1.73
N GLY D 104 -4.43 25.15 0.94
CA GLY D 104 -4.75 25.61 -0.40
C GLY D 104 -4.67 27.13 -0.52
N GLN D 105 -4.84 27.82 0.60
CA GLN D 105 -4.79 29.28 0.59
C GLN D 105 -3.37 29.76 0.90
N TYR D 106 -3.07 30.99 0.51
CA TYR D 106 -1.76 31.54 0.76
C TYR D 106 -1.59 31.91 2.23
N LYS D 107 -0.37 32.08 2.66
CA LYS D 107 -0.07 32.44 4.03
C LYS D 107 0.35 33.91 4.10
N LEU D 108 -0.17 34.63 5.07
CA LEU D 108 0.17 36.05 5.23
C LEU D 108 1.66 36.19 5.46
N GLY D 109 2.29 37.08 4.68
CA GLY D 109 3.72 37.30 4.80
C GLY D 109 4.14 37.72 6.19
N SER D 110 3.25 38.39 6.90
CA SER D 110 3.52 38.86 8.25
C SER D 110 3.62 37.69 9.24
N LYS D 111 3.36 36.48 8.76
CA LYS D 111 3.42 35.29 9.61
C LYS D 111 4.47 34.32 9.08
N THR D 112 5.39 34.81 8.26
CA THR D 112 6.44 33.98 7.70
C THR D 112 7.77 34.23 8.40
N GLY D 113 8.73 33.32 8.18
CA GLY D 113 10.03 33.46 8.80
C GLY D 113 10.98 32.35 8.37
N PRO D 114 12.30 32.55 8.54
CA PRO D 114 13.31 31.55 8.17
C PRO D 114 13.17 30.27 8.98
N GLY D 115 12.74 29.21 8.31
CA GLY D 115 12.55 27.93 8.96
C GLY D 115 11.27 27.27 8.52
N GLN D 116 10.29 28.08 8.14
CA GLN D 116 9.01 27.56 7.67
C GLN D 116 9.16 26.98 6.27
N LYS D 117 8.73 25.74 6.10
CA LYS D 117 8.82 25.07 4.81
C LYS D 117 7.77 25.62 3.83
N ALA D 118 6.99 26.59 4.30
CA ALA D 118 5.95 27.21 3.49
C ALA D 118 6.53 28.22 2.52
N ILE D 119 7.73 28.71 2.83
CA ILE D 119 8.39 29.71 1.97
C ILE D 119 9.34 29.03 0.99
N LEU D 120 9.32 27.71 0.98
CA LEU D 120 10.18 26.94 0.09
C LEU D 120 9.45 26.57 -1.19
N PHE D 121 9.87 27.15 -2.30
CA PHE D 121 9.25 26.87 -3.59
C PHE D 121 10.23 26.21 -4.55
N LEU D 122 9.71 25.29 -5.35
CA LEU D 122 10.51 24.58 -6.33
C LEU D 122 9.99 24.89 -7.74
N PRO D 123 10.72 25.73 -8.49
CA PRO D 123 10.32 26.10 -9.84
C PRO D 123 10.43 24.93 -10.81
N MET D 124 9.28 24.36 -11.17
CA MET D 124 9.25 23.24 -12.08
C MET D 124 8.86 23.72 -13.48
N SER D 125 9.24 22.97 -14.49
CA SER D 125 8.93 23.32 -15.87
C SER D 125 7.44 23.15 -16.18
N ALA D 126 6.90 24.08 -16.94
CA ALA D 126 5.50 24.05 -17.33
C ALA D 126 5.35 24.37 -18.81
N ASP A 1 -22.98 -25.87 11.80
CA ASP A 1 -23.04 -27.21 11.17
C ASP A 1 -22.33 -27.21 9.80
N PRO A 2 -22.78 -26.38 8.83
CA PRO A 2 -22.12 -26.32 7.52
C PRO A 2 -20.74 -25.69 7.60
N LYS A 3 -19.76 -26.35 7.00
CA LYS A 3 -18.39 -25.85 7.01
C LYS A 3 -17.91 -25.55 5.60
N ARG A 4 -16.96 -24.65 5.51
CA ARG A 4 -16.38 -24.26 4.23
C ARG A 4 -14.89 -24.57 4.23
N LEU A 5 -14.50 -25.58 3.47
CA LEU A 5 -13.10 -25.99 3.42
C LEU A 5 -12.24 -24.98 2.65
N TYR A 6 -11.43 -24.24 3.39
CA TYR A 6 -10.54 -23.25 2.82
C TYR A 6 -9.17 -23.87 2.54
N CYS A 7 -8.75 -23.85 1.29
CA CYS A 7 -7.46 -24.42 0.92
C CYS A 7 -6.36 -23.37 0.94
N LYS A 8 -5.17 -23.76 1.38
CA LYS A 8 -4.03 -22.85 1.43
C LYS A 8 -3.42 -22.69 0.04
N ASN A 9 -4.00 -23.36 -0.93
CA ASN A 9 -3.53 -23.29 -2.30
C ASN A 9 -4.45 -22.42 -3.15
N GLY A 10 -4.04 -21.19 -3.35
CA GLY A 10 -4.81 -20.25 -4.14
C GLY A 10 -5.85 -19.52 -3.32
N GLY A 11 -6.08 -19.99 -2.10
CA GLY A 11 -7.06 -19.37 -1.23
C GLY A 11 -8.45 -19.63 -1.74
N PHE A 12 -8.66 -20.81 -2.28
CA PHE A 12 -9.95 -21.21 -2.82
C PHE A 12 -10.67 -22.14 -1.87
N PHE A 13 -11.99 -22.05 -1.86
CA PHE A 13 -12.83 -22.90 -1.03
C PHE A 13 -13.35 -24.05 -1.88
N LEU A 14 -13.42 -25.24 -1.30
CA LEU A 14 -13.90 -26.41 -2.01
C LEU A 14 -15.37 -26.24 -2.37
N ARG A 15 -15.65 -26.15 -3.66
CA ARG A 15 -17.01 -25.97 -4.15
C ARG A 15 -17.50 -27.19 -4.90
N ILE A 16 -18.59 -27.77 -4.43
CA ILE A 16 -19.17 -28.94 -5.06
C ILE A 16 -20.37 -28.53 -5.92
N HIS A 17 -20.37 -28.97 -7.17
CA HIS A 17 -21.45 -28.63 -8.09
C HIS A 17 -22.48 -29.76 -8.12
N PRO A 18 -23.77 -29.42 -8.26
CA PRO A 18 -24.86 -30.42 -8.31
C PRO A 18 -24.73 -31.38 -9.49
N ASP A 19 -23.94 -31.00 -10.49
CA ASP A 19 -23.74 -31.84 -11.66
C ASP A 19 -22.72 -32.92 -11.38
N GLY A 20 -21.87 -32.69 -10.39
CA GLY A 20 -20.86 -33.67 -10.04
C GLY A 20 -19.46 -33.10 -10.10
N ARG A 21 -19.32 -31.92 -10.70
CA ARG A 21 -18.02 -31.28 -10.83
C ARG A 21 -17.58 -30.63 -9.51
N VAL A 22 -16.28 -30.62 -9.29
CA VAL A 22 -15.72 -30.02 -8.09
C VAL A 22 -14.61 -29.04 -8.46
N ASP A 23 -14.63 -27.86 -7.86
CA ASP A 23 -13.64 -26.83 -8.14
C ASP A 23 -13.43 -25.95 -6.91
N GLY A 24 -12.68 -24.86 -7.07
CA GLY A 24 -12.43 -23.96 -5.96
C GLY A 24 -12.78 -22.52 -6.29
N VAL A 25 -13.41 -21.85 -5.35
CA VAL A 25 -13.81 -20.45 -5.53
C VAL A 25 -13.39 -19.62 -4.32
N ARG A 26 -13.06 -18.35 -4.54
CA ARG A 26 -12.67 -17.46 -3.45
C ARG A 26 -13.88 -16.76 -2.86
N GLU A 27 -14.87 -16.51 -3.72
CA GLU A 27 -16.10 -15.83 -3.31
C GLU A 27 -16.90 -16.69 -2.34
N LYS A 28 -17.20 -16.14 -1.17
CA LYS A 28 -17.97 -16.85 -0.16
C LYS A 28 -19.46 -16.66 -0.38
N SER A 29 -19.81 -15.96 -1.45
CA SER A 29 -21.19 -15.69 -1.79
C SER A 29 -21.80 -16.87 -2.55
N ASP A 30 -20.98 -17.89 -2.80
CA ASP A 30 -21.43 -19.07 -3.51
C ASP A 30 -22.04 -20.07 -2.54
N PRO A 31 -23.30 -20.49 -2.77
CA PRO A 31 -24.00 -21.42 -1.90
C PRO A 31 -23.52 -22.87 -2.04
N HIS A 32 -22.57 -23.11 -2.94
CA HIS A 32 -22.07 -24.45 -3.18
C HIS A 32 -20.83 -24.74 -2.33
N ILE A 33 -20.45 -23.78 -1.49
CA ILE A 33 -19.30 -23.95 -0.62
C ILE A 33 -19.73 -24.49 0.75
N LYS A 34 -21.04 -24.71 0.88
CA LYS A 34 -21.60 -25.24 2.11
C LYS A 34 -21.42 -26.75 2.15
N LEU A 35 -20.40 -27.19 2.86
CA LEU A 35 -20.11 -28.62 2.96
C LEU A 35 -20.43 -29.15 4.34
N GLN A 36 -21.02 -30.33 4.39
CA GLN A 36 -21.36 -30.97 5.65
C GLN A 36 -20.38 -32.10 5.90
N LEU A 37 -19.75 -32.09 7.07
CA LEU A 37 -18.77 -33.10 7.42
C LEU A 37 -19.41 -34.20 8.25
N GLN A 38 -19.72 -35.32 7.61
CA GLN A 38 -20.33 -36.46 8.28
C GLN A 38 -19.24 -37.39 8.80
N ALA A 39 -19.37 -37.84 10.02
CA ALA A 39 -18.38 -38.73 10.62
C ALA A 39 -18.87 -40.16 10.62
N GLU A 40 -18.01 -41.07 10.13
CA GLU A 40 -18.35 -42.48 10.09
C GLU A 40 -17.58 -43.22 11.18
N GLU A 41 -16.33 -42.84 11.35
CA GLU A 41 -15.45 -43.44 12.34
C GLU A 41 -14.55 -42.35 12.91
N ARG A 42 -13.90 -42.63 14.03
CA ARG A 42 -13.00 -41.67 14.68
C ARG A 42 -11.83 -41.33 13.76
N GLY A 43 -11.96 -40.26 13.00
CA GLY A 43 -10.92 -39.83 12.10
C GLY A 43 -11.32 -40.01 10.64
N VAL A 44 -12.46 -40.65 10.43
CA VAL A 44 -12.96 -40.90 9.08
C VAL A 44 -14.25 -40.11 8.85
N VAL A 45 -14.21 -39.18 7.92
CA VAL A 45 -15.37 -38.35 7.63
C VAL A 45 -15.71 -38.37 6.14
N SER A 46 -16.89 -37.86 5.83
CA SER A 46 -17.38 -37.78 4.46
C SER A 46 -17.84 -36.36 4.17
N ILE A 47 -17.39 -35.80 3.06
CA ILE A 47 -17.75 -34.44 2.68
C ILE A 47 -18.98 -34.44 1.78
N LYS A 48 -20.04 -33.81 2.24
CA LYS A 48 -21.29 -33.75 1.47
C LYS A 48 -21.67 -32.30 1.17
N GLY A 49 -21.94 -32.01 -0.09
CA GLY A 49 -22.34 -30.67 -0.46
C GLY A 49 -23.80 -30.43 -0.14
N VAL A 50 -24.07 -29.43 0.70
CA VAL A 50 -25.44 -29.13 1.11
C VAL A 50 -26.32 -28.76 -0.10
N SER A 51 -25.91 -27.74 -0.84
CA SER A 51 -26.67 -27.30 -2.01
C SER A 51 -26.31 -28.11 -3.25
N ALA A 52 -26.08 -29.40 -3.06
CA ALA A 52 -25.71 -30.30 -4.14
C ALA A 52 -26.25 -31.69 -3.88
N ASN A 53 -26.28 -32.07 -2.59
CA ASN A 53 -26.76 -33.38 -2.16
C ASN A 53 -25.86 -34.49 -2.70
N ARG A 54 -24.60 -34.16 -2.91
CA ARG A 54 -23.64 -35.12 -3.43
C ARG A 54 -22.45 -35.23 -2.47
N TYR A 55 -21.85 -36.40 -2.42
CA TYR A 55 -20.72 -36.66 -1.55
C TYR A 55 -19.42 -36.64 -2.37
N LEU A 56 -18.36 -36.13 -1.78
CA LEU A 56 -17.07 -36.07 -2.46
C LEU A 56 -16.44 -37.46 -2.55
N ALA A 57 -16.04 -37.85 -3.74
CA ALA A 57 -15.43 -39.15 -3.95
C ALA A 57 -14.22 -39.07 -4.88
N MET A 58 -13.28 -39.97 -4.67
CA MET A 58 -12.06 -40.01 -5.49
C MET A 58 -12.01 -41.32 -6.28
N LYS A 59 -11.55 -41.25 -7.52
CA LYS A 59 -11.48 -42.42 -8.37
C LYS A 59 -10.10 -43.07 -8.31
N GLU A 60 -9.98 -44.26 -8.90
CA GLU A 60 -8.72 -45.01 -8.89
C GLU A 60 -7.68 -44.43 -9.86
N ASP A 61 -7.97 -43.27 -10.41
CA ASP A 61 -7.06 -42.60 -11.33
C ASP A 61 -6.56 -41.31 -10.70
N GLY A 62 -7.23 -40.88 -9.64
CA GLY A 62 -6.84 -39.66 -8.97
C GLY A 62 -7.83 -38.53 -9.17
N ARG A 63 -8.90 -38.81 -9.92
CA ARG A 63 -9.92 -37.81 -10.18
C ARG A 63 -10.78 -37.56 -8.94
N LEU A 64 -11.30 -36.35 -8.84
CA LEU A 64 -12.14 -35.97 -7.71
C LEU A 64 -13.49 -35.49 -8.23
N LEU A 65 -14.56 -36.14 -7.80
CA LEU A 65 -15.89 -35.77 -8.25
C LEU A 65 -16.91 -35.95 -7.12
N ALA A 66 -18.14 -35.58 -7.39
CA ALA A 66 -19.20 -35.69 -6.40
C ALA A 66 -20.19 -36.78 -6.80
N SER A 67 -20.35 -37.76 -5.93
CA SER A 67 -21.25 -38.88 -6.18
C SER A 67 -22.50 -38.76 -5.31
N LYS A 68 -23.64 -39.16 -5.86
CA LYS A 68 -24.89 -39.12 -5.11
C LYS A 68 -24.97 -40.31 -4.17
N SER A 69 -24.20 -41.34 -4.49
CA SER A 69 -24.16 -42.55 -3.69
C SER A 69 -22.92 -42.55 -2.81
N VAL A 70 -23.08 -42.93 -1.55
CA VAL A 70 -21.96 -42.97 -0.63
C VAL A 70 -21.18 -44.26 -0.77
N THR A 71 -20.12 -44.22 -1.57
CA THR A 71 -19.27 -45.38 -1.79
C THR A 71 -18.12 -45.37 -0.80
N ASP A 72 -17.26 -46.37 -0.87
CA ASP A 72 -16.11 -46.44 0.04
C ASP A 72 -15.03 -45.45 -0.36
N GLU A 73 -15.28 -44.76 -1.48
CA GLU A 73 -14.36 -43.76 -1.99
C GLU A 73 -14.72 -42.38 -1.45
N CYS A 74 -15.88 -42.28 -0.81
CA CYS A 74 -16.36 -41.02 -0.28
C CYS A 74 -15.92 -40.81 1.17
N PHE A 75 -15.14 -41.75 1.70
CA PHE A 75 -14.68 -41.66 3.06
C PHE A 75 -13.21 -41.24 3.10
N PHE A 76 -12.96 -40.12 3.76
CA PHE A 76 -11.61 -39.59 3.86
C PHE A 76 -11.18 -39.47 5.32
N PHE A 77 -9.87 -39.55 5.53
CA PHE A 77 -9.29 -39.43 6.85
C PHE A 77 -9.05 -37.96 7.16
N GLU A 78 -9.54 -37.50 8.30
CA GLU A 78 -9.35 -36.12 8.70
C GLU A 78 -8.21 -36.03 9.70
N ARG A 79 -7.09 -35.48 9.27
CA ARG A 79 -5.94 -35.36 10.12
C ARG A 79 -5.57 -33.90 10.37
N LEU A 80 -5.36 -33.57 11.63
CA LEU A 80 -4.97 -32.22 12.00
C LEU A 80 -3.45 -32.11 12.05
N GLU A 81 -2.89 -31.28 11.18
CA GLU A 81 -1.44 -31.11 11.11
C GLU A 81 -0.96 -30.17 12.22
N SER A 82 0.36 -30.05 12.36
CA SER A 82 0.95 -29.18 13.36
C SER A 82 0.79 -27.71 12.96
N ASN A 83 0.49 -27.48 11.69
CA ASN A 83 0.31 -26.12 11.18
C ASN A 83 -1.13 -25.66 11.38
N ASN A 84 -1.89 -26.46 12.14
CA ASN A 84 -3.28 -26.16 12.49
C ASN A 84 -4.23 -26.33 11.30
N TYR A 85 -3.79 -27.03 10.26
CA TYR A 85 -4.62 -27.27 9.10
C TYR A 85 -5.13 -28.70 9.08
N ASN A 86 -6.18 -28.95 8.32
CA ASN A 86 -6.77 -30.28 8.23
C ASN A 86 -6.45 -30.92 6.89
N THR A 87 -5.91 -32.13 6.94
CA THR A 87 -5.58 -32.87 5.74
C THR A 87 -6.61 -33.99 5.53
N TYR A 88 -6.95 -34.25 4.27
CA TYR A 88 -7.93 -35.29 3.97
C TYR A 88 -7.35 -36.30 2.98
N ARG A 89 -7.28 -37.55 3.43
CA ARG A 89 -6.76 -38.64 2.62
C ARG A 89 -7.84 -39.70 2.42
N SER A 90 -7.96 -40.22 1.20
CA SER A 90 -8.96 -41.23 0.92
C SER A 90 -8.68 -42.52 1.69
N ARG A 91 -9.73 -43.17 2.15
CA ARG A 91 -9.59 -44.42 2.88
C ARG A 91 -9.30 -45.55 1.91
N LYS A 92 -9.84 -45.44 0.71
CA LYS A 92 -9.64 -46.43 -0.32
C LYS A 92 -8.24 -46.30 -0.92
N TYR A 93 -7.78 -45.06 -1.02
CA TYR A 93 -6.46 -44.78 -1.55
C TYR A 93 -5.64 -44.07 -0.49
N THR A 94 -4.99 -44.86 0.36
CA THR A 94 -4.19 -44.33 1.47
C THR A 94 -2.90 -43.65 1.02
N SER A 95 -2.78 -43.37 -0.26
CA SER A 95 -1.60 -42.71 -0.79
C SER A 95 -1.96 -41.44 -1.53
N TRP A 96 -3.26 -41.17 -1.63
CA TRP A 96 -3.74 -39.98 -2.33
C TRP A 96 -4.54 -39.08 -1.40
N TYR A 97 -4.28 -37.78 -1.49
CA TYR A 97 -4.95 -36.80 -0.66
C TYR A 97 -5.78 -35.85 -1.52
N VAL A 98 -6.66 -35.11 -0.88
CA VAL A 98 -7.49 -34.14 -1.59
C VAL A 98 -6.74 -32.82 -1.65
N ALA A 99 -6.66 -32.22 -2.84
CA ALA A 99 -5.94 -30.97 -3.00
C ALA A 99 -6.54 -30.11 -4.09
N LEU A 100 -6.26 -28.81 -4.00
CA LEU A 100 -6.74 -27.84 -4.98
C LEU A 100 -5.55 -27.14 -5.62
N LYS A 101 -5.78 -26.46 -6.72
CA LYS A 101 -4.72 -25.73 -7.41
C LYS A 101 -4.97 -24.24 -7.36
N ARG A 102 -3.91 -23.47 -7.57
CA ARG A 102 -3.96 -22.01 -7.55
C ARG A 102 -4.84 -21.46 -8.68
N THR A 103 -5.24 -22.32 -9.60
CA THR A 103 -6.07 -21.93 -10.72
C THR A 103 -7.55 -22.08 -10.41
N GLY A 104 -7.86 -22.54 -9.20
CA GLY A 104 -9.25 -22.72 -8.82
C GLY A 104 -9.79 -24.06 -9.26
N GLN A 105 -8.89 -24.92 -9.70
CA GLN A 105 -9.26 -26.25 -10.15
C GLN A 105 -8.75 -27.29 -9.17
N TYR A 106 -9.38 -28.46 -9.14
CA TYR A 106 -8.97 -29.51 -8.23
C TYR A 106 -7.67 -30.14 -8.73
N LYS A 107 -6.86 -30.64 -7.80
CA LYS A 107 -5.60 -31.26 -8.15
C LYS A 107 -5.77 -32.78 -8.14
N LEU A 108 -5.17 -33.44 -9.11
CA LEU A 108 -5.25 -34.90 -9.22
C LEU A 108 -4.64 -35.55 -7.98
N GLY A 109 -5.41 -36.44 -7.37
CA GLY A 109 -4.94 -37.14 -6.17
C GLY A 109 -3.66 -37.91 -6.40
N SER A 110 -3.46 -38.38 -7.62
CA SER A 110 -2.28 -39.14 -7.98
C SER A 110 -1.02 -38.26 -8.01
N LYS A 111 -1.20 -36.97 -7.74
CA LYS A 111 -0.09 -36.03 -7.72
C LYS A 111 -0.02 -35.30 -6.38
N THR A 112 -0.57 -35.93 -5.35
CA THR A 112 -0.57 -35.34 -4.02
C THR A 112 0.38 -36.09 -3.09
N GLY A 113 0.48 -35.62 -1.85
CA GLY A 113 1.35 -36.25 -0.89
C GLY A 113 1.67 -35.32 0.26
N PRO A 114 2.26 -35.84 1.34
CA PRO A 114 2.62 -35.03 2.52
C PRO A 114 3.63 -33.95 2.16
N GLY A 115 3.50 -32.79 2.79
CA GLY A 115 4.40 -31.69 2.52
C GLY A 115 3.79 -30.67 1.59
N GLN A 116 2.86 -31.12 0.76
CA GLN A 116 2.19 -30.23 -0.18
C GLN A 116 1.15 -29.40 0.55
N LYS A 117 1.28 -28.09 0.45
CA LYS A 117 0.35 -27.16 1.09
C LYS A 117 -1.01 -27.16 0.41
N ALA A 118 -1.14 -27.94 -0.66
CA ALA A 118 -2.37 -28.04 -1.41
C ALA A 118 -3.39 -28.94 -0.71
N ILE A 119 -2.91 -29.80 0.17
CA ILE A 119 -3.77 -30.72 0.89
C ILE A 119 -4.15 -30.15 2.25
N LEU A 120 -3.80 -28.89 2.48
CA LEU A 120 -4.09 -28.22 3.73
C LEU A 120 -5.41 -27.45 3.62
N PHE A 121 -6.42 -27.92 4.34
CA PHE A 121 -7.73 -27.29 4.32
C PHE A 121 -8.10 -26.77 5.72
N LEU A 122 -8.85 -25.69 5.75
CA LEU A 122 -9.30 -25.10 7.00
C LEU A 122 -10.83 -25.09 7.02
N PRO A 123 -11.44 -25.93 7.89
CA PRO A 123 -12.89 -26.02 7.99
C PRO A 123 -13.52 -24.83 8.74
N MET A 124 -13.65 -23.71 8.05
CA MET A 124 -14.25 -22.52 8.64
C MET A 124 -15.77 -22.69 8.65
N SER A 125 -16.45 -21.97 9.53
CA SER A 125 -17.90 -22.08 9.61
C SER A 125 -18.56 -21.26 8.49
N ALA A 126 -19.61 -21.83 7.91
CA ALA A 126 -20.32 -21.15 6.82
C ALA A 126 -21.74 -20.79 7.23
N SER B 1 14.95 5.63 16.77
CA SER B 1 13.65 4.95 16.63
C SER B 1 13.83 3.60 15.95
N GLU B 2 12.73 2.95 15.60
CA GLU B 2 12.81 1.64 14.97
C GLU B 2 12.40 1.71 13.49
N LEU B 3 11.33 2.45 13.20
CA LEU B 3 10.84 2.57 11.84
C LEU B 3 11.89 3.19 10.91
N GLU B 4 12.59 4.22 11.40
CA GLU B 4 13.62 4.87 10.61
C GLU B 4 14.75 3.90 10.30
N LYS B 5 15.02 3.00 11.23
CA LYS B 5 16.06 1.99 11.05
C LYS B 5 15.64 1.02 9.96
N ALA B 6 14.38 0.60 10.03
CA ALA B 6 13.81 -0.32 9.07
C ALA B 6 13.81 0.29 7.68
N MET B 7 13.56 1.61 7.62
CA MET B 7 13.54 2.34 6.36
C MET B 7 14.88 2.19 5.64
N VAL B 8 15.97 2.46 6.35
CA VAL B 8 17.30 2.35 5.78
C VAL B 8 17.54 0.95 5.22
N ALA B 9 17.11 -0.06 5.98
CA ALA B 9 17.25 -1.44 5.57
C ALA B 9 16.40 -1.73 4.34
N LEU B 10 15.13 -1.33 4.38
CA LEU B 10 14.20 -1.54 3.28
C LEU B 10 14.70 -0.88 2.00
N ILE B 11 15.15 0.36 2.10
CA ILE B 11 15.64 1.10 0.93
C ILE B 11 16.87 0.40 0.35
N ASP B 12 17.76 -0.06 1.22
CA ASP B 12 18.97 -0.75 0.77
C ASP B 12 18.62 -2.06 0.08
N VAL B 13 17.74 -2.82 0.72
CA VAL B 13 17.29 -4.11 0.18
C VAL B 13 16.58 -3.89 -1.15
N PHE B 14 15.73 -2.87 -1.20
CA PHE B 14 14.98 -2.53 -2.40
C PHE B 14 15.90 -2.35 -3.59
N HIS B 15 16.91 -1.50 -3.42
CA HIS B 15 17.87 -1.21 -4.49
C HIS B 15 18.65 -2.45 -4.92
N GLN B 16 18.99 -3.30 -3.96
CA GLN B 16 19.74 -4.51 -4.26
C GLN B 16 18.94 -5.50 -5.11
N TYR B 17 17.69 -5.73 -4.71
CA TYR B 17 16.83 -6.67 -5.42
C TYR B 17 16.37 -6.10 -6.76
N SER B 18 16.13 -4.80 -6.83
CA SER B 18 15.69 -4.18 -8.09
C SER B 18 16.84 -4.16 -9.09
N GLY B 19 18.07 -4.16 -8.58
CA GLY B 19 19.24 -4.15 -9.43
C GLY B 19 19.45 -5.46 -10.16
N ARG B 20 18.67 -6.48 -9.80
CA ARG B 20 18.77 -7.79 -10.43
C ARG B 20 18.02 -7.80 -11.76
N GLU B 21 17.18 -6.80 -11.96
CA GLU B 21 16.41 -6.67 -13.18
C GLU B 21 17.29 -6.09 -14.28
N GLY B 22 18.00 -5.04 -13.91
CA GLY B 22 18.87 -4.34 -14.84
C GLY B 22 19.01 -2.90 -14.43
N ASP B 23 17.92 -2.38 -13.88
CA ASP B 23 17.86 -1.01 -13.39
C ASP B 23 18.28 -1.01 -11.92
N LYS B 24 17.63 -0.19 -11.10
CA LYS B 24 17.95 -0.12 -9.68
C LYS B 24 16.80 0.54 -8.92
N HIS B 25 15.67 0.70 -9.59
CA HIS B 25 14.51 1.32 -8.96
C HIS B 25 13.24 0.53 -9.26
N LYS B 26 13.35 -0.54 -10.04
CA LYS B 26 12.20 -1.35 -10.39
C LYS B 26 12.53 -2.84 -10.30
N LEU B 27 11.54 -3.64 -9.93
CA LEU B 27 11.71 -5.07 -9.82
C LEU B 27 11.02 -5.73 -11.02
N LYS B 28 11.26 -7.02 -11.23
CA LYS B 28 10.67 -7.72 -12.36
C LYS B 28 10.01 -9.04 -11.95
N LYS B 29 8.83 -8.93 -11.32
CA LYS B 29 8.02 -10.08 -10.88
C LYS B 29 8.80 -11.09 -10.01
N SER B 30 9.61 -11.94 -10.63
CA SER B 30 10.39 -12.94 -9.92
C SER B 30 11.27 -12.32 -8.84
N GLU B 31 11.72 -11.09 -9.10
CA GLU B 31 12.55 -10.36 -8.15
C GLU B 31 11.79 -10.15 -6.84
N LEU B 32 10.48 -10.01 -6.94
CA LEU B 32 9.61 -9.83 -5.78
C LEU B 32 9.43 -11.16 -5.06
N LYS B 33 9.34 -12.22 -5.86
CA LYS B 33 9.18 -13.57 -5.33
C LYS B 33 10.41 -13.95 -4.51
N GLU B 34 11.56 -13.49 -4.98
CA GLU B 34 12.83 -13.77 -4.31
C GLU B 34 12.83 -13.14 -2.92
N LEU B 35 12.18 -12.00 -2.78
CA LEU B 35 12.09 -11.30 -1.51
C LEU B 35 11.34 -12.16 -0.51
N ILE B 36 10.32 -12.87 -0.98
CA ILE B 36 9.52 -13.73 -0.13
C ILE B 36 10.28 -15.00 0.25
N ASN B 37 10.94 -15.59 -0.74
CA ASN B 37 11.68 -16.84 -0.54
C ASN B 37 12.98 -16.63 0.23
N ASN B 38 13.63 -15.49 0.05
CA ASN B 38 14.90 -15.23 0.72
C ASN B 38 14.70 -14.55 2.06
N GLU B 39 14.06 -13.38 2.05
CA GLU B 39 13.85 -12.62 3.26
C GLU B 39 12.87 -13.29 4.21
N LEU B 40 11.64 -13.47 3.75
CA LEU B 40 10.59 -14.07 4.57
C LEU B 40 10.64 -15.60 4.56
N SER B 41 11.85 -16.14 4.46
CA SER B 41 12.05 -17.59 4.41
C SER B 41 11.68 -18.26 5.73
N HIS B 42 11.87 -17.54 6.83
CA HIS B 42 11.58 -18.10 8.15
C HIS B 42 10.17 -17.73 8.60
N PHE B 43 9.53 -16.86 7.85
CA PHE B 43 8.18 -16.43 8.20
C PHE B 43 7.14 -17.20 7.40
N LEU B 44 7.15 -17.03 6.09
CA LEU B 44 6.20 -17.72 5.23
C LEU B 44 6.82 -18.99 4.66
N GLU B 45 6.80 -20.05 5.46
CA GLU B 45 7.37 -21.32 5.05
C GLU B 45 6.38 -22.15 4.23
N GLU B 46 5.70 -21.50 3.30
CA GLU B 46 4.74 -22.18 2.46
C GLU B 46 5.07 -21.91 0.98
N ILE B 47 4.25 -21.09 0.31
CA ILE B 47 4.47 -20.76 -1.09
C ILE B 47 4.46 -22.02 -1.95
N LYS B 48 5.63 -22.41 -2.48
CA LYS B 48 5.78 -23.61 -3.31
C LYS B 48 5.06 -23.47 -4.65
N GLU B 49 3.73 -23.39 -4.62
CA GLU B 49 2.95 -23.26 -5.84
C GLU B 49 2.82 -21.80 -6.24
N GLN B 50 3.33 -20.91 -5.37
CA GLN B 50 3.33 -19.45 -5.58
C GLN B 50 1.92 -18.88 -5.49
N GLU B 51 1.38 -18.88 -4.29
CA GLU B 51 0.03 -18.35 -4.04
C GLU B 51 0.05 -16.86 -3.78
N VAL B 52 0.88 -16.46 -2.82
CA VAL B 52 1.01 -15.06 -2.46
C VAL B 52 1.39 -14.21 -3.68
N VAL B 53 2.20 -14.78 -4.56
CA VAL B 53 2.66 -14.09 -5.76
C VAL B 53 1.48 -13.69 -6.65
N ASP B 54 0.47 -14.56 -6.71
CA ASP B 54 -0.71 -14.31 -7.53
C ASP B 54 -1.49 -13.10 -7.02
N LYS B 55 -1.71 -13.07 -5.72
CA LYS B 55 -2.48 -11.98 -5.10
C LYS B 55 -1.68 -10.68 -5.00
N VAL B 56 -0.38 -10.77 -4.67
CA VAL B 56 0.41 -9.55 -4.54
C VAL B 56 0.57 -8.86 -5.89
N MET B 57 0.67 -9.63 -6.96
CA MET B 57 0.83 -9.06 -8.30
C MET B 57 -0.42 -8.29 -8.72
N GLU B 58 -1.51 -8.55 -8.03
CA GLU B 58 -2.78 -7.88 -8.31
C GLU B 58 -2.81 -6.49 -7.68
N THR B 59 -2.33 -6.39 -6.45
CA THR B 59 -2.32 -5.14 -5.71
C THR B 59 -1.06 -4.31 -6.00
N LEU B 60 0.07 -4.99 -6.16
CA LEU B 60 1.35 -4.33 -6.42
C LEU B 60 1.30 -3.51 -7.69
N ASP B 61 0.88 -4.14 -8.78
CA ASP B 61 0.79 -3.45 -10.05
C ASP B 61 -0.42 -2.52 -10.05
N ASN B 62 -0.30 -1.43 -9.33
CA ASN B 62 -1.35 -0.43 -9.21
C ASN B 62 -1.34 0.47 -10.45
N ASP B 63 -0.21 0.45 -11.14
CA ASP B 63 -0.05 1.26 -12.35
C ASP B 63 -0.65 0.56 -13.56
N GLY B 64 -0.40 -0.74 -13.67
CA GLY B 64 -0.93 -1.49 -14.78
C GLY B 64 0.09 -1.65 -15.87
N ASP B 65 1.21 -2.30 -15.54
CA ASP B 65 2.31 -2.51 -16.48
C ASP B 65 3.33 -3.48 -15.90
N GLY B 66 3.50 -3.40 -14.59
CA GLY B 66 4.46 -4.25 -13.91
C GLY B 66 5.63 -3.42 -13.40
N GLU B 67 5.44 -2.11 -13.40
CA GLU B 67 6.46 -1.18 -12.95
C GLU B 67 6.37 -0.98 -11.44
N CYS B 68 7.25 -1.65 -10.71
CA CYS B 68 7.29 -1.57 -9.26
C CYS B 68 7.59 -0.14 -8.79
N ASP B 69 7.30 0.10 -7.51
CA ASP B 69 7.49 1.43 -6.92
C ASP B 69 7.61 1.30 -5.40
N PHE B 70 8.13 2.32 -4.75
CA PHE B 70 8.29 2.30 -3.30
C PHE B 70 6.95 2.13 -2.60
N GLN B 71 5.89 2.65 -3.21
CA GLN B 71 4.55 2.56 -2.65
C GLN B 71 4.09 1.10 -2.57
N GLU B 72 4.19 0.37 -3.68
CA GLU B 72 3.76 -1.02 -3.71
C GLU B 72 4.79 -1.94 -3.05
N PHE B 73 6.05 -1.52 -3.05
CA PHE B 73 7.11 -2.31 -2.43
C PHE B 73 6.81 -2.58 -0.96
N MET B 74 6.45 -1.53 -0.24
CA MET B 74 6.13 -1.67 1.18
C MET B 74 4.79 -2.34 1.35
N ALA B 75 3.89 -2.09 0.41
CA ALA B 75 2.56 -2.70 0.45
C ALA B 75 2.70 -4.20 0.24
N PHE B 76 3.72 -4.57 -0.53
CA PHE B 76 4.03 -5.97 -0.82
C PHE B 76 4.35 -6.70 0.48
N VAL B 77 5.13 -6.04 1.33
CA VAL B 77 5.49 -6.62 2.63
C VAL B 77 4.25 -6.80 3.48
N ALA B 78 3.37 -5.82 3.44
CA ALA B 78 2.13 -5.87 4.20
C ALA B 78 1.23 -6.99 3.69
N MET B 79 1.13 -7.08 2.37
CA MET B 79 0.30 -8.08 1.72
C MET B 79 0.73 -9.50 2.09
N VAL B 80 2.01 -9.81 1.92
CA VAL B 80 2.51 -11.14 2.23
C VAL B 80 2.38 -11.47 3.71
N THR B 81 2.61 -10.47 4.57
CA THR B 81 2.52 -10.66 6.01
C THR B 81 1.07 -10.92 6.44
N THR B 82 0.16 -10.12 5.91
CA THR B 82 -1.25 -10.24 6.25
C THR B 82 -1.90 -11.46 5.59
N ALA B 83 -1.59 -11.71 4.32
CA ALA B 83 -2.18 -12.85 3.60
C ALA B 83 -1.88 -14.18 4.28
N CYS B 84 -0.61 -14.39 4.64
CA CYS B 84 -0.22 -15.63 5.28
C CYS B 84 -0.71 -15.71 6.72
N HIS B 85 -0.86 -14.56 7.37
CA HIS B 85 -1.34 -14.52 8.75
C HIS B 85 -2.84 -14.76 8.79
N GLU B 86 -3.55 -14.13 7.88
CA GLU B 86 -5.00 -14.26 7.79
C GLU B 86 -5.39 -15.49 6.99
N PHE B 87 -4.43 -16.37 6.73
CA PHE B 87 -4.69 -17.60 6.00
C PHE B 87 -5.38 -18.59 6.93
N PHE B 88 -5.54 -18.18 8.18
CA PHE B 88 -6.20 -18.98 9.20
C PHE B 88 -7.57 -18.40 9.50
N GLU B 89 -7.91 -17.33 8.79
CA GLU B 89 -9.19 -16.66 8.97
C GLU B 89 -9.51 -15.81 7.75
N HIS B 90 -10.19 -16.40 6.79
CA HIS B 90 -10.53 -15.68 5.57
C HIS B 90 -12.02 -15.76 5.30
N GLU B 91 -12.74 -14.74 5.72
CA GLU B 91 -14.18 -14.68 5.50
C GLU B 91 -14.46 -14.35 4.04
N SER C 1 17.77 -12.85 7.69
CA SER C 1 17.48 -11.84 6.65
C SER C 1 17.26 -10.47 7.29
N GLU C 2 16.85 -9.49 6.49
CA GLU C 2 16.64 -8.14 7.01
C GLU C 2 15.15 -7.81 7.09
N LEU C 3 14.40 -8.17 6.06
CA LEU C 3 12.97 -7.88 6.00
C LEU C 3 12.23 -8.55 7.15
N GLU C 4 12.60 -9.80 7.45
CA GLU C 4 11.96 -10.54 8.54
C GLU C 4 12.20 -9.84 9.88
N LYS C 5 13.38 -9.27 10.03
CA LYS C 5 13.73 -8.55 11.26
C LYS C 5 12.87 -7.29 11.36
N ALA C 6 12.72 -6.61 10.24
CA ALA C 6 11.91 -5.39 10.18
C ALA C 6 10.46 -5.71 10.49
N MET C 7 9.99 -6.87 10.02
CA MET C 7 8.62 -7.30 10.25
C MET C 7 8.32 -7.37 11.73
N VAL C 8 9.17 -8.04 12.49
CA VAL C 8 8.99 -8.17 13.93
C VAL C 8 8.90 -6.80 14.58
N ALA C 9 9.78 -5.89 14.16
CA ALA C 9 9.80 -4.54 14.69
C ALA C 9 8.52 -3.79 14.34
N LEU C 10 8.14 -3.84 13.06
CA LEU C 10 6.95 -3.17 12.57
C LEU C 10 5.69 -3.66 13.31
N ILE C 11 5.58 -4.98 13.45
CA ILE C 11 4.43 -5.58 14.13
C ILE C 11 4.37 -5.14 15.59
N ASP C 12 5.53 -5.13 16.25
CA ASP C 12 5.62 -4.74 17.64
C ASP C 12 5.24 -3.26 17.80
N VAL C 13 5.79 -2.43 16.93
CA VAL C 13 5.50 -1.00 16.95
C VAL C 13 4.02 -0.75 16.68
N PHE C 14 3.48 -1.49 15.72
CA PHE C 14 2.08 -1.38 15.34
C PHE C 14 1.17 -1.57 16.54
N HIS C 15 1.40 -2.64 17.29
CA HIS C 15 0.59 -2.95 18.46
C HIS C 15 0.74 -1.90 19.55
N GLN C 16 1.96 -1.39 19.73
CA GLN C 16 2.23 -0.39 20.74
C GLN C 16 1.50 0.91 20.46
N TYR C 17 1.58 1.38 19.21
CA TYR C 17 0.95 2.64 18.83
C TYR C 17 -0.57 2.52 18.72
N SER C 18 -1.06 1.37 18.26
CA SER C 18 -2.50 1.17 18.13
C SER C 18 -3.14 1.05 19.51
N GLY C 19 -2.38 0.53 20.47
CA GLY C 19 -2.87 0.36 21.82
C GLY C 19 -3.11 1.69 22.52
N ARG C 20 -2.66 2.78 21.92
CA ARG C 20 -2.85 4.10 22.50
C ARG C 20 -4.27 4.60 22.25
N GLU C 21 -4.94 3.96 21.31
CA GLU C 21 -6.31 4.30 20.96
C GLU C 21 -7.27 3.71 21.97
N GLY C 22 -7.01 2.46 22.33
CA GLY C 22 -7.84 1.74 23.27
C GLY C 22 -7.77 0.27 22.98
N ASP C 23 -7.75 -0.04 21.70
CA ASP C 23 -7.66 -1.43 21.25
C ASP C 23 -6.18 -1.79 21.09
N LYS C 24 -5.85 -2.62 20.12
CA LYS C 24 -4.46 -3.02 19.89
C LYS C 24 -4.25 -3.48 18.45
N HIS C 25 -5.23 -3.20 17.60
CA HIS C 25 -5.14 -3.58 16.20
C HIS C 25 -5.54 -2.42 15.28
N LYS C 26 -5.97 -1.30 15.86
CA LYS C 26 -6.38 -0.15 15.07
C LYS C 26 -5.81 1.14 15.65
N LEU C 27 -5.42 2.06 14.77
CA LEU C 27 -4.89 3.34 15.19
C LEU C 27 -5.99 4.39 15.06
N LYS C 28 -5.75 5.57 15.62
CA LYS C 28 -6.75 6.63 15.58
C LYS C 28 -6.14 7.96 15.12
N LYS C 29 -6.02 8.10 13.80
CA LYS C 29 -5.50 9.31 13.13
C LYS C 29 -4.22 9.87 13.77
N SER C 30 -4.36 10.61 14.86
CA SER C 30 -3.23 11.21 15.55
C SER C 30 -2.18 10.17 15.94
N GLU C 31 -2.62 8.94 16.17
CA GLU C 31 -1.71 7.85 16.51
C GLU C 31 -0.77 7.59 15.35
N LEU C 32 -1.26 7.77 14.13
CA LEU C 32 -0.45 7.58 12.94
C LEU C 32 0.55 8.72 12.81
N LYS C 33 0.09 9.92 13.18
CA LYS C 33 0.93 11.11 13.15
C LYS C 33 2.08 10.96 14.13
N GLU C 34 1.82 10.24 15.23
CA GLU C 34 2.82 10.00 16.24
C GLU C 34 3.99 9.21 15.66
N LEU C 35 3.67 8.29 14.75
CA LEU C 35 4.67 7.48 14.09
C LEU C 35 5.62 8.35 13.27
N ILE C 36 5.05 9.36 12.63
CA ILE C 36 5.84 10.26 11.80
C ILE C 36 6.69 11.19 12.66
N ASN C 37 6.11 11.70 13.73
CA ASN C 37 6.80 12.63 14.62
C ASN C 37 7.81 11.95 15.54
N ASN C 38 7.56 10.72 15.93
CA ASN C 38 8.47 10.01 16.84
C ASN C 38 9.45 9.12 16.10
N GLU C 39 8.93 8.25 15.25
CA GLU C 39 9.79 7.32 14.52
C GLU C 39 10.58 8.02 13.41
N LEU C 40 9.88 8.63 12.48
CA LEU C 40 10.52 9.31 11.34
C LEU C 40 10.92 10.74 11.69
N SER C 41 11.25 10.96 12.94
CA SER C 41 11.63 12.28 13.43
C SER C 41 12.91 12.78 12.75
N HIS C 42 13.86 11.88 12.55
CA HIS C 42 15.14 12.23 11.94
C HIS C 42 15.08 12.18 10.42
N PHE C 43 14.06 11.54 9.88
CA PHE C 43 13.92 11.43 8.44
C PHE C 43 13.10 12.58 7.87
N LEU C 44 11.89 12.75 8.39
CA LEU C 44 11.01 13.80 7.93
C LEU C 44 11.05 14.96 8.91
N GLU C 45 11.98 15.87 8.70
CA GLU C 45 12.16 17.01 9.58
C GLU C 45 11.37 18.23 9.08
N GLU C 46 10.12 18.00 8.70
CA GLU C 46 9.27 19.09 8.25
C GLU C 46 7.92 19.03 8.95
N ILE C 47 6.89 18.54 8.25
CA ILE C 47 5.54 18.44 8.82
C ILE C 47 5.08 19.80 9.34
N LYS C 48 4.94 19.92 10.67
CA LYS C 48 4.50 21.16 11.32
C LYS C 48 3.06 21.51 10.97
N GLU C 49 2.80 21.79 9.71
CA GLU C 49 1.46 22.13 9.26
C GLU C 49 0.65 20.85 9.03
N GLN C 50 1.37 19.72 9.02
CA GLN C 50 0.77 18.38 8.84
C GLN C 50 0.35 18.14 7.38
N GLU C 51 1.32 18.12 6.48
CA GLU C 51 1.06 17.90 5.06
C GLU C 51 0.91 16.42 4.76
N VAL C 52 1.89 15.63 5.16
CA VAL C 52 1.88 14.19 4.93
C VAL C 52 0.62 13.54 5.49
N VAL C 53 0.18 14.03 6.64
CA VAL C 53 -1.02 13.51 7.30
C VAL C 53 -2.25 13.67 6.42
N ASP C 54 -2.31 14.80 5.70
CA ASP C 54 -3.44 15.11 4.84
C ASP C 54 -3.51 14.16 3.64
N LYS C 55 -2.35 13.74 3.14
CA LYS C 55 -2.32 12.85 1.98
C LYS C 55 -2.39 11.38 2.38
N VAL C 56 -1.74 11.00 3.47
CA VAL C 56 -1.74 9.60 3.89
C VAL C 56 -3.13 9.16 4.32
N MET C 57 -3.91 10.06 4.93
CA MET C 57 -5.26 9.72 5.39
C MET C 57 -6.18 9.40 4.21
N GLU C 58 -5.76 9.82 3.03
CA GLU C 58 -6.54 9.58 1.83
C GLU C 58 -6.32 8.15 1.31
N THR C 59 -5.08 7.70 1.34
CA THR C 59 -4.73 6.37 0.87
C THR C 59 -4.87 5.31 1.97
N LEU C 60 -4.62 5.71 3.22
CA LEU C 60 -4.70 4.80 4.36
C LEU C 60 -6.12 4.31 4.58
N ASP C 61 -7.07 5.23 4.60
CA ASP C 61 -8.47 4.86 4.82
C ASP C 61 -9.07 4.25 3.55
N ASN C 62 -8.55 3.09 3.18
CA ASN C 62 -9.00 2.37 2.00
C ASN C 62 -10.34 1.71 2.28
N ASP C 63 -10.73 1.71 3.55
CA ASP C 63 -11.98 1.11 3.97
C ASP C 63 -13.10 2.14 3.95
N GLY C 64 -12.77 3.37 4.34
CA GLY C 64 -13.75 4.44 4.35
C GLY C 64 -14.45 4.54 5.68
N ASP C 65 -13.66 4.60 6.75
CA ASP C 65 -14.20 4.69 8.10
C ASP C 65 -13.15 5.21 9.08
N GLY C 66 -11.89 4.92 8.79
CA GLY C 66 -10.81 5.33 9.66
C GLY C 66 -10.22 4.16 10.42
N GLU C 67 -10.60 2.97 9.98
CA GLU C 67 -10.12 1.74 10.59
C GLU C 67 -8.79 1.32 9.95
N CYS C 68 -7.72 1.50 10.70
CA CYS C 68 -6.39 1.13 10.24
C CYS C 68 -6.23 -0.37 10.14
N ASP C 69 -5.26 -0.80 9.34
CA ASP C 69 -4.99 -2.21 9.13
C ASP C 69 -3.55 -2.41 8.71
N PHE C 70 -3.04 -3.63 8.84
CA PHE C 70 -1.66 -3.93 8.47
C PHE C 70 -1.36 -3.54 7.03
N GLN C 71 -2.37 -3.65 6.16
CA GLN C 71 -2.22 -3.30 4.76
C GLN C 71 -1.85 -1.82 4.58
N GLU C 72 -2.65 -0.94 5.18
CA GLU C 72 -2.41 0.50 5.05
C GLU C 72 -1.28 0.95 5.98
N PHE C 73 -1.06 0.21 7.05
CA PHE C 73 0.00 0.54 8.01
C PHE C 73 1.36 0.58 7.32
N MET C 74 1.66 -0.45 6.55
CA MET C 74 2.93 -0.51 5.83
C MET C 74 2.92 0.46 4.66
N ALA C 75 1.75 0.65 4.07
CA ALA C 75 1.61 1.58 2.95
C ALA C 75 1.87 2.99 3.45
N PHE C 76 1.50 3.24 4.70
CA PHE C 76 1.70 4.52 5.35
C PHE C 76 3.18 4.86 5.38
N VAL C 77 4.00 3.86 5.72
CA VAL C 77 5.44 4.04 5.78
C VAL C 77 5.98 4.38 4.39
N ALA C 78 5.45 3.70 3.38
CA ALA C 78 5.85 3.93 2.01
C ALA C 78 5.45 5.32 1.56
N MET C 79 4.22 5.69 1.87
CA MET C 79 3.68 6.99 1.50
C MET C 79 4.51 8.13 2.08
N VAL C 80 4.76 8.11 3.38
CA VAL C 80 5.53 9.17 4.02
C VAL C 80 6.97 9.21 3.50
N THR C 81 7.55 8.04 3.27
CA THR C 81 8.92 7.96 2.78
C THR C 81 9.02 8.51 1.36
N THR C 82 8.08 8.14 0.50
CA THR C 82 8.08 8.59 -0.88
C THR C 82 7.64 10.05 -1.02
N ALA C 83 6.60 10.44 -0.28
CA ALA C 83 6.08 11.81 -0.36
C ALA C 83 7.14 12.85 -0.01
N CYS C 84 7.86 12.64 1.09
CA CYS C 84 8.88 13.58 1.51
C CYS C 84 10.13 13.50 0.63
N HIS C 85 10.31 12.37 -0.03
CA HIS C 85 11.46 12.18 -0.91
C HIS C 85 11.18 12.81 -2.28
N GLU C 86 9.99 12.57 -2.80
CA GLU C 86 9.58 13.09 -4.10
C GLU C 86 9.08 14.52 -3.98
N PHE C 87 9.26 15.12 -2.80
CA PHE C 87 8.85 16.51 -2.57
C PHE C 87 9.78 17.45 -3.34
N PHE C 88 10.80 16.87 -3.96
CA PHE C 88 11.77 17.61 -4.74
C PHE C 88 11.54 17.37 -6.23
N GLU C 89 10.52 16.58 -6.54
CA GLU C 89 10.19 16.25 -7.92
C GLU C 89 8.73 15.83 -8.00
N HIS C 90 7.83 16.80 -8.10
CA HIS C 90 6.40 16.50 -8.19
C HIS C 90 5.81 17.08 -9.47
N GLU C 91 5.76 16.26 -10.50
CA GLU C 91 5.20 16.69 -11.77
C GLU C 91 3.68 16.63 -11.72
N ASP D 1 12.09 28.40 -19.99
CA ASP D 1 11.79 29.80 -19.61
C ASP D 1 10.72 29.86 -18.52
N PRO D 2 9.47 29.36 -18.75
CA PRO D 2 8.43 29.40 -17.72
C PRO D 2 8.70 28.40 -16.59
N LYS D 3 8.51 28.85 -15.37
CA LYS D 3 8.74 28.01 -14.21
C LYS D 3 7.50 27.91 -13.35
N ARG D 4 7.32 26.76 -12.72
CA ARG D 4 6.18 26.51 -11.84
C ARG D 4 6.68 26.41 -10.40
N LEU D 5 6.37 27.42 -9.61
CA LEU D 5 6.80 27.46 -8.21
C LEU D 5 6.03 26.45 -7.36
N TYR D 6 6.73 25.38 -6.99
CA TYR D 6 6.16 24.32 -6.16
C TYR D 6 6.46 24.58 -4.70
N CYS D 7 5.43 24.70 -3.89
CA CYS D 7 5.61 24.96 -2.46
C CYS D 7 5.63 23.66 -1.66
N LYS D 8 6.45 23.63 -0.61
CA LYS D 8 6.54 22.44 0.25
C LYS D 8 5.39 22.41 1.25
N ASN D 9 4.50 23.39 1.15
CA ASN D 9 3.35 23.47 2.03
C ASN D 9 2.09 23.06 1.29
N GLY D 10 1.66 21.83 1.55
CA GLY D 10 0.46 21.32 0.91
C GLY D 10 0.73 20.75 -0.48
N GLY D 11 1.91 21.04 -1.01
CA GLY D 11 2.27 20.56 -2.33
C GLY D 11 1.50 21.30 -3.41
N PHE D 12 1.34 22.60 -3.22
CA PHE D 12 0.60 23.41 -4.17
C PHE D 12 1.55 24.30 -4.98
N PHE D 13 1.14 24.62 -6.20
CA PHE D 13 1.91 25.47 -7.07
C PHE D 13 1.32 26.88 -7.06
N LEU D 14 2.18 27.88 -7.12
CA LEU D 14 1.73 29.27 -7.11
C LEU D 14 0.94 29.57 -8.38
N ARG D 15 -0.35 29.82 -8.23
CA ARG D 15 -1.21 30.11 -9.36
C ARG D 15 -1.69 31.56 -9.33
N ILE D 16 -1.35 32.31 -10.37
CA ILE D 16 -1.76 33.70 -10.48
C ILE D 16 -2.98 33.82 -11.40
N HIS D 17 -4.01 34.50 -10.91
CA HIS D 17 -5.23 34.67 -11.69
C HIS D 17 -5.20 36.03 -12.41
N PRO D 18 -5.76 36.10 -13.62
CA PRO D 18 -5.79 37.34 -14.42
C PRO D 18 -6.62 38.44 -13.76
N ASP D 19 -7.36 38.09 -12.74
CA ASP D 19 -8.20 39.05 -12.03
C ASP D 19 -7.39 39.75 -10.93
N GLY D 20 -6.30 39.12 -10.52
CA GLY D 20 -5.47 39.69 -9.49
C GLY D 20 -5.32 38.79 -8.27
N ARG D 21 -6.14 37.74 -8.20
CA ARG D 21 -6.09 36.81 -7.10
C ARG D 21 -4.93 35.83 -7.24
N VAL D 22 -4.39 35.41 -6.11
CA VAL D 22 -3.28 34.46 -6.09
C VAL D 22 -3.61 33.32 -5.14
N ASP D 23 -3.41 32.09 -5.60
CA ASP D 23 -3.69 30.91 -4.77
C ASP D 23 -2.77 29.76 -5.14
N GLY D 24 -3.03 28.59 -4.59
CA GLY D 24 -2.20 27.44 -4.87
C GLY D 24 -3.01 26.26 -5.39
N VAL D 25 -2.53 25.61 -6.44
CA VAL D 25 -3.20 24.47 -7.02
C VAL D 25 -2.23 23.29 -7.20
N ARG D 26 -2.73 22.08 -7.09
CA ARG D 26 -1.90 20.89 -7.24
C ARG D 26 -1.87 20.44 -8.70
N GLU D 27 -2.97 20.65 -9.39
CA GLU D 27 -3.07 20.26 -10.80
C GLU D 27 -2.12 21.08 -11.66
N LYS D 28 -1.27 20.38 -12.39
CA LYS D 28 -0.31 21.04 -13.27
C LYS D 28 -0.93 21.35 -14.62
N SER D 29 -2.20 20.98 -14.77
CA SER D 29 -2.94 21.20 -16.00
C SER D 29 -3.42 22.64 -16.09
N ASP D 30 -3.30 23.38 -15.00
CA ASP D 30 -3.74 24.77 -14.97
C ASP D 30 -2.69 25.64 -15.66
N PRO D 31 -3.09 26.38 -16.71
CA PRO D 31 -2.17 27.23 -17.46
C PRO D 31 -1.71 28.45 -16.68
N HIS D 32 -2.33 28.70 -15.53
CA HIS D 32 -1.99 29.88 -14.72
C HIS D 32 -0.82 29.61 -13.79
N ILE D 33 -0.22 28.43 -13.90
CA ILE D 33 0.94 28.09 -13.06
C ILE D 33 2.24 28.43 -13.79
N LYS D 34 2.09 28.95 -15.00
CA LYS D 34 3.23 29.34 -15.81
C LYS D 34 3.72 30.71 -15.37
N LEU D 35 4.76 30.73 -14.56
CA LEU D 35 5.30 31.98 -14.06
C LEU D 35 6.66 32.27 -14.66
N GLN D 36 6.87 33.52 -15.03
CA GLN D 36 8.13 33.97 -15.60
C GLN D 36 8.92 34.70 -14.54
N LEU D 37 10.18 34.30 -14.36
CA LEU D 37 11.03 34.91 -13.36
C LEU D 37 11.94 35.95 -13.99
N GLN D 38 11.56 37.20 -13.88
CA GLN D 38 12.33 38.30 -14.43
C GLN D 38 13.35 38.81 -13.42
N ALA D 39 14.60 38.95 -13.82
CA ALA D 39 15.64 39.42 -12.91
C ALA D 39 15.90 40.90 -13.09
N GLU D 40 15.97 41.62 -11.99
CA GLU D 40 16.23 43.05 -12.01
C GLU D 40 17.66 43.30 -11.55
N GLU D 41 18.06 42.58 -10.53
CA GLU D 41 19.39 42.68 -9.95
C GLU D 41 19.82 41.29 -9.52
N ARG D 42 21.12 41.10 -9.27
CA ARG D 42 21.64 39.82 -8.85
C ARG D 42 21.03 39.42 -7.50
N GLY D 43 20.02 38.55 -7.55
CA GLY D 43 19.35 38.10 -6.35
C GLY D 43 17.95 38.66 -6.23
N VAL D 44 17.63 39.63 -7.07
CA VAL D 44 16.31 40.26 -7.05
C VAL D 44 15.54 39.91 -8.31
N VAL D 45 14.42 39.20 -8.15
CA VAL D 45 13.61 38.79 -9.28
C VAL D 45 12.15 39.20 -9.09
N SER D 46 11.40 39.12 -10.17
CA SER D 46 9.99 39.45 -10.17
C SER D 46 9.20 38.31 -10.79
N ILE D 47 8.11 37.92 -10.15
CA ILE D 47 7.28 36.83 -10.63
C ILE D 47 6.11 37.36 -11.46
N LYS D 48 6.07 36.96 -12.73
CA LYS D 48 5.02 37.40 -13.64
C LYS D 48 4.25 36.21 -14.18
N GLY D 49 2.93 36.26 -14.11
CA GLY D 49 2.11 35.18 -14.62
C GLY D 49 1.95 35.29 -16.12
N VAL D 50 2.38 34.27 -16.83
CA VAL D 50 2.32 34.26 -18.30
C VAL D 50 0.87 34.38 -18.81
N SER D 51 -0.02 33.55 -18.27
CA SER D 51 -1.41 33.57 -18.70
C SER D 51 -2.23 34.59 -17.93
N ALA D 52 -1.56 35.50 -17.24
CA ALA D 52 -2.24 36.52 -16.46
C ALA D 52 -1.76 37.91 -16.84
N ASN D 53 -0.49 38.00 -17.23
CA ASN D 53 0.14 39.27 -17.62
C ASN D 53 0.24 40.20 -16.41
N ARG D 54 0.25 39.61 -15.23
CA ARG D 54 0.32 40.37 -14.00
C ARG D 54 1.53 39.94 -13.17
N TYR D 55 2.08 40.87 -12.42
CA TYR D 55 3.24 40.61 -11.59
C TYR D 55 2.82 40.44 -10.13
N LEU D 56 3.51 39.56 -9.42
CA LEU D 56 3.21 39.30 -8.02
C LEU D 56 3.69 40.45 -7.15
N ALA D 57 2.81 40.94 -6.29
CA ALA D 57 3.15 42.05 -5.40
C ALA D 57 2.59 41.83 -4.00
N MET D 58 3.28 42.37 -3.01
CA MET D 58 2.87 42.24 -1.62
C MET D 58 2.50 43.62 -1.06
N LYS D 59 1.44 43.69 -0.28
CA LYS D 59 1.02 44.96 0.28
C LYS D 59 1.59 45.17 1.68
N GLU D 60 1.46 46.39 2.21
CA GLU D 60 1.99 46.74 3.52
C GLU D 60 1.22 46.07 4.66
N ASP D 61 0.19 45.33 4.33
CA ASP D 61 -0.62 44.64 5.33
C ASP D 61 -0.26 43.15 5.35
N GLY D 62 0.48 42.71 4.33
CA GLY D 62 0.87 41.32 4.25
C GLY D 62 0.12 40.56 3.18
N ARG D 63 -0.76 41.24 2.47
CA ARG D 63 -1.55 40.62 1.40
C ARG D 63 -0.69 40.37 0.17
N LEU D 64 -1.04 39.34 -0.57
CA LEU D 64 -0.33 38.97 -1.79
C LEU D 64 -1.30 38.99 -2.96
N LEU D 65 -1.03 39.84 -3.93
CA LEU D 65 -1.90 39.96 -5.09
C LEU D 65 -1.08 40.16 -6.37
N ALA D 66 -1.76 40.21 -7.50
CA ALA D 66 -1.11 40.41 -8.77
C ALA D 66 -1.43 41.78 -9.35
N SER D 67 -0.42 42.54 -9.68
CA SER D 67 -0.59 43.87 -10.24
C SER D 67 -0.12 43.92 -11.69
N LYS D 68 -0.78 44.73 -12.50
CA LYS D 68 -0.41 44.87 -13.91
C LYS D 68 0.77 45.82 -14.03
N SER D 69 0.99 46.60 -12.99
CA SER D 69 2.08 47.56 -12.97
C SER D 69 3.19 47.06 -12.05
N VAL D 70 4.42 47.15 -12.51
CA VAL D 70 5.56 46.70 -11.73
C VAL D 70 6.01 47.76 -10.74
N THR D 71 5.62 47.59 -9.49
CA THR D 71 6.00 48.52 -8.44
C THR D 71 7.17 47.96 -7.66
N ASP D 72 7.61 48.67 -6.62
CA ASP D 72 8.73 48.22 -5.81
C ASP D 72 8.32 47.08 -4.89
N GLU D 73 7.03 46.74 -4.94
CA GLU D 73 6.48 45.66 -4.14
C GLU D 73 6.47 44.36 -4.92
N CYS D 74 6.81 44.44 -6.21
CA CYS D 74 6.81 43.26 -7.08
C CYS D 74 8.20 42.65 -7.19
N PHE D 75 9.17 43.22 -6.48
CA PHE D 75 10.53 42.71 -6.52
C PHE D 75 10.83 41.91 -5.27
N PHE D 76 11.21 40.66 -5.45
CA PHE D 76 11.50 39.77 -4.34
C PHE D 76 12.93 39.23 -4.44
N PHE D 77 13.50 38.92 -3.28
CA PHE D 77 14.84 38.37 -3.20
C PHE D 77 14.77 36.85 -3.37
N GLU D 78 15.58 36.33 -4.25
CA GLU D 78 15.63 34.91 -4.51
C GLU D 78 16.81 34.29 -3.79
N ARG D 79 16.56 33.57 -2.72
CA ARG D 79 17.63 32.95 -1.97
C ARG D 79 17.54 31.43 -2.04
N LEU D 80 18.68 30.79 -2.19
CA LEU D 80 18.75 29.34 -2.26
C LEU D 80 19.15 28.79 -0.90
N GLU D 81 18.24 28.07 -0.28
CA GLU D 81 18.46 27.49 1.04
C GLU D 81 19.35 26.26 0.94
N SER D 82 19.81 25.77 2.09
CA SER D 82 20.66 24.59 2.16
C SER D 82 19.87 23.32 1.84
N ASN D 83 18.55 23.44 1.87
CA ASN D 83 17.68 22.31 1.58
C ASN D 83 17.35 22.26 0.08
N ASN D 84 18.05 23.09 -0.69
CA ASN D 84 17.91 23.17 -2.15
C ASN D 84 16.57 23.79 -2.57
N TYR D 85 15.95 24.54 -1.66
CA TYR D 85 14.70 25.21 -1.96
C TYR D 85 14.94 26.70 -2.17
N ASN D 86 14.02 27.35 -2.86
CA ASN D 86 14.13 28.77 -3.15
C ASN D 86 13.20 29.58 -2.25
N THR D 87 13.74 30.56 -1.56
CA THR D 87 12.95 31.42 -0.69
C THR D 87 12.80 32.79 -1.34
N TYR D 88 11.61 33.38 -1.22
CA TYR D 88 11.35 34.68 -1.82
C TYR D 88 10.89 35.68 -0.78
N ARG D 89 11.68 36.73 -0.60
CA ARG D 89 11.38 37.78 0.37
C ARG D 89 11.20 39.11 -0.36
N SER D 90 10.21 39.88 0.04
CA SER D 90 9.95 41.17 -0.60
C SER D 90 11.12 42.14 -0.35
N ARG D 91 11.43 42.95 -1.36
CA ARG D 91 12.50 43.93 -1.22
C ARG D 91 12.02 45.11 -0.41
N LYS D 92 10.74 45.43 -0.56
CA LYS D 92 10.13 46.52 0.16
C LYS D 92 9.93 46.13 1.62
N TYR D 93 9.55 44.87 1.84
CA TYR D 93 9.34 44.35 3.18
C TYR D 93 10.37 43.25 3.45
N THR D 94 11.54 43.66 3.91
CA THR D 94 12.64 42.74 4.18
C THR D 94 12.40 41.86 5.42
N SER D 95 11.16 41.80 5.88
CA SER D 95 10.82 40.99 7.04
C SER D 95 9.63 40.07 6.72
N TRP D 96 9.14 40.15 5.49
CA TRP D 96 8.00 39.33 5.07
C TRP D 96 8.40 38.50 3.85
N TYR D 97 8.00 37.24 3.86
CA TYR D 97 8.30 36.32 2.77
C TYR D 97 7.02 35.85 2.11
N VAL D 98 7.16 35.25 0.93
CA VAL D 98 6.01 34.72 0.20
C VAL D 98 5.79 33.28 0.65
N ALA D 99 4.55 32.95 1.01
CA ALA D 99 4.24 31.61 1.47
C ALA D 99 2.83 31.19 1.10
N LEU D 100 2.62 29.87 1.06
CA LEU D 100 1.32 29.31 0.75
C LEU D 100 0.84 28.46 1.92
N LYS D 101 -0.44 28.14 1.94
CA LYS D 101 -1.01 27.33 3.01
C LYS D 101 -1.44 25.97 2.50
N ARG D 102 -1.58 25.02 3.42
CA ARG D 102 -1.98 23.66 3.09
C ARG D 102 -3.41 23.60 2.56
N THR D 103 -4.13 24.71 2.67
CA THR D 103 -5.50 24.80 2.22
C THR D 103 -5.59 25.27 0.76
N GLY D 104 -4.44 25.55 0.15
CA GLY D 104 -4.43 25.99 -1.23
C GLY D 104 -4.55 27.50 -1.33
N GLN D 105 -4.50 28.17 -0.20
CA GLN D 105 -4.60 29.62 -0.15
C GLN D 105 -3.25 30.22 0.17
N TYR D 106 -3.06 31.48 -0.16
CA TYR D 106 -1.80 32.16 0.12
C TYR D 106 -1.72 32.53 1.60
N LYS D 107 -0.51 32.53 2.12
CA LYS D 107 -0.31 32.86 3.52
C LYS D 107 0.07 34.33 3.65
N LEU D 108 -0.46 34.99 4.66
CA LEU D 108 -0.17 36.40 4.89
C LEU D 108 1.31 36.60 5.18
N GLY D 109 1.93 37.51 4.45
CA GLY D 109 3.34 37.79 4.62
C GLY D 109 3.68 38.20 6.04
N SER D 110 2.74 38.84 6.71
CA SER D 110 2.94 39.29 8.08
C SER D 110 2.97 38.12 9.07
N LYS D 111 2.82 36.90 8.56
CA LYS D 111 2.85 35.71 9.40
C LYS D 111 3.91 34.73 8.90
N THR D 112 4.91 35.25 8.20
CA THR D 112 5.98 34.41 7.67
C THR D 112 7.28 34.61 8.43
N GLY D 113 8.35 33.99 7.96
CA GLY D 113 9.64 34.12 8.61
C GLY D 113 10.53 32.93 8.33
N PRO D 114 11.83 33.04 8.61
CA PRO D 114 12.79 31.97 8.39
C PRO D 114 12.47 30.75 9.25
N GLY D 115 12.51 29.57 8.64
CA GLY D 115 12.22 28.35 9.36
C GLY D 115 10.94 27.71 8.89
N GLN D 116 10.02 28.53 8.40
CA GLN D 116 8.74 28.05 7.91
C GLN D 116 8.92 27.37 6.57
N LYS D 117 8.44 26.14 6.47
CA LYS D 117 8.53 25.37 5.23
C LYS D 117 7.55 25.88 4.18
N ALA D 118 6.78 26.90 4.56
CA ALA D 118 5.79 27.48 3.67
C ALA D 118 6.43 28.46 2.69
N ILE D 119 7.61 28.96 3.03
CA ILE D 119 8.31 29.90 2.18
C ILE D 119 9.30 29.19 1.26
N LEU D 120 9.26 27.86 1.29
CA LEU D 120 10.15 27.05 0.47
C LEU D 120 9.47 26.70 -0.86
N PHE D 121 9.98 27.29 -1.93
CA PHE D 121 9.44 27.03 -3.26
C PHE D 121 10.48 26.37 -4.16
N LEU D 122 10.01 25.54 -5.07
CA LEU D 122 10.88 24.85 -6.02
C LEU D 122 10.49 25.25 -7.43
N PRO D 123 11.34 26.02 -8.13
CA PRO D 123 11.07 26.47 -9.50
C PRO D 123 11.26 25.37 -10.53
N MET D 124 10.25 24.53 -10.68
CA MET D 124 10.32 23.44 -11.66
C MET D 124 9.99 23.98 -13.05
N SER D 125 10.55 23.37 -14.08
CA SER D 125 10.31 23.81 -15.44
C SER D 125 8.91 23.43 -15.91
N ALA D 126 8.26 24.35 -16.62
CA ALA D 126 6.92 24.11 -17.13
C ALA D 126 6.89 24.23 -18.65
N ASP A 1 -25.39 -23.89 8.50
CA ASP A 1 -25.13 -25.34 8.40
C ASP A 1 -24.08 -25.66 7.34
N PRO A 2 -24.28 -25.28 6.05
CA PRO A 2 -23.29 -25.57 5.01
C PRO A 2 -22.02 -24.73 5.17
N LYS A 3 -20.89 -25.29 4.77
CA LYS A 3 -19.62 -24.60 4.87
C LYS A 3 -18.87 -24.66 3.55
N ARG A 4 -17.89 -23.78 3.41
CA ARG A 4 -17.08 -23.72 2.21
C ARG A 4 -15.63 -24.05 2.55
N LEU A 5 -15.10 -25.10 1.91
CA LEU A 5 -13.72 -25.51 2.16
C LEU A 5 -12.74 -24.62 1.41
N TYR A 6 -12.10 -23.72 2.16
CA TYR A 6 -11.14 -22.79 1.60
C TYR A 6 -9.73 -23.37 1.67
N CYS A 7 -9.14 -23.63 0.52
CA CYS A 7 -7.81 -24.18 0.46
C CYS A 7 -6.77 -23.07 0.51
N LYS A 8 -5.76 -23.25 1.37
CA LYS A 8 -4.69 -22.25 1.51
C LYS A 8 -3.83 -22.21 0.26
N ASN A 9 -3.80 -23.33 -0.45
CA ASN A 9 -3.00 -23.47 -1.66
C ASN A 9 -3.68 -22.81 -2.86
N GLY A 10 -3.58 -21.50 -2.94
CA GLY A 10 -4.18 -20.78 -4.05
C GLY A 10 -5.34 -19.91 -3.62
N GLY A 11 -5.99 -20.28 -2.53
CA GLY A 11 -7.11 -19.52 -2.05
C GLY A 11 -8.37 -19.83 -2.82
N PHE A 12 -8.64 -21.12 -3.02
CA PHE A 12 -9.81 -21.55 -3.77
C PHE A 12 -10.73 -22.37 -2.89
N PHE A 13 -12.03 -22.32 -3.20
CA PHE A 13 -13.02 -23.07 -2.47
C PHE A 13 -13.38 -24.33 -3.24
N LEU A 14 -13.56 -25.44 -2.54
CA LEU A 14 -13.92 -26.70 -3.18
C LEU A 14 -15.32 -26.58 -3.78
N ARG A 15 -15.39 -26.56 -5.10
CA ARG A 15 -16.65 -26.42 -5.80
C ARG A 15 -17.08 -27.72 -6.49
N ILE A 16 -18.24 -28.23 -6.10
CA ILE A 16 -18.76 -29.46 -6.68
C ILE A 16 -19.83 -29.11 -7.72
N HIS A 17 -19.69 -29.68 -8.91
CA HIS A 17 -20.64 -29.43 -9.99
C HIS A 17 -21.69 -30.53 -10.03
N PRO A 18 -22.93 -30.20 -10.44
CA PRO A 18 -24.03 -31.16 -10.52
C PRO A 18 -23.77 -32.30 -11.51
N ASP A 19 -22.82 -32.08 -12.41
CA ASP A 19 -22.48 -33.08 -13.42
C ASP A 19 -21.54 -34.13 -12.83
N GLY A 20 -20.84 -33.77 -11.76
CA GLY A 20 -19.93 -34.70 -11.12
C GLY A 20 -18.50 -34.22 -11.10
N ARG A 21 -18.22 -33.13 -11.77
CA ARG A 21 -16.87 -32.58 -11.81
C ARG A 21 -16.61 -31.69 -10.59
N VAL A 22 -15.36 -31.61 -10.18
CA VAL A 22 -14.97 -30.80 -9.03
C VAL A 22 -13.84 -29.86 -9.39
N ASP A 23 -13.93 -28.61 -8.92
CA ASP A 23 -12.90 -27.61 -9.20
C ASP A 23 -12.80 -26.62 -8.05
N GLY A 24 -11.97 -25.60 -8.21
CA GLY A 24 -11.82 -24.60 -7.17
C GLY A 24 -12.01 -23.19 -7.70
N VAL A 25 -12.89 -22.43 -7.05
CA VAL A 25 -13.16 -21.06 -7.46
C VAL A 25 -12.81 -20.10 -6.33
N ARG A 26 -12.63 -18.82 -6.66
CA ARG A 26 -12.30 -17.81 -5.66
C ARG A 26 -13.52 -17.00 -5.26
N GLU A 27 -14.64 -17.23 -5.95
CA GLU A 27 -15.87 -16.52 -5.65
C GLU A 27 -16.65 -17.25 -4.57
N LYS A 28 -16.95 -16.52 -3.50
CA LYS A 28 -17.71 -17.09 -2.38
C LYS A 28 -19.21 -16.96 -2.62
N SER A 29 -19.58 -16.42 -3.77
CA SER A 29 -20.98 -16.23 -4.13
C SER A 29 -21.52 -17.43 -4.90
N ASP A 30 -20.66 -18.39 -5.18
CA ASP A 30 -21.06 -19.60 -5.91
C ASP A 30 -21.74 -20.57 -4.96
N PRO A 31 -22.98 -20.98 -5.26
CA PRO A 31 -23.73 -21.91 -4.41
C PRO A 31 -23.22 -23.35 -4.48
N HIS A 32 -22.26 -23.60 -5.35
CA HIS A 32 -21.71 -24.94 -5.51
C HIS A 32 -20.53 -25.17 -4.56
N ILE A 33 -20.08 -24.12 -3.89
CA ILE A 33 -18.97 -24.24 -2.95
C ILE A 33 -19.48 -24.56 -1.55
N LYS A 34 -20.80 -24.58 -1.41
CA LYS A 34 -21.44 -24.88 -0.15
C LYS A 34 -21.56 -26.39 0.01
N LEU A 35 -20.75 -26.94 0.89
CA LEU A 35 -20.74 -28.36 1.13
C LEU A 35 -21.24 -28.70 2.52
N GLN A 36 -21.74 -29.90 2.67
CA GLN A 36 -22.24 -30.39 3.94
C GLN A 36 -21.33 -31.50 4.45
N LEU A 37 -20.82 -31.34 5.66
CA LEU A 37 -19.92 -32.32 6.24
C LEU A 37 -20.66 -33.28 7.15
N GLN A 38 -20.99 -34.46 6.61
CA GLN A 38 -21.69 -35.48 7.37
C GLN A 38 -20.67 -36.34 8.11
N ALA A 39 -21.04 -36.78 9.31
CA ALA A 39 -20.13 -37.59 10.12
C ALA A 39 -20.60 -39.04 10.19
N GLU A 40 -19.67 -39.96 9.97
CA GLU A 40 -19.98 -41.38 10.02
C GLU A 40 -19.31 -42.03 11.23
N GLU A 41 -17.99 -41.93 11.27
CA GLU A 41 -17.23 -42.48 12.38
C GLU A 41 -16.42 -41.39 13.04
N ARG A 42 -15.88 -41.67 14.21
CA ARG A 42 -15.08 -40.69 14.93
C ARG A 42 -13.85 -40.32 14.11
N GLY A 43 -13.90 -39.15 13.48
CA GLY A 43 -12.78 -38.70 12.68
C GLY A 43 -12.99 -38.95 11.20
N VAL A 44 -14.14 -39.51 10.85
CA VAL A 44 -14.44 -39.81 9.44
C VAL A 44 -15.70 -39.07 9.01
N VAL A 45 -15.57 -38.24 7.99
CA VAL A 45 -16.68 -37.46 7.49
C VAL A 45 -16.90 -37.66 5.99
N SER A 46 -18.06 -37.25 5.52
CA SER A 46 -18.42 -37.34 4.11
C SER A 46 -18.78 -35.95 3.59
N ILE A 47 -18.14 -35.55 2.49
CA ILE A 47 -18.40 -34.24 1.90
C ILE A 47 -19.46 -34.31 0.82
N LYS A 48 -20.58 -33.64 1.06
CA LYS A 48 -21.68 -33.62 0.10
C LYS A 48 -21.96 -32.20 -0.40
N GLY A 49 -22.12 -32.06 -1.71
CA GLY A 49 -22.41 -30.76 -2.28
C GLY A 49 -23.88 -30.43 -2.16
N VAL A 50 -24.18 -29.33 -1.47
CA VAL A 50 -25.57 -28.91 -1.27
C VAL A 50 -26.28 -28.67 -2.59
N SER A 51 -25.72 -27.79 -3.41
CA SER A 51 -26.31 -27.48 -4.70
C SER A 51 -25.76 -28.43 -5.77
N ALA A 52 -25.92 -29.73 -5.52
CA ALA A 52 -25.43 -30.75 -6.43
C ALA A 52 -26.02 -32.12 -6.07
N ASN A 53 -26.19 -32.35 -4.77
CA ASN A 53 -26.73 -33.62 -4.25
C ASN A 53 -25.78 -34.77 -4.54
N ARG A 54 -24.50 -34.45 -4.62
CA ARG A 54 -23.47 -35.44 -4.89
C ARG A 54 -22.42 -35.44 -3.80
N TYR A 55 -21.85 -36.61 -3.53
CA TYR A 55 -20.85 -36.77 -2.50
C TYR A 55 -19.46 -36.86 -3.13
N LEU A 56 -18.47 -36.29 -2.47
CA LEU A 56 -17.10 -36.32 -2.96
C LEU A 56 -16.53 -37.72 -2.86
N ALA A 57 -15.93 -38.20 -3.95
CA ALA A 57 -15.35 -39.53 -3.97
C ALA A 57 -14.02 -39.55 -4.71
N MET A 58 -13.08 -40.32 -4.19
CA MET A 58 -11.77 -40.45 -4.82
C MET A 58 -11.64 -41.83 -5.46
N LYS A 59 -11.08 -41.87 -6.66
CA LYS A 59 -10.93 -43.14 -7.37
C LYS A 59 -9.53 -43.72 -7.19
N GLU A 60 -9.39 -44.98 -7.56
CA GLU A 60 -8.13 -45.72 -7.42
C GLU A 60 -7.02 -45.16 -8.31
N ASP A 61 -7.38 -44.30 -9.25
CA ASP A 61 -6.39 -43.71 -10.14
C ASP A 61 -5.96 -42.35 -9.62
N GLY A 62 -6.51 -41.96 -8.47
CA GLY A 62 -6.16 -40.68 -7.87
C GLY A 62 -7.09 -39.56 -8.29
N ARG A 63 -8.13 -39.90 -9.04
CA ARG A 63 -9.09 -38.91 -9.51
C ARG A 63 -10.05 -38.50 -8.40
N LEU A 64 -10.60 -37.31 -8.52
CA LEU A 64 -11.55 -36.80 -7.55
C LEU A 64 -12.80 -36.33 -8.27
N LEU A 65 -13.93 -36.95 -7.94
CA LEU A 65 -15.19 -36.60 -8.58
C LEU A 65 -16.33 -36.67 -7.57
N ALA A 66 -17.52 -36.34 -8.02
CA ALA A 66 -18.69 -36.37 -7.15
C ALA A 66 -19.63 -37.49 -7.56
N SER A 67 -19.87 -38.40 -6.64
CA SER A 67 -20.76 -39.53 -6.88
C SER A 67 -22.13 -39.26 -6.28
N LYS A 68 -23.17 -39.75 -6.93
CA LYS A 68 -24.53 -39.56 -6.44
C LYS A 68 -24.83 -40.59 -5.36
N SER A 69 -24.19 -41.73 -5.46
CA SER A 69 -24.36 -42.80 -4.50
C SER A 69 -23.18 -42.81 -3.54
N VAL A 70 -23.48 -42.95 -2.25
CA VAL A 70 -22.44 -42.96 -1.23
C VAL A 70 -21.70 -44.29 -1.24
N THR A 71 -20.44 -44.26 -1.66
CA THR A 71 -19.63 -45.46 -1.71
C THR A 71 -18.58 -45.41 -0.60
N ASP A 72 -17.70 -46.41 -0.56
CA ASP A 72 -16.65 -46.46 0.44
C ASP A 72 -15.54 -45.48 0.10
N GLU A 73 -15.68 -44.81 -1.03
CA GLU A 73 -14.70 -43.84 -1.49
C GLU A 73 -15.12 -42.43 -1.11
N CYS A 74 -16.28 -42.30 -0.46
CA CYS A 74 -16.79 -41.01 -0.05
C CYS A 74 -16.51 -40.74 1.43
N PHE A 75 -15.66 -41.56 2.01
CA PHE A 75 -15.31 -41.42 3.43
C PHE A 75 -13.90 -40.86 3.58
N PHE A 76 -13.81 -39.68 4.16
CA PHE A 76 -12.52 -39.03 4.36
C PHE A 76 -12.28 -38.73 5.83
N PHE A 77 -11.04 -38.86 6.25
CA PHE A 77 -10.66 -38.58 7.62
C PHE A 77 -10.51 -37.09 7.82
N GLU A 78 -11.06 -36.58 8.91
CA GLU A 78 -10.97 -35.16 9.22
C GLU A 78 -9.95 -34.94 10.33
N ARG A 79 -8.75 -34.57 9.95
CA ARG A 79 -7.69 -34.34 10.92
C ARG A 79 -7.37 -32.86 11.00
N LEU A 80 -6.84 -32.44 12.13
CA LEU A 80 -6.47 -31.04 12.34
C LEU A 80 -4.96 -30.93 12.50
N GLU A 81 -4.32 -30.23 11.58
CA GLU A 81 -2.89 -30.05 11.62
C GLU A 81 -2.51 -29.00 12.66
N SER A 82 -1.22 -28.90 12.97
CA SER A 82 -0.73 -27.95 13.95
C SER A 82 -0.93 -26.51 13.49
N ASN A 83 -1.16 -26.35 12.18
CA ASN A 83 -1.36 -25.03 11.61
C ASN A 83 -2.84 -24.66 11.61
N ASN A 84 -3.63 -25.42 12.37
CA ASN A 84 -5.07 -25.18 12.53
C ASN A 84 -5.86 -25.43 11.24
N TYR A 85 -5.27 -26.18 10.32
CA TYR A 85 -5.95 -26.49 9.07
C TYR A 85 -6.52 -27.90 9.09
N ASN A 86 -7.53 -28.13 8.27
CA ASN A 86 -8.18 -29.43 8.21
C ASN A 86 -7.58 -30.27 7.08
N THR A 87 -7.19 -31.48 7.41
CA THR A 87 -6.63 -32.41 6.44
C THR A 87 -7.62 -33.54 6.18
N TYR A 88 -7.94 -33.78 4.92
CA TYR A 88 -8.89 -34.82 4.56
C TYR A 88 -8.21 -35.93 3.76
N ARG A 89 -8.16 -37.11 4.35
CA ARG A 89 -7.56 -38.28 3.73
C ARG A 89 -8.60 -39.36 3.49
N SER A 90 -8.55 -40.00 2.33
CA SER A 90 -9.53 -41.04 2.01
C SER A 90 -9.32 -42.27 2.90
N ARG A 91 -10.42 -42.89 3.30
CA ARG A 91 -10.36 -44.08 4.14
C ARG A 91 -9.92 -45.28 3.30
N LYS A 92 -10.33 -45.27 2.04
CA LYS A 92 -9.99 -46.33 1.11
C LYS A 92 -8.53 -46.19 0.67
N TYR A 93 -8.07 -44.96 0.60
CA TYR A 93 -6.69 -44.67 0.19
C TYR A 93 -6.00 -43.88 1.29
N THR A 94 -5.44 -44.59 2.27
CA THR A 94 -4.77 -43.97 3.41
C THR A 94 -3.46 -43.28 3.03
N SER A 95 -3.09 -43.31 1.76
CA SER A 95 -1.88 -42.66 1.30
C SER A 95 -2.18 -41.43 0.45
N TRP A 96 -3.46 -41.25 0.09
CA TRP A 96 -3.86 -40.13 -0.74
C TRP A 96 -4.77 -39.17 0.01
N TYR A 97 -4.57 -37.88 -0.22
CA TYR A 97 -5.36 -36.84 0.42
C TYR A 97 -6.06 -35.98 -0.63
N VAL A 98 -7.03 -35.21 -0.20
CA VAL A 98 -7.75 -34.31 -1.09
C VAL A 98 -6.96 -33.01 -1.21
N ALA A 99 -6.75 -32.54 -2.44
CA ALA A 99 -5.97 -31.33 -2.63
C ALA A 99 -6.42 -30.53 -3.84
N LEU A 100 -6.11 -29.24 -3.83
CA LEU A 100 -6.46 -28.34 -4.92
C LEU A 100 -5.18 -27.68 -5.46
N LYS A 101 -5.20 -27.34 -6.74
CA LYS A 101 -4.05 -26.69 -7.37
C LYS A 101 -4.24 -25.18 -7.38
N ARG A 102 -3.13 -24.46 -7.45
CA ARG A 102 -3.17 -22.99 -7.46
C ARG A 102 -3.75 -22.47 -8.78
N THR A 103 -3.98 -23.39 -9.72
CA THR A 103 -4.54 -23.05 -11.02
C THR A 103 -6.06 -23.06 -11.00
N GLY A 104 -6.65 -23.57 -9.93
CA GLY A 104 -8.10 -23.62 -9.84
C GLY A 104 -8.67 -24.99 -10.07
N GLN A 105 -7.82 -25.94 -10.43
CA GLN A 105 -8.27 -27.31 -10.66
C GLN A 105 -7.83 -28.18 -9.49
N TYR A 106 -8.45 -29.34 -9.33
CA TYR A 106 -8.09 -30.22 -8.22
C TYR A 106 -6.78 -30.93 -8.51
N LYS A 107 -6.10 -31.35 -7.44
CA LYS A 107 -4.83 -32.04 -7.57
C LYS A 107 -5.04 -33.54 -7.41
N LEU A 108 -4.33 -34.33 -8.20
CA LEU A 108 -4.45 -35.77 -8.14
C LEU A 108 -4.02 -36.29 -6.77
N GLY A 109 -4.82 -37.19 -6.21
CA GLY A 109 -4.54 -37.74 -4.91
C GLY A 109 -3.18 -38.42 -4.83
N SER A 110 -2.76 -39.01 -5.94
CA SER A 110 -1.49 -39.71 -6.00
C SER A 110 -0.30 -38.74 -5.99
N LYS A 111 -0.59 -37.44 -6.06
CA LYS A 111 0.46 -36.44 -6.05
C LYS A 111 0.41 -35.61 -4.76
N THR A 112 -0.33 -36.10 -3.78
CA THR A 112 -0.47 -35.39 -2.51
C THR A 112 0.50 -35.94 -1.47
N GLY A 113 0.44 -35.37 -0.27
CA GLY A 113 1.31 -35.79 0.81
C GLY A 113 1.58 -34.67 1.79
N PRO A 114 1.95 -34.99 3.04
CA PRO A 114 2.25 -33.99 4.07
C PRO A 114 3.31 -33.00 3.63
N GLY A 115 3.08 -31.73 3.89
CA GLY A 115 4.02 -30.69 3.51
C GLY A 115 3.40 -29.73 2.52
N GLN A 116 2.49 -30.24 1.70
CA GLN A 116 1.81 -29.41 0.71
C GLN A 116 0.63 -28.70 1.36
N LYS A 117 0.44 -27.44 1.01
CA LYS A 117 -0.66 -26.67 1.56
C LYS A 117 -1.94 -26.95 0.80
N ALA A 118 -1.83 -27.78 -0.24
CA ALA A 118 -2.96 -28.14 -1.08
C ALA A 118 -3.94 -29.03 -0.33
N ILE A 119 -3.45 -29.74 0.68
CA ILE A 119 -4.27 -30.63 1.48
C ILE A 119 -4.79 -29.91 2.73
N LEU A 120 -4.46 -28.64 2.84
CA LEU A 120 -4.88 -27.84 4.00
C LEU A 120 -6.13 -27.05 3.65
N PHE A 121 -7.27 -27.49 4.19
CA PHE A 121 -8.53 -26.82 3.93
C PHE A 121 -9.06 -26.14 5.19
N LEU A 122 -9.70 -24.99 5.00
CA LEU A 122 -10.28 -24.25 6.10
C LEU A 122 -11.80 -24.18 5.92
N PRO A 123 -12.56 -24.85 6.81
CA PRO A 123 -14.02 -24.84 6.74
C PRO A 123 -14.62 -23.52 7.19
N MET A 124 -14.80 -22.60 6.26
CA MET A 124 -15.38 -21.31 6.57
C MET A 124 -16.89 -21.35 6.39
N SER A 125 -17.59 -20.49 7.12
CA SER A 125 -19.04 -20.44 7.06
C SER A 125 -19.53 -19.90 5.72
N ALA A 126 -20.71 -20.36 5.31
CA ALA A 126 -21.31 -19.92 4.06
C ALA A 126 -22.73 -19.47 4.31
N SER B 1 15.77 5.50 16.78
CA SER B 1 14.43 4.89 16.79
C SER B 1 14.51 3.46 16.26
N GLU B 2 13.39 2.94 15.78
CA GLU B 2 13.36 1.60 15.24
C GLU B 2 12.98 1.64 13.76
N LEU B 3 11.94 2.39 13.45
CA LEU B 3 11.47 2.53 12.07
C LEU B 3 12.54 3.17 11.21
N GLU B 4 13.21 4.18 11.74
CA GLU B 4 14.26 4.89 11.01
C GLU B 4 15.41 3.93 10.70
N LYS B 5 15.71 3.04 11.64
CA LYS B 5 16.78 2.06 11.47
C LYS B 5 16.39 1.08 10.37
N ALA B 6 15.12 0.69 10.37
CA ALA B 6 14.59 -0.24 9.37
C ALA B 6 14.52 0.43 8.01
N MET B 7 14.27 1.74 7.99
CA MET B 7 14.17 2.49 6.75
C MET B 7 15.47 2.40 5.96
N VAL B 8 16.59 2.69 6.63
CA VAL B 8 17.90 2.63 5.99
C VAL B 8 18.16 1.23 5.42
N ALA B 9 17.77 0.22 6.19
CA ALA B 9 17.94 -1.16 5.80
C ALA B 9 17.09 -1.50 4.58
N LEU B 10 15.79 -1.24 4.68
CA LEU B 10 14.86 -1.52 3.60
C LEU B 10 15.22 -0.78 2.32
N ILE B 11 15.64 0.48 2.47
CA ILE B 11 16.03 1.29 1.32
C ILE B 11 17.22 0.66 0.59
N ASP B 12 18.22 0.23 1.36
CA ASP B 12 19.41 -0.39 0.77
C ASP B 12 19.06 -1.75 0.20
N VAL B 13 18.27 -2.52 0.94
CA VAL B 13 17.83 -3.84 0.49
C VAL B 13 17.11 -3.72 -0.84
N PHE B 14 16.24 -2.72 -0.93
CA PHE B 14 15.48 -2.45 -2.14
C PHE B 14 16.41 -2.25 -3.32
N HIS B 15 17.38 -1.35 -3.16
CA HIS B 15 18.34 -1.03 -4.21
C HIS B 15 19.17 -2.25 -4.60
N GLN B 16 19.46 -3.09 -3.62
CA GLN B 16 20.25 -4.29 -3.83
C GLN B 16 19.49 -5.34 -4.66
N TYR B 17 18.25 -5.62 -4.26
CA TYR B 17 17.43 -6.63 -4.93
C TYR B 17 16.98 -6.15 -6.30
N SER B 18 16.64 -4.88 -6.43
CA SER B 18 16.19 -4.34 -7.72
C SER B 18 17.34 -4.28 -8.72
N GLY B 19 18.56 -4.39 -8.19
CA GLY B 19 19.74 -4.34 -9.03
C GLY B 19 19.88 -5.59 -9.89
N ARG B 20 19.12 -6.63 -9.56
CA ARG B 20 19.18 -7.88 -10.31
C ARG B 20 18.49 -7.73 -11.66
N GLU B 21 17.59 -6.76 -11.74
CA GLU B 21 16.86 -6.50 -12.98
C GLU B 21 17.79 -5.87 -14.01
N GLY B 22 18.48 -4.83 -13.59
CA GLY B 22 19.39 -4.12 -14.45
C GLY B 22 19.76 -2.79 -13.84
N ASP B 23 18.73 -2.04 -13.43
CA ASP B 23 18.94 -0.75 -12.79
C ASP B 23 19.08 -0.98 -11.28
N LYS B 24 18.42 -0.16 -10.48
CA LYS B 24 18.49 -0.30 -9.03
C LYS B 24 17.34 0.46 -8.36
N HIS B 25 16.20 0.54 -9.05
CA HIS B 25 15.04 1.25 -8.50
C HIS B 25 13.73 0.55 -8.86
N LYS B 26 13.80 -0.57 -9.57
CA LYS B 26 12.60 -1.30 -9.97
C LYS B 26 12.83 -2.80 -9.95
N LEU B 27 11.80 -3.55 -9.60
CA LEU B 27 11.88 -5.00 -9.55
C LEU B 27 11.09 -5.59 -10.73
N LYS B 28 11.55 -6.71 -11.26
CA LYS B 28 10.92 -7.35 -12.41
C LYS B 28 10.18 -8.63 -11.99
N LYS B 29 9.40 -8.55 -10.92
CA LYS B 29 8.61 -9.68 -10.41
C LYS B 29 9.49 -10.79 -9.79
N SER B 30 10.43 -11.30 -10.57
CA SER B 30 11.32 -12.37 -10.11
C SER B 30 12.11 -11.92 -8.88
N GLU B 31 12.48 -10.64 -8.87
CA GLU B 31 13.24 -10.08 -7.77
C GLU B 31 12.37 -9.97 -6.52
N LEU B 32 11.05 -9.91 -6.71
CA LEU B 32 10.12 -9.84 -5.59
C LEU B 32 10.09 -11.18 -4.88
N LYS B 33 10.06 -12.24 -5.67
CA LYS B 33 10.06 -13.60 -5.15
C LYS B 33 11.36 -13.87 -4.41
N GLU B 34 12.42 -13.23 -4.88
CA GLU B 34 13.74 -13.37 -4.26
C GLU B 34 13.68 -12.90 -2.80
N LEU B 35 12.97 -11.79 -2.59
CA LEU B 35 12.81 -11.23 -1.25
C LEU B 35 12.06 -12.21 -0.35
N ILE B 36 11.02 -12.83 -0.90
CA ILE B 36 10.21 -13.76 -0.14
C ILE B 36 11.00 -15.03 0.24
N ASN B 37 11.79 -15.52 -0.69
CA ASN B 37 12.56 -16.75 -0.48
C ASN B 37 13.94 -16.50 0.14
N ASN B 38 14.29 -15.24 0.40
CA ASN B 38 15.59 -14.94 0.99
C ASN B 38 15.45 -14.21 2.33
N GLU B 39 14.45 -13.34 2.44
CA GLU B 39 14.25 -12.58 3.66
C GLU B 39 13.21 -13.24 4.56
N LEU B 40 12.02 -13.45 4.01
CA LEU B 40 10.91 -14.04 4.77
C LEU B 40 10.94 -15.57 4.73
N SER B 41 12.09 -16.13 4.37
CA SER B 41 12.26 -17.57 4.28
C SER B 41 12.12 -18.24 5.65
N HIS B 42 12.39 -17.48 6.70
CA HIS B 42 12.30 -17.99 8.07
C HIS B 42 11.00 -17.55 8.71
N PHE B 43 10.07 -17.06 7.89
CA PHE B 43 8.78 -16.62 8.38
C PHE B 43 7.67 -17.44 7.75
N LEU B 44 7.43 -17.24 6.46
CA LEU B 44 6.40 -17.98 5.76
C LEU B 44 7.04 -19.08 4.91
N GLU B 45 7.22 -20.24 5.53
CA GLU B 45 7.83 -21.38 4.86
C GLU B 45 6.81 -22.13 4.01
N GLU B 46 6.01 -21.40 3.25
CA GLU B 46 5.01 -22.00 2.42
C GLU B 46 5.28 -21.72 0.93
N ILE B 47 4.40 -20.95 0.30
CA ILE B 47 4.54 -20.60 -1.11
C ILE B 47 4.58 -21.88 -1.97
N LYS B 48 5.68 -22.08 -2.71
CA LYS B 48 5.86 -23.24 -3.58
C LYS B 48 4.98 -23.19 -4.83
N GLU B 49 3.71 -22.81 -4.65
CA GLU B 49 2.78 -22.71 -5.77
C GLU B 49 2.70 -21.27 -6.28
N GLN B 50 3.40 -20.37 -5.59
CA GLN B 50 3.47 -18.95 -5.97
C GLN B 50 2.15 -18.20 -5.81
N GLU B 51 1.29 -18.67 -4.92
CA GLU B 51 -0.01 -18.01 -4.71
C GLU B 51 0.18 -16.59 -4.20
N VAL B 52 1.05 -16.43 -3.22
CA VAL B 52 1.32 -15.12 -2.63
C VAL B 52 1.96 -14.19 -3.66
N VAL B 53 2.76 -14.75 -4.56
CA VAL B 53 3.44 -13.98 -5.59
C VAL B 53 2.42 -13.43 -6.59
N ASP B 54 1.43 -14.25 -6.91
CA ASP B 54 0.38 -13.88 -7.84
C ASP B 54 -0.54 -12.81 -7.22
N LYS B 55 -0.73 -12.90 -5.92
CA LYS B 55 -1.59 -11.96 -5.20
C LYS B 55 -0.91 -10.62 -4.94
N VAL B 56 0.38 -10.62 -4.62
CA VAL B 56 1.08 -9.37 -4.34
C VAL B 56 1.15 -8.49 -5.59
N MET B 57 1.28 -9.10 -6.76
CA MET B 57 1.36 -8.36 -8.01
C MET B 57 0.02 -7.72 -8.36
N GLU B 58 -1.03 -8.18 -7.69
CA GLU B 58 -2.38 -7.66 -7.90
C GLU B 58 -2.54 -6.31 -7.19
N THR B 59 -1.77 -6.11 -6.12
CA THR B 59 -1.82 -4.87 -5.37
C THR B 59 -0.63 -3.98 -5.67
N LEU B 60 0.53 -4.59 -5.87
CA LEU B 60 1.77 -3.86 -6.15
C LEU B 60 1.68 -3.10 -7.46
N ASP B 61 1.30 -3.80 -8.52
CA ASP B 61 1.19 -3.19 -9.85
C ASP B 61 -0.08 -2.35 -9.94
N ASN B 62 -0.10 -1.27 -9.16
CA ASN B 62 -1.23 -0.36 -9.13
C ASN B 62 -1.18 0.60 -10.31
N ASP B 63 -0.02 0.70 -10.93
CA ASP B 63 0.16 1.59 -12.07
C ASP B 63 -0.21 0.88 -13.37
N GLY B 64 -0.16 -0.44 -13.34
CA GLY B 64 -0.50 -1.22 -14.52
C GLY B 64 0.66 -1.27 -15.50
N ASP B 65 1.79 -1.76 -15.04
CA ASP B 65 2.98 -1.86 -15.88
C ASP B 65 3.73 -3.14 -15.58
N GLY B 66 4.06 -3.34 -14.31
CA GLY B 66 4.78 -4.53 -13.91
C GLY B 66 6.05 -4.19 -13.15
N GLU B 67 6.54 -2.96 -13.34
CA GLU B 67 7.75 -2.51 -12.67
C GLU B 67 7.40 -1.93 -11.29
N CYS B 68 8.04 -2.46 -10.27
CA CYS B 68 7.79 -2.00 -8.90
C CYS B 68 8.45 -0.66 -8.62
N ASP B 69 8.09 -0.08 -7.48
CA ASP B 69 8.58 1.22 -7.07
C ASP B 69 8.94 1.17 -5.57
N PHE B 70 8.90 2.31 -4.89
CA PHE B 70 9.20 2.38 -3.47
C PHE B 70 7.90 2.49 -2.70
N GLN B 71 6.86 2.94 -3.39
CA GLN B 71 5.54 3.13 -2.81
C GLN B 71 4.89 1.80 -2.41
N GLU B 72 4.91 0.83 -3.31
CA GLU B 72 4.29 -0.46 -3.01
C GLU B 72 5.30 -1.47 -2.49
N PHE B 73 6.58 -1.11 -2.49
CA PHE B 73 7.62 -1.99 -2.00
C PHE B 73 7.38 -2.36 -0.54
N MET B 74 7.10 -1.34 0.28
CA MET B 74 6.83 -1.57 1.69
C MET B 74 5.45 -2.17 1.88
N ALA B 75 4.56 -1.89 0.95
CA ALA B 75 3.20 -2.43 0.98
C ALA B 75 3.27 -3.93 0.72
N PHE B 76 4.25 -4.31 -0.08
CA PHE B 76 4.49 -5.71 -0.43
C PHE B 76 4.79 -6.51 0.83
N VAL B 77 5.61 -5.93 1.70
CA VAL B 77 5.98 -6.56 2.96
C VAL B 77 4.75 -6.70 3.86
N ALA B 78 3.94 -5.65 3.90
CA ALA B 78 2.72 -5.67 4.71
C ALA B 78 1.76 -6.72 4.18
N MET B 79 1.64 -6.78 2.86
CA MET B 79 0.75 -7.72 2.21
C MET B 79 1.08 -9.16 2.59
N VAL B 80 2.30 -9.60 2.30
CA VAL B 80 2.71 -10.98 2.60
C VAL B 80 2.60 -11.29 4.09
N THR B 81 2.98 -10.34 4.94
CA THR B 81 2.94 -10.53 6.39
C THR B 81 1.51 -10.71 6.91
N THR B 82 0.63 -9.80 6.53
CA THR B 82 -0.75 -9.85 6.99
C THR B 82 -1.53 -10.98 6.31
N ALA B 83 -1.32 -11.18 5.01
CA ALA B 83 -2.03 -12.22 4.27
C ALA B 83 -1.72 -13.61 4.82
N CYS B 84 -0.46 -13.86 5.14
CA CYS B 84 -0.04 -15.16 5.66
C CYS B 84 -0.74 -15.44 7.00
N HIS B 85 -0.84 -14.42 7.84
CA HIS B 85 -1.46 -14.56 9.14
C HIS B 85 -2.99 -14.68 9.02
N GLU B 86 -3.58 -13.81 8.21
CA GLU B 86 -5.03 -13.79 8.02
C GLU B 86 -5.51 -15.00 7.21
N PHE B 87 -4.58 -15.81 6.73
CA PHE B 87 -4.92 -17.00 5.97
C PHE B 87 -5.51 -18.05 6.91
N PHE B 88 -5.31 -17.86 8.20
CA PHE B 88 -5.82 -18.77 9.22
C PHE B 88 -7.32 -18.58 9.43
N GLU B 89 -7.82 -17.39 9.06
CA GLU B 89 -9.23 -17.09 9.22
C GLU B 89 -9.64 -15.92 8.33
N HIS B 90 -10.38 -16.23 7.28
CA HIS B 90 -10.85 -15.22 6.33
C HIS B 90 -12.37 -15.23 6.26
N GLU B 91 -12.95 -14.13 5.83
CA GLU B 91 -14.40 -14.03 5.69
C GLU B 91 -14.87 -14.86 4.52
N SER C 1 18.06 -12.69 8.23
CA SER C 1 17.95 -11.76 7.09
C SER C 1 17.89 -10.33 7.60
N GLU C 2 17.29 -9.43 6.83
CA GLU C 2 17.17 -8.04 7.23
C GLU C 2 15.70 -7.66 7.33
N LEU C 3 14.91 -8.09 6.35
CA LEU C 3 13.49 -7.79 6.32
C LEU C 3 12.75 -8.48 7.46
N GLU C 4 13.12 -9.74 7.72
CA GLU C 4 12.47 -10.50 8.79
C GLU C 4 12.77 -9.86 10.14
N LYS C 5 13.98 -9.34 10.29
CA LYS C 5 14.40 -8.68 11.52
C LYS C 5 13.55 -7.43 11.71
N ALA C 6 13.33 -6.70 10.63
CA ALA C 6 12.53 -5.48 10.67
C ALA C 6 11.07 -5.81 10.93
N MET C 7 10.63 -6.97 10.45
CA MET C 7 9.25 -7.41 10.63
C MET C 7 8.92 -7.53 12.12
N VAL C 8 9.76 -8.26 12.85
CA VAL C 8 9.55 -8.44 14.29
C VAL C 8 9.51 -7.11 15.02
N ALA C 9 10.35 -6.18 14.57
CA ALA C 9 10.43 -4.86 15.16
C ALA C 9 9.18 -4.04 14.84
N LEU C 10 8.84 -3.95 13.55
CA LEU C 10 7.67 -3.20 13.10
C LEU C 10 6.38 -3.74 13.71
N ILE C 11 6.25 -5.06 13.74
CA ILE C 11 5.07 -5.69 14.32
C ILE C 11 4.90 -5.29 15.79
N ASP C 12 6.00 -5.31 16.52
CA ASP C 12 5.98 -4.94 17.93
C ASP C 12 5.69 -3.45 18.09
N VAL C 13 6.36 -2.64 17.28
CA VAL C 13 6.17 -1.20 17.28
C VAL C 13 4.71 -0.86 17.03
N PHE C 14 4.11 -1.55 16.06
CA PHE C 14 2.72 -1.35 15.70
C PHE C 14 1.82 -1.55 16.91
N HIS C 15 1.99 -2.69 17.58
CA HIS C 15 1.18 -3.03 18.75
C HIS C 15 1.40 -2.04 19.89
N GLN C 16 2.63 -1.51 19.97
CA GLN C 16 2.98 -0.55 21.02
C GLN C 16 2.30 0.81 20.78
N TYR C 17 2.41 1.32 19.56
CA TYR C 17 1.84 2.61 19.23
C TYR C 17 0.32 2.57 19.17
N SER C 18 -0.25 1.47 18.67
CA SER C 18 -1.70 1.35 18.58
C SER C 18 -2.31 1.19 19.97
N GLY C 19 -1.46 0.86 20.95
CA GLY C 19 -1.92 0.69 22.31
C GLY C 19 -2.36 1.98 22.96
N ARG C 20 -2.01 3.11 22.34
CA ARG C 20 -2.37 4.42 22.86
C ARG C 20 -3.83 4.72 22.58
N GLU C 21 -4.40 4.02 21.61
CA GLU C 21 -5.81 4.20 21.24
C GLU C 21 -6.70 3.55 22.28
N GLY C 22 -6.31 2.36 22.70
CA GLY C 22 -7.07 1.60 23.67
C GLY C 22 -6.77 0.13 23.53
N ASP C 23 -6.88 -0.35 22.31
CA ASP C 23 -6.59 -1.74 21.99
C ASP C 23 -5.11 -1.86 21.66
N LYS C 24 -4.77 -2.69 20.68
CA LYS C 24 -3.38 -2.85 20.27
C LYS C 24 -3.31 -3.39 18.84
N HIS C 25 -4.28 -3.03 18.01
CA HIS C 25 -4.30 -3.49 16.63
C HIS C 25 -4.81 -2.40 15.68
N LYS C 26 -5.07 -1.20 16.21
CA LYS C 26 -5.58 -0.11 15.38
C LYS C 26 -5.07 1.24 15.90
N LEU C 27 -4.83 2.17 14.98
CA LEU C 27 -4.38 3.50 15.34
C LEU C 27 -5.52 4.49 15.15
N LYS C 28 -5.49 5.60 15.88
CA LYS C 28 -6.55 6.59 15.82
C LYS C 28 -6.03 7.92 15.24
N LYS C 29 -5.30 7.83 14.13
CA LYS C 29 -4.75 9.00 13.42
C LYS C 29 -3.63 9.70 14.21
N SER C 30 -3.93 10.14 15.43
CA SER C 30 -2.95 10.83 16.26
C SER C 30 -1.73 9.96 16.55
N GLU C 31 -1.94 8.65 16.66
CA GLU C 31 -0.86 7.71 16.92
C GLU C 31 0.04 7.57 15.69
N LEU C 32 -0.50 7.90 14.52
CA LEU C 32 0.26 7.84 13.29
C LEU C 32 1.28 8.98 13.28
N LYS C 33 0.82 10.15 13.73
CA LYS C 33 1.68 11.33 13.82
C LYS C 33 2.80 11.07 14.81
N GLU C 34 2.47 10.28 15.85
CA GLU C 34 3.42 9.91 16.87
C GLU C 34 4.59 9.15 16.25
N LEU C 35 4.27 8.26 15.31
CA LEU C 35 5.29 7.47 14.62
C LEU C 35 6.20 8.39 13.81
N ILE C 36 5.62 9.39 13.18
CA ILE C 36 6.37 10.32 12.35
C ILE C 36 7.30 11.19 13.21
N ASN C 37 6.79 11.66 14.33
CA ASN C 37 7.56 12.54 15.21
C ASN C 37 8.46 11.79 16.19
N ASN C 38 8.25 10.49 16.36
CA ASN C 38 9.07 9.73 17.30
C ASN C 38 10.08 8.83 16.57
N GLU C 39 9.66 8.26 15.45
CA GLU C 39 10.54 7.37 14.69
C GLU C 39 11.28 8.12 13.58
N LEU C 40 10.52 8.73 12.68
CA LEU C 40 11.10 9.44 11.54
C LEU C 40 11.51 10.88 11.90
N SER C 41 11.68 11.15 13.18
CA SER C 41 12.07 12.49 13.64
C SER C 41 13.46 12.88 13.15
N HIS C 42 14.28 11.89 12.83
CA HIS C 42 15.64 12.14 12.36
C HIS C 42 15.73 11.96 10.86
N PHE C 43 14.59 11.86 10.20
CA PHE C 43 14.56 11.69 8.76
C PHE C 43 13.94 12.91 8.09
N LEU C 44 12.64 13.07 8.27
CA LEU C 44 11.92 14.19 7.69
C LEU C 44 11.62 15.24 8.75
N GLU C 45 12.58 16.12 8.98
CA GLU C 45 12.44 17.18 9.96
C GLU C 45 11.65 18.36 9.39
N GLU C 46 10.42 18.08 8.97
CA GLU C 46 9.56 19.09 8.42
C GLU C 46 8.17 19.04 9.07
N ILE C 47 7.16 18.63 8.30
CA ILE C 47 5.80 18.54 8.80
C ILE C 47 5.32 19.89 9.34
N LYS C 48 5.03 19.98 10.64
CA LYS C 48 4.59 21.21 11.28
C LYS C 48 3.16 21.60 10.87
N GLU C 49 2.87 21.57 9.58
CA GLU C 49 1.55 21.92 9.06
C GLU C 49 0.68 20.68 8.92
N GLN C 50 1.28 19.52 9.15
CA GLN C 50 0.59 18.22 9.09
C GLN C 50 0.12 17.85 7.69
N GLU C 51 0.79 18.34 6.66
CA GLU C 51 0.40 18.03 5.29
C GLU C 51 0.55 16.54 5.02
N VAL C 52 1.67 15.98 5.46
CA VAL C 52 1.93 14.56 5.27
C VAL C 52 0.91 13.71 6.03
N VAL C 53 0.47 14.21 7.18
CA VAL C 53 -0.50 13.51 8.01
C VAL C 53 -1.87 13.46 7.31
N ASP C 54 -2.20 14.55 6.63
CA ASP C 54 -3.46 14.65 5.92
C ASP C 54 -3.42 13.83 4.62
N LYS C 55 -2.22 13.65 4.08
CA LYS C 55 -2.05 12.90 2.84
C LYS C 55 -1.95 11.39 3.10
N VAL C 56 -1.31 10.99 4.20
CA VAL C 56 -1.18 9.56 4.50
C VAL C 56 -2.54 8.94 4.79
N MET C 57 -3.40 9.68 5.47
CA MET C 57 -4.74 9.18 5.80
C MET C 57 -5.57 9.00 4.54
N GLU C 58 -5.18 9.69 3.47
CA GLU C 58 -5.89 9.62 2.20
C GLU C 58 -5.66 8.24 1.55
N THR C 59 -4.50 7.65 1.83
CA THR C 59 -4.17 6.35 1.27
C THR C 59 -4.36 5.23 2.31
N LEU C 60 -4.10 5.55 3.57
CA LEU C 60 -4.24 4.58 4.66
C LEU C 60 -5.68 4.15 4.86
N ASP C 61 -6.57 5.11 4.99
CA ASP C 61 -7.98 4.82 5.19
C ASP C 61 -8.62 4.44 3.86
N ASN C 62 -8.15 3.33 3.32
CA ASN C 62 -8.64 2.82 2.04
C ASN C 62 -10.00 2.18 2.23
N ASP C 63 -10.31 1.81 3.47
CA ASP C 63 -11.59 1.18 3.79
C ASP C 63 -12.66 2.23 4.01
N GLY C 64 -12.28 3.33 4.66
CA GLY C 64 -13.23 4.39 4.93
C GLY C 64 -13.81 4.28 6.33
N ASP C 65 -12.95 4.20 7.31
CA ASP C 65 -13.36 4.06 8.71
C ASP C 65 -12.56 5.00 9.59
N GLY C 66 -11.24 4.98 9.41
CA GLY C 66 -10.36 5.82 10.19
C GLY C 66 -9.37 5.00 10.98
N GLU C 67 -9.80 3.81 11.39
CA GLU C 67 -8.95 2.92 12.16
C GLU C 67 -7.95 2.22 11.25
N CYS C 68 -6.68 2.35 11.58
CA CYS C 68 -5.62 1.72 10.79
C CYS C 68 -5.56 0.21 11.01
N ASP C 69 -4.78 -0.46 10.17
CA ASP C 69 -4.62 -1.90 10.22
C ASP C 69 -3.14 -2.24 10.06
N PHE C 70 -2.84 -3.44 9.57
CA PHE C 70 -1.48 -3.86 9.36
C PHE C 70 -1.13 -3.75 7.88
N GLN C 71 -2.17 -3.78 7.06
CA GLN C 71 -2.02 -3.70 5.61
C GLN C 71 -1.49 -2.36 5.15
N GLU C 72 -2.04 -1.27 5.68
CA GLU C 72 -1.60 0.06 5.26
C GLU C 72 -0.57 0.64 6.23
N PHE C 73 -0.32 -0.06 7.34
CA PHE C 73 0.65 0.39 8.33
C PHE C 73 2.04 0.49 7.70
N MET C 74 2.43 -0.54 6.96
CA MET C 74 3.72 -0.55 6.31
C MET C 74 3.71 0.35 5.09
N ALA C 75 2.52 0.52 4.50
CA ALA C 75 2.35 1.38 3.35
C ALA C 75 2.52 2.83 3.79
N PHE C 76 2.15 3.08 5.04
CA PHE C 76 2.28 4.39 5.65
C PHE C 76 3.74 4.82 5.65
N VAL C 77 4.61 3.88 6.03
CA VAL C 77 6.03 4.13 6.08
C VAL C 77 6.56 4.42 4.67
N ALA C 78 6.08 3.65 3.70
CA ALA C 78 6.48 3.83 2.32
C ALA C 78 6.04 5.19 1.81
N MET C 79 4.81 5.55 2.13
CA MET C 79 4.23 6.83 1.71
C MET C 79 5.08 8.01 2.17
N VAL C 80 5.28 8.12 3.48
CA VAL C 80 6.05 9.24 4.03
C VAL C 80 7.49 9.26 3.51
N THR C 81 8.10 8.09 3.37
CA THR C 81 9.47 8.00 2.90
C THR C 81 9.61 8.47 1.45
N THR C 82 8.78 7.93 0.57
CA THR C 82 8.84 8.28 -0.85
C THR C 82 8.32 9.69 -1.11
N ALA C 83 7.20 10.06 -0.48
CA ALA C 83 6.62 11.38 -0.68
C ALA C 83 7.59 12.50 -0.31
N CYS C 84 8.29 12.32 0.81
CA CYS C 84 9.25 13.31 1.27
C CYS C 84 10.38 13.49 0.26
N HIS C 85 10.82 12.38 -0.32
CA HIS C 85 11.90 12.39 -1.29
C HIS C 85 11.44 12.93 -2.64
N GLU C 86 10.31 12.42 -3.11
CA GLU C 86 9.75 12.83 -4.41
C GLU C 86 9.20 14.25 -4.35
N PHE C 87 9.24 14.86 -3.18
CA PHE C 87 8.78 16.22 -3.00
C PHE C 87 9.78 17.19 -3.63
N PHE C 88 10.98 16.68 -3.89
CA PHE C 88 12.06 17.48 -4.49
C PHE C 88 11.83 17.65 -5.99
N GLU C 89 10.95 16.83 -6.57
CA GLU C 89 10.66 16.90 -7.99
C GLU C 89 9.44 16.06 -8.32
N HIS C 90 8.36 16.73 -8.68
CA HIS C 90 7.11 16.05 -9.01
C HIS C 90 6.64 16.49 -10.40
N GLU C 91 5.80 15.67 -11.02
CA GLU C 91 5.27 15.98 -12.33
C GLU C 91 4.11 16.97 -12.19
N ASP D 1 8.09 27.53 -21.38
CA ASP D 1 8.43 28.90 -20.91
C ASP D 1 7.79 29.19 -19.54
N PRO D 2 6.46 29.06 -19.40
CA PRO D 2 5.80 29.30 -18.11
C PRO D 2 6.06 28.14 -17.14
N LYS D 3 6.06 28.44 -15.85
CA LYS D 3 6.29 27.42 -14.84
C LYS D 3 5.26 27.53 -13.73
N ARG D 4 5.17 26.48 -12.93
CA ARG D 4 4.23 26.42 -11.82
C ARG D 4 4.99 26.28 -10.51
N LEU D 5 4.82 27.24 -9.62
CA LEU D 5 5.49 27.21 -8.33
C LEU D 5 4.78 26.26 -7.38
N TYR D 6 5.38 25.08 -7.19
CA TYR D 6 4.83 24.07 -6.32
C TYR D 6 5.39 24.23 -4.90
N CYS D 7 4.53 24.54 -3.96
CA CYS D 7 4.95 24.73 -2.58
C CYS D 7 4.97 23.38 -1.85
N LYS D 8 6.04 23.12 -1.13
CA LYS D 8 6.17 21.88 -0.38
C LYS D 8 5.22 21.87 0.81
N ASN D 9 4.84 23.05 1.25
CA ASN D 9 3.96 23.22 2.40
C ASN D 9 2.49 23.01 2.01
N GLY D 10 2.10 21.76 1.85
CA GLY D 10 0.73 21.45 1.49
C GLY D 10 0.60 20.85 0.11
N GLY D 11 1.56 21.17 -0.75
CA GLY D 11 1.52 20.66 -2.11
C GLY D 11 0.57 21.45 -2.97
N PHE D 12 0.68 22.77 -2.91
CA PHE D 12 -0.19 23.65 -3.68
C PHE D 12 0.62 24.47 -4.66
N PHE D 13 0.00 24.82 -5.78
CA PHE D 13 0.63 25.64 -6.80
C PHE D 13 0.18 27.08 -6.65
N LEU D 14 1.11 28.01 -6.77
CA LEU D 14 0.77 29.43 -6.66
C LEU D 14 -0.14 29.83 -7.82
N ARG D 15 -1.39 30.13 -7.50
CA ARG D 15 -2.37 30.48 -8.50
C ARG D 15 -2.77 31.96 -8.42
N ILE D 16 -2.55 32.68 -9.51
CA ILE D 16 -2.90 34.09 -9.58
C ILE D 16 -4.22 34.25 -10.32
N HIS D 17 -5.14 34.98 -9.72
CA HIS D 17 -6.44 35.21 -10.32
C HIS D 17 -6.44 36.53 -11.09
N PRO D 18 -7.25 36.64 -12.17
CA PRO D 18 -7.34 37.85 -12.99
C PRO D 18 -7.85 39.06 -12.22
N ASP D 19 -8.55 38.81 -11.11
CA ASP D 19 -9.11 39.87 -10.29
C ASP D 19 -8.05 40.46 -9.37
N GLY D 20 -6.97 39.73 -9.16
CA GLY D 20 -5.90 40.22 -8.31
C GLY D 20 -5.68 39.37 -7.08
N ARG D 21 -6.56 38.41 -6.84
CA ARG D 21 -6.43 37.54 -5.68
C ARG D 21 -5.47 36.40 -5.96
N VAL D 22 -4.76 35.97 -4.93
CA VAL D 22 -3.79 34.89 -5.05
C VAL D 22 -4.11 33.77 -4.06
N ASP D 23 -4.04 32.53 -4.54
CA ASP D 23 -4.32 31.37 -3.70
C ASP D 23 -3.51 30.17 -4.20
N GLY D 24 -3.69 29.03 -3.56
CA GLY D 24 -2.97 27.84 -3.95
C GLY D 24 -3.91 26.68 -4.26
N VAL D 25 -3.73 26.07 -5.42
CA VAL D 25 -4.56 24.95 -5.82
C VAL D 25 -3.71 23.70 -6.03
N ARG D 26 -4.34 22.53 -6.03
CA ARG D 26 -3.62 21.28 -6.22
C ARG D 26 -3.78 20.77 -7.65
N GLU D 27 -4.64 21.42 -8.41
CA GLU D 27 -4.90 21.04 -9.79
C GLU D 27 -3.89 21.68 -10.73
N LYS D 28 -3.08 20.84 -11.37
CA LYS D 28 -2.06 21.32 -12.31
C LYS D 28 -2.69 21.66 -13.66
N SER D 29 -3.99 21.43 -13.76
CA SER D 29 -4.73 21.70 -14.99
C SER D 29 -5.23 23.14 -15.03
N ASP D 30 -5.02 23.88 -13.95
CA ASP D 30 -5.45 25.28 -13.87
C ASP D 30 -4.46 26.17 -14.62
N PRO D 31 -4.92 26.95 -15.59
CA PRO D 31 -4.05 27.85 -16.36
C PRO D 31 -3.55 29.05 -15.57
N HIS D 32 -4.14 29.28 -14.40
CA HIS D 32 -3.76 30.41 -13.57
C HIS D 32 -2.55 30.11 -12.70
N ILE D 33 -2.08 28.86 -12.72
CA ILE D 33 -0.91 28.48 -11.94
C ILE D 33 0.35 28.63 -12.78
N LYS D 34 0.16 28.99 -14.04
CA LYS D 34 1.26 29.18 -14.95
C LYS D 34 1.79 30.59 -14.81
N LEU D 35 2.96 30.71 -14.22
CA LEU D 35 3.58 32.00 -14.00
C LEU D 35 4.85 32.16 -14.82
N GLN D 36 5.18 33.40 -15.12
CA GLN D 36 6.37 33.73 -15.87
C GLN D 36 7.36 34.43 -14.96
N LEU D 37 8.56 33.89 -14.86
CA LEU D 37 9.59 34.45 -14.01
C LEU D 37 10.51 35.38 -14.80
N GLN D 38 10.29 36.67 -14.65
CA GLN D 38 11.10 37.66 -15.33
C GLN D 38 12.29 38.04 -14.46
N ALA D 39 13.44 38.26 -15.08
CA ALA D 39 14.64 38.61 -14.34
C ALA D 39 14.94 40.11 -14.50
N GLU D 40 15.30 40.76 -13.40
CA GLU D 40 15.62 42.17 -13.42
C GLU D 40 17.09 42.37 -13.02
N GLU D 41 17.37 42.06 -11.77
CA GLU D 41 18.72 42.18 -11.23
C GLU D 41 19.26 40.78 -10.94
N ARG D 42 20.56 40.65 -10.76
CA ARG D 42 21.17 39.36 -10.47
C ARG D 42 20.65 38.79 -9.16
N GLY D 43 19.69 37.88 -9.26
CA GLY D 43 19.11 37.27 -8.09
C GLY D 43 17.73 37.81 -7.77
N VAL D 44 17.29 38.80 -8.55
CA VAL D 44 15.97 39.39 -8.35
C VAL D 44 15.07 39.10 -9.54
N VAL D 45 13.93 38.49 -9.27
CA VAL D 45 12.98 38.15 -10.32
C VAL D 45 11.59 38.69 -10.01
N SER D 46 10.75 38.72 -11.03
CA SER D 46 9.39 39.18 -10.91
C SER D 46 8.43 38.07 -11.37
N ILE D 47 7.44 37.77 -10.54
CA ILE D 47 6.48 36.73 -10.85
C ILE D 47 5.24 37.31 -11.52
N LYS D 48 5.00 36.92 -12.76
CA LYS D 48 3.86 37.41 -13.51
C LYS D 48 2.93 36.26 -13.91
N GLY D 49 1.65 36.41 -13.63
CA GLY D 49 0.70 35.38 -13.99
C GLY D 49 0.34 35.47 -15.46
N VAL D 50 0.61 34.40 -16.21
CA VAL D 50 0.34 34.37 -17.63
C VAL D 50 -1.14 34.62 -17.92
N SER D 51 -2.00 33.71 -17.46
CA SER D 51 -3.43 33.83 -17.67
C SER D 51 -4.04 34.79 -16.65
N ALA D 52 -3.51 36.01 -16.60
CA ALA D 52 -3.98 37.03 -15.67
C ALA D 52 -3.42 38.39 -16.03
N ASN D 53 -2.17 38.40 -16.52
CA ASN D 53 -1.49 39.64 -16.92
C ASN D 53 -1.24 40.53 -15.70
N ARG D 54 -1.01 39.90 -14.56
CA ARG D 54 -0.76 40.62 -13.32
C ARG D 54 0.53 40.12 -12.67
N TYR D 55 1.22 41.02 -11.97
CA TYR D 55 2.46 40.70 -11.31
C TYR D 55 2.24 40.54 -9.80
N LEU D 56 2.93 39.58 -9.20
CA LEU D 56 2.81 39.33 -7.78
C LEU D 56 3.41 40.48 -6.98
N ALA D 57 2.69 40.97 -5.99
CA ALA D 57 3.17 42.08 -5.17
C ALA D 57 2.82 41.88 -3.71
N MET D 58 3.70 42.33 -2.83
CA MET D 58 3.48 42.23 -1.40
C MET D 58 3.26 43.61 -0.81
N LYS D 59 2.29 43.74 0.09
CA LYS D 59 2.00 45.03 0.70
C LYS D 59 2.66 45.16 2.07
N GLU D 60 2.71 46.40 2.57
CA GLU D 60 3.33 46.70 3.86
C GLU D 60 2.62 46.04 5.04
N ASP D 61 1.41 45.54 4.81
CA ASP D 61 0.67 44.89 5.88
C ASP D 61 0.93 43.38 5.85
N GLY D 62 1.74 42.95 4.90
CA GLY D 62 2.06 41.53 4.77
C GLY D 62 1.14 40.81 3.81
N ARG D 63 0.30 41.55 3.11
CA ARG D 63 -0.64 40.97 2.15
C ARG D 63 0.07 40.60 0.85
N LEU D 64 -0.51 39.67 0.13
CA LEU D 64 0.03 39.22 -1.14
C LEU D 64 -1.07 39.25 -2.20
N LEU D 65 -0.90 40.11 -3.19
CA LEU D 65 -1.89 40.26 -4.26
C LEU D 65 -1.21 40.41 -5.60
N ALA D 66 -2.00 40.50 -6.66
CA ALA D 66 -1.46 40.66 -8.00
C ALA D 66 -1.75 42.04 -8.53
N SER D 67 -0.70 42.79 -8.82
CA SER D 67 -0.81 44.14 -9.33
C SER D 67 -0.55 44.16 -10.83
N LYS D 68 -1.33 44.95 -11.56
CA LYS D 68 -1.16 45.06 -13.01
C LYS D 68 0.09 45.87 -13.32
N SER D 69 0.32 46.90 -12.51
CA SER D 69 1.47 47.75 -12.66
C SER D 69 2.63 47.19 -11.86
N VAL D 70 3.81 47.16 -12.46
CA VAL D 70 5.00 46.62 -11.81
C VAL D 70 5.59 47.64 -10.85
N THR D 71 5.26 47.52 -9.58
CA THR D 71 5.77 48.43 -8.57
C THR D 71 7.06 47.88 -7.96
N ASP D 72 7.59 48.57 -6.97
CA ASP D 72 8.83 48.15 -6.31
C ASP D 72 8.53 47.03 -5.30
N GLU D 73 7.29 46.55 -5.34
CA GLU D 73 6.85 45.49 -4.45
C GLU D 73 6.73 44.17 -5.23
N CYS D 74 6.99 44.24 -6.53
CA CYS D 74 6.90 43.06 -7.40
C CYS D 74 8.28 42.45 -7.64
N PHE D 75 9.27 42.89 -6.88
CA PHE D 75 10.62 42.37 -7.03
C PHE D 75 10.96 41.44 -5.87
N PHE D 76 11.20 40.19 -6.19
CA PHE D 76 11.52 39.18 -5.18
C PHE D 76 12.86 38.52 -5.48
N PHE D 77 13.61 38.25 -4.42
CA PHE D 77 14.91 37.59 -4.55
C PHE D 77 14.69 36.09 -4.75
N GLU D 78 15.40 35.51 -5.70
CA GLU D 78 15.29 34.08 -5.95
C GLU D 78 16.51 33.38 -5.40
N ARG D 79 16.39 32.85 -4.20
CA ARG D 79 17.48 32.15 -3.56
C ARG D 79 17.24 30.65 -3.60
N LEU D 80 18.30 29.87 -3.53
CA LEU D 80 18.20 28.42 -3.53
C LEU D 80 18.67 27.89 -2.19
N GLU D 81 17.78 27.22 -1.47
CA GLU D 81 18.12 26.67 -0.18
C GLU D 81 18.91 25.37 -0.35
N SER D 82 19.49 24.89 0.75
CA SER D 82 20.27 23.68 0.74
C SER D 82 19.41 22.44 0.48
N ASN D 83 18.10 22.64 0.48
CA ASN D 83 17.16 21.56 0.22
C ASN D 83 16.70 21.61 -1.24
N ASN D 84 17.44 22.38 -2.04
CA ASN D 84 17.18 22.52 -3.48
C ASN D 84 15.84 23.19 -3.77
N TYR D 85 15.35 23.98 -2.82
CA TYR D 85 14.09 24.68 -3.00
C TYR D 85 14.34 26.16 -3.27
N ASN D 86 13.38 26.80 -3.93
CA ASN D 86 13.50 28.22 -4.26
C ASN D 86 12.82 29.08 -3.22
N THR D 87 13.58 30.00 -2.65
CA THR D 87 13.07 30.91 -1.65
C THR D 87 12.89 32.30 -2.27
N TYR D 88 11.69 32.85 -2.14
CA TYR D 88 11.41 34.16 -2.71
C TYR D 88 11.14 35.19 -1.62
N ARG D 89 12.02 36.18 -1.53
CA ARG D 89 11.91 37.24 -0.54
C ARG D 89 11.72 38.58 -1.23
N SER D 90 10.84 39.41 -0.71
CA SER D 90 10.59 40.72 -1.29
C SER D 90 11.79 41.65 -1.10
N ARG D 91 12.06 42.46 -2.12
CA ARG D 91 13.17 43.40 -2.06
C ARG D 91 12.80 44.59 -1.17
N LYS D 92 11.52 44.93 -1.17
CA LYS D 92 11.03 46.04 -0.37
C LYS D 92 10.94 45.63 1.09
N TYR D 93 10.66 44.35 1.32
CA TYR D 93 10.55 43.80 2.67
C TYR D 93 11.53 42.63 2.83
N THR D 94 12.77 42.97 3.17
CA THR D 94 13.83 41.97 3.33
C THR D 94 13.60 41.02 4.51
N SER D 95 12.52 41.22 5.25
CA SER D 95 12.22 40.39 6.40
C SER D 95 11.02 39.48 6.12
N TRP D 96 10.35 39.71 4.99
CA TRP D 96 9.17 38.92 4.65
C TRP D 96 9.39 38.13 3.36
N TYR D 97 8.86 36.91 3.34
CA TYR D 97 8.99 36.02 2.20
C TYR D 97 7.61 35.63 1.68
N VAL D 98 7.57 35.03 0.50
CA VAL D 98 6.32 34.57 -0.08
C VAL D 98 6.03 33.17 0.45
N ALA D 99 4.82 32.93 0.92
CA ALA D 99 4.48 31.62 1.47
C ALA D 99 3.02 31.26 1.26
N LEU D 100 2.75 29.97 1.29
CA LEU D 100 1.40 29.44 1.14
C LEU D 100 1.04 28.60 2.36
N LYS D 101 -0.24 28.54 2.68
CA LYS D 101 -0.71 27.76 3.81
C LYS D 101 -1.17 26.38 3.35
N ARG D 102 -1.11 25.41 4.25
CA ARG D 102 -1.52 24.05 3.95
C ARG D 102 -3.05 23.97 3.74
N THR D 103 -3.72 25.08 3.98
CA THR D 103 -5.16 25.18 3.82
C THR D 103 -5.55 25.61 2.41
N GLY D 104 -4.56 26.01 1.62
CA GLY D 104 -4.84 26.44 0.26
C GLY D 104 -4.66 27.94 0.06
N GLN D 105 -4.90 28.71 1.11
CA GLN D 105 -4.74 30.16 1.02
C GLN D 105 -3.28 30.55 1.23
N TYR D 106 -2.92 31.77 0.85
CA TYR D 106 -1.55 32.24 1.00
C TYR D 106 -1.28 32.60 2.45
N LYS D 107 -0.01 32.61 2.83
CA LYS D 107 0.38 32.95 4.19
C LYS D 107 0.90 34.38 4.23
N LEU D 108 0.55 35.10 5.29
CA LEU D 108 0.98 36.48 5.44
C LEU D 108 2.50 36.56 5.52
N GLY D 109 3.07 37.51 4.80
CA GLY D 109 4.51 37.69 4.78
C GLY D 109 5.06 37.95 6.17
N SER D 110 4.27 38.61 7.00
CA SER D 110 4.66 38.95 8.36
C SER D 110 4.77 37.69 9.25
N LYS D 111 4.32 36.56 8.73
CA LYS D 111 4.36 35.32 9.49
C LYS D 111 5.32 34.32 8.84
N THR D 112 6.16 34.80 7.93
CA THR D 112 7.11 33.93 7.25
C THR D 112 8.49 33.97 7.93
N GLY D 113 9.42 33.17 7.41
CA GLY D 113 10.75 33.13 7.96
C GLY D 113 11.42 31.78 7.72
N PRO D 114 12.76 31.72 7.78
CA PRO D 114 13.50 30.48 7.59
C PRO D 114 13.11 29.40 8.59
N GLY D 115 12.74 28.23 8.09
CA GLY D 115 12.33 27.14 8.96
C GLY D 115 10.98 26.60 8.54
N GLN D 116 10.22 27.42 7.84
CA GLN D 116 8.91 27.03 7.36
C GLN D 116 9.03 26.56 5.91
N LYS D 117 8.33 25.48 5.57
CA LYS D 117 8.36 24.95 4.22
C LYS D 117 7.42 25.74 3.32
N ALA D 118 6.70 26.68 3.91
CA ALA D 118 5.76 27.52 3.18
C ALA D 118 6.48 28.45 2.22
N ILE D 119 7.73 28.77 2.53
CA ILE D 119 8.52 29.66 1.70
C ILE D 119 9.37 28.87 0.70
N LEU D 120 9.20 27.56 0.71
CA LEU D 120 9.95 26.69 -0.19
C LEU D 120 9.10 26.35 -1.41
N PHE D 121 9.45 26.95 -2.54
CA PHE D 121 8.72 26.71 -3.78
C PHE D 121 9.58 25.95 -4.78
N LEU D 122 8.93 25.09 -5.55
CA LEU D 122 9.61 24.32 -6.57
C LEU D 122 9.07 24.70 -7.95
N PRO D 123 9.90 25.34 -8.79
CA PRO D 123 9.49 25.75 -10.13
C PRO D 123 9.41 24.58 -11.10
N MET D 124 8.23 23.97 -11.18
CA MET D 124 8.01 22.84 -12.08
C MET D 124 7.51 23.35 -13.42
N SER D 125 7.77 22.58 -14.48
CA SER D 125 7.36 22.95 -15.82
C SER D 125 5.84 22.85 -16.01
N ALA D 126 5.33 23.64 -16.95
CA ALA D 126 3.90 23.66 -17.25
C ALA D 126 3.70 23.65 -18.77
N ASP A 1 -23.91 -24.97 10.30
CA ASP A 1 -23.92 -26.39 9.88
C ASP A 1 -23.02 -26.63 8.66
N PRO A 2 -23.16 -25.86 7.56
CA PRO A 2 -22.34 -26.04 6.37
C PRO A 2 -20.90 -25.54 6.56
N LYS A 3 -19.96 -26.24 5.96
CA LYS A 3 -18.55 -25.89 6.06
C LYS A 3 -17.95 -25.70 4.67
N ARG A 4 -17.24 -24.60 4.51
CA ARG A 4 -16.58 -24.30 3.25
C ARG A 4 -15.13 -24.73 3.33
N LEU A 5 -14.79 -25.79 2.60
CA LEU A 5 -13.43 -26.30 2.60
C LEU A 5 -12.50 -25.37 1.83
N TYR A 6 -11.77 -24.56 2.57
CA TYR A 6 -10.83 -23.60 1.99
C TYR A 6 -9.43 -24.20 1.91
N CYS A 7 -8.86 -24.21 0.72
CA CYS A 7 -7.53 -24.75 0.53
C CYS A 7 -6.50 -23.62 0.63
N LYS A 8 -5.44 -23.86 1.40
CA LYS A 8 -4.39 -22.87 1.57
C LYS A 8 -3.51 -22.78 0.33
N ASN A 9 -3.71 -23.70 -0.59
CA ASN A 9 -2.94 -23.74 -1.81
C ASN A 9 -3.73 -23.12 -2.95
N GLY A 10 -3.58 -21.83 -3.12
CA GLY A 10 -4.29 -21.13 -4.18
C GLY A 10 -5.40 -20.26 -3.63
N GLY A 11 -5.89 -20.62 -2.44
CA GLY A 11 -6.97 -19.87 -1.83
C GLY A 11 -8.30 -20.13 -2.52
N PHE A 12 -8.56 -21.39 -2.81
CA PHE A 12 -9.80 -21.78 -3.48
C PHE A 12 -10.66 -22.63 -2.57
N PHE A 13 -11.97 -22.49 -2.71
CA PHE A 13 -12.92 -23.27 -1.94
C PHE A 13 -13.33 -24.50 -2.74
N LEU A 14 -13.50 -25.62 -2.06
CA LEU A 14 -13.92 -26.85 -2.74
C LEU A 14 -15.36 -26.70 -3.20
N ARG A 15 -15.57 -26.65 -4.50
CA ARG A 15 -16.88 -26.48 -5.07
C ARG A 15 -17.39 -27.75 -5.74
N ILE A 16 -18.51 -28.27 -5.25
CA ILE A 16 -19.11 -29.46 -5.83
C ILE A 16 -20.26 -29.07 -6.75
N HIS A 17 -20.21 -29.55 -7.98
CA HIS A 17 -21.24 -29.23 -8.96
C HIS A 17 -22.31 -30.32 -8.97
N PRO A 18 -23.59 -29.93 -9.22
CA PRO A 18 -24.71 -30.88 -9.26
C PRO A 18 -24.59 -31.91 -10.38
N ASP A 19 -23.65 -31.68 -11.29
CA ASP A 19 -23.44 -32.59 -12.42
C ASP A 19 -22.47 -33.72 -12.02
N GLY A 20 -21.73 -33.50 -10.94
CA GLY A 20 -20.79 -34.51 -10.49
C GLY A 20 -19.36 -34.06 -10.52
N ARG A 21 -19.10 -32.92 -11.17
CA ARG A 21 -17.75 -32.40 -11.27
C ARG A 21 -17.42 -31.56 -10.04
N VAL A 22 -16.15 -31.54 -9.67
CA VAL A 22 -15.69 -30.78 -8.51
C VAL A 22 -14.46 -29.95 -8.89
N ASP A 23 -14.45 -28.69 -8.47
CA ASP A 23 -13.34 -27.79 -8.77
C ASP A 23 -13.17 -26.77 -7.66
N GLY A 24 -12.38 -25.74 -7.91
CA GLY A 24 -12.14 -24.73 -6.91
C GLY A 24 -12.51 -23.34 -7.37
N VAL A 25 -12.99 -22.53 -6.45
CA VAL A 25 -13.39 -21.17 -6.74
C VAL A 25 -12.96 -20.25 -5.59
N ARG A 26 -12.55 -19.03 -5.91
CA ARG A 26 -12.13 -18.08 -4.88
C ARG A 26 -13.31 -17.29 -4.35
N GLU A 27 -14.32 -17.13 -5.19
CA GLU A 27 -15.53 -16.40 -4.82
C GLU A 27 -16.34 -17.18 -3.79
N LYS A 28 -16.61 -16.55 -2.66
CA LYS A 28 -17.39 -17.17 -1.59
C LYS A 28 -18.88 -16.90 -1.79
N SER A 29 -19.23 -16.43 -2.97
CA SER A 29 -20.61 -16.14 -3.33
C SER A 29 -21.27 -17.34 -3.98
N ASP A 30 -20.46 -18.33 -4.36
CA ASP A 30 -20.98 -19.53 -5.00
C ASP A 30 -21.56 -20.46 -3.95
N PRO A 31 -22.86 -20.79 -4.06
CA PRO A 31 -23.54 -21.66 -3.09
C PRO A 31 -23.08 -23.11 -3.14
N HIS A 32 -22.36 -23.48 -4.20
CA HIS A 32 -21.91 -24.86 -4.37
C HIS A 32 -20.66 -25.14 -3.52
N ILE A 33 -20.20 -24.14 -2.77
CA ILE A 33 -19.03 -24.32 -1.91
C ILE A 33 -19.47 -24.69 -0.50
N LYS A 34 -20.77 -24.75 -0.29
CA LYS A 34 -21.31 -25.10 1.01
C LYS A 34 -21.43 -26.61 1.11
N LEU A 35 -20.47 -27.20 1.81
CA LEU A 35 -20.44 -28.64 1.98
C LEU A 35 -20.79 -29.02 3.43
N GLN A 36 -21.15 -30.27 3.60
CA GLN A 36 -21.50 -30.79 4.91
C GLN A 36 -20.58 -31.94 5.26
N LEU A 37 -20.12 -31.97 6.50
CA LEU A 37 -19.24 -33.03 6.95
C LEU A 37 -20.01 -34.01 7.83
N GLN A 38 -20.21 -35.22 7.33
CA GLN A 38 -20.91 -36.26 8.08
C GLN A 38 -19.92 -37.22 8.71
N ALA A 39 -19.95 -37.33 10.03
CA ALA A 39 -19.05 -38.22 10.73
C ALA A 39 -19.56 -39.65 10.72
N GLU A 40 -18.77 -40.55 10.15
CA GLU A 40 -19.14 -41.96 10.08
C GLU A 40 -18.43 -42.73 11.19
N GLU A 41 -17.15 -42.40 11.36
CA GLU A 41 -16.32 -43.03 12.37
C GLU A 41 -15.43 -41.96 12.98
N ARG A 42 -14.79 -42.27 14.10
CA ARG A 42 -13.92 -41.31 14.78
C ARG A 42 -12.72 -40.95 13.89
N GLY A 43 -12.84 -39.83 13.19
CA GLY A 43 -11.77 -39.39 12.32
C GLY A 43 -12.12 -39.57 10.85
N VAL A 44 -13.27 -40.18 10.58
CA VAL A 44 -13.70 -40.41 9.20
C VAL A 44 -14.98 -39.65 8.90
N VAL A 45 -14.89 -38.71 7.98
CA VAL A 45 -16.04 -37.91 7.60
C VAL A 45 -16.33 -38.01 6.11
N SER A 46 -17.59 -37.80 5.74
CA SER A 46 -18.00 -37.83 4.36
C SER A 46 -18.35 -36.42 3.89
N ILE A 47 -17.69 -35.98 2.84
CA ILE A 47 -17.93 -34.65 2.30
C ILE A 47 -19.17 -34.65 1.39
N LYS A 48 -20.20 -33.98 1.84
CA LYS A 48 -21.46 -33.92 1.10
C LYS A 48 -21.75 -32.50 0.63
N GLY A 49 -22.07 -32.35 -0.65
CA GLY A 49 -22.38 -31.04 -1.18
C GLY A 49 -23.84 -30.69 -0.95
N VAL A 50 -24.09 -29.59 -0.24
CA VAL A 50 -25.46 -29.17 0.05
C VAL A 50 -26.22 -28.80 -1.22
N SER A 51 -25.68 -27.85 -1.97
CA SER A 51 -26.31 -27.41 -3.21
C SER A 51 -25.95 -28.33 -4.37
N ALA A 52 -25.96 -29.64 -4.10
CA ALA A 52 -25.63 -30.64 -5.11
C ALA A 52 -26.24 -31.99 -4.76
N ASN A 53 -26.30 -32.28 -3.46
CA ASN A 53 -26.86 -33.55 -2.95
C ASN A 53 -26.01 -34.72 -3.41
N ARG A 54 -24.71 -34.48 -3.53
CA ARG A 54 -23.78 -35.51 -3.96
C ARG A 54 -22.64 -35.62 -2.95
N TYR A 55 -22.02 -36.80 -2.88
CA TYR A 55 -20.93 -37.04 -1.96
C TYR A 55 -19.61 -37.07 -2.71
N LEU A 56 -18.57 -36.51 -2.11
CA LEU A 56 -17.26 -36.49 -2.72
C LEU A 56 -16.62 -37.87 -2.61
N ALA A 57 -16.14 -38.38 -3.73
CA ALA A 57 -15.52 -39.70 -3.75
C ALA A 57 -14.27 -39.72 -4.63
N MET A 58 -13.33 -40.57 -4.26
CA MET A 58 -12.09 -40.72 -5.01
C MET A 58 -12.09 -42.08 -5.69
N LYS A 59 -11.71 -42.12 -6.96
CA LYS A 59 -11.70 -43.37 -7.69
C LYS A 59 -10.29 -43.98 -7.72
N GLU A 60 -10.22 -45.21 -8.23
CA GLU A 60 -8.98 -45.98 -8.31
C GLU A 60 -7.93 -45.30 -9.19
N ASP A 61 -8.37 -44.41 -10.07
CA ASP A 61 -7.45 -43.71 -10.96
C ASP A 61 -7.00 -42.39 -10.34
N GLY A 62 -7.32 -42.21 -9.06
CA GLY A 62 -6.93 -41.00 -8.36
C GLY A 62 -7.77 -39.81 -8.75
N ARG A 63 -8.93 -40.06 -9.32
CA ARG A 63 -9.81 -38.99 -9.75
C ARG A 63 -10.76 -38.60 -8.62
N LEU A 64 -11.08 -37.32 -8.56
CA LEU A 64 -11.98 -36.81 -7.54
C LEU A 64 -13.29 -36.35 -8.19
N LEU A 65 -14.40 -36.91 -7.75
CA LEU A 65 -15.70 -36.56 -8.30
C LEU A 65 -16.79 -36.66 -7.24
N ALA A 66 -17.98 -36.20 -7.58
CA ALA A 66 -19.11 -36.25 -6.67
C ALA A 66 -20.14 -37.26 -7.14
N SER A 67 -20.31 -38.32 -6.37
CA SER A 67 -21.25 -39.38 -6.70
C SER A 67 -22.50 -39.25 -5.85
N LYS A 68 -23.61 -39.78 -6.34
CA LYS A 68 -24.88 -39.73 -5.61
C LYS A 68 -24.99 -40.97 -4.74
N SER A 69 -24.08 -41.90 -4.94
CA SER A 69 -24.05 -43.15 -4.20
C SER A 69 -22.99 -43.07 -3.12
N VAL A 70 -23.38 -43.33 -1.88
CA VAL A 70 -22.45 -43.29 -0.76
C VAL A 70 -21.63 -44.58 -0.71
N THR A 71 -20.50 -44.58 -1.40
CA THR A 71 -19.62 -45.73 -1.42
C THR A 71 -18.56 -45.60 -0.33
N ASP A 72 -17.74 -46.63 -0.17
CA ASP A 72 -16.69 -46.58 0.84
C ASP A 72 -15.55 -45.68 0.40
N GLU A 73 -15.67 -45.14 -0.81
CA GLU A 73 -14.68 -44.24 -1.38
C GLU A 73 -15.02 -42.80 -1.03
N CYS A 74 -16.21 -42.60 -0.46
CA CYS A 74 -16.67 -41.26 -0.08
C CYS A 74 -16.31 -40.94 1.37
N PHE A 75 -15.55 -41.83 2.00
CA PHE A 75 -15.15 -41.64 3.37
C PHE A 75 -13.70 -41.19 3.44
N PHE A 76 -13.48 -40.02 4.00
CA PHE A 76 -12.14 -39.47 4.12
C PHE A 76 -11.77 -39.22 5.57
N PHE A 77 -10.51 -39.45 5.89
CA PHE A 77 -9.99 -39.24 7.22
C PHE A 77 -9.65 -37.77 7.40
N GLU A 78 -10.22 -37.15 8.41
CA GLU A 78 -9.95 -35.74 8.68
C GLU A 78 -8.92 -35.63 9.78
N ARG A 79 -7.68 -35.36 9.40
CA ARG A 79 -6.60 -35.24 10.36
C ARG A 79 -6.22 -33.78 10.56
N LEU A 80 -6.10 -33.38 11.81
CA LEU A 80 -5.72 -32.02 12.16
C LEU A 80 -4.20 -31.89 12.13
N GLU A 81 -3.71 -31.01 11.27
CA GLU A 81 -2.28 -30.79 11.15
C GLU A 81 -1.79 -29.84 12.23
N SER A 82 -0.47 -29.74 12.37
CA SER A 82 0.13 -28.86 13.36
C SER A 82 0.10 -27.42 12.90
N ASN A 83 -0.49 -27.18 11.75
CA ASN A 83 -0.60 -25.84 11.20
C ASN A 83 -2.06 -25.36 11.22
N ASN A 84 -2.88 -26.08 11.99
CA ASN A 84 -4.31 -25.76 12.19
C ASN A 84 -5.18 -26.24 11.02
N TYR A 85 -4.57 -26.60 9.92
CA TYR A 85 -5.32 -27.06 8.76
C TYR A 85 -5.63 -28.54 8.90
N ASN A 86 -6.56 -29.04 8.09
CA ASN A 86 -6.96 -30.43 8.15
C ASN A 86 -6.67 -31.13 6.83
N THR A 87 -6.18 -32.35 6.92
CA THR A 87 -5.88 -33.14 5.74
C THR A 87 -6.92 -34.24 5.56
N TYR A 88 -7.41 -34.39 4.33
CA TYR A 88 -8.42 -35.39 4.04
C TYR A 88 -7.82 -36.54 3.23
N ARG A 89 -7.73 -37.70 3.84
CA ARG A 89 -7.19 -38.89 3.19
C ARG A 89 -8.28 -39.93 3.00
N SER A 90 -8.37 -40.50 1.81
CA SER A 90 -9.38 -41.51 1.51
C SER A 90 -9.17 -42.76 2.35
N ARG A 91 -10.26 -43.35 2.83
CA ARG A 91 -10.17 -44.58 3.62
C ARG A 91 -9.88 -45.76 2.70
N LYS A 92 -10.39 -45.68 1.48
CA LYS A 92 -10.20 -46.73 0.50
C LYS A 92 -8.78 -46.67 -0.05
N TYR A 93 -8.25 -45.46 -0.14
CA TYR A 93 -6.90 -45.24 -0.64
C TYR A 93 -6.12 -44.42 0.38
N THR A 94 -5.55 -45.11 1.35
CA THR A 94 -4.80 -44.47 2.44
C THR A 94 -3.47 -43.87 1.98
N SER A 95 -3.24 -43.83 0.68
CA SER A 95 -2.00 -43.28 0.15
C SER A 95 -2.27 -41.97 -0.58
N TRP A 96 -3.54 -41.69 -0.84
CA TRP A 96 -3.91 -40.47 -1.57
C TRP A 96 -4.71 -39.52 -0.68
N TYR A 97 -4.55 -38.24 -0.95
CA TYR A 97 -5.24 -37.19 -0.21
C TYR A 97 -6.03 -36.31 -1.16
N VAL A 98 -6.98 -35.56 -0.63
CA VAL A 98 -7.78 -34.65 -1.43
C VAL A 98 -6.99 -33.35 -1.58
N ALA A 99 -6.79 -32.89 -2.81
CA ALA A 99 -6.02 -31.68 -3.03
C ALA A 99 -6.53 -30.85 -4.21
N LEU A 100 -6.18 -29.57 -4.18
CA LEU A 100 -6.56 -28.64 -5.23
C LEU A 100 -5.31 -27.99 -5.82
N LYS A 101 -5.36 -27.64 -7.09
CA LYS A 101 -4.23 -27.00 -7.76
C LYS A 101 -4.39 -25.50 -7.72
N ARG A 102 -3.28 -24.78 -7.84
CA ARG A 102 -3.28 -23.32 -7.81
C ARG A 102 -4.09 -22.73 -8.97
N THR A 103 -4.44 -23.58 -9.94
CA THR A 103 -5.21 -23.16 -11.10
C THR A 103 -6.71 -23.15 -10.79
N GLY A 104 -7.08 -23.65 -9.62
CA GLY A 104 -8.48 -23.70 -9.24
C GLY A 104 -9.15 -24.96 -9.72
N GLN A 105 -8.34 -25.98 -10.01
CA GLN A 105 -8.85 -27.25 -10.48
C GLN A 105 -8.42 -28.37 -9.54
N TYR A 106 -9.16 -29.47 -9.54
CA TYR A 106 -8.84 -30.60 -8.67
C TYR A 106 -7.52 -31.24 -9.06
N LYS A 107 -6.83 -31.75 -8.05
CA LYS A 107 -5.54 -32.40 -8.26
C LYS A 107 -5.73 -33.91 -8.14
N LEU A 108 -5.03 -34.65 -8.97
CA LEU A 108 -5.12 -36.11 -8.95
C LEU A 108 -4.53 -36.64 -7.65
N GLY A 109 -5.25 -37.58 -7.03
CA GLY A 109 -4.80 -38.16 -5.78
C GLY A 109 -3.44 -38.82 -5.89
N SER A 110 -3.14 -39.35 -7.07
CA SER A 110 -1.88 -40.01 -7.33
C SER A 110 -0.72 -39.01 -7.34
N LYS A 111 -1.04 -37.72 -7.22
CA LYS A 111 -0.04 -36.68 -7.20
C LYS A 111 -0.05 -35.94 -5.87
N THR A 112 -0.58 -36.59 -4.84
CA THR A 112 -0.65 -35.99 -3.51
C THR A 112 0.27 -36.72 -2.54
N GLY A 113 0.54 -36.07 -1.41
CA GLY A 113 1.39 -36.65 -0.41
C GLY A 113 1.57 -35.73 0.79
N PRO A 114 2.04 -36.26 1.92
CA PRO A 114 2.26 -35.48 3.14
C PRO A 114 3.31 -34.40 2.92
N GLY A 115 2.96 -33.17 3.26
CA GLY A 115 3.88 -32.06 3.09
C GLY A 115 3.42 -31.09 2.03
N GLN A 116 2.46 -31.51 1.22
CA GLN A 116 1.92 -30.65 0.17
C GLN A 116 0.92 -29.66 0.76
N LYS A 117 0.93 -28.44 0.25
CA LYS A 117 0.02 -27.41 0.72
C LYS A 117 -1.37 -27.60 0.11
N ALA A 118 -1.43 -28.36 -0.97
CA ALA A 118 -2.67 -28.62 -1.67
C ALA A 118 -3.65 -29.47 -0.86
N ILE A 119 -3.12 -30.19 0.12
CA ILE A 119 -3.95 -31.06 0.94
C ILE A 119 -4.34 -30.38 2.26
N LEU A 120 -3.95 -29.13 2.41
CA LEU A 120 -4.25 -28.37 3.62
C LEU A 120 -5.57 -27.63 3.46
N PHE A 121 -6.62 -28.19 4.04
CA PHE A 121 -7.95 -27.60 3.95
C PHE A 121 -8.41 -27.06 5.30
N LEU A 122 -9.16 -25.97 5.25
CA LEU A 122 -9.69 -25.34 6.44
C LEU A 122 -11.21 -25.24 6.32
N PRO A 123 -11.95 -26.02 7.11
CA PRO A 123 -13.41 -26.01 7.08
C PRO A 123 -13.99 -24.75 7.73
N MET A 124 -14.25 -23.73 6.91
CA MET A 124 -14.78 -22.47 7.41
C MET A 124 -16.30 -22.56 7.55
N SER A 125 -16.82 -22.05 8.65
CA SER A 125 -18.25 -22.06 8.91
C SER A 125 -18.98 -21.07 8.00
N ALA A 126 -20.10 -21.50 7.44
CA ALA A 126 -20.88 -20.64 6.54
C ALA A 126 -22.20 -20.26 7.19
N SER B 1 15.95 5.15 15.58
CA SER B 1 14.60 4.63 15.86
C SER B 1 14.37 3.31 15.11
N GLU B 2 13.33 2.58 15.51
CA GLU B 2 13.00 1.30 14.88
C GLU B 2 12.64 1.47 13.41
N LEU B 3 11.63 2.31 13.15
CA LEU B 3 11.19 2.56 11.79
C LEU B 3 12.31 3.20 10.97
N GLU B 4 13.05 4.09 11.62
CA GLU B 4 14.17 4.77 10.97
C GLU B 4 15.21 3.75 10.50
N LYS B 5 15.60 2.86 11.41
CA LYS B 5 16.58 1.82 11.11
C LYS B 5 16.05 0.92 9.99
N ALA B 6 14.77 0.57 10.11
CA ALA B 6 14.12 -0.28 9.11
C ALA B 6 14.13 0.38 7.75
N MET B 7 13.86 1.69 7.73
CA MET B 7 13.85 2.44 6.48
C MET B 7 15.19 2.34 5.78
N VAL B 8 16.26 2.57 6.52
CA VAL B 8 17.61 2.50 5.97
C VAL B 8 17.88 1.14 5.33
N ALA B 9 17.45 0.09 6.02
CA ALA B 9 17.64 -1.27 5.53
C ALA B 9 16.73 -1.57 4.34
N LEU B 10 15.46 -1.19 4.45
CA LEU B 10 14.49 -1.42 3.37
C LEU B 10 14.91 -0.70 2.09
N ILE B 11 15.35 0.54 2.22
CA ILE B 11 15.77 1.33 1.07
C ILE B 11 16.99 0.67 0.39
N ASP B 12 17.89 0.15 1.22
CA ASP B 12 19.09 -0.51 0.72
C ASP B 12 18.71 -1.78 -0.04
N VAL B 13 17.91 -2.62 0.60
CA VAL B 13 17.45 -3.87 0.01
C VAL B 13 16.66 -3.61 -1.26
N PHE B 14 15.80 -2.61 -1.23
CA PHE B 14 14.98 -2.24 -2.38
C PHE B 14 15.84 -1.97 -3.61
N HIS B 15 16.82 -1.08 -3.46
CA HIS B 15 17.70 -0.71 -4.57
C HIS B 15 18.64 -1.86 -4.94
N GLN B 16 18.89 -2.74 -3.97
CA GLN B 16 19.77 -3.87 -4.19
C GLN B 16 19.09 -4.93 -5.06
N TYR B 17 17.85 -5.25 -4.73
CA TYR B 17 17.10 -6.26 -5.46
C TYR B 17 16.67 -5.76 -6.84
N SER B 18 16.28 -4.50 -6.93
CA SER B 18 15.84 -3.95 -8.21
C SER B 18 16.99 -3.91 -9.21
N GLY B 19 18.21 -3.96 -8.71
CA GLY B 19 19.39 -3.95 -9.56
C GLY B 19 19.55 -5.24 -10.35
N ARG B 20 18.78 -6.26 -9.98
CA ARG B 20 18.84 -7.55 -10.67
C ARG B 20 18.10 -7.47 -12.00
N GLU B 21 17.23 -6.47 -12.13
CA GLU B 21 16.45 -6.26 -13.35
C GLU B 21 17.31 -5.60 -14.42
N GLY B 22 18.19 -4.70 -13.98
CA GLY B 22 19.06 -3.99 -14.89
C GLY B 22 19.43 -2.63 -14.34
N ASP B 23 18.42 -1.88 -13.91
CA ASP B 23 18.66 -0.57 -13.32
C ASP B 23 18.78 -0.70 -11.82
N LYS B 24 17.90 -0.04 -11.07
CA LYS B 24 17.91 -0.12 -9.61
C LYS B 24 16.74 0.66 -9.02
N HIS B 25 15.59 0.64 -9.70
CA HIS B 25 14.44 1.38 -9.21
C HIS B 25 13.17 0.54 -9.24
N LYS B 26 13.09 -0.43 -10.14
CA LYS B 26 11.91 -1.27 -10.25
C LYS B 26 12.26 -2.75 -10.18
N LEU B 27 11.31 -3.54 -9.70
CA LEU B 27 11.49 -4.99 -9.62
C LEU B 27 10.78 -5.64 -10.80
N LYS B 28 11.26 -6.80 -11.23
CA LYS B 28 10.67 -7.49 -12.37
C LYS B 28 10.04 -8.82 -11.98
N LYS B 29 9.19 -8.77 -10.94
CA LYS B 29 8.47 -9.95 -10.42
C LYS B 29 9.39 -10.96 -9.74
N SER B 30 10.41 -11.42 -10.46
CA SER B 30 11.37 -12.40 -9.95
C SER B 30 12.01 -11.93 -8.65
N GLU B 31 12.36 -10.64 -8.59
CA GLU B 31 12.98 -10.07 -7.41
C GLU B 31 12.02 -10.08 -6.23
N LEU B 32 10.73 -9.91 -6.53
CA LEU B 32 9.70 -9.92 -5.49
C LEU B 32 9.60 -11.30 -4.88
N LYS B 33 9.66 -12.31 -5.74
CA LYS B 33 9.60 -13.70 -5.31
C LYS B 33 10.84 -14.03 -4.49
N GLU B 34 11.99 -13.55 -4.95
CA GLU B 34 13.25 -13.79 -4.26
C GLU B 34 13.25 -13.14 -2.89
N LEU B 35 12.54 -12.02 -2.75
CA LEU B 35 12.47 -11.33 -1.46
C LEU B 35 11.84 -12.24 -0.42
N ILE B 36 10.81 -12.98 -0.82
CA ILE B 36 10.12 -13.88 0.08
C ILE B 36 10.89 -15.19 0.25
N ASN B 37 11.65 -15.57 -0.77
CA ASN B 37 12.40 -16.82 -0.74
C ASN B 37 13.82 -16.62 -0.18
N ASN B 38 14.17 -15.39 0.16
CA ASN B 38 15.51 -15.11 0.70
C ASN B 38 15.44 -14.37 2.02
N GLU B 39 14.53 -13.40 2.11
CA GLU B 39 14.38 -12.62 3.33
C GLU B 39 13.29 -13.18 4.25
N LEU B 40 12.08 -13.29 3.72
CA LEU B 40 10.95 -13.79 4.50
C LEU B 40 10.87 -15.32 4.49
N SER B 41 11.94 -15.97 4.04
CA SER B 41 11.99 -17.42 3.98
C SER B 41 11.99 -18.04 5.38
N HIS B 42 12.40 -17.23 6.36
CA HIS B 42 12.45 -17.70 7.75
C HIS B 42 11.14 -17.41 8.45
N PHE B 43 10.18 -16.84 7.73
CA PHE B 43 8.89 -16.52 8.32
C PHE B 43 7.75 -17.18 7.55
N LEU B 44 7.67 -16.88 6.26
CA LEU B 44 6.62 -17.44 5.42
C LEU B 44 7.11 -18.74 4.77
N GLU B 45 7.07 -19.81 5.54
CA GLU B 45 7.52 -21.11 5.06
C GLU B 45 6.39 -21.85 4.35
N GLU B 46 5.93 -21.29 3.25
CA GLU B 46 4.86 -21.91 2.48
C GLU B 46 4.99 -21.57 0.99
N ILE B 47 3.92 -21.01 0.40
CA ILE B 47 3.90 -20.65 -1.01
C ILE B 47 4.10 -21.90 -1.89
N LYS B 48 5.30 -22.05 -2.47
CA LYS B 48 5.65 -23.19 -3.33
C LYS B 48 4.95 -23.11 -4.70
N GLU B 49 3.64 -22.87 -4.70
CA GLU B 49 2.87 -22.78 -5.94
C GLU B 49 2.80 -21.34 -6.43
N GLN B 50 3.34 -20.43 -5.62
CA GLN B 50 3.39 -19.00 -5.93
C GLN B 50 2.01 -18.34 -6.00
N GLU B 51 1.05 -18.89 -5.25
CA GLU B 51 -0.29 -18.32 -5.25
C GLU B 51 -0.29 -16.98 -4.53
N VAL B 52 0.55 -16.87 -3.51
CA VAL B 52 0.66 -15.63 -2.75
C VAL B 52 1.18 -14.53 -3.67
N VAL B 53 2.09 -14.89 -4.56
CA VAL B 53 2.66 -13.96 -5.52
C VAL B 53 1.60 -13.49 -6.52
N ASP B 54 0.71 -14.41 -6.90
CA ASP B 54 -0.36 -14.10 -7.82
C ASP B 54 -1.28 -13.01 -7.27
N LYS B 55 -1.62 -13.13 -5.99
CA LYS B 55 -2.49 -12.17 -5.34
C LYS B 55 -1.80 -10.84 -5.06
N VAL B 56 -0.55 -10.88 -4.61
CA VAL B 56 0.16 -9.65 -4.31
C VAL B 56 0.37 -8.81 -5.57
N MET B 57 0.65 -9.45 -6.70
CA MET B 57 0.88 -8.74 -7.96
C MET B 57 -0.33 -7.91 -8.35
N GLU B 58 -1.52 -8.41 -8.02
CA GLU B 58 -2.77 -7.74 -8.33
C GLU B 58 -2.91 -6.44 -7.55
N THR B 59 -2.39 -6.42 -6.33
CA THR B 59 -2.48 -5.24 -5.48
C THR B 59 -1.22 -4.37 -5.59
N LEU B 60 -0.12 -4.98 -6.01
CA LEU B 60 1.15 -4.28 -6.16
C LEU B 60 1.14 -3.39 -7.39
N ASP B 61 0.80 -3.97 -8.53
CA ASP B 61 0.76 -3.22 -9.79
C ASP B 61 -0.45 -2.30 -9.82
N ASN B 62 -0.30 -1.16 -9.16
CA ASN B 62 -1.36 -0.17 -9.10
C ASN B 62 -1.28 0.76 -10.31
N ASP B 63 -0.14 0.71 -10.98
CA ASP B 63 0.07 1.55 -12.17
C ASP B 63 -0.63 0.94 -13.36
N GLY B 64 -0.49 -0.37 -13.53
CA GLY B 64 -1.12 -1.04 -14.64
C GLY B 64 -0.13 -1.44 -15.72
N ASP B 65 1.04 -1.91 -15.31
CA ASP B 65 2.08 -2.31 -16.24
C ASP B 65 3.21 -3.09 -15.54
N GLY B 66 3.11 -3.22 -14.22
CA GLY B 66 4.12 -3.92 -13.46
C GLY B 66 5.20 -2.97 -13.01
N GLU B 67 4.79 -1.75 -12.66
CA GLU B 67 5.71 -0.72 -12.21
C GLU B 67 6.02 -0.86 -10.73
N CYS B 68 6.71 -1.93 -10.39
CA CYS B 68 7.07 -2.20 -8.99
C CYS B 68 8.04 -1.13 -8.49
N ASP B 69 7.57 -0.30 -7.56
CA ASP B 69 8.39 0.77 -7.01
C ASP B 69 8.19 0.87 -5.50
N PHE B 70 8.77 1.90 -4.91
CA PHE B 70 8.71 2.14 -3.46
C PHE B 70 7.26 2.18 -2.96
N GLN B 71 6.37 2.70 -3.78
CA GLN B 71 4.96 2.84 -3.42
C GLN B 71 4.31 1.48 -3.11
N GLU B 72 4.63 0.47 -3.90
CA GLU B 72 4.05 -0.85 -3.70
C GLU B 72 4.99 -1.76 -2.93
N PHE B 73 6.28 -1.42 -2.91
CA PHE B 73 7.29 -2.21 -2.20
C PHE B 73 6.91 -2.46 -0.75
N MET B 74 6.55 -1.41 -0.04
CA MET B 74 6.17 -1.54 1.36
C MET B 74 4.79 -2.19 1.50
N ALA B 75 3.93 -1.95 0.52
CA ALA B 75 2.59 -2.53 0.52
C ALA B 75 2.72 -4.04 0.34
N PHE B 76 3.73 -4.44 -0.43
CA PHE B 76 4.02 -5.83 -0.69
C PHE B 76 4.36 -6.54 0.61
N VAL B 77 5.19 -5.90 1.42
CA VAL B 77 5.60 -6.45 2.70
C VAL B 77 4.39 -6.62 3.60
N ALA B 78 3.51 -5.62 3.61
CA ALA B 78 2.30 -5.66 4.41
C ALA B 78 1.38 -6.77 3.94
N MET B 79 1.22 -6.85 2.62
CA MET B 79 0.38 -7.84 1.99
C MET B 79 0.78 -9.25 2.37
N VAL B 80 2.03 -9.62 2.11
CA VAL B 80 2.50 -10.97 2.41
C VAL B 80 2.42 -11.29 3.91
N THR B 81 2.69 -10.29 4.74
CA THR B 81 2.67 -10.49 6.19
C THR B 81 1.24 -10.70 6.70
N THR B 82 0.32 -9.83 6.31
CA THR B 82 -1.05 -9.93 6.76
C THR B 82 -1.81 -11.06 6.06
N ALA B 83 -1.51 -11.33 4.79
CA ALA B 83 -2.19 -12.39 4.04
C ALA B 83 -1.88 -13.75 4.63
N CYS B 84 -0.63 -13.94 5.06
CA CYS B 84 -0.22 -15.21 5.64
C CYS B 84 -0.86 -15.39 7.02
N HIS B 85 -0.83 -14.33 7.82
CA HIS B 85 -1.40 -14.37 9.16
C HIS B 85 -2.92 -14.50 9.11
N GLU B 86 -3.54 -13.76 8.20
CA GLU B 86 -4.99 -13.78 8.06
C GLU B 86 -5.45 -14.95 7.20
N PHE B 87 -4.54 -15.85 6.86
CA PHE B 87 -4.88 -17.04 6.07
C PHE B 87 -5.55 -18.06 6.97
N PHE B 88 -5.45 -17.83 8.27
CA PHE B 88 -6.03 -18.70 9.27
C PHE B 88 -7.46 -18.26 9.59
N GLU B 89 -7.73 -16.97 9.35
CA GLU B 89 -9.05 -16.41 9.61
C GLU B 89 -9.46 -15.51 8.45
N HIS B 90 -9.82 -16.13 7.33
CA HIS B 90 -10.23 -15.39 6.16
C HIS B 90 -11.74 -15.21 6.16
N GLU B 91 -12.22 -14.30 5.32
CA GLU B 91 -13.65 -14.07 5.19
C GLU B 91 -14.27 -15.23 4.43
N SER C 1 17.38 -12.17 8.55
CA SER C 1 17.24 -11.31 7.37
C SER C 1 16.90 -9.87 7.77
N GLU C 2 17.06 -8.95 6.83
CA GLU C 2 16.79 -7.53 7.07
C GLU C 2 15.30 -7.29 7.23
N LEU C 3 14.53 -7.72 6.23
CA LEU C 3 13.08 -7.55 6.26
C LEU C 3 12.47 -8.29 7.44
N GLU C 4 13.02 -9.46 7.73
CA GLU C 4 12.56 -10.28 8.84
C GLU C 4 12.70 -9.52 10.15
N LYS C 5 13.89 -8.96 10.37
CA LYS C 5 14.16 -8.19 11.58
C LYS C 5 13.23 -6.98 11.64
N ALA C 6 13.07 -6.32 10.48
CA ALA C 6 12.22 -5.16 10.38
C ALA C 6 10.77 -5.52 10.73
N MET C 7 10.32 -6.67 10.25
CA MET C 7 8.97 -7.16 10.51
C MET C 7 8.72 -7.28 12.00
N VAL C 8 9.63 -7.96 12.69
CA VAL C 8 9.51 -8.16 14.13
C VAL C 8 9.38 -6.81 14.87
N ALA C 9 10.17 -5.84 14.43
CA ALA C 9 10.15 -4.52 15.04
C ALA C 9 8.89 -3.75 14.66
N LEU C 10 8.53 -3.78 13.38
CA LEU C 10 7.34 -3.09 12.89
C LEU C 10 6.07 -3.61 13.56
N ILE C 11 5.96 -4.93 13.67
CA ILE C 11 4.81 -5.55 14.29
C ILE C 11 4.71 -5.13 15.76
N ASP C 12 5.86 -5.04 16.41
CA ASP C 12 5.94 -4.63 17.81
C ASP C 12 5.49 -3.18 17.96
N VAL C 13 6.07 -2.31 17.15
CA VAL C 13 5.74 -0.89 17.18
C VAL C 13 4.27 -0.66 16.83
N PHE C 14 3.79 -1.39 15.83
CA PHE C 14 2.40 -1.27 15.40
C PHE C 14 1.44 -1.54 16.55
N HIS C 15 1.61 -2.68 17.20
CA HIS C 15 0.73 -3.07 18.31
C HIS C 15 0.97 -2.19 19.54
N GLN C 16 2.17 -1.64 19.65
CA GLN C 16 2.52 -0.80 20.78
C GLN C 16 1.87 0.58 20.64
N TYR C 17 1.94 1.15 19.44
CA TYR C 17 1.36 2.46 19.20
C TYR C 17 -0.16 2.41 19.17
N SER C 18 -0.72 1.35 18.60
CA SER C 18 -2.19 1.22 18.53
C SER C 18 -2.79 1.06 19.92
N GLY C 19 -1.94 0.73 20.89
CA GLY C 19 -2.38 0.56 22.25
C GLY C 19 -2.73 1.88 22.92
N ARG C 20 -2.43 2.98 22.24
CA ARG C 20 -2.71 4.31 22.79
C ARG C 20 -4.19 4.65 22.62
N GLU C 21 -4.81 4.09 21.60
CA GLU C 21 -6.23 4.31 21.32
C GLU C 21 -7.08 3.67 22.41
N GLY C 22 -6.60 2.55 22.91
CA GLY C 22 -7.31 1.83 23.94
C GLY C 22 -7.12 0.34 23.75
N ASP C 23 -7.29 -0.11 22.51
CA ASP C 23 -7.11 -1.50 22.16
C ASP C 23 -5.65 -1.73 21.76
N LYS C 24 -5.40 -2.45 20.67
CA LYS C 24 -4.05 -2.70 20.22
C LYS C 24 -4.02 -3.24 18.79
N HIS C 25 -4.97 -2.82 17.96
CA HIS C 25 -5.02 -3.28 16.58
C HIS C 25 -5.22 -2.15 15.58
N LYS C 26 -5.68 -0.99 16.05
CA LYS C 26 -5.93 0.13 15.15
C LYS C 26 -5.37 1.43 15.72
N LEU C 27 -5.07 2.36 14.82
CA LEU C 27 -4.54 3.67 15.20
C LEU C 27 -5.65 4.70 15.06
N LYS C 28 -5.63 5.74 15.89
CA LYS C 28 -6.65 6.77 15.85
C LYS C 28 -6.10 8.12 15.39
N LYS C 29 -5.38 8.08 14.26
CA LYS C 29 -4.77 9.28 13.65
C LYS C 29 -3.60 9.85 14.47
N SER C 30 -3.84 10.12 15.75
CA SER C 30 -2.82 10.70 16.62
C SER C 30 -1.57 9.83 16.66
N GLU C 31 -1.77 8.52 16.73
CA GLU C 31 -0.66 7.57 16.79
C GLU C 31 0.14 7.61 15.49
N LEU C 32 -0.55 7.84 14.37
CA LEU C 32 0.12 7.92 13.07
C LEU C 32 1.04 9.13 13.05
N LYS C 33 0.57 10.23 13.59
CA LYS C 33 1.35 11.45 13.65
C LYS C 33 2.51 11.26 14.62
N GLU C 34 2.24 10.53 15.71
CA GLU C 34 3.24 10.26 16.72
C GLU C 34 4.39 9.47 16.12
N LEU C 35 4.07 8.55 15.21
CA LEU C 35 5.06 7.73 14.54
C LEU C 35 6.08 8.59 13.80
N ILE C 36 5.58 9.59 13.08
CA ILE C 36 6.46 10.47 12.31
C ILE C 36 7.21 11.44 13.22
N ASN C 37 6.57 11.84 14.31
CA ASN C 37 7.17 12.80 15.24
C ASN C 37 8.02 12.12 16.32
N ASN C 38 8.09 10.80 16.32
CA ASN C 38 8.87 10.08 17.32
C ASN C 38 9.85 9.09 16.70
N GLU C 39 9.46 8.50 15.56
CA GLU C 39 10.31 7.53 14.90
C GLU C 39 11.00 8.13 13.68
N LEU C 40 10.23 8.72 12.79
CA LEU C 40 10.78 9.32 11.57
C LEU C 40 11.21 10.77 11.79
N SER C 41 11.26 11.18 13.05
CA SER C 41 11.64 12.55 13.39
C SER C 41 13.11 12.83 13.09
N HIS C 42 13.87 11.76 12.90
CA HIS C 42 15.30 11.88 12.60
C HIS C 42 15.52 11.80 11.09
N PHE C 43 14.43 11.78 10.34
CA PHE C 43 14.50 11.70 8.89
C PHE C 43 13.63 12.77 8.25
N LEU C 44 12.36 12.75 8.57
CA LEU C 44 11.41 13.71 8.01
C LEU C 44 11.30 14.92 8.94
N GLU C 45 12.21 15.85 8.78
CA GLU C 45 12.23 17.06 9.60
C GLU C 45 11.45 18.18 8.93
N GLU C 46 10.16 17.95 8.72
CA GLU C 46 9.33 18.95 8.09
C GLU C 46 7.91 18.90 8.66
N ILE C 47 6.91 18.79 7.78
CA ILE C 47 5.51 18.75 8.18
C ILE C 47 5.13 20.04 8.89
N LYS C 48 4.98 20.00 10.23
CA LYS C 48 4.62 21.16 11.05
C LYS C 48 3.15 21.57 10.84
N GLU C 49 2.74 21.67 9.58
CA GLU C 49 1.37 22.05 9.25
C GLU C 49 0.49 20.80 9.12
N GLN C 50 1.14 19.64 9.15
CA GLN C 50 0.47 18.34 9.05
C GLN C 50 -0.16 18.11 7.69
N GLU C 51 0.42 18.70 6.64
CA GLU C 51 -0.10 18.54 5.29
C GLU C 51 0.19 17.14 4.79
N VAL C 52 1.32 16.59 5.22
CA VAL C 52 1.71 15.24 4.84
C VAL C 52 0.70 14.25 5.42
N VAL C 53 0.27 14.53 6.65
CA VAL C 53 -0.71 13.70 7.32
C VAL C 53 -2.06 13.80 6.61
N ASP C 54 -2.32 14.97 6.06
CA ASP C 54 -3.56 15.23 5.34
C ASP C 54 -3.67 14.34 4.11
N LYS C 55 -2.54 14.15 3.42
CA LYS C 55 -2.51 13.33 2.22
C LYS C 55 -2.47 11.84 2.52
N VAL C 56 -1.66 11.42 3.50
CA VAL C 56 -1.55 10.00 3.82
C VAL C 56 -2.88 9.42 4.29
N MET C 57 -3.67 10.20 5.03
CA MET C 57 -4.96 9.73 5.52
C MET C 57 -5.91 9.35 4.38
N GLU C 58 -5.74 10.01 3.24
CA GLU C 58 -6.57 9.74 2.07
C GLU C 58 -6.25 8.38 1.46
N THR C 59 -4.99 8.00 1.52
CA THR C 59 -4.54 6.73 0.95
C THR C 59 -4.60 5.61 1.99
N LEU C 60 -4.42 5.98 3.26
CA LEU C 60 -4.44 5.02 4.36
C LEU C 60 -5.83 4.44 4.58
N ASP C 61 -6.80 5.32 4.76
CA ASP C 61 -8.17 4.88 4.99
C ASP C 61 -8.79 4.36 3.70
N ASN C 62 -8.44 3.13 3.34
CA ASN C 62 -8.95 2.50 2.15
C ASN C 62 -10.30 1.85 2.43
N ASP C 63 -10.64 1.76 3.71
CA ASP C 63 -11.90 1.16 4.11
C ASP C 63 -13.02 2.19 4.02
N GLY C 64 -12.74 3.40 4.49
CA GLY C 64 -13.73 4.45 4.46
C GLY C 64 -14.37 4.68 5.80
N ASP C 65 -13.54 4.83 6.82
CA ASP C 65 -14.02 5.05 8.19
C ASP C 65 -12.87 5.39 9.12
N GLY C 66 -11.65 5.09 8.69
CA GLY C 66 -10.49 5.35 9.51
C GLY C 66 -10.00 4.07 10.15
N GLU C 67 -10.13 2.97 9.43
CA GLU C 67 -9.71 1.66 9.91
C GLU C 67 -8.20 1.45 9.69
N CYS C 68 -7.41 2.14 10.49
CA CYS C 68 -5.96 2.03 10.40
C CYS C 68 -5.50 0.67 10.90
N ASP C 69 -5.07 -0.17 9.98
CA ASP C 69 -4.63 -1.52 10.31
C ASP C 69 -3.30 -1.83 9.65
N PHE C 70 -2.87 -3.10 9.75
CA PHE C 70 -1.60 -3.54 9.18
C PHE C 70 -1.53 -3.29 7.68
N GLN C 71 -2.68 -3.37 7.03
CA GLN C 71 -2.78 -3.18 5.59
C GLN C 71 -2.28 -1.81 5.15
N GLU C 72 -2.68 -0.77 5.87
CA GLU C 72 -2.27 0.58 5.53
C GLU C 72 -1.04 1.03 6.32
N PHE C 73 -0.76 0.35 7.42
CA PHE C 73 0.39 0.68 8.27
C PHE C 73 1.69 0.73 7.47
N MET C 74 1.95 -0.29 6.67
CA MET C 74 3.16 -0.34 5.88
C MET C 74 3.07 0.62 4.69
N ALA C 75 1.86 0.82 4.19
CA ALA C 75 1.64 1.72 3.07
C ALA C 75 1.91 3.15 3.53
N PHE C 76 1.62 3.40 4.80
CA PHE C 76 1.83 4.70 5.42
C PHE C 76 3.32 5.02 5.41
N VAL C 77 4.13 4.03 5.80
CA VAL C 77 5.58 4.20 5.83
C VAL C 77 6.10 4.48 4.43
N ALA C 78 5.57 3.77 3.45
CA ALA C 78 5.98 3.97 2.06
C ALA C 78 5.59 5.37 1.59
N MET C 79 4.36 5.75 1.90
CA MET C 79 3.81 7.05 1.51
C MET C 79 4.66 8.19 2.03
N VAL C 80 4.85 8.26 3.35
CA VAL C 80 5.63 9.35 3.94
C VAL C 80 7.08 9.37 3.44
N THR C 81 7.65 8.20 3.19
CA THR C 81 9.02 8.11 2.71
C THR C 81 9.14 8.60 1.26
N THR C 82 8.29 8.08 0.38
CA THR C 82 8.34 8.46 -1.02
C THR C 82 7.80 9.88 -1.25
N ALA C 83 6.77 10.28 -0.50
CA ALA C 83 6.21 11.62 -0.66
C ALA C 83 7.21 12.70 -0.31
N CYS C 84 8.02 12.44 0.71
CA CYS C 84 9.03 13.38 1.15
C CYS C 84 10.15 13.47 0.12
N HIS C 85 10.59 12.31 -0.36
CA HIS C 85 11.67 12.24 -1.35
C HIS C 85 11.22 12.81 -2.69
N GLU C 86 10.03 12.42 -3.12
CA GLU C 86 9.48 12.87 -4.38
C GLU C 86 8.90 14.29 -4.30
N PHE C 87 9.04 14.92 -3.14
CA PHE C 87 8.56 16.29 -2.96
C PHE C 87 9.49 17.25 -3.68
N PHE C 88 10.65 16.72 -4.08
CA PHE C 88 11.64 17.50 -4.80
C PHE C 88 11.45 17.35 -6.29
N GLU C 89 10.67 16.35 -6.68
CA GLU C 89 10.42 16.07 -8.09
C GLU C 89 8.98 15.61 -8.30
N HIS C 90 8.04 16.49 -8.00
CA HIS C 90 6.63 16.18 -8.16
C HIS C 90 6.22 16.35 -9.63
N GLU C 91 5.14 15.69 -10.02
CA GLU C 91 4.64 15.80 -11.38
C GLU C 91 4.18 17.23 -11.62
N ASP D 1 10.51 27.81 -20.54
CA ASP D 1 10.31 29.25 -20.25
C ASP D 1 9.47 29.48 -18.99
N PRO D 2 8.24 28.91 -18.90
CA PRO D 2 7.40 29.10 -17.71
C PRO D 2 7.86 28.23 -16.53
N LYS D 3 7.68 28.77 -15.32
CA LYS D 3 8.07 28.07 -14.11
C LYS D 3 6.88 28.00 -13.15
N ARG D 4 6.66 26.81 -12.61
CA ARG D 4 5.58 26.59 -11.66
C ARG D 4 6.14 26.63 -10.25
N LEU D 5 5.79 27.66 -9.50
CA LEU D 5 6.27 27.78 -8.13
C LEU D 5 5.54 26.81 -7.20
N TYR D 6 6.20 25.71 -6.90
CA TYR D 6 5.64 24.67 -6.05
C TYR D 6 6.07 24.89 -4.60
N CYS D 7 5.12 24.97 -3.70
CA CYS D 7 5.42 25.16 -2.29
C CYS D 7 5.45 23.82 -1.58
N LYS D 8 6.48 23.61 -0.76
CA LYS D 8 6.62 22.34 -0.03
C LYS D 8 5.67 22.28 1.15
N ASN D 9 5.03 23.41 1.45
CA ASN D 9 4.09 23.47 2.56
C ASN D 9 2.66 23.32 2.05
N GLY D 10 2.19 22.10 2.01
CA GLY D 10 0.86 21.83 1.53
C GLY D 10 0.86 21.22 0.14
N GLY D 11 1.93 21.45 -0.59
CA GLY D 11 2.04 20.91 -1.93
C GLY D 11 1.14 21.64 -2.92
N PHE D 12 1.16 22.97 -2.86
CA PHE D 12 0.34 23.78 -3.75
C PHE D 12 1.19 24.64 -4.67
N PHE D 13 0.68 24.89 -5.86
CA PHE D 13 1.36 25.72 -6.84
C PHE D 13 0.82 27.15 -6.74
N LEU D 14 1.70 28.12 -6.91
CA LEU D 14 1.30 29.52 -6.85
C LEU D 14 0.47 29.87 -8.08
N ARG D 15 -0.82 30.12 -7.87
CA ARG D 15 -1.73 30.43 -8.97
C ARG D 15 -2.14 31.89 -8.95
N ILE D 16 -1.80 32.61 -10.01
CA ILE D 16 -2.16 34.01 -10.14
C ILE D 16 -3.42 34.14 -10.98
N HIS D 17 -4.42 34.83 -10.46
CA HIS D 17 -5.68 35.01 -11.16
C HIS D 17 -5.65 36.32 -11.94
N PRO D 18 -6.28 36.33 -13.14
CA PRO D 18 -6.34 37.53 -13.99
C PRO D 18 -7.05 38.70 -13.33
N ASP D 19 -7.80 38.42 -12.27
CA ASP D 19 -8.52 39.47 -11.55
C ASP D 19 -7.60 40.20 -10.59
N GLY D 20 -6.54 39.54 -10.14
CA GLY D 20 -5.61 40.16 -9.23
C GLY D 20 -5.34 39.32 -8.00
N ARG D 21 -6.20 38.35 -7.73
CA ARG D 21 -6.05 37.49 -6.57
C ARG D 21 -5.05 36.37 -6.86
N VAL D 22 -4.39 35.90 -5.80
CA VAL D 22 -3.41 34.82 -5.91
C VAL D 22 -3.69 33.77 -4.85
N ASP D 23 -3.67 32.50 -5.24
CA ASP D 23 -3.92 31.41 -4.30
C ASP D 23 -3.09 30.18 -4.65
N GLY D 24 -3.37 29.05 -4.00
CA GLY D 24 -2.61 27.85 -4.26
C GLY D 24 -3.48 26.69 -4.72
N VAL D 25 -3.00 25.95 -5.71
CA VAL D 25 -3.73 24.82 -6.25
C VAL D 25 -2.81 23.59 -6.34
N ARG D 26 -3.36 22.40 -6.11
CA ARG D 26 -2.56 21.18 -6.18
C ARG D 26 -2.56 20.62 -7.60
N GLU D 27 -3.61 20.92 -8.34
CA GLU D 27 -3.75 20.48 -9.72
C GLU D 27 -2.80 21.25 -10.63
N LYS D 28 -2.05 20.52 -11.43
CA LYS D 28 -1.10 21.13 -12.35
C LYS D 28 -1.73 21.35 -13.72
N SER D 29 -3.05 21.18 -13.79
CA SER D 29 -3.80 21.35 -15.03
C SER D 29 -4.25 22.80 -15.20
N ASP D 30 -4.11 23.58 -14.14
CA ASP D 30 -4.51 25.00 -14.18
C ASP D 30 -3.42 25.81 -14.88
N PRO D 31 -3.78 26.51 -15.98
CA PRO D 31 -2.82 27.31 -16.75
C PRO D 31 -2.38 28.57 -16.02
N HIS D 32 -3.05 28.92 -14.94
CA HIS D 32 -2.73 30.12 -14.19
C HIS D 32 -1.56 29.90 -13.23
N ILE D 33 -0.98 28.71 -13.24
CA ILE D 33 0.15 28.40 -12.38
C ILE D 33 1.45 28.56 -13.14
N LYS D 34 1.34 28.89 -14.42
CA LYS D 34 2.50 29.10 -15.27
C LYS D 34 3.00 30.52 -15.07
N LEU D 35 4.03 30.67 -14.26
CA LEU D 35 4.61 31.98 -13.98
C LEU D 35 5.94 32.16 -14.69
N GLN D 36 6.37 33.40 -14.79
CA GLN D 36 7.63 33.75 -15.42
C GLN D 36 8.51 34.47 -14.41
N LEU D 37 9.79 34.15 -14.41
CA LEU D 37 10.71 34.77 -13.49
C LEU D 37 11.64 35.74 -14.22
N GLN D 38 11.29 37.01 -14.20
CA GLN D 38 12.08 38.04 -14.87
C GLN D 38 13.19 38.53 -13.93
N ALA D 39 14.41 38.51 -14.40
CA ALA D 39 15.54 38.94 -13.59
C ALA D 39 15.79 40.43 -13.74
N GLU D 40 15.70 41.16 -12.64
CA GLU D 40 15.92 42.60 -12.65
C GLU D 40 17.32 42.90 -12.14
N GLU D 41 17.69 42.23 -11.06
CA GLU D 41 19.00 42.42 -10.44
C GLU D 41 19.53 41.05 -10.00
N ARG D 42 20.83 40.94 -9.80
CA ARG D 42 21.44 39.68 -9.37
C ARG D 42 20.85 39.20 -8.06
N GLY D 43 19.92 38.25 -8.14
CA GLY D 43 19.28 37.72 -6.97
C GLY D 43 17.87 38.25 -6.78
N VAL D 44 17.48 39.20 -7.63
CA VAL D 44 16.16 39.80 -7.55
C VAL D 44 15.36 39.50 -8.82
N VAL D 45 14.24 38.81 -8.64
CA VAL D 45 13.38 38.46 -9.77
C VAL D 45 11.96 38.95 -9.56
N SER D 46 11.24 39.11 -10.67
CA SER D 46 9.86 39.55 -10.65
C SER D 46 8.95 38.42 -11.10
N ILE D 47 8.03 38.01 -10.23
CA ILE D 47 7.11 36.94 -10.56
C ILE D 47 5.96 37.46 -11.41
N LYS D 48 5.93 37.02 -12.66
CA LYS D 48 4.92 37.43 -13.60
C LYS D 48 4.02 36.28 -14.01
N GLY D 49 2.72 36.48 -13.95
CA GLY D 49 1.79 35.43 -14.35
C GLY D 49 1.55 35.44 -15.85
N VAL D 50 1.91 34.36 -16.52
CA VAL D 50 1.74 34.26 -17.97
C VAL D 50 0.26 34.37 -18.36
N SER D 51 -0.56 33.48 -17.82
CA SER D 51 -1.99 33.48 -18.12
C SER D 51 -2.73 34.46 -17.21
N ALA D 52 -2.19 35.65 -17.06
CA ALA D 52 -2.78 36.68 -16.23
C ALA D 52 -2.28 38.06 -16.63
N ASN D 53 -1.01 38.12 -17.02
CA ASN D 53 -0.36 39.36 -17.45
C ASN D 53 -0.26 40.33 -16.27
N ARG D 54 -0.08 39.77 -15.09
CA ARG D 54 0.05 40.56 -13.87
C ARG D 54 1.31 40.17 -13.11
N TYR D 55 1.83 41.12 -12.35
CA TYR D 55 3.03 40.88 -11.56
C TYR D 55 2.68 40.72 -10.09
N LEU D 56 3.33 39.77 -9.44
CA LEU D 56 3.09 39.52 -8.02
C LEU D 56 3.74 40.61 -7.19
N ALA D 57 2.97 41.18 -6.27
CA ALA D 57 3.48 42.24 -5.41
C ALA D 57 2.98 42.09 -3.99
N MET D 58 3.77 42.57 -3.04
CA MET D 58 3.41 42.53 -1.63
C MET D 58 3.14 43.94 -1.14
N LYS D 59 2.08 44.11 -0.38
CA LYS D 59 1.72 45.43 0.12
C LYS D 59 2.21 45.66 1.55
N GLU D 60 2.08 46.90 2.01
CA GLU D 60 2.52 47.32 3.33
C GLU D 60 1.81 46.58 4.47
N ASP D 61 0.65 46.02 4.18
CA ASP D 61 -0.11 45.28 5.19
C ASP D 61 0.26 43.81 5.17
N GLY D 62 1.25 43.46 4.35
CA GLY D 62 1.70 42.09 4.25
C GLY D 62 0.80 41.26 3.36
N ARG D 63 0.02 41.93 2.52
CA ARG D 63 -0.88 41.23 1.62
C ARG D 63 -0.17 40.89 0.32
N LEU D 64 -0.55 39.78 -0.28
CA LEU D 64 0.04 39.32 -1.52
C LEU D 64 -1.01 39.37 -2.63
N LEU D 65 -0.72 40.11 -3.69
CA LEU D 65 -1.66 40.24 -4.80
C LEU D 65 -0.91 40.44 -6.10
N ALA D 66 -1.63 40.42 -7.21
CA ALA D 66 -1.04 40.61 -8.52
C ALA D 66 -1.52 41.90 -9.15
N SER D 67 -0.59 42.78 -9.49
CA SER D 67 -0.93 44.06 -10.09
C SER D 67 -0.49 44.09 -11.55
N LYS D 68 -1.02 45.04 -12.31
CA LYS D 68 -0.66 45.17 -13.71
C LYS D 68 0.48 46.16 -13.87
N SER D 69 0.79 46.85 -12.78
CA SER D 69 1.87 47.82 -12.76
C SER D 69 3.10 47.21 -12.10
N VAL D 70 4.27 47.47 -12.67
CA VAL D 70 5.51 46.94 -12.13
C VAL D 70 6.09 47.90 -11.10
N THR D 71 5.65 47.76 -9.85
CA THR D 71 6.13 48.60 -8.78
C THR D 71 7.41 48.01 -8.17
N ASP D 72 7.96 48.69 -7.18
CA ASP D 72 9.18 48.20 -6.54
C ASP D 72 8.84 47.12 -5.52
N GLU D 73 7.56 46.84 -5.38
CA GLU D 73 7.07 45.82 -4.46
C GLU D 73 6.93 44.48 -5.18
N CYS D 74 7.12 44.50 -6.51
CA CYS D 74 7.00 43.30 -7.32
C CYS D 74 8.35 42.60 -7.48
N PHE D 75 9.36 43.13 -6.80
CA PHE D 75 10.70 42.57 -6.88
C PHE D 75 10.99 41.73 -5.65
N PHE D 76 11.28 40.46 -5.86
CA PHE D 76 11.57 39.55 -4.76
C PHE D 76 12.95 38.93 -4.91
N PHE D 77 13.60 38.71 -3.78
CA PHE D 77 14.92 38.10 -3.75
C PHE D 77 14.77 36.59 -3.79
N GLU D 78 15.39 35.95 -4.77
CA GLU D 78 15.33 34.51 -4.90
C GLU D 78 16.58 33.89 -4.29
N ARG D 79 16.46 33.43 -3.05
CA ARG D 79 17.59 32.82 -2.36
C ARG D 79 17.50 31.31 -2.38
N LEU D 80 18.62 30.65 -2.65
CA LEU D 80 18.65 29.20 -2.67
C LEU D 80 18.95 28.66 -1.28
N GLU D 81 18.02 27.91 -0.74
CA GLU D 81 18.16 27.34 0.59
C GLU D 81 19.04 26.09 0.54
N SER D 82 19.43 25.62 1.71
CA SER D 82 20.27 24.44 1.83
C SER D 82 19.47 23.15 1.60
N ASN D 83 18.19 23.31 1.34
CA ASN D 83 17.30 22.18 1.11
C ASN D 83 16.89 22.11 -0.36
N ASN D 84 17.64 22.83 -1.21
CA ASN D 84 17.42 22.87 -2.67
C ASN D 84 16.23 23.75 -3.06
N TYR D 85 15.47 24.21 -2.08
CA TYR D 85 14.32 25.06 -2.36
C TYR D 85 14.76 26.52 -2.43
N ASN D 86 13.87 27.39 -2.85
CA ASN D 86 14.18 28.80 -2.96
C ASN D 86 13.20 29.65 -2.16
N THR D 87 13.72 30.67 -1.50
CA THR D 87 12.92 31.57 -0.71
C THR D 87 12.76 32.90 -1.43
N TYR D 88 11.55 33.46 -1.40
CA TYR D 88 11.30 34.73 -2.06
C TYR D 88 10.98 35.81 -1.03
N ARG D 89 11.90 36.74 -0.87
CA ARG D 89 11.74 37.85 0.07
C ARG D 89 11.58 39.16 -0.69
N SER D 90 10.61 39.96 -0.29
CA SER D 90 10.36 41.24 -0.96
C SER D 90 11.54 42.20 -0.78
N ARG D 91 11.84 42.96 -1.83
CA ARG D 91 12.93 43.93 -1.76
C ARG D 91 12.47 45.16 -0.98
N LYS D 92 11.18 45.45 -1.08
CA LYS D 92 10.60 46.59 -0.39
C LYS D 92 10.41 46.26 1.09
N TYR D 93 10.14 44.99 1.37
CA TYR D 93 9.96 44.52 2.73
C TYR D 93 10.89 43.35 2.98
N THR D 94 12.13 43.67 3.36
CA THR D 94 13.16 42.66 3.60
C THR D 94 12.90 41.85 4.87
N SER D 95 11.71 41.96 5.44
CA SER D 95 11.36 41.24 6.65
C SER D 95 10.25 40.24 6.38
N TRP D 96 9.65 40.32 5.20
CA TRP D 96 8.55 39.42 4.85
C TRP D 96 8.89 38.57 3.63
N TYR D 97 8.38 37.35 3.62
CA TYR D 97 8.62 36.42 2.53
C TYR D 97 7.28 36.00 1.91
N VAL D 98 7.35 35.42 0.72
CA VAL D 98 6.16 34.92 0.04
C VAL D 98 5.87 33.52 0.57
N ALA D 99 4.66 33.29 1.04
CA ALA D 99 4.33 31.98 1.60
C ALA D 99 2.90 31.57 1.31
N LEU D 100 2.66 30.26 1.38
CA LEU D 100 1.35 29.68 1.15
C LEU D 100 0.94 28.85 2.36
N LYS D 101 -0.35 28.77 2.62
CA LYS D 101 -0.85 28.00 3.75
C LYS D 101 -1.29 26.62 3.29
N ARG D 102 -1.34 25.67 4.22
CA ARG D 102 -1.74 24.31 3.91
C ARG D 102 -3.18 24.24 3.41
N THR D 103 -3.91 25.33 3.57
CA THR D 103 -5.30 25.41 3.14
C THR D 103 -5.41 25.80 1.67
N GLY D 104 -4.27 25.99 1.03
CA GLY D 104 -4.25 26.35 -0.38
C GLY D 104 -4.49 27.83 -0.59
N GLN D 105 -4.27 28.62 0.44
CA GLN D 105 -4.47 30.06 0.35
C GLN D 105 -3.18 30.79 0.69
N TYR D 106 -3.06 32.02 0.22
CA TYR D 106 -1.88 32.84 0.45
C TYR D 106 -1.72 33.17 1.94
N LYS D 107 -0.48 33.26 2.38
CA LYS D 107 -0.18 33.59 3.76
C LYS D 107 0.30 35.03 3.86
N LEU D 108 -0.15 35.73 4.88
CA LEU D 108 0.26 37.11 5.08
C LEU D 108 1.76 37.18 5.34
N GLY D 109 2.42 38.11 4.65
CA GLY D 109 3.85 38.26 4.79
C GLY D 109 4.25 38.58 6.21
N SER D 110 3.38 39.26 6.93
CA SER D 110 3.62 39.64 8.31
C SER D 110 3.67 38.41 9.23
N LYS D 111 3.31 37.25 8.68
CA LYS D 111 3.31 36.01 9.45
C LYS D 111 4.32 35.02 8.88
N THR D 112 5.33 35.54 8.19
CA THR D 112 6.36 34.70 7.60
C THR D 112 7.68 34.90 8.34
N GLY D 113 8.66 34.06 8.03
CA GLY D 113 9.95 34.17 8.66
C GLY D 113 10.86 33.01 8.30
N PRO D 114 12.18 33.17 8.49
CA PRO D 114 13.15 32.11 8.17
C PRO D 114 12.88 30.84 8.98
N GLY D 115 12.83 29.71 8.29
CA GLY D 115 12.59 28.45 8.96
C GLY D 115 11.23 27.87 8.59
N GLN D 116 10.31 28.73 8.18
CA GLN D 116 8.97 28.29 7.80
C GLN D 116 9.01 27.53 6.49
N LYS D 117 8.24 26.45 6.43
CA LYS D 117 8.18 25.61 5.22
C LYS D 117 7.35 26.29 4.15
N ALA D 118 6.53 27.24 4.57
CA ALA D 118 5.63 27.94 3.67
C ALA D 118 6.39 28.86 2.70
N ILE D 119 7.63 29.19 3.04
CA ILE D 119 8.43 30.07 2.19
C ILE D 119 9.37 29.27 1.29
N LEU D 120 9.26 27.95 1.35
CA LEU D 120 10.10 27.08 0.54
C LEU D 120 9.42 26.77 -0.79
N PHE D 121 9.84 27.46 -1.83
CA PHE D 121 9.27 27.27 -3.16
C PHE D 121 10.25 26.60 -4.11
N LEU D 122 9.72 25.80 -5.00
CA LEU D 122 10.52 25.11 -6.00
C LEU D 122 10.01 25.45 -7.39
N PRO D 123 10.77 26.21 -8.18
CA PRO D 123 10.39 26.59 -9.52
C PRO D 123 10.51 25.43 -10.51
N MET D 124 9.43 24.69 -10.68
CA MET D 124 9.41 23.55 -11.58
C MET D 124 9.19 24.01 -13.00
N SER D 125 9.90 23.43 -13.94
CA SER D 125 9.75 23.79 -15.34
C SER D 125 8.47 23.21 -15.93
N ALA D 126 7.79 24.00 -16.75
CA ALA D 126 6.55 23.56 -17.37
C ALA D 126 6.72 23.46 -18.87
N ASP A 1 -24.75 -25.29 9.09
CA ASP A 1 -24.55 -26.65 8.52
C ASP A 1 -23.68 -26.62 7.26
N PRO A 2 -24.04 -25.87 6.20
CA PRO A 2 -23.22 -25.82 4.98
C PRO A 2 -21.89 -25.11 5.23
N LYS A 3 -20.82 -25.73 4.74
CA LYS A 3 -19.48 -25.18 4.93
C LYS A 3 -18.79 -25.02 3.58
N ARG A 4 -17.86 -24.09 3.51
CA ARG A 4 -17.08 -23.85 2.31
C ARG A 4 -15.61 -24.09 2.60
N LEU A 5 -15.08 -25.18 2.06
CA LEU A 5 -13.69 -25.55 2.27
C LEU A 5 -12.74 -24.62 1.54
N TYR A 6 -12.02 -23.82 2.31
CA TYR A 6 -11.06 -22.88 1.76
C TYR A 6 -9.65 -23.47 1.83
N CYS A 7 -8.98 -23.56 0.70
CA CYS A 7 -7.63 -24.10 0.65
C CYS A 7 -6.60 -22.98 0.67
N LYS A 8 -5.56 -23.15 1.48
CA LYS A 8 -4.50 -22.17 1.59
C LYS A 8 -3.66 -22.15 0.31
N ASN A 9 -3.55 -23.31 -0.32
CA ASN A 9 -2.76 -23.47 -1.54
C ASN A 9 -3.47 -22.85 -2.75
N GLY A 10 -3.33 -21.54 -2.89
CA GLY A 10 -3.95 -20.84 -4.00
C GLY A 10 -5.11 -19.97 -3.57
N GLY A 11 -5.70 -20.31 -2.43
CA GLY A 11 -6.84 -19.56 -1.93
C GLY A 11 -8.10 -19.84 -2.71
N PHE A 12 -8.40 -21.12 -2.89
CA PHE A 12 -9.58 -21.52 -3.64
C PHE A 12 -10.55 -22.30 -2.78
N PHE A 13 -11.82 -22.23 -3.13
CA PHE A 13 -12.86 -22.96 -2.41
C PHE A 13 -13.22 -24.21 -3.21
N LEU A 14 -13.44 -25.33 -2.52
CA LEU A 14 -13.79 -26.57 -3.18
C LEU A 14 -15.18 -26.45 -3.80
N ARG A 15 -15.23 -26.49 -5.12
CA ARG A 15 -16.49 -26.34 -5.85
C ARG A 15 -16.87 -27.64 -6.56
N ILE A 16 -18.04 -28.17 -6.24
CA ILE A 16 -18.54 -29.39 -6.84
C ILE A 16 -19.55 -29.06 -7.93
N HIS A 17 -19.35 -29.66 -9.10
CA HIS A 17 -20.25 -29.42 -10.23
C HIS A 17 -21.29 -30.52 -10.31
N PRO A 18 -22.52 -30.20 -10.74
CA PRO A 18 -23.62 -31.18 -10.87
C PRO A 18 -23.32 -32.27 -11.90
N ASP A 19 -22.30 -32.06 -12.71
CA ASP A 19 -21.93 -33.03 -13.73
C ASP A 19 -20.98 -34.09 -13.15
N GLY A 20 -20.36 -33.76 -12.02
CA GLY A 20 -19.44 -34.69 -11.39
C GLY A 20 -18.04 -34.14 -11.28
N ARG A 21 -17.74 -33.08 -12.01
CA ARG A 21 -16.41 -32.49 -11.98
C ARG A 21 -16.23 -31.60 -10.75
N VAL A 22 -15.00 -31.54 -10.24
CA VAL A 22 -14.69 -30.74 -9.07
C VAL A 22 -13.50 -29.81 -9.35
N ASP A 23 -13.60 -28.58 -8.90
CA ASP A 23 -12.53 -27.60 -9.10
C ASP A 23 -12.51 -26.61 -7.94
N GLY A 24 -11.70 -25.57 -8.06
CA GLY A 24 -11.60 -24.58 -7.00
C GLY A 24 -11.74 -23.16 -7.53
N VAL A 25 -12.58 -22.39 -6.88
CA VAL A 25 -12.81 -21.00 -7.29
C VAL A 25 -12.57 -20.04 -6.11
N ARG A 26 -12.08 -18.84 -6.40
CA ARG A 26 -11.82 -17.85 -5.37
C ARG A 26 -13.11 -17.11 -5.01
N GLU A 27 -13.91 -16.83 -6.01
CA GLU A 27 -15.18 -16.14 -5.83
C GLU A 27 -16.13 -16.94 -4.94
N LYS A 28 -16.47 -16.37 -3.80
CA LYS A 28 -17.36 -17.01 -2.85
C LYS A 28 -18.82 -16.76 -3.21
N SER A 29 -19.04 -16.26 -4.41
CA SER A 29 -20.38 -15.96 -4.90
C SER A 29 -20.97 -17.17 -5.63
N ASP A 30 -20.25 -18.27 -5.62
CA ASP A 30 -20.70 -19.49 -6.29
C ASP A 30 -21.42 -20.39 -5.30
N PRO A 31 -22.67 -20.76 -5.61
CA PRO A 31 -23.48 -21.63 -4.73
C PRO A 31 -23.01 -23.09 -4.75
N HIS A 32 -22.09 -23.41 -5.64
CA HIS A 32 -21.59 -24.78 -5.75
C HIS A 32 -20.46 -25.04 -4.78
N ILE A 33 -20.11 -24.03 -3.97
CA ILE A 33 -19.05 -24.18 -2.98
C ILE A 33 -19.66 -24.54 -1.63
N LYS A 34 -20.98 -24.67 -1.62
CA LYS A 34 -21.70 -25.03 -0.40
C LYS A 34 -21.65 -26.54 -0.23
N LEU A 35 -20.79 -26.99 0.68
CA LEU A 35 -20.63 -28.40 0.92
C LEU A 35 -21.17 -28.79 2.29
N GLN A 36 -21.69 -30.00 2.38
CA GLN A 36 -22.23 -30.51 3.62
C GLN A 36 -21.33 -31.64 4.13
N LEU A 37 -20.85 -31.50 5.35
CA LEU A 37 -19.96 -32.49 5.93
C LEU A 37 -20.75 -33.49 6.77
N GLN A 38 -21.23 -34.55 6.11
CA GLN A 38 -21.99 -35.58 6.80
C GLN A 38 -21.04 -36.53 7.52
N ALA A 39 -21.12 -36.56 8.84
CA ALA A 39 -20.25 -37.40 9.64
C ALA A 39 -20.83 -38.81 9.81
N GLU A 40 -19.98 -39.80 9.63
CA GLU A 40 -20.38 -41.20 9.78
C GLU A 40 -19.85 -41.72 11.11
N GLU A 41 -18.54 -41.92 11.15
CA GLU A 41 -17.85 -42.39 12.35
C GLU A 41 -17.01 -41.25 12.90
N ARG A 42 -16.55 -41.38 14.13
CA ARG A 42 -15.74 -40.35 14.78
C ARG A 42 -14.49 -40.04 13.95
N GLY A 43 -14.51 -38.90 13.26
CA GLY A 43 -13.38 -38.50 12.45
C GLY A 43 -13.59 -38.78 10.97
N VAL A 44 -14.71 -39.43 10.63
CA VAL A 44 -14.99 -39.77 9.24
C VAL A 44 -16.18 -38.97 8.73
N VAL A 45 -15.96 -38.16 7.71
CA VAL A 45 -17.01 -37.34 7.13
C VAL A 45 -17.09 -37.52 5.62
N SER A 46 -18.27 -37.28 5.08
CA SER A 46 -18.51 -37.37 3.65
C SER A 46 -18.86 -36.00 3.09
N ILE A 47 -18.05 -35.52 2.16
CA ILE A 47 -18.27 -34.21 1.56
C ILE A 47 -19.34 -34.28 0.47
N LYS A 48 -20.47 -33.66 0.75
CA LYS A 48 -21.60 -33.66 -0.18
C LYS A 48 -21.87 -32.24 -0.71
N GLY A 49 -22.07 -32.14 -2.02
CA GLY A 49 -22.36 -30.85 -2.62
C GLY A 49 -23.84 -30.54 -2.55
N VAL A 50 -24.18 -29.38 -1.98
CA VAL A 50 -25.57 -28.97 -1.84
C VAL A 50 -26.26 -28.81 -3.20
N SER A 51 -25.80 -27.85 -3.99
CA SER A 51 -26.38 -27.61 -5.30
C SER A 51 -25.84 -28.61 -6.34
N ALA A 52 -25.91 -29.90 -5.99
CA ALA A 52 -25.43 -30.95 -6.87
C ALA A 52 -25.97 -32.31 -6.42
N ASN A 53 -26.05 -32.49 -5.10
CA ASN A 53 -26.55 -33.73 -4.49
C ASN A 53 -25.59 -34.89 -4.78
N ARG A 54 -24.32 -34.54 -4.94
CA ARG A 54 -23.30 -35.53 -5.24
C ARG A 54 -22.25 -35.54 -4.12
N TYR A 55 -21.70 -36.72 -3.86
CA TYR A 55 -20.71 -36.88 -2.81
C TYR A 55 -19.32 -36.96 -3.42
N LEU A 56 -18.37 -36.31 -2.78
CA LEU A 56 -16.99 -36.30 -3.25
C LEU A 56 -16.39 -37.70 -3.11
N ALA A 57 -15.74 -38.18 -4.16
CA ALA A 57 -15.13 -39.50 -4.15
C ALA A 57 -13.77 -39.48 -4.82
N MET A 58 -12.87 -40.30 -4.31
CA MET A 58 -11.52 -40.40 -4.86
C MET A 58 -11.37 -41.75 -5.56
N LYS A 59 -10.73 -41.76 -6.71
CA LYS A 59 -10.56 -43.00 -7.46
C LYS A 59 -9.20 -43.63 -7.16
N GLU A 60 -9.03 -44.88 -7.59
CA GLU A 60 -7.81 -45.65 -7.36
C GLU A 60 -6.63 -45.11 -8.17
N ASP A 61 -6.93 -44.22 -9.10
CA ASP A 61 -5.90 -43.62 -9.94
C ASP A 61 -5.43 -42.30 -9.34
N GLY A 62 -6.19 -41.78 -8.38
CA GLY A 62 -5.84 -40.54 -7.74
C GLY A 62 -6.75 -39.39 -8.15
N ARG A 63 -7.70 -39.66 -9.04
CA ARG A 63 -8.62 -38.63 -9.51
C ARG A 63 -9.65 -38.30 -8.44
N LEU A 64 -10.15 -37.08 -8.50
CA LEU A 64 -11.16 -36.60 -7.57
C LEU A 64 -12.40 -36.18 -8.33
N LEU A 65 -13.55 -36.74 -7.96
CA LEU A 65 -14.80 -36.42 -8.63
C LEU A 65 -15.97 -36.52 -7.66
N ALA A 66 -17.15 -36.17 -8.12
CA ALA A 66 -18.35 -36.25 -7.31
C ALA A 66 -19.33 -37.26 -7.89
N SER A 67 -19.68 -38.25 -7.10
CA SER A 67 -20.60 -39.29 -7.54
C SER A 67 -21.97 -39.10 -6.90
N LYS A 68 -23.00 -39.59 -7.56
CA LYS A 68 -24.36 -39.49 -7.05
C LYS A 68 -24.64 -40.64 -6.09
N SER A 69 -23.67 -41.53 -5.99
CA SER A 69 -23.78 -42.68 -5.11
C SER A 69 -22.72 -42.62 -4.03
N VAL A 70 -23.10 -42.93 -2.80
CA VAL A 70 -22.16 -42.91 -1.69
C VAL A 70 -21.41 -44.23 -1.61
N THR A 71 -20.17 -44.22 -2.07
CA THR A 71 -19.35 -45.43 -2.03
C THR A 71 -18.38 -45.36 -0.85
N ASP A 72 -17.50 -46.35 -0.74
CA ASP A 72 -16.52 -46.39 0.33
C ASP A 72 -15.37 -45.43 0.05
N GLU A 73 -15.47 -44.73 -1.07
CA GLU A 73 -14.46 -43.77 -1.48
C GLU A 73 -14.88 -42.36 -1.11
N CYS A 74 -16.13 -42.22 -0.66
CA CYS A 74 -16.68 -40.92 -0.29
C CYS A 74 -16.45 -40.62 1.18
N PHE A 75 -15.80 -41.54 1.87
CA PHE A 75 -15.52 -41.37 3.29
C PHE A 75 -14.10 -40.85 3.50
N PHE A 76 -14.01 -39.62 3.98
CA PHE A 76 -12.73 -38.99 4.24
C PHE A 76 -12.55 -38.71 5.72
N PHE A 77 -11.33 -38.87 6.19
CA PHE A 77 -11.01 -38.61 7.57
C PHE A 77 -10.71 -37.12 7.75
N GLU A 78 -11.42 -36.49 8.67
CA GLU A 78 -11.23 -35.07 8.93
C GLU A 78 -10.27 -34.93 10.10
N ARG A 79 -9.07 -34.47 9.83
CA ARG A 79 -8.07 -34.29 10.87
C ARG A 79 -7.75 -32.81 11.04
N LEU A 80 -7.58 -32.39 12.28
CA LEU A 80 -7.25 -31.00 12.57
C LEU A 80 -5.75 -30.84 12.83
N GLU A 81 -5.12 -29.98 12.07
CA GLU A 81 -3.69 -29.73 12.21
C GLU A 81 -3.46 -28.55 13.15
N SER A 82 -2.21 -28.30 13.49
CA SER A 82 -1.84 -27.20 14.38
C SER A 82 -2.00 -25.85 13.68
N ASN A 83 -2.09 -25.89 12.36
CA ASN A 83 -2.26 -24.68 11.57
C ASN A 83 -3.75 -24.34 11.44
N ASN A 84 -4.57 -25.03 12.23
CA ASN A 84 -6.02 -24.84 12.28
C ASN A 84 -6.70 -25.24 10.97
N TYR A 85 -6.01 -26.01 10.16
CA TYR A 85 -6.57 -26.48 8.90
C TYR A 85 -7.04 -27.92 9.06
N ASN A 86 -8.05 -28.28 8.27
CA ASN A 86 -8.60 -29.62 8.32
C ASN A 86 -8.08 -30.43 7.14
N THR A 87 -7.42 -31.54 7.43
CA THR A 87 -6.89 -32.41 6.41
C THR A 87 -7.89 -33.51 6.09
N TYR A 88 -8.13 -33.76 4.82
CA TYR A 88 -9.07 -34.79 4.41
C TYR A 88 -8.37 -35.93 3.69
N ARG A 89 -8.36 -37.10 4.34
CA ARG A 89 -7.73 -38.29 3.78
C ARG A 89 -8.77 -39.36 3.52
N SER A 90 -8.71 -39.99 2.35
CA SER A 90 -9.66 -41.03 2.00
C SER A 90 -9.50 -42.24 2.90
N ARG A 91 -10.63 -42.86 3.26
CA ARG A 91 -10.60 -44.05 4.10
C ARG A 91 -10.10 -45.24 3.30
N LYS A 92 -10.55 -45.33 2.06
CA LYS A 92 -10.16 -46.42 1.18
C LYS A 92 -8.69 -46.25 0.81
N TYR A 93 -8.31 -45.03 0.48
CA TYR A 93 -6.94 -44.72 0.12
C TYR A 93 -6.33 -43.86 1.21
N THR A 94 -5.98 -44.51 2.32
CA THR A 94 -5.43 -43.84 3.49
C THR A 94 -4.00 -43.32 3.29
N SER A 95 -3.62 -43.11 2.04
CA SER A 95 -2.28 -42.60 1.74
C SER A 95 -2.39 -41.40 0.81
N TRP A 96 -3.61 -41.06 0.42
CA TRP A 96 -3.87 -39.92 -0.46
C TRP A 96 -4.80 -38.93 0.21
N TYR A 97 -4.61 -37.65 -0.11
CA TYR A 97 -5.42 -36.60 0.48
C TYR A 97 -6.09 -35.77 -0.61
N VAL A 98 -7.07 -34.98 -0.22
CA VAL A 98 -7.77 -34.10 -1.14
C VAL A 98 -6.99 -32.80 -1.25
N ALA A 99 -6.65 -32.40 -2.48
CA ALA A 99 -5.87 -31.18 -2.66
C ALA A 99 -6.26 -30.43 -3.92
N LEU A 100 -5.96 -29.13 -3.93
CA LEU A 100 -6.22 -28.27 -5.07
C LEU A 100 -4.92 -27.68 -5.57
N LYS A 101 -4.94 -27.16 -6.79
CA LYS A 101 -3.76 -26.55 -7.39
C LYS A 101 -3.94 -25.04 -7.47
N ARG A 102 -2.83 -24.32 -7.62
CA ARG A 102 -2.87 -22.86 -7.69
C ARG A 102 -3.54 -22.37 -8.98
N THR A 103 -3.82 -23.30 -9.89
CA THR A 103 -4.46 -22.96 -11.15
C THR A 103 -5.99 -23.03 -11.05
N GLY A 104 -6.49 -23.47 -9.90
CA GLY A 104 -7.91 -23.56 -9.70
C GLY A 104 -8.42 -24.96 -9.98
N GLN A 105 -7.54 -25.84 -10.41
CA GLN A 105 -7.92 -27.22 -10.70
C GLN A 105 -7.52 -28.10 -9.54
N TYR A 106 -8.11 -29.28 -9.46
CA TYR A 106 -7.81 -30.22 -8.39
C TYR A 106 -6.42 -30.82 -8.59
N LYS A 107 -5.85 -31.36 -7.53
CA LYS A 107 -4.53 -31.97 -7.59
C LYS A 107 -4.68 -33.48 -7.43
N LEU A 108 -3.95 -34.23 -8.24
CA LEU A 108 -3.99 -35.69 -8.18
C LEU A 108 -3.64 -36.19 -6.79
N GLY A 109 -4.54 -36.97 -6.20
CA GLY A 109 -4.32 -37.51 -4.87
C GLY A 109 -3.07 -38.34 -4.78
N SER A 110 -2.72 -38.97 -5.90
CA SER A 110 -1.53 -39.81 -5.97
C SER A 110 -0.25 -39.00 -5.75
N LYS A 111 -0.35 -37.69 -5.86
CA LYS A 111 0.80 -36.80 -5.68
C LYS A 111 0.67 -35.95 -4.41
N THR A 112 -0.27 -36.31 -3.55
CA THR A 112 -0.47 -35.57 -2.31
C THR A 112 0.29 -36.21 -1.16
N GLY A 113 0.35 -35.52 -0.02
CA GLY A 113 1.06 -36.05 1.12
C GLY A 113 1.26 -35.00 2.19
N PRO A 114 1.81 -35.40 3.36
CA PRO A 114 2.06 -34.48 4.47
C PRO A 114 3.08 -33.40 4.11
N GLY A 115 2.80 -32.18 4.52
CA GLY A 115 3.70 -31.07 4.23
C GLY A 115 3.14 -30.14 3.17
N GLN A 116 2.18 -30.64 2.41
CA GLN A 116 1.55 -29.85 1.36
C GLN A 116 0.46 -28.95 1.93
N LYS A 117 0.41 -27.72 1.47
CA LYS A 117 -0.59 -26.77 1.91
C LYS A 117 -1.87 -26.92 1.09
N ALA A 118 -1.79 -27.79 0.09
CA ALA A 118 -2.92 -28.05 -0.79
C ALA A 118 -3.96 -28.92 -0.11
N ILE A 119 -3.54 -29.62 0.92
CA ILE A 119 -4.43 -30.51 1.65
C ILE A 119 -4.95 -29.82 2.92
N LEU A 120 -4.66 -28.53 3.02
CA LEU A 120 -5.08 -27.75 4.17
C LEU A 120 -6.33 -26.94 3.84
N PHE A 121 -7.47 -27.40 4.33
CA PHE A 121 -8.74 -26.74 4.07
C PHE A 121 -9.33 -26.16 5.35
N LEU A 122 -9.89 -24.96 5.24
CA LEU A 122 -10.52 -24.30 6.37
C LEU A 122 -12.03 -24.29 6.16
N PRO A 123 -12.81 -25.01 6.98
CA PRO A 123 -14.26 -25.08 6.85
C PRO A 123 -14.96 -23.81 7.33
N MET A 124 -15.00 -22.80 6.47
CA MET A 124 -15.66 -21.55 6.80
C MET A 124 -17.16 -21.69 6.57
N SER A 125 -17.94 -20.88 7.26
CA SER A 125 -19.39 -20.93 7.12
C SER A 125 -19.82 -20.33 5.79
N ALA A 126 -20.97 -20.77 5.28
CA ALA A 126 -21.49 -20.27 4.01
C ALA A 126 -22.75 -19.44 4.25
N SER B 1 16.29 5.65 16.08
CA SER B 1 14.96 5.04 16.25
C SER B 1 14.91 3.64 15.63
N GLU B 2 13.85 2.90 15.90
CA GLU B 2 13.70 1.55 15.38
C GLU B 2 13.30 1.58 13.90
N LEU B 3 12.25 2.34 13.60
CA LEU B 3 11.77 2.46 12.23
C LEU B 3 12.82 3.13 11.35
N GLU B 4 13.54 4.07 11.94
CA GLU B 4 14.59 4.80 11.24
C GLU B 4 15.64 3.82 10.70
N LYS B 5 16.11 2.93 11.58
CA LYS B 5 17.12 1.96 11.19
C LYS B 5 16.53 0.97 10.18
N ALA B 6 15.27 0.62 10.37
CA ALA B 6 14.58 -0.31 9.48
C ALA B 6 14.48 0.28 8.08
N MET B 7 14.20 1.57 8.00
CA MET B 7 14.09 2.26 6.73
C MET B 7 15.40 2.15 5.94
N VAL B 8 16.51 2.41 6.61
CA VAL B 8 17.83 2.33 5.99
C VAL B 8 18.06 0.92 5.44
N ALA B 9 17.73 -0.07 6.25
CA ALA B 9 17.89 -1.47 5.86
C ALA B 9 17.01 -1.81 4.66
N LEU B 10 15.74 -1.40 4.73
CA LEU B 10 14.78 -1.66 3.66
C LEU B 10 15.25 -1.04 2.35
N ILE B 11 15.69 0.20 2.40
CA ILE B 11 16.16 0.91 1.21
C ILE B 11 17.37 0.20 0.61
N ASP B 12 18.29 -0.22 1.47
CA ASP B 12 19.50 -0.90 1.02
C ASP B 12 19.16 -2.24 0.36
N VAL B 13 18.33 -3.02 1.03
CA VAL B 13 17.92 -4.32 0.51
C VAL B 13 17.12 -4.16 -0.78
N PHE B 14 16.25 -3.15 -0.81
CA PHE B 14 15.43 -2.87 -1.98
C PHE B 14 16.29 -2.65 -3.21
N HIS B 15 17.25 -1.74 -3.11
CA HIS B 15 18.13 -1.42 -4.23
C HIS B 15 18.98 -2.62 -4.62
N GLN B 16 19.36 -3.42 -3.63
CA GLN B 16 20.17 -4.61 -3.88
C GLN B 16 19.41 -5.62 -4.72
N TYR B 17 18.17 -5.90 -4.34
CA TYR B 17 17.35 -6.87 -5.05
C TYR B 17 16.87 -6.32 -6.39
N SER B 18 16.64 -5.02 -6.46
CA SER B 18 16.21 -4.40 -7.72
C SER B 18 17.34 -4.38 -8.73
N GLY B 19 18.57 -4.49 -8.22
CA GLY B 19 19.73 -4.49 -9.09
C GLY B 19 19.93 -5.83 -9.79
N ARG B 20 19.12 -6.81 -9.42
CA ARG B 20 19.21 -8.14 -10.01
C ARG B 20 18.47 -8.19 -11.35
N GLU B 21 17.61 -7.20 -11.57
CA GLU B 21 16.84 -7.11 -12.80
C GLU B 21 17.72 -6.60 -13.94
N GLY B 22 18.44 -5.54 -13.66
CA GLY B 22 19.32 -4.94 -14.64
C GLY B 22 19.69 -3.54 -14.23
N ASP B 23 18.72 -2.84 -13.67
CA ASP B 23 18.93 -1.49 -13.18
C ASP B 23 19.18 -1.55 -11.67
N LYS B 24 18.50 -0.71 -10.91
CA LYS B 24 18.65 -0.68 -9.46
C LYS B 24 17.51 0.10 -8.83
N HIS B 25 16.34 0.08 -9.48
CA HIS B 25 15.19 0.82 -8.98
C HIS B 25 13.90 0.00 -9.03
N LYS B 26 13.87 -1.06 -9.83
CA LYS B 26 12.66 -1.87 -9.95
C LYS B 26 12.99 -3.36 -9.90
N LEU B 27 12.01 -4.15 -9.51
CA LEU B 27 12.17 -5.59 -9.45
C LEU B 27 11.50 -6.23 -10.66
N LYS B 28 11.81 -7.48 -10.96
CA LYS B 28 11.23 -8.14 -12.11
C LYS B 28 10.41 -9.37 -11.71
N LYS B 29 9.48 -9.17 -10.77
CA LYS B 29 8.58 -10.22 -10.28
C LYS B 29 9.31 -11.34 -9.52
N SER B 30 10.16 -12.08 -10.22
CA SER B 30 10.90 -13.19 -9.62
C SER B 30 11.74 -12.73 -8.43
N GLU B 31 12.28 -11.52 -8.54
CA GLU B 31 13.09 -10.93 -7.49
C GLU B 31 12.27 -10.75 -6.20
N LEU B 32 10.96 -10.61 -6.35
CA LEU B 32 10.08 -10.45 -5.20
C LEU B 32 10.00 -11.77 -4.44
N LYS B 33 9.98 -12.87 -5.20
CA LYS B 33 9.93 -14.20 -4.62
C LYS B 33 11.26 -14.48 -3.94
N GLU B 34 12.33 -13.93 -4.49
CA GLU B 34 13.67 -14.09 -3.94
C GLU B 34 13.71 -13.48 -2.55
N LEU B 35 13.05 -12.35 -2.38
CA LEU B 35 12.99 -11.68 -1.09
C LEU B 35 12.32 -12.58 -0.05
N ILE B 36 11.21 -13.19 -0.45
CA ILE B 36 10.47 -14.08 0.44
C ILE B 36 11.27 -15.35 0.77
N ASN B 37 11.97 -15.86 -0.24
CA ASN B 37 12.76 -17.09 -0.06
C ASN B 37 14.12 -16.84 0.60
N ASN B 38 14.44 -15.59 0.89
CA ASN B 38 15.73 -15.27 1.50
C ASN B 38 15.56 -14.55 2.83
N GLU B 39 14.58 -13.67 2.90
CA GLU B 39 14.34 -12.90 4.11
C GLU B 39 13.21 -13.49 4.95
N LEU B 40 12.09 -13.76 4.32
CA LEU B 40 10.92 -14.28 5.03
C LEU B 40 10.88 -15.82 5.02
N SER B 41 12.00 -16.44 4.66
CA SER B 41 12.08 -17.89 4.60
C SER B 41 12.03 -18.51 6.00
N HIS B 42 12.14 -17.67 7.01
CA HIS B 42 12.11 -18.14 8.39
C HIS B 42 10.76 -17.79 9.03
N PHE B 43 9.93 -17.06 8.30
CA PHE B 43 8.63 -16.65 8.81
C PHE B 43 7.54 -17.60 8.33
N LEU B 44 7.35 -17.69 7.03
CA LEU B 44 6.32 -18.55 6.46
C LEU B 44 6.93 -19.85 5.93
N GLU B 45 6.08 -20.81 5.61
CA GLU B 45 6.53 -22.10 5.11
C GLU B 45 5.75 -22.51 3.87
N GLU B 46 4.85 -21.63 3.42
CA GLU B 46 4.04 -21.90 2.25
C GLU B 46 4.87 -21.83 0.97
N ILE B 47 4.66 -20.77 0.18
CA ILE B 47 5.37 -20.58 -1.08
C ILE B 47 5.24 -21.84 -1.96
N LYS B 48 6.22 -22.06 -2.85
CA LYS B 48 6.24 -23.22 -3.76
C LYS B 48 5.16 -23.11 -4.84
N GLU B 49 3.93 -22.87 -4.44
CA GLU B 49 2.82 -22.74 -5.39
C GLU B 49 2.54 -21.29 -5.71
N GLN B 50 3.36 -20.40 -5.11
CA GLN B 50 3.27 -18.96 -5.32
C GLN B 50 1.97 -18.35 -4.80
N GLU B 51 1.50 -18.78 -3.62
CA GLU B 51 0.27 -18.25 -3.04
C GLU B 51 0.34 -16.73 -2.89
N VAL B 52 1.22 -16.29 -1.99
CA VAL B 52 1.39 -14.88 -1.73
C VAL B 52 1.97 -14.14 -2.93
N VAL B 53 2.81 -14.82 -3.70
CA VAL B 53 3.44 -14.21 -4.87
C VAL B 53 2.41 -13.86 -5.94
N ASP B 54 1.44 -14.74 -6.13
CA ASP B 54 0.38 -14.52 -7.12
C ASP B 54 -0.57 -13.42 -6.65
N LYS B 55 -0.79 -13.35 -5.35
CA LYS B 55 -1.69 -12.35 -4.78
C LYS B 55 -1.06 -10.96 -4.70
N VAL B 56 0.21 -10.87 -4.35
CA VAL B 56 0.87 -9.56 -4.24
C VAL B 56 0.94 -8.86 -5.59
N MET B 57 1.03 -9.63 -6.67
CA MET B 57 1.10 -9.07 -8.01
C MET B 57 -0.19 -8.36 -8.40
N GLU B 58 -1.24 -8.62 -7.66
CA GLU B 58 -2.54 -8.03 -7.92
C GLU B 58 -2.66 -6.66 -7.25
N THR B 59 -1.93 -6.48 -6.16
CA THR B 59 -1.96 -5.22 -5.42
C THR B 59 -0.73 -4.36 -5.68
N LEU B 60 0.40 -5.02 -5.90
CA LEU B 60 1.68 -4.33 -6.14
C LEU B 60 1.63 -3.51 -7.44
N ASP B 61 1.29 -4.19 -8.54
CA ASP B 61 1.20 -3.52 -9.83
C ASP B 61 -0.05 -2.67 -9.91
N ASN B 62 -0.02 -1.55 -9.19
CA ASN B 62 -1.12 -0.62 -9.16
C ASN B 62 -1.06 0.30 -10.37
N ASP B 63 0.02 0.19 -11.11
CA ASP B 63 0.21 1.01 -12.30
C ASP B 63 -0.37 0.30 -13.53
N GLY B 64 -0.12 -0.99 -13.62
CA GLY B 64 -0.62 -1.75 -14.75
C GLY B 64 0.43 -1.94 -15.81
N ASP B 65 1.56 -2.49 -15.40
CA ASP B 65 2.68 -2.72 -16.31
C ASP B 65 3.57 -3.83 -15.77
N GLY B 66 3.68 -3.90 -14.45
CA GLY B 66 4.53 -4.89 -13.83
C GLY B 66 5.78 -4.26 -13.27
N GLU B 67 5.78 -2.93 -13.22
CA GLU B 67 6.91 -2.17 -12.72
C GLU B 67 6.76 -1.90 -11.23
N CYS B 68 7.74 -2.35 -10.45
CA CYS B 68 7.72 -2.15 -9.01
C CYS B 68 8.01 -0.69 -8.66
N ASP B 69 7.75 -0.34 -7.40
CA ASP B 69 7.96 1.03 -6.92
C ASP B 69 8.14 1.01 -5.41
N PHE B 70 8.73 2.08 -4.88
CA PHE B 70 8.97 2.19 -3.45
C PHE B 70 7.66 2.08 -2.65
N GLN B 71 6.57 2.53 -3.25
CA GLN B 71 5.27 2.49 -2.59
C GLN B 71 4.76 1.05 -2.44
N GLU B 72 4.79 0.29 -3.53
CA GLU B 72 4.31 -1.09 -3.50
C GLU B 72 5.30 -2.01 -2.82
N PHE B 73 6.57 -1.64 -2.82
CA PHE B 73 7.60 -2.45 -2.17
C PHE B 73 7.30 -2.66 -0.69
N MET B 74 6.95 -1.59 0.00
CA MET B 74 6.65 -1.68 1.41
C MET B 74 5.27 -2.30 1.61
N ALA B 75 4.37 -2.07 0.65
CA ALA B 75 3.03 -2.64 0.71
C ALA B 75 3.12 -4.15 0.53
N PHE B 76 4.13 -4.57 -0.22
CA PHE B 76 4.40 -5.97 -0.48
C PHE B 76 4.68 -6.69 0.82
N VAL B 77 5.48 -6.05 1.67
CA VAL B 77 5.83 -6.62 2.96
C VAL B 77 4.59 -6.75 3.82
N ALA B 78 3.73 -5.74 3.76
CA ALA B 78 2.49 -5.75 4.52
C ALA B 78 1.59 -6.86 4.03
N MET B 79 1.48 -6.98 2.72
CA MET B 79 0.64 -7.99 2.09
C MET B 79 1.05 -9.40 2.52
N VAL B 80 2.33 -9.74 2.34
CA VAL B 80 2.81 -11.07 2.70
C VAL B 80 2.68 -11.34 4.21
N THR B 81 2.97 -10.33 5.02
CA THR B 81 2.90 -10.46 6.48
C THR B 81 1.46 -10.68 6.94
N THR B 82 0.55 -9.85 6.47
CA THR B 82 -0.84 -9.95 6.87
C THR B 82 -1.52 -11.18 6.26
N ALA B 83 -1.23 -11.46 4.98
CA ALA B 83 -1.84 -12.60 4.30
C ALA B 83 -1.50 -13.92 4.99
N CYS B 84 -0.22 -14.13 5.29
CA CYS B 84 0.22 -15.35 5.95
C CYS B 84 -0.40 -15.49 7.33
N HIS B 85 -0.50 -14.36 8.02
CA HIS B 85 -1.07 -14.35 9.36
C HIS B 85 -2.58 -14.57 9.33
N GLU B 86 -3.27 -13.87 8.44
CA GLU B 86 -4.72 -13.98 8.33
C GLU B 86 -5.15 -15.25 7.60
N PHE B 87 -4.20 -16.08 7.22
CA PHE B 87 -4.51 -17.33 6.56
C PHE B 87 -5.13 -18.29 7.57
N PHE B 88 -4.88 -18.00 8.85
CA PHE B 88 -5.40 -18.81 9.94
C PHE B 88 -6.91 -18.63 10.10
N GLU B 89 -7.44 -17.56 9.51
CA GLU B 89 -8.86 -17.25 9.59
C GLU B 89 -9.21 -16.12 8.61
N HIS B 90 -9.95 -16.46 7.57
CA HIS B 90 -10.36 -15.49 6.57
C HIS B 90 -11.87 -15.54 6.35
N GLU B 91 -12.43 -14.44 5.87
CA GLU B 91 -13.86 -14.37 5.60
C GLU B 91 -14.17 -15.05 4.27
N SER C 1 17.66 -12.73 9.13
CA SER C 1 17.56 -11.89 7.93
C SER C 1 17.30 -10.43 8.32
N GLU C 2 17.49 -9.52 7.38
CA GLU C 2 17.30 -8.10 7.62
C GLU C 2 15.82 -7.77 7.73
N LEU C 3 15.05 -8.17 6.72
CA LEU C 3 13.61 -7.92 6.71
C LEU C 3 12.92 -8.69 7.82
N GLU C 4 13.43 -9.89 8.10
CA GLU C 4 12.88 -10.73 9.15
C GLU C 4 12.92 -10.01 10.49
N LYS C 5 14.08 -9.47 10.82
CA LYS C 5 14.26 -8.74 12.07
C LYS C 5 13.43 -7.46 12.06
N ALA C 6 13.39 -6.80 10.91
CA ALA C 6 12.63 -5.57 10.75
C ALA C 6 11.14 -5.83 10.98
N MET C 7 10.66 -6.96 10.49
CA MET C 7 9.26 -7.35 10.65
C MET C 7 8.89 -7.42 12.12
N VAL C 8 9.74 -8.10 12.90
CA VAL C 8 9.50 -8.24 14.34
C VAL C 8 9.42 -6.88 15.00
N ALA C 9 10.35 -6.00 14.65
CA ALA C 9 10.40 -4.65 15.20
C ALA C 9 9.15 -3.86 14.79
N LEU C 10 8.79 -3.93 13.52
CA LEU C 10 7.62 -3.22 13.01
C LEU C 10 6.35 -3.67 13.73
N ILE C 11 6.20 -4.98 13.90
CA ILE C 11 5.03 -5.53 14.58
C ILE C 11 4.99 -5.08 16.04
N ASP C 12 6.13 -5.12 16.71
CA ASP C 12 6.21 -4.71 18.10
C ASP C 12 5.89 -3.24 18.26
N VAL C 13 6.49 -2.41 17.41
CA VAL C 13 6.26 -0.97 17.44
C VAL C 13 4.81 -0.65 17.09
N PHE C 14 4.29 -1.35 16.09
CA PHE C 14 2.90 -1.16 15.66
C PHE C 14 1.93 -1.33 16.83
N HIS C 15 2.05 -2.44 17.53
CA HIS C 15 1.17 -2.72 18.67
C HIS C 15 1.39 -1.73 19.80
N GLN C 16 2.61 -1.23 19.92
CA GLN C 16 2.93 -0.26 20.96
C GLN C 16 2.20 1.06 20.75
N TYR C 17 2.19 1.52 19.50
CA TYR C 17 1.54 2.79 19.17
C TYR C 17 0.03 2.63 19.04
N SER C 18 -0.43 1.47 18.61
CA SER C 18 -1.86 1.24 18.46
C SER C 18 -2.53 1.11 19.84
N GLY C 19 -1.73 0.74 20.83
CA GLY C 19 -2.24 0.59 22.18
C GLY C 19 -2.48 1.94 22.85
N ARG C 20 -2.02 3.00 22.20
CA ARG C 20 -2.19 4.35 22.74
C ARG C 20 -3.62 4.83 22.51
N GLU C 21 -4.27 4.25 21.51
CA GLU C 21 -5.65 4.60 21.19
C GLU C 21 -6.59 4.12 22.28
N GLY C 22 -6.47 2.85 22.62
CA GLY C 22 -7.31 2.24 23.63
C GLY C 22 -7.14 0.74 23.63
N ASP C 23 -7.19 0.16 22.44
CA ASP C 23 -7.02 -1.27 22.28
C ASP C 23 -5.54 -1.58 22.04
N LYS C 24 -5.21 -2.14 20.88
CA LYS C 24 -3.83 -2.47 20.53
C LYS C 24 -3.77 -3.06 19.14
N HIS C 25 -4.68 -2.62 18.28
CA HIS C 25 -4.74 -3.14 16.92
C HIS C 25 -4.88 -2.02 15.88
N LYS C 26 -5.31 -0.85 16.29
CA LYS C 26 -5.49 0.26 15.35
C LYS C 26 -4.94 1.57 15.92
N LEU C 27 -4.66 2.51 15.03
CA LEU C 27 -4.16 3.81 15.42
C LEU C 27 -5.28 4.84 15.26
N LYS C 28 -5.21 5.93 16.01
CA LYS C 28 -6.25 6.95 15.96
C LYS C 28 -5.73 8.26 15.32
N LYS C 29 -5.18 8.14 14.11
CA LYS C 29 -4.66 9.28 13.34
C LYS C 29 -3.47 9.98 14.02
N SER C 30 -3.69 10.55 15.19
CA SER C 30 -2.65 11.26 15.95
C SER C 30 -1.45 10.35 16.21
N GLU C 31 -1.72 9.08 16.49
CA GLU C 31 -0.66 8.12 16.76
C GLU C 31 0.24 7.93 15.54
N LEU C 32 -0.31 8.18 14.35
CA LEU C 32 0.45 8.06 13.12
C LEU C 32 1.48 9.19 13.08
N LYS C 33 1.05 10.36 13.51
CA LYS C 33 1.92 11.53 13.56
C LYS C 33 2.99 11.31 14.63
N GLU C 34 2.60 10.63 15.70
CA GLU C 34 3.51 10.33 16.79
C GLU C 34 4.66 9.48 16.27
N LEU C 35 4.35 8.53 15.40
CA LEU C 35 5.35 7.66 14.80
C LEU C 35 6.36 8.48 14.01
N ILE C 36 5.85 9.44 13.26
CA ILE C 36 6.70 10.29 12.44
C ILE C 36 7.56 11.21 13.30
N ASN C 37 6.96 11.76 14.36
CA ASN C 37 7.65 12.68 15.25
C ASN C 37 8.56 11.97 16.26
N ASN C 38 8.58 10.65 16.26
CA ASN C 38 9.42 9.91 17.18
C ASN C 38 10.40 8.99 16.46
N GLU C 39 9.95 8.37 15.40
CA GLU C 39 10.80 7.45 14.65
C GLU C 39 11.47 8.13 13.46
N LEU C 40 10.67 8.82 12.65
CA LEU C 40 11.18 9.48 11.45
C LEU C 40 11.57 10.94 11.72
N SER C 41 11.69 11.29 12.98
CA SER C 41 12.04 12.66 13.37
C SER C 41 13.51 12.97 13.07
N HIS C 42 14.23 11.99 12.54
CA HIS C 42 15.63 12.17 12.19
C HIS C 42 15.80 12.01 10.68
N PHE C 43 14.71 11.72 9.99
CA PHE C 43 14.76 11.54 8.55
C PHE C 43 14.26 12.79 7.82
N LEU C 44 13.08 13.26 8.19
CA LEU C 44 12.50 14.44 7.55
C LEU C 44 12.49 15.62 8.52
N GLU C 45 12.23 16.81 8.00
CA GLU C 45 12.19 18.01 8.82
C GLU C 45 10.94 18.84 8.52
N GLU C 46 10.05 18.28 7.72
CA GLU C 46 8.82 18.96 7.36
C GLU C 46 7.82 18.93 8.52
N ILE C 47 6.73 18.18 8.36
CA ILE C 47 5.69 18.07 9.39
C ILE C 47 5.20 19.47 9.79
N LYS C 48 4.67 19.60 11.02
CA LYS C 48 4.17 20.88 11.54
C LYS C 48 2.85 21.28 10.88
N GLU C 49 2.84 21.29 9.54
CA GLU C 49 1.64 21.66 8.80
C GLU C 49 0.88 20.40 8.37
N GLN C 50 1.41 19.24 8.78
CA GLN C 50 0.80 17.95 8.51
C GLN C 50 0.76 17.61 7.01
N GLU C 51 1.83 17.90 6.29
CA GLU C 51 1.89 17.62 4.85
C GLU C 51 1.68 16.14 4.57
N VAL C 52 2.62 15.32 5.03
CA VAL C 52 2.55 13.88 4.82
C VAL C 52 1.39 13.27 5.60
N VAL C 53 1.07 13.84 6.75
CA VAL C 53 -0.01 13.32 7.59
C VAL C 53 -1.37 13.47 6.89
N ASP C 54 -1.56 14.58 6.20
CA ASP C 54 -2.81 14.83 5.49
C ASP C 54 -2.92 13.94 4.27
N LYS C 55 -1.79 13.70 3.61
CA LYS C 55 -1.77 12.87 2.40
C LYS C 55 -1.89 11.38 2.71
N VAL C 56 -1.23 10.91 3.77
CA VAL C 56 -1.29 9.49 4.11
C VAL C 56 -2.71 9.06 4.48
N MET C 57 -3.49 9.99 5.04
CA MET C 57 -4.85 9.70 5.43
C MET C 57 -5.75 9.50 4.22
N GLU C 58 -5.22 9.82 3.05
CA GLU C 58 -5.96 9.67 1.80
C GLU C 58 -5.68 8.32 1.16
N THR C 59 -4.61 7.67 1.62
CA THR C 59 -4.23 6.37 1.08
C THR C 59 -4.38 5.26 2.12
N LEU C 60 -4.13 5.59 3.38
CA LEU C 60 -4.23 4.64 4.49
C LEU C 60 -5.67 4.17 4.68
N ASP C 61 -6.58 5.12 4.82
CA ASP C 61 -7.99 4.80 5.02
C ASP C 61 -8.61 4.32 3.71
N ASN C 62 -8.25 3.11 3.31
CA ASN C 62 -8.76 2.51 2.10
C ASN C 62 -10.12 1.89 2.36
N ASP C 63 -10.47 1.79 3.63
CA ASP C 63 -11.74 1.22 4.04
C ASP C 63 -12.84 2.28 4.05
N GLY C 64 -12.48 3.48 4.47
CA GLY C 64 -13.43 4.57 4.52
C GLY C 64 -14.10 4.65 5.88
N ASP C 65 -13.29 4.69 6.93
CA ASP C 65 -13.81 4.76 8.29
C ASP C 65 -12.78 5.37 9.24
N GLY C 66 -11.52 5.36 8.84
CA GLY C 66 -10.48 5.92 9.69
C GLY C 66 -9.88 4.86 10.60
N GLU C 67 -10.06 3.61 10.21
CA GLU C 67 -9.56 2.48 10.97
C GLU C 67 -8.29 1.94 10.32
N CYS C 68 -7.18 2.02 11.04
CA CYS C 68 -5.90 1.54 10.54
C CYS C 68 -5.87 0.02 10.45
N ASP C 69 -4.86 -0.50 9.77
CA ASP C 69 -4.70 -1.94 9.57
C ASP C 69 -3.25 -2.26 9.22
N PHE C 70 -2.85 -3.52 9.39
CA PHE C 70 -1.49 -3.93 9.09
C PHE C 70 -1.10 -3.63 7.64
N GLN C 71 -2.07 -3.66 6.74
CA GLN C 71 -1.83 -3.39 5.33
C GLN C 71 -1.44 -1.93 5.09
N GLU C 72 -2.22 -1.01 5.66
CA GLU C 72 -1.96 0.42 5.46
C GLU C 72 -0.81 0.91 6.34
N PHE C 73 -0.55 0.20 7.43
CA PHE C 73 0.53 0.57 8.34
C PHE C 73 1.87 0.59 7.63
N MET C 74 2.16 -0.47 6.89
CA MET C 74 3.43 -0.55 6.16
C MET C 74 3.38 0.35 4.94
N ALA C 75 2.20 0.54 4.38
CA ALA C 75 2.03 1.42 3.22
C ALA C 75 2.27 2.86 3.65
N PHE C 76 1.95 3.14 4.92
CA PHE C 76 2.15 4.44 5.51
C PHE C 76 3.62 4.79 5.51
N VAL C 77 4.45 3.81 5.87
CA VAL C 77 5.89 4.00 5.89
C VAL C 77 6.39 4.29 4.49
N ALA C 78 5.85 3.56 3.51
CA ALA C 78 6.23 3.75 2.12
C ALA C 78 5.85 5.14 1.64
N MET C 79 4.64 5.55 2.00
CA MET C 79 4.12 6.86 1.61
C MET C 79 5.01 7.98 2.12
N VAL C 80 5.25 8.02 3.43
CA VAL C 80 6.07 9.08 4.02
C VAL C 80 7.51 9.07 3.47
N THR C 81 8.06 7.88 3.27
CA THR C 81 9.43 7.75 2.77
C THR C 81 9.55 8.25 1.33
N THR C 82 8.66 7.79 0.46
CA THR C 82 8.68 8.18 -0.94
C THR C 82 8.28 9.65 -1.12
N ALA C 83 7.26 10.08 -0.38
CA ALA C 83 6.78 11.45 -0.49
C ALA C 83 7.86 12.47 -0.15
N CYS C 84 8.53 12.26 0.98
CA CYS C 84 9.58 13.17 1.41
C CYS C 84 10.74 13.17 0.42
N HIS C 85 11.03 12.01 -0.15
CA HIS C 85 12.12 11.86 -1.10
C HIS C 85 11.77 12.50 -2.45
N GLU C 86 10.59 12.18 -2.95
CA GLU C 86 10.15 12.69 -4.25
C GLU C 86 9.71 14.16 -4.17
N PHE C 87 9.75 14.73 -2.98
CA PHE C 87 9.38 16.14 -2.80
C PHE C 87 10.42 17.02 -3.48
N PHE C 88 11.61 16.45 -3.70
CA PHE C 88 12.71 17.16 -4.34
C PHE C 88 12.41 17.39 -5.82
N GLU C 89 11.50 16.59 -6.38
CA GLU C 89 11.12 16.71 -7.79
C GLU C 89 9.85 15.92 -8.10
N HIS C 90 8.74 16.63 -8.23
CA HIS C 90 7.46 15.99 -8.54
C HIS C 90 6.96 16.46 -9.90
N GLU C 91 6.10 15.65 -10.51
CA GLU C 91 5.52 16.00 -11.81
C GLU C 91 4.45 17.07 -11.61
N ASP D 1 8.90 28.73 -20.79
CA ASP D 1 8.84 30.07 -20.15
C ASP D 1 7.87 30.08 -18.96
N PRO D 2 6.55 29.80 -19.14
CA PRO D 2 5.61 29.77 -18.01
C PRO D 2 5.96 28.65 -17.03
N LYS D 3 6.00 29.00 -15.75
CA LYS D 3 6.32 28.04 -14.70
C LYS D 3 5.21 27.98 -13.66
N ARG D 4 5.17 26.88 -12.92
CA ARG D 4 4.18 26.68 -11.88
C ARG D 4 4.90 26.47 -10.55
N LEU D 5 4.85 27.46 -9.69
CA LEU D 5 5.52 27.40 -8.39
C LEU D 5 4.82 26.42 -7.46
N TYR D 6 5.51 25.32 -7.18
CA TYR D 6 4.99 24.29 -6.30
C TYR D 6 5.58 24.45 -4.90
N CYS D 7 4.72 24.58 -3.90
CA CYS D 7 5.18 24.73 -2.52
C CYS D 7 5.15 23.39 -1.78
N LYS D 8 6.20 23.12 -1.03
CA LYS D 8 6.29 21.87 -0.27
C LYS D 8 5.33 21.89 0.92
N ASN D 9 5.09 23.08 1.44
CA ASN D 9 4.22 23.26 2.60
C ASN D 9 2.75 23.09 2.21
N GLY D 10 2.31 21.86 2.13
CA GLY D 10 0.92 21.57 1.78
C GLY D 10 0.78 20.99 0.39
N GLY D 11 1.76 21.28 -0.46
CA GLY D 11 1.72 20.78 -1.83
C GLY D 11 0.73 21.56 -2.67
N PHE D 12 0.89 22.87 -2.71
CA PHE D 12 0.01 23.72 -3.48
C PHE D 12 0.78 24.56 -4.50
N PHE D 13 0.11 24.89 -5.59
CA PHE D 13 0.71 25.71 -6.63
C PHE D 13 0.22 27.14 -6.46
N LEU D 14 1.11 28.10 -6.65
CA LEU D 14 0.75 29.51 -6.52
C LEU D 14 -0.21 29.91 -7.65
N ARG D 15 -1.45 30.22 -7.27
CA ARG D 15 -2.47 30.57 -8.24
C ARG D 15 -2.86 32.05 -8.11
N ILE D 16 -2.69 32.78 -9.20
CA ILE D 16 -3.03 34.20 -9.23
C ILE D 16 -4.39 34.39 -9.90
N HIS D 17 -5.26 35.15 -9.26
CA HIS D 17 -6.59 35.41 -9.81
C HIS D 17 -6.61 36.77 -10.51
N PRO D 18 -7.34 36.88 -11.64
CA PRO D 18 -7.44 38.13 -12.41
C PRO D 18 -8.02 39.28 -11.59
N ASP D 19 -8.66 38.96 -10.48
CA ASP D 19 -9.25 39.96 -9.61
C ASP D 19 -8.21 40.58 -8.69
N GLY D 20 -7.10 39.87 -8.47
CA GLY D 20 -6.05 40.38 -7.61
C GLY D 20 -5.75 39.48 -6.43
N ARG D 21 -6.64 38.54 -6.15
CA ARG D 21 -6.45 37.62 -5.03
C ARG D 21 -5.52 36.49 -5.42
N VAL D 22 -4.74 36.01 -4.45
CA VAL D 22 -3.79 34.93 -4.67
C VAL D 22 -4.02 33.81 -3.67
N ASP D 23 -3.99 32.57 -4.15
CA ASP D 23 -4.18 31.40 -3.28
C ASP D 23 -3.44 30.20 -3.85
N GLY D 24 -3.55 29.05 -3.20
CA GLY D 24 -2.85 27.87 -3.67
C GLY D 24 -3.79 26.72 -3.95
N VAL D 25 -3.57 26.02 -5.05
CA VAL D 25 -4.39 24.88 -5.44
C VAL D 25 -3.51 23.67 -5.74
N ARG D 26 -4.02 22.48 -5.49
CA ARG D 26 -3.26 21.24 -5.74
C ARG D 26 -3.42 20.80 -7.19
N GLU D 27 -4.59 21.04 -7.75
CA GLU D 27 -4.88 20.68 -9.13
C GLU D 27 -4.02 21.49 -10.10
N LYS D 28 -3.29 20.79 -10.95
CA LYS D 28 -2.40 21.43 -11.93
C LYS D 28 -3.15 21.71 -13.23
N SER D 29 -4.44 21.44 -13.24
CA SER D 29 -5.27 21.66 -14.41
C SER D 29 -5.76 23.11 -14.48
N ASP D 30 -5.43 23.88 -13.47
CA ASP D 30 -5.82 25.29 -13.40
C ASP D 30 -4.86 26.14 -14.21
N PRO D 31 -5.37 26.94 -15.17
CA PRO D 31 -4.54 27.80 -16.02
C PRO D 31 -4.04 29.05 -15.29
N HIS D 32 -4.55 29.29 -14.10
CA HIS D 32 -4.16 30.46 -13.32
C HIS D 32 -2.88 30.21 -12.53
N ILE D 33 -2.33 29.00 -12.65
CA ILE D 33 -1.09 28.66 -11.94
C ILE D 33 0.11 28.90 -12.84
N LYS D 34 -0.16 29.33 -14.07
CA LYS D 34 0.89 29.62 -15.03
C LYS D 34 1.48 30.99 -14.74
N LEU D 35 2.66 31.01 -14.15
CA LEU D 35 3.31 32.26 -13.80
C LEU D 35 4.56 32.48 -14.63
N GLN D 36 4.80 33.73 -14.97
CA GLN D 36 5.96 34.11 -15.76
C GLN D 36 6.97 34.80 -14.85
N LEU D 37 8.20 34.32 -14.87
CA LEU D 37 9.24 34.89 -14.03
C LEU D 37 10.12 35.87 -14.81
N GLN D 38 9.69 37.13 -14.87
CA GLN D 38 10.44 38.15 -15.58
C GLN D 38 11.63 38.58 -14.73
N ALA D 39 12.83 38.48 -15.27
CA ALA D 39 14.02 38.86 -14.54
C ALA D 39 14.41 40.31 -14.79
N GLU D 40 14.74 41.01 -13.72
CA GLU D 40 15.16 42.40 -13.81
C GLU D 40 16.67 42.48 -13.60
N GLU D 41 17.09 42.25 -12.37
CA GLU D 41 18.49 42.26 -12.01
C GLU D 41 18.94 40.83 -11.70
N ARG D 42 20.23 40.63 -11.56
CA ARG D 42 20.77 39.31 -11.26
C ARG D 42 20.24 38.79 -9.92
N GLY D 43 19.20 37.95 -10.01
CA GLY D 43 18.61 37.39 -8.81
C GLY D 43 17.26 37.99 -8.47
N VAL D 44 16.86 39.01 -9.23
CA VAL D 44 15.59 39.67 -9.00
C VAL D 44 14.59 39.34 -10.09
N VAL D 45 13.47 38.73 -9.71
CA VAL D 45 12.45 38.34 -10.66
C VAL D 45 11.08 38.87 -10.24
N SER D 46 10.20 39.03 -11.20
CA SER D 46 8.85 39.50 -10.96
C SER D 46 7.86 38.43 -11.38
N ILE D 47 7.08 37.93 -10.41
CA ILE D 47 6.10 36.90 -10.68
C ILE D 47 4.84 37.48 -11.33
N LYS D 48 4.64 37.14 -12.58
CA LYS D 48 3.49 37.64 -13.34
C LYS D 48 2.53 36.49 -13.70
N GLY D 49 1.25 36.71 -13.46
CA GLY D 49 0.27 35.70 -13.79
C GLY D 49 -0.16 35.79 -15.25
N VAL D 50 -0.02 34.69 -15.99
CA VAL D 50 -0.38 34.67 -17.40
C VAL D 50 -1.87 34.99 -17.61
N SER D 51 -2.73 34.12 -17.11
CA SER D 51 -4.17 34.33 -17.23
C SER D 51 -4.67 35.28 -16.14
N ALA D 52 -4.13 36.49 -16.17
CA ALA D 52 -4.47 37.53 -15.20
C ALA D 52 -3.84 38.85 -15.60
N ASN D 53 -2.61 38.77 -16.13
CA ASN D 53 -1.85 39.95 -16.56
C ASN D 53 -1.56 40.85 -15.36
N ARG D 54 -1.38 40.23 -14.21
CA ARG D 54 -1.11 40.95 -12.98
C ARG D 54 0.20 40.44 -12.36
N TYR D 55 0.89 41.32 -11.66
CA TYR D 55 2.16 40.97 -11.02
C TYR D 55 1.96 40.79 -9.53
N LEU D 56 2.66 39.83 -8.96
CA LEU D 56 2.56 39.55 -7.53
C LEU D 56 3.23 40.68 -6.75
N ALA D 57 2.54 41.18 -5.73
CA ALA D 57 3.07 42.26 -4.92
C ALA D 57 2.80 42.01 -3.44
N MET D 58 3.73 42.42 -2.61
CA MET D 58 3.59 42.27 -1.17
C MET D 58 3.35 43.65 -0.56
N LYS D 59 2.46 43.71 0.43
CA LYS D 59 2.15 44.98 1.07
C LYS D 59 2.93 45.15 2.37
N GLU D 60 2.96 46.37 2.89
CA GLU D 60 3.70 46.69 4.11
C GLU D 60 3.12 46.01 5.33
N ASP D 61 1.91 45.49 5.22
CA ASP D 61 1.28 44.82 6.36
C ASP D 61 1.50 43.31 6.29
N GLY D 62 2.18 42.86 5.23
CA GLY D 62 2.47 41.45 5.08
C GLY D 62 1.49 40.73 4.17
N ARG D 63 0.58 41.47 3.56
CA ARG D 63 -0.39 40.87 2.66
C ARG D 63 0.23 40.57 1.30
N LEU D 64 -0.33 39.59 0.62
CA LEU D 64 0.14 39.21 -0.70
C LEU D 64 -1.01 39.29 -1.70
N LEU D 65 -0.81 40.03 -2.78
CA LEU D 65 -1.84 40.19 -3.79
C LEU D 65 -1.21 40.39 -5.16
N ALA D 66 -2.05 40.55 -6.17
CA ALA D 66 -1.58 40.76 -7.52
C ALA D 66 -2.09 42.09 -8.06
N SER D 67 -1.17 42.93 -8.50
CA SER D 67 -1.54 44.23 -9.04
C SER D 67 -1.24 44.31 -10.53
N LYS D 68 -2.01 45.14 -11.22
CA LYS D 68 -1.83 45.31 -12.67
C LYS D 68 -0.68 46.27 -12.95
N SER D 69 -0.20 46.91 -11.91
CA SER D 69 0.91 47.85 -12.01
C SER D 69 2.16 47.27 -11.36
N VAL D 70 3.29 47.37 -12.04
CA VAL D 70 4.55 46.84 -11.52
C VAL D 70 5.21 47.84 -10.56
N THR D 71 4.99 47.64 -9.27
CA THR D 71 5.58 48.52 -8.26
C THR D 71 6.91 47.93 -7.79
N ASP D 72 7.54 48.60 -6.83
CA ASP D 72 8.81 48.15 -6.29
C ASP D 72 8.61 46.99 -5.32
N GLU D 73 7.35 46.60 -5.17
CA GLU D 73 7.01 45.50 -4.28
C GLU D 73 6.85 44.21 -5.09
N CYS D 74 6.81 44.34 -6.41
CA CYS D 74 6.66 43.19 -7.30
C CYS D 74 8.00 42.55 -7.61
N PHE D 75 9.06 43.09 -7.04
CA PHE D 75 10.40 42.56 -7.29
C PHE D 75 10.81 41.66 -6.14
N PHE D 76 10.97 40.38 -6.44
CA PHE D 76 11.35 39.39 -5.45
C PHE D 76 12.69 38.76 -5.81
N PHE D 77 13.49 38.50 -4.78
CA PHE D 77 14.79 37.88 -4.96
C PHE D 77 14.61 36.37 -5.00
N GLU D 78 15.08 35.75 -6.06
CA GLU D 78 14.98 34.31 -6.20
C GLU D 78 16.26 33.64 -5.75
N ARG D 79 16.23 33.02 -4.58
CA ARG D 79 17.40 32.35 -4.04
C ARG D 79 17.22 30.84 -4.09
N LEU D 80 18.27 30.14 -4.49
CA LEU D 80 18.23 28.68 -4.57
C LEU D 80 18.83 28.07 -3.30
N GLU D 81 18.05 27.25 -2.62
CA GLU D 81 18.51 26.59 -1.40
C GLU D 81 19.14 25.25 -1.72
N SER D 82 19.62 24.56 -0.70
CA SER D 82 20.26 23.26 -0.86
C SER D 82 19.22 22.15 -1.01
N ASN D 83 17.96 22.52 -0.85
CA ASN D 83 16.86 21.56 -0.98
C ASN D 83 16.23 21.70 -2.37
N ASN D 84 16.97 22.39 -3.25
CA ASN D 84 16.56 22.61 -4.64
C ASN D 84 15.31 23.47 -4.75
N TYR D 85 14.93 24.13 -3.67
CA TYR D 85 13.76 24.99 -3.68
C TYR D 85 14.18 26.44 -3.86
N ASN D 86 13.30 27.22 -4.46
CA ASN D 86 13.57 28.63 -4.70
C ASN D 86 12.82 29.50 -3.69
N THR D 87 13.55 30.31 -2.97
CA THR D 87 12.96 31.20 -1.99
C THR D 87 12.74 32.57 -2.61
N TYR D 88 11.56 33.13 -2.40
CA TYR D 88 11.24 34.44 -2.95
C TYR D 88 11.09 35.48 -1.84
N ARG D 89 12.03 36.41 -1.80
CA ARG D 89 12.03 37.47 -0.81
C ARG D 89 11.81 38.81 -1.48
N SER D 90 10.90 39.61 -0.93
CA SER D 90 10.59 40.93 -1.51
C SER D 90 11.80 41.86 -1.38
N ARG D 91 12.00 42.70 -2.39
CA ARG D 91 13.11 43.65 -2.36
C ARG D 91 12.78 44.78 -1.40
N LYS D 92 11.54 45.27 -1.49
CA LYS D 92 11.08 46.34 -0.62
C LYS D 92 11.09 45.86 0.83
N TYR D 93 10.54 44.67 1.04
CA TYR D 93 10.48 44.08 2.36
C TYR D 93 11.43 42.88 2.39
N THR D 94 12.72 43.18 2.49
CA THR D 94 13.77 42.17 2.49
C THR D 94 13.84 41.38 3.80
N SER D 95 12.72 41.30 4.50
CA SER D 95 12.65 40.57 5.76
C SER D 95 11.50 39.57 5.72
N TRP D 96 10.69 39.65 4.66
CA TRP D 96 9.55 38.77 4.50
C TRP D 96 9.69 37.96 3.22
N TYR D 97 9.07 36.79 3.22
CA TYR D 97 9.11 35.90 2.06
C TYR D 97 7.70 35.52 1.62
N VAL D 98 7.58 35.01 0.41
CA VAL D 98 6.30 34.57 -0.10
C VAL D 98 6.04 33.16 0.41
N ALA D 99 4.89 32.95 1.05
CA ALA D 99 4.57 31.64 1.60
C ALA D 99 3.10 31.31 1.49
N LEU D 100 2.80 30.02 1.48
CA LEU D 100 1.44 29.53 1.40
C LEU D 100 1.11 28.72 2.65
N LYS D 101 -0.17 28.52 2.91
CA LYS D 101 -0.61 27.75 4.06
C LYS D 101 -1.12 26.39 3.61
N ARG D 102 -1.08 25.42 4.52
CA ARG D 102 -1.54 24.07 4.20
C ARG D 102 -3.04 24.03 3.91
N THR D 103 -3.73 25.12 4.22
CA THR D 103 -5.17 25.22 3.99
C THR D 103 -5.47 25.61 2.54
N GLY D 104 -4.45 26.05 1.82
CA GLY D 104 -4.63 26.46 0.44
C GLY D 104 -4.65 27.96 0.30
N GLN D 105 -4.57 28.67 1.41
CA GLN D 105 -4.55 30.12 1.39
C GLN D 105 -3.11 30.61 1.55
N TYR D 106 -2.88 31.89 1.29
CA TYR D 106 -1.55 32.45 1.42
C TYR D 106 -1.22 32.71 2.89
N LYS D 107 0.06 32.75 3.22
CA LYS D 107 0.50 33.00 4.59
C LYS D 107 1.03 34.43 4.68
N LEU D 108 0.70 35.11 5.77
CA LEU D 108 1.13 36.49 5.98
C LEU D 108 2.65 36.59 5.96
N GLY D 109 3.16 37.48 5.13
CA GLY D 109 4.59 37.67 5.02
C GLY D 109 5.22 38.08 6.34
N SER D 110 4.46 38.78 7.17
CA SER D 110 4.93 39.24 8.47
C SER D 110 5.15 38.06 9.42
N LYS D 111 4.80 36.85 8.98
CA LYS D 111 4.98 35.66 9.79
C LYS D 111 5.87 34.65 9.09
N THR D 112 6.60 35.10 8.09
CA THR D 112 7.49 34.22 7.34
C THR D 112 8.93 34.41 7.80
N GLY D 113 9.78 33.43 7.50
CA GLY D 113 11.18 33.51 7.88
C GLY D 113 11.94 32.27 7.49
N PRO D 114 13.27 32.25 7.65
CA PRO D 114 14.11 31.11 7.31
C PRO D 114 13.77 29.88 8.14
N GLY D 115 13.75 28.72 7.48
CA GLY D 115 13.44 27.49 8.17
C GLY D 115 12.05 27.00 7.86
N GLN D 116 11.22 27.87 7.30
CA GLN D 116 9.85 27.52 6.94
C GLN D 116 9.80 26.85 5.59
N LYS D 117 9.02 25.79 5.50
CA LYS D 117 8.87 25.05 4.25
C LYS D 117 7.84 25.73 3.34
N ALA D 118 7.17 26.73 3.88
CA ALA D 118 6.15 27.47 3.15
C ALA D 118 6.75 28.42 2.13
N ILE D 119 8.01 28.77 2.32
CA ILE D 119 8.70 29.69 1.43
C ILE D 119 9.53 28.92 0.40
N LEU D 120 9.37 27.61 0.38
CA LEU D 120 10.10 26.76 -0.55
C LEU D 120 9.23 26.42 -1.75
N PHE D 121 9.54 27.06 -2.88
CA PHE D 121 8.79 26.85 -4.11
C PHE D 121 9.66 26.20 -5.18
N LEU D 122 9.09 25.24 -5.89
CA LEU D 122 9.79 24.57 -6.97
C LEU D 122 9.19 25.00 -8.31
N PRO D 123 9.96 25.71 -9.15
CA PRO D 123 9.49 26.19 -10.44
C PRO D 123 9.37 25.09 -11.49
N MET D 124 8.32 24.30 -11.41
CA MET D 124 8.10 23.23 -12.39
C MET D 124 7.53 23.82 -13.67
N SER D 125 7.79 23.18 -14.79
CA SER D 125 7.31 23.68 -16.07
C SER D 125 5.80 23.44 -16.22
N ALA D 126 5.14 24.37 -16.89
CA ALA D 126 3.70 24.29 -17.12
C ALA D 126 3.41 24.09 -18.60
#